data_7K8S
#
_entry.id   7K8S
#
_cell.length_a   1.00
_cell.length_b   1.00
_cell.length_c   1.00
_cell.angle_alpha   90.00
_cell.angle_beta   90.00
_cell.angle_gamma   90.00
#
_symmetry.space_group_name_H-M   'P 1'
#
loop_
_entity.id
_entity.type
_entity.pdbx_description
1 polymer 'Spike glycoprotein'
2 polymer 'C002 Fab Heavy Chain'
3 polymer 'C002 Fab Light Chain'
4 branched 2-acetamido-2-deoxy-beta-D-glucopyranose-(1-4)-2-acetamido-2-deoxy-beta-D-glucopyranose
5 non-polymer 2-acetamido-2-deoxy-beta-D-glucopyranose
#
loop_
_entity_poly.entity_id
_entity_poly.type
_entity_poly.pdbx_seq_one_letter_code
_entity_poly.pdbx_strand_id
1 'polypeptide(L)'
;MFVFLVLLPLVSSQCVNLTTRTQLPPAYTNSFTRGVYYPDKVFRSSVLHSTQDLFLPFFSNVTWFHAIHVSGTNGTKRFD
NPVLPFNDGVYFASTEKSNIIRGWIFGTTLDSKTQSLLIVNNATNVVIKVCEFQFCNDPFLGVYYHKNNKSWMESEFRVY
SSANNCTFEYVSQPFLMDLEGKQGNFKNLREFVFKNIDGYFKIYSKHTPINLVRDLPQGFSALEPLVDLPIGINITRFQT
LLALHRSYLTPGDSSSGWTAGAAAYYVGYLQPRTFLLKYNENGTITDAVDCALDPLSETKCTLKSFTVEKGIYQTSNFRV
QPTESIVRFPNITNLCPFGEVFNATRFASVYAWNRKRISNCVADYSVLYNSASFSTFKCYGVSPTKLNDLCFTNVYADSF
VIRGDEVRQIAPGQTGKIADYNYKLPDDFTGCVIAWNSNNLDSKVGGNYNYLYRLFRKSNLKPFERDISTEIYQAGSTPC
NGVEGFNCYFPLQSYGFQPTNGVGYQPYRVVVLSFELLHAPATVCGPKKSTNLVKNKCVNFNFNGLTGTGVLTESNKKFL
PFQQFGRDIADTTDAVRDPQTLEILDITPCSFGGVSVITPGTNTSNQVAVLYQDVNCTEVPVAIHADQLTPTWRVYSTGS
NVFQTRAGCLIGAEHVNNSYECDIPIGAGICASYQTQTNSPRRARSVASQSIIAYTMSLGAENSVAYSNNSIAIPTNFTI
SVTTEILPVSMTKTSVDCTMYICGDSTECSNLLLQYGSFCTQLNRALTGIAVEQDKNTQEVFAQVKQIYKTPPIKDFGGF
NFSQILPDPSKPSKRSFIEDLLFNKVTLADAGFIKQYGDCLGDIAARDLICAQKFNGLTVLPPLLTDEMIAQYTSALLAG
TITSGWTFGAGAALQIPFAMQMAYRFNGIGVTQNVLYENQKLIANQFNSAIGKIQDSLSSTASALGKLQDVVNQNAQALN
TLVKQLSSNFGAISSVLNDILSRLDPPEAEVQIDRLITGRLQSLQTYVTQQLIRAAEIRASANLAATKMSECVLGQSKRV
DFCGKGYHLMSFPQSAPHGVVFLHVTYVPAQEKNFTTAPAICHDGKAHFPREGVFVSNGTHWFVTQRNFYEPQIITTDNT
FVSGNCDVVIGIVNNTVYDPLQPELDSFKEELDKYFKNHTSPDVDLGDISGINASVVNIQKEIDRLNEVAKNLNESLIDL
QELGKYEQYIKWPSGRLVPRGSPGSGYIPEAPRDGQAYVRKDGEWVLLSTFLGHHHHHH
;
A,B,C
2 'polypeptide(L)'
;EVQLVESGGGVVQPGRSLRLSCAASGFTFSIYGMHWVRQAPGKGLEWVAVISYDGSNKYYADSVKGRFTISRDNSKNTLY
LQMNSLRAEDTAVYYCAKEGRPSDIVVVVAFDYWGQGTLVTVSSASTKGPSVFPLAPSSKSTSGGTAALGCLVKDYFPEP
VTVSWNSGALTSGVHTFPAVLQSSGLYSLSSVVTVPSSSLGTQTYICNVNHKPSNTKVDKRVEPKSCDKTHHHHHH
;
H,M,O
3 'polypeptide(L)'
;DIQLTQSPSSLSASVGDRVTITCRASQSISSYLNWYQQKPGKAPKLLIYAASSLQSGVPSRFSGSGSGTDFTLTISSLQP
EDFATYYCQQSYSTPRTFGQGTKVEIKRTVAAPSVFIFPPSDEQLKSGTASVVCLLNNFYPREAKVQWKVDNALQSGNSQ
ESVTEQDSKDSTYSLSSTLTLSKADYEKHKVYACEVTHQGLSSPVTKSFNRGEC
;
L,N,P
#
loop_
_chem_comp.id
_chem_comp.type
_chem_comp.name
_chem_comp.formula
NAG D-saccharide, beta linking 2-acetamido-2-deoxy-beta-D-glucopyranose 'C8 H15 N O6'
#
# COMPACT_ATOMS: atom_id res chain seq x y z
N ALA A 27 -46.44 -4.16 34.82
CA ALA A 27 -46.14 -5.56 34.63
C ALA A 27 -45.04 -5.75 33.59
N TYR A 28 -44.40 -6.91 33.62
CA TYR A 28 -43.34 -7.24 32.69
C TYR A 28 -43.44 -8.71 32.31
N THR A 29 -42.97 -9.04 31.11
CA THR A 29 -42.94 -10.41 30.64
C THR A 29 -41.68 -10.65 29.81
N ASN A 30 -41.59 -11.88 29.29
CA ASN A 30 -40.36 -12.36 28.68
C ASN A 30 -40.47 -12.35 27.17
N SER A 31 -39.54 -11.66 26.52
CA SER A 31 -39.44 -11.63 25.07
C SER A 31 -38.77 -12.86 24.52
N PHE A 32 -39.31 -14.05 24.77
CA PHE A 32 -38.57 -15.30 24.64
C PHE A 32 -37.67 -15.37 23.42
N THR A 33 -38.25 -15.29 22.23
CA THR A 33 -37.45 -15.36 21.02
C THR A 33 -37.94 -14.40 19.95
N ARG A 34 -39.14 -13.86 20.09
CA ARG A 34 -39.73 -13.04 19.05
C ARG A 34 -38.88 -11.80 18.82
N GLY A 35 -38.87 -11.31 17.58
CA GLY A 35 -38.22 -10.04 17.34
C GLY A 35 -37.28 -10.00 16.15
N VAL A 36 -37.23 -11.08 15.38
CA VAL A 36 -36.33 -11.11 14.23
C VAL A 36 -37.07 -10.75 12.96
N TYR A 37 -36.49 -9.83 12.18
CA TYR A 37 -37.05 -9.40 10.91
C TYR A 37 -35.96 -9.48 9.86
N TYR A 38 -36.35 -9.74 8.62
CA TYR A 38 -35.40 -9.79 7.52
C TYR A 38 -34.69 -8.45 7.41
N PRO A 39 -33.42 -8.38 7.77
CA PRO A 39 -32.74 -7.08 7.81
C PRO A 39 -32.68 -6.39 6.46
N ASP A 40 -32.61 -7.15 5.37
CA ASP A 40 -32.53 -6.53 4.05
C ASP A 40 -33.06 -7.45 2.96
N LYS A 41 -32.67 -7.19 1.71
CA LYS A 41 -33.22 -7.88 0.55
C LYS A 41 -32.21 -8.93 0.09
N VAL A 42 -32.34 -10.14 0.60
CA VAL A 42 -31.42 -11.23 0.30
C VAL A 42 -32.19 -12.54 0.29
N PHE A 43 -31.68 -13.53 -0.44
CA PHE A 43 -32.35 -14.81 -0.63
C PHE A 43 -31.41 -15.94 -0.31
N ARG A 44 -30.62 -15.76 0.74
CA ARG A 44 -29.68 -16.81 1.11
C ARG A 44 -30.44 -18.09 1.41
N SER A 45 -29.92 -19.21 0.92
CA SER A 45 -30.59 -20.50 1.05
C SER A 45 -29.72 -21.43 1.86
N SER A 46 -30.22 -21.87 3.02
CA SER A 46 -29.48 -22.71 3.94
C SER A 46 -28.11 -22.12 4.25
N VAL A 47 -28.09 -20.82 4.48
CA VAL A 47 -26.87 -20.09 4.77
C VAL A 47 -27.02 -19.45 6.14
N LEU A 48 -26.00 -19.59 6.97
CA LEU A 48 -25.96 -18.89 8.25
C LEU A 48 -25.31 -17.55 8.02
N HIS A 49 -26.09 -16.48 8.14
CA HIS A 49 -25.62 -15.13 7.84
C HIS A 49 -25.55 -14.34 9.13
N SER A 50 -24.40 -13.74 9.38
CA SER A 50 -24.20 -12.91 10.57
C SER A 50 -24.35 -11.45 10.19
N THR A 51 -25.27 -10.75 10.87
CA THR A 51 -25.52 -9.35 10.61
C THR A 51 -25.68 -8.59 11.90
N GLN A 52 -25.39 -7.30 11.86
CA GLN A 52 -25.53 -6.42 13.01
C GLN A 52 -26.55 -5.34 12.70
N ASP A 53 -27.61 -5.27 13.52
CA ASP A 53 -28.63 -4.27 13.31
C ASP A 53 -29.40 -4.11 14.63
N LEU A 54 -30.40 -3.24 14.60
CA LEU A 54 -31.23 -3.00 15.76
C LEU A 54 -32.21 -4.15 15.90
N PHE A 55 -32.05 -4.94 16.96
CA PHE A 55 -32.89 -6.09 17.22
C PHE A 55 -33.46 -6.00 18.62
N LEU A 56 -34.47 -6.80 18.90
CA LEU A 56 -34.90 -6.98 20.28
C LEU A 56 -34.01 -8.02 20.94
N PRO A 57 -33.23 -7.67 21.95
CA PRO A 57 -32.40 -8.67 22.61
C PRO A 57 -33.25 -9.80 23.17
N PHE A 58 -32.74 -11.02 23.04
CA PHE A 58 -33.50 -12.18 23.46
C PHE A 58 -33.72 -12.16 24.96
N PHE A 59 -34.88 -12.66 25.37
CA PHE A 59 -35.22 -12.82 26.78
C PHE A 59 -35.29 -11.47 27.49
N SER A 60 -35.59 -10.41 26.76
CA SER A 60 -35.66 -9.10 27.40
C SER A 60 -37.01 -8.89 28.07
N ASN A 61 -37.10 -7.81 28.83
CA ASN A 61 -38.34 -7.43 29.50
C ASN A 61 -39.09 -6.42 28.65
N VAL A 62 -40.38 -6.66 28.44
CA VAL A 62 -41.23 -5.77 27.68
C VAL A 62 -42.42 -5.37 28.54
N THR A 63 -42.72 -4.07 28.57
CA THR A 63 -43.83 -3.59 29.37
C THR A 63 -45.13 -4.13 28.81
N TRP A 64 -46.04 -4.52 29.70
CA TRP A 64 -47.24 -5.26 29.31
C TRP A 64 -48.48 -4.46 29.71
N PHE A 65 -49.09 -3.77 28.74
CA PHE A 65 -50.21 -2.88 28.97
C PHE A 65 -51.52 -3.61 28.67
N HIS A 66 -52.56 -3.27 29.42
CA HIS A 66 -53.85 -3.94 29.32
C HIS A 66 -54.95 -3.06 28.74
N ALA A 67 -55.98 -3.71 28.18
CA ALA A 67 -57.11 -3.00 27.57
C ALA A 67 -58.41 -3.76 27.87
N ILE A 68 -58.48 -4.40 29.05
CA ILE A 68 -59.70 -5.17 29.46
C ILE A 68 -60.56 -4.29 30.37
N HIS A 69 -61.06 -4.86 31.47
CA HIS A 69 -61.91 -4.12 32.44
C HIS A 69 -61.18 -2.83 32.89
N ARG A 78 -60.12 0.97 35.34
CA ARG A 78 -59.68 2.20 34.65
C ARG A 78 -59.21 1.84 33.23
N PHE A 79 -57.91 1.55 33.09
CA PHE A 79 -57.20 1.18 31.82
C PHE A 79 -56.98 2.41 30.93
N ASP A 80 -55.71 2.66 30.59
CA ASP A 80 -55.32 3.82 29.78
C ASP A 80 -54.23 3.39 28.81
N ASN A 81 -53.97 4.26 27.83
CA ASN A 81 -52.94 4.07 26.81
C ASN A 81 -51.83 5.07 27.08
N PRO A 82 -50.88 4.78 27.96
CA PRO A 82 -49.88 5.77 28.32
C PRO A 82 -48.99 6.10 27.14
N VAL A 83 -48.41 7.31 27.18
CA VAL A 83 -47.40 7.67 26.20
C VAL A 83 -46.09 7.01 26.58
N LEU A 84 -45.37 6.54 25.55
CA LEU A 84 -44.05 5.87 25.75
C LEU A 84 -42.98 6.61 24.93
N PRO A 85 -41.69 6.24 25.05
CA PRO A 85 -40.62 6.90 24.29
C PRO A 85 -40.15 6.02 23.13
N PHE A 86 -40.17 6.58 21.91
CA PHE A 86 -39.75 5.84 20.69
C PHE A 86 -38.26 5.48 20.81
N ASN A 87 -37.45 6.41 21.31
CA ASN A 87 -35.99 6.22 21.48
C ASN A 87 -35.35 5.83 20.14
N ASP A 88 -34.55 4.76 20.13
CA ASP A 88 -33.88 4.30 18.88
C ASP A 88 -34.90 3.51 18.04
N GLY A 89 -35.35 2.37 18.56
CA GLY A 89 -36.32 1.53 17.87
C GLY A 89 -37.39 1.07 18.81
N VAL A 90 -38.46 0.51 18.25
CA VAL A 90 -39.61 0.05 19.03
C VAL A 90 -40.12 -1.26 18.48
N TYR A 91 -40.39 -2.20 19.38
CA TYR A 91 -41.06 -3.46 19.05
C TYR A 91 -42.47 -3.39 19.60
N PHE A 92 -43.45 -3.62 18.75
CA PHE A 92 -44.85 -3.61 19.16
C PHE A 92 -45.51 -4.92 18.75
N ALA A 93 -45.79 -5.76 19.73
CA ALA A 93 -46.53 -6.99 19.50
C ALA A 93 -47.88 -6.87 20.18
N SER A 94 -48.94 -7.16 19.44
CA SER A 94 -50.30 -6.99 19.90
C SER A 94 -51.07 -8.29 19.78
N THR A 95 -51.85 -8.61 20.80
CA THR A 95 -52.77 -9.73 20.75
C THR A 95 -54.18 -9.18 20.61
N GLU A 96 -54.92 -9.71 19.64
CA GLU A 96 -56.26 -9.22 19.35
C GLU A 96 -57.26 -10.37 19.35
N LYS A 97 -58.40 -10.12 19.97
CA LYS A 97 -59.58 -10.96 19.84
C LYS A 97 -60.75 -10.23 19.22
N SER A 98 -60.78 -8.90 19.28
CA SER A 98 -61.87 -8.09 18.76
C SER A 98 -61.36 -6.89 17.97
N ASN A 99 -60.08 -6.89 17.59
CA ASN A 99 -59.50 -5.80 16.79
C ASN A 99 -59.61 -4.46 17.51
N ILE A 100 -59.35 -4.43 18.81
CA ILE A 100 -59.47 -3.19 19.57
C ILE A 100 -58.37 -2.21 19.20
N ILE A 101 -57.13 -2.66 19.12
CA ILE A 101 -56.02 -1.76 18.81
C ILE A 101 -56.10 -1.41 17.33
N ARG A 102 -56.08 -0.11 17.03
CA ARG A 102 -56.30 0.30 15.66
C ARG A 102 -55.38 1.42 15.19
N GLY A 103 -54.41 1.85 16.00
CA GLY A 103 -53.64 2.99 15.55
C GLY A 103 -52.34 3.16 16.29
N TRP A 104 -51.55 4.12 15.81
CA TRP A 104 -50.28 4.48 16.42
C TRP A 104 -50.05 5.97 16.20
N ILE A 105 -49.25 6.57 17.08
CA ILE A 105 -48.91 7.98 17.01
C ILE A 105 -47.40 8.10 17.08
N PHE A 106 -46.83 9.04 16.32
CA PHE A 106 -45.38 9.24 16.31
C PHE A 106 -45.12 10.74 16.20
N GLY A 107 -45.02 11.41 17.33
CA GLY A 107 -44.82 12.84 17.35
C GLY A 107 -43.84 13.27 18.43
N THR A 108 -43.07 14.31 18.10
CA THR A 108 -42.17 14.90 19.07
C THR A 108 -42.94 15.71 20.10
N THR A 109 -43.94 16.48 19.65
CA THR A 109 -44.73 17.32 20.53
C THR A 109 -46.13 16.79 20.77
N LEU A 110 -46.73 16.12 19.77
CA LEU A 110 -48.04 15.48 19.91
C LEU A 110 -49.16 16.50 20.13
N ASP A 111 -48.85 17.79 19.99
CA ASP A 111 -49.84 18.81 20.32
C ASP A 111 -49.94 19.92 19.29
N SER A 112 -49.69 19.64 18.01
CA SER A 112 -49.80 20.54 16.86
C SER A 112 -48.65 21.53 16.79
N LYS A 113 -47.71 21.49 17.73
CA LYS A 113 -46.55 22.37 17.63
C LYS A 113 -45.62 21.95 16.50
N THR A 114 -45.47 20.64 16.29
CA THR A 114 -44.54 20.11 15.31
C THR A 114 -45.16 18.85 14.71
N GLN A 115 -44.68 18.48 13.52
CA GLN A 115 -45.28 17.40 12.75
C GLN A 115 -45.35 16.12 13.55
N SER A 116 -46.48 15.42 13.44
CA SER A 116 -46.70 14.19 14.18
C SER A 116 -47.26 13.14 13.23
N LEU A 117 -46.50 12.07 13.00
CA LEU A 117 -46.96 11.01 12.13
C LEU A 117 -48.10 10.25 12.78
N LEU A 118 -49.06 9.83 11.97
CA LEU A 118 -50.20 9.06 12.44
C LEU A 118 -50.37 7.82 11.59
N ILE A 119 -50.76 6.73 12.23
CA ILE A 119 -51.15 5.50 11.55
C ILE A 119 -52.48 5.07 12.13
N VAL A 120 -53.51 4.97 11.28
CA VAL A 120 -54.83 4.56 11.71
C VAL A 120 -55.43 3.63 10.67
N ASN A 121 -56.05 2.55 11.14
CA ASN A 121 -56.71 1.58 10.27
C ASN A 121 -58.15 1.44 10.72
N ASN A 122 -59.02 2.28 10.20
CA ASN A 122 -60.46 2.14 10.39
C ASN A 122 -60.99 1.20 9.32
N ALA A 123 -62.29 0.89 9.40
CA ALA A 123 -62.87 -0.43 9.08
C ALA A 123 -62.12 -1.09 7.93
N THR A 124 -61.93 -0.45 6.78
CA THR A 124 -61.24 -1.09 5.68
C THR A 124 -60.07 -0.27 5.15
N ASN A 125 -59.78 0.87 5.75
CA ASN A 125 -58.82 1.81 5.20
C ASN A 125 -57.70 2.12 6.18
N VAL A 126 -56.47 2.14 5.67
CA VAL A 126 -55.29 2.47 6.44
C VAL A 126 -54.88 3.89 6.08
N VAL A 127 -54.76 4.74 7.10
CA VAL A 127 -54.53 6.15 6.87
C VAL A 127 -53.20 6.56 7.50
N ILE A 128 -52.44 7.35 6.75
CA ILE A 128 -51.14 7.85 7.19
C ILE A 128 -51.09 9.36 6.98
N LYS A 129 -50.97 10.12 8.06
CA LYS A 129 -50.91 11.58 7.98
C LYS A 129 -49.76 12.08 8.83
N VAL A 130 -49.21 13.22 8.42
CA VAL A 130 -48.08 13.82 9.12
C VAL A 130 -48.32 15.30 9.44
N CYS A 131 -49.58 15.69 9.63
CA CYS A 131 -49.87 17.05 10.03
C CYS A 131 -49.37 17.31 11.45
N GLU A 132 -49.28 18.61 11.79
CA GLU A 132 -49.10 19.01 13.18
C GLU A 132 -50.46 18.92 13.87
N PHE A 133 -50.80 17.69 14.24
CA PHE A 133 -52.12 17.41 14.77
C PHE A 133 -52.29 17.93 16.19
N GLN A 134 -53.48 18.43 16.49
CA GLN A 134 -53.88 18.71 17.86
C GLN A 134 -54.57 17.48 18.40
N PHE A 135 -53.85 16.70 19.19
CA PHE A 135 -54.36 15.43 19.70
C PHE A 135 -55.01 15.59 21.06
N CYS A 136 -55.94 14.69 21.36
CA CYS A 136 -56.58 14.67 22.66
C CYS A 136 -55.57 14.29 23.74
N ASN A 137 -55.78 14.84 24.93
CA ASN A 137 -54.98 14.43 26.09
C ASN A 137 -55.15 12.94 26.34
N ASP A 138 -56.38 12.44 26.23
CA ASP A 138 -56.68 11.03 26.20
C ASP A 138 -57.12 10.69 24.79
N PRO A 139 -56.22 10.46 23.87
CA PRO A 139 -56.64 10.22 22.48
C PRO A 139 -57.20 8.82 22.28
N PHE A 140 -58.51 8.73 22.06
CA PHE A 140 -59.17 7.46 21.85
C PHE A 140 -60.06 7.55 20.62
N LEU A 141 -60.23 6.41 19.95
CA LEU A 141 -61.08 6.31 18.78
C LEU A 141 -62.38 5.64 19.19
N GLY A 142 -63.46 6.41 19.25
CA GLY A 142 -64.74 5.85 19.65
C GLY A 142 -65.38 5.01 18.56
N VAL A 143 -65.99 3.91 18.98
CA VAL A 143 -66.65 2.99 18.06
C VAL A 143 -67.93 3.61 17.52
N ASN A 165 -50.10 23.73 8.82
CA ASN A 165 -49.17 23.00 7.97
C ASN A 165 -49.55 21.51 7.90
N CYS A 166 -50.00 21.07 6.74
CA CYS A 166 -50.22 19.65 6.46
C CYS A 166 -49.43 19.20 5.24
N THR A 167 -49.10 17.92 5.22
CA THR A 167 -48.22 17.31 4.22
C THR A 167 -48.68 15.90 3.86
N PHE A 168 -47.76 15.11 3.30
CA PHE A 168 -48.06 13.84 2.65
C PHE A 168 -49.08 12.99 3.39
N GLU A 169 -49.91 12.29 2.61
CA GLU A 169 -50.88 11.33 3.12
C GLU A 169 -50.90 10.12 2.20
N TYR A 170 -51.22 8.96 2.76
CA TYR A 170 -51.32 7.71 2.02
C TYR A 170 -52.50 6.91 2.58
N VAL A 171 -53.24 6.23 1.70
CA VAL A 171 -54.38 5.43 2.09
C VAL A 171 -54.26 4.04 1.49
N SER A 172 -54.94 3.08 2.11
CA SER A 172 -54.93 1.71 1.61
C SER A 172 -56.34 1.12 1.59
N PHE A 186 -57.18 -14.41 22.91
CA PHE A 186 -56.56 -13.72 21.78
C PHE A 186 -56.15 -14.71 20.71
N LYS A 187 -56.74 -14.58 19.52
CA LYS A 187 -56.50 -15.49 18.42
C LYS A 187 -55.60 -14.89 17.34
N ASN A 188 -55.31 -13.59 17.42
CA ASN A 188 -54.42 -12.95 16.47
C ASN A 188 -53.29 -12.26 17.23
N LEU A 189 -52.06 -12.45 16.75
CA LEU A 189 -50.89 -11.78 17.30
C LEU A 189 -50.30 -10.93 16.17
N ARG A 190 -50.60 -9.64 16.18
CA ARG A 190 -50.13 -8.72 15.14
C ARG A 190 -48.87 -8.00 15.62
N GLU A 191 -47.77 -8.75 15.66
CA GLU A 191 -46.52 -8.16 16.10
C GLU A 191 -45.93 -7.26 15.00
N PHE A 192 -45.41 -6.11 15.42
CA PHE A 192 -44.86 -5.12 14.50
C PHE A 192 -43.54 -4.59 15.04
N VAL A 193 -42.67 -4.17 14.13
CA VAL A 193 -41.42 -3.53 14.49
C VAL A 193 -41.38 -2.16 13.84
N PHE A 194 -41.74 -1.13 14.59
CA PHE A 194 -41.73 0.23 14.10
C PHE A 194 -40.36 0.84 14.38
N LYS A 195 -39.49 0.85 13.37
CA LYS A 195 -38.15 1.41 13.54
C LYS A 195 -37.98 2.58 12.58
N ASN A 196 -37.32 3.63 13.06
CA ASN A 196 -37.01 4.79 12.25
C ASN A 196 -35.50 4.93 12.18
N ILE A 197 -34.95 4.86 10.98
CA ILE A 197 -33.51 4.93 10.79
C ILE A 197 -33.21 5.78 9.56
N ASP A 198 -32.17 6.59 9.64
CA ASP A 198 -31.68 7.40 8.53
C ASP A 198 -32.81 8.25 7.94
N GLY A 199 -33.64 8.78 8.83
CA GLY A 199 -34.79 9.54 8.42
C GLY A 199 -35.81 8.75 7.63
N TYR A 200 -35.78 7.43 7.75
CA TYR A 200 -36.70 6.56 7.02
C TYR A 200 -37.42 5.68 8.01
N PHE A 201 -38.74 5.62 7.89
CA PHE A 201 -39.60 4.99 8.87
C PHE A 201 -40.09 3.67 8.32
N LYS A 202 -39.63 2.57 8.90
CA LYS A 202 -39.88 1.24 8.36
C LYS A 202 -40.80 0.46 9.29
N ILE A 203 -41.74 -0.27 8.70
CA ILE A 203 -42.70 -1.07 9.45
C ILE A 203 -42.63 -2.52 8.97
N TYR A 204 -42.59 -3.44 9.92
CA TYR A 204 -42.58 -4.87 9.63
C TYR A 204 -43.77 -5.51 10.32
N SER A 205 -44.08 -6.74 9.93
CA SER A 205 -45.31 -7.34 10.43
C SER A 205 -45.20 -8.86 10.46
N LYS A 206 -46.11 -9.46 11.22
CA LYS A 206 -46.38 -10.89 11.17
C LYS A 206 -47.70 -11.12 11.88
N HIS A 207 -48.52 -12.02 11.33
CA HIS A 207 -49.90 -12.21 11.76
C HIS A 207 -50.11 -13.66 12.17
N THR A 208 -49.24 -14.16 13.01
CA THR A 208 -49.35 -15.55 13.43
C THR A 208 -50.54 -15.73 14.38
N PRO A 209 -51.40 -16.72 14.13
CA PRO A 209 -52.49 -17.01 15.07
C PRO A 209 -51.96 -17.67 16.34
N ILE A 210 -52.56 -17.35 17.47
CA ILE A 210 -52.12 -17.85 18.77
C ILE A 210 -53.34 -18.32 19.54
N ASN A 211 -53.12 -19.21 20.51
CA ASN A 211 -54.19 -19.66 21.39
C ASN A 211 -53.88 -19.42 22.86
N LEU A 212 -52.67 -19.00 23.21
CA LEU A 212 -52.33 -18.73 24.59
C LEU A 212 -52.76 -17.31 24.92
N VAL A 213 -53.86 -17.18 25.66
CA VAL A 213 -54.39 -15.85 26.00
C VAL A 213 -53.54 -15.17 27.06
N ARG A 214 -52.86 -15.93 27.93
CA ARG A 214 -52.23 -15.34 29.10
C ARG A 214 -51.11 -14.37 28.73
N ASP A 215 -50.15 -14.82 27.91
CA ASP A 215 -48.93 -14.05 27.73
C ASP A 215 -48.31 -14.39 26.39
N LEU A 216 -47.11 -13.88 26.15
CA LEU A 216 -46.46 -14.01 24.85
C LEU A 216 -45.99 -15.44 24.64
N PRO A 217 -46.44 -16.11 23.59
CA PRO A 217 -46.05 -17.50 23.38
C PRO A 217 -44.63 -17.60 22.86
N GLN A 218 -43.93 -18.62 23.34
CA GLN A 218 -42.58 -18.89 22.85
C GLN A 218 -42.65 -19.45 21.43
N GLY A 219 -41.69 -19.06 20.62
CA GLY A 219 -41.67 -19.45 19.23
C GLY A 219 -40.78 -18.49 18.46
N PHE A 220 -40.69 -18.73 17.16
CA PHE A 220 -39.81 -17.91 16.34
C PHE A 220 -40.45 -17.66 14.98
N SER A 221 -41.02 -16.47 14.80
CA SER A 221 -41.57 -16.03 13.53
C SER A 221 -40.78 -14.84 13.02
N ALA A 222 -40.35 -14.90 11.78
CA ALA A 222 -39.72 -13.75 11.14
C ALA A 222 -40.78 -12.70 10.80
N LEU A 223 -40.34 -11.45 10.71
CA LEU A 223 -41.24 -10.33 10.46
C LEU A 223 -40.91 -9.69 9.11
N GLU A 224 -41.83 -9.81 8.16
CA GLU A 224 -41.63 -9.31 6.81
C GLU A 224 -41.77 -7.79 6.76
N PRO A 225 -41.05 -7.15 5.86
CA PRO A 225 -41.21 -5.70 5.67
C PRO A 225 -42.43 -5.32 4.84
N LEU A 226 -43.47 -4.78 5.46
CA LEU A 226 -44.63 -4.38 4.68
C LEU A 226 -44.32 -3.15 3.82
N VAL A 227 -43.73 -2.12 4.42
CA VAL A 227 -43.69 -0.80 3.78
C VAL A 227 -42.56 0.01 4.40
N ASP A 228 -42.11 1.02 3.66
CA ASP A 228 -41.13 1.97 4.17
C ASP A 228 -41.63 3.36 3.79
N LEU A 229 -41.37 4.34 4.64
CA LEU A 229 -41.79 5.71 4.34
C LEU A 229 -40.64 6.66 4.60
N PRO A 230 -40.47 7.68 3.75
CA PRO A 230 -39.43 8.71 3.96
C PRO A 230 -39.95 9.91 4.75
N ILE A 231 -40.17 9.72 6.05
CA ILE A 231 -40.79 10.78 6.84
C ILE A 231 -39.72 11.72 7.40
N GLY A 232 -38.75 11.19 8.14
CA GLY A 232 -37.68 12.01 8.67
C GLY A 232 -38.05 12.99 9.76
N ILE A 233 -38.38 12.50 10.95
CA ILE A 233 -38.75 13.34 12.08
C ILE A 233 -37.86 12.99 13.28
N ASN A 234 -37.60 14.00 14.11
CA ASN A 234 -36.97 13.78 15.42
C ASN A 234 -38.02 13.17 16.36
N ILE A 235 -38.37 11.92 16.06
CA ILE A 235 -39.41 11.23 16.83
C ILE A 235 -38.84 10.78 18.16
N THR A 236 -39.53 11.13 19.25
CA THR A 236 -39.14 10.70 20.58
C THR A 236 -40.26 10.05 21.36
N ARG A 237 -41.52 10.23 20.94
CA ARG A 237 -42.64 9.71 21.70
C ARG A 237 -43.58 8.96 20.76
N PHE A 238 -44.50 8.22 21.37
CA PHE A 238 -45.19 7.13 20.69
C PHE A 238 -46.35 6.66 21.56
N GLN A 239 -47.53 6.56 20.97
CA GLN A 239 -48.71 6.14 21.70
C GLN A 239 -49.61 5.30 20.80
N THR A 240 -50.48 4.53 21.42
CA THR A 240 -51.36 3.62 20.71
C THR A 240 -52.82 4.04 20.84
N LEU A 241 -53.65 3.53 19.93
CA LEU A 241 -55.06 3.91 19.84
C LEU A 241 -55.93 2.66 19.89
N LEU A 242 -56.91 2.67 20.77
CA LEU A 242 -57.87 1.58 20.90
C LEU A 242 -59.25 2.06 20.54
N ALA A 243 -60.04 1.19 19.92
CA ALA A 243 -61.47 1.46 19.78
C ALA A 243 -62.17 1.25 21.12
N LEU A 244 -62.95 2.23 21.54
CA LEU A 244 -63.61 2.21 22.84
C LEU A 244 -65.10 1.97 22.65
N HIS A 245 -65.66 1.07 23.43
CA HIS A 245 -67.09 0.79 23.36
C HIS A 245 -67.88 1.74 24.26
N ALA A 263 -57.66 -6.38 25.57
CA ALA A 263 -56.74 -6.40 24.43
C ALA A 263 -55.36 -5.92 24.84
N ALA A 264 -54.64 -6.72 25.60
CA ALA A 264 -53.33 -6.34 26.07
C ALA A 264 -52.32 -6.32 24.92
N TYR A 265 -51.37 -5.40 25.01
CA TYR A 265 -50.31 -5.30 24.02
C TYR A 265 -48.96 -5.13 24.71
N TYR A 266 -47.91 -5.61 24.04
CA TYR A 266 -46.56 -5.64 24.60
C TYR A 266 -45.69 -4.69 23.80
N VAL A 267 -44.78 -4.01 24.47
CA VAL A 267 -43.88 -3.06 23.83
C VAL A 267 -42.45 -3.41 24.21
N GLY A 268 -41.59 -3.56 23.21
CA GLY A 268 -40.19 -3.84 23.44
C GLY A 268 -39.32 -2.84 22.72
N TYR A 269 -38.12 -2.65 23.25
CA TYR A 269 -37.23 -1.60 22.80
C TYR A 269 -35.98 -2.20 22.16
N LEU A 270 -35.70 -1.81 20.93
CA LEU A 270 -34.61 -2.41 20.18
C LEU A 270 -33.25 -1.89 20.63
N GLN A 271 -32.23 -2.71 20.41
CA GLN A 271 -30.85 -2.41 20.76
C GLN A 271 -29.95 -2.86 19.62
N PRO A 272 -28.76 -2.29 19.52
CA PRO A 272 -27.87 -2.63 18.39
C PRO A 272 -27.03 -3.88 18.63
N ARG A 273 -27.68 -5.05 18.57
CA ARG A 273 -26.92 -6.27 18.77
C ARG A 273 -26.44 -6.83 17.45
N THR A 274 -25.65 -7.90 17.54
CA THR A 274 -25.24 -8.68 16.38
C THR A 274 -25.99 -10.01 16.42
N PHE A 275 -26.59 -10.36 15.30
CA PHE A 275 -27.40 -11.57 15.21
C PHE A 275 -26.86 -12.49 14.14
N LEU A 276 -27.00 -13.78 14.38
CA LEU A 276 -26.70 -14.80 13.39
C LEU A 276 -28.03 -15.36 12.92
N LEU A 277 -28.38 -15.10 11.68
CA LEU A 277 -29.64 -15.54 11.10
C LEU A 277 -29.41 -16.78 10.26
N LYS A 278 -30.30 -17.76 10.40
CA LYS A 278 -30.22 -19.00 9.62
C LYS A 278 -31.32 -18.97 8.59
N TYR A 279 -30.98 -18.63 7.35
CA TYR A 279 -31.94 -18.71 6.28
C TYR A 279 -32.15 -20.17 5.90
N ASN A 280 -33.40 -20.53 5.61
CA ASN A 280 -33.70 -21.91 5.26
C ASN A 280 -33.63 -22.03 3.74
N GLU A 281 -34.08 -23.16 3.17
CA GLU A 281 -33.92 -23.34 1.73
C GLU A 281 -34.72 -22.30 0.97
N ASN A 282 -35.96 -22.05 1.40
CA ASN A 282 -36.76 -21.03 0.75
C ASN A 282 -36.22 -19.65 1.05
N GLY A 283 -35.84 -19.39 2.31
CA GLY A 283 -35.38 -18.07 2.68
C GLY A 283 -36.08 -17.54 3.90
N THR A 284 -37.01 -18.32 4.43
CA THR A 284 -37.63 -17.98 5.70
C THR A 284 -36.62 -18.07 6.83
N ILE A 285 -36.61 -17.08 7.70
CA ILE A 285 -35.71 -17.10 8.85
C ILE A 285 -36.26 -18.08 9.87
N THR A 286 -35.54 -19.17 10.10
CA THR A 286 -36.05 -20.22 10.96
C THR A 286 -35.47 -20.21 12.35
N ASP A 287 -34.22 -19.80 12.51
CA ASP A 287 -33.58 -19.72 13.82
C ASP A 287 -32.55 -18.62 13.82
N ALA A 288 -32.27 -18.11 15.02
CA ALA A 288 -31.23 -17.11 15.18
C ALA A 288 -30.67 -17.22 16.59
N VAL A 289 -29.47 -16.70 16.78
CA VAL A 289 -28.80 -16.70 18.07
C VAL A 289 -28.29 -15.31 18.38
N ASP A 290 -28.56 -14.84 19.59
CA ASP A 290 -28.09 -13.54 20.03
C ASP A 290 -26.62 -13.65 20.39
N CYS A 291 -25.76 -12.96 19.64
CA CYS A 291 -24.33 -13.11 19.82
C CYS A 291 -23.85 -12.63 21.19
N ALA A 292 -24.67 -11.90 21.93
CA ALA A 292 -24.26 -11.46 23.26
C ALA A 292 -25.18 -11.94 24.36
N LEU A 293 -26.08 -12.88 24.08
CA LEU A 293 -26.99 -13.34 25.11
C LEU A 293 -26.26 -13.99 26.28
N ASP A 294 -25.40 -14.96 25.99
CA ASP A 294 -24.75 -15.72 27.05
C ASP A 294 -23.52 -16.39 26.46
N PRO A 295 -22.59 -16.84 27.30
CA PRO A 295 -21.33 -17.37 26.77
C PRO A 295 -21.49 -18.48 25.76
N LEU A 296 -22.50 -19.34 25.93
CA LEU A 296 -22.74 -20.35 24.91
C LEU A 296 -23.06 -19.70 23.58
N SER A 297 -23.90 -18.67 23.58
CA SER A 297 -24.36 -18.11 22.32
C SER A 297 -23.22 -17.44 21.57
N GLU A 298 -22.39 -16.67 22.25
CA GLU A 298 -21.32 -15.97 21.56
C GLU A 298 -20.34 -16.96 20.95
N THR A 299 -20.26 -18.16 21.51
CA THR A 299 -19.47 -19.22 20.89
C THR A 299 -20.03 -19.59 19.52
N LYS A 300 -21.35 -19.77 19.44
CA LYS A 300 -21.98 -20.13 18.18
C LYS A 300 -21.67 -19.10 17.11
N CYS A 301 -21.65 -17.82 17.49
CA CYS A 301 -21.43 -16.77 16.50
C CYS A 301 -20.03 -16.84 15.92
N THR A 302 -19.01 -16.97 16.76
CA THR A 302 -17.64 -17.04 16.25
C THR A 302 -17.47 -18.27 15.36
N LEU A 303 -17.94 -19.42 15.83
CA LEU A 303 -17.88 -20.62 15.01
C LEU A 303 -18.78 -20.50 13.79
N LYS A 304 -19.79 -19.65 13.83
CA LYS A 304 -20.78 -19.50 12.78
C LYS A 304 -21.52 -20.80 12.51
N SER A 305 -21.89 -21.52 13.56
CA SER A 305 -22.70 -22.72 13.44
C SER A 305 -23.59 -22.84 14.66
N PHE A 306 -24.80 -23.38 14.47
CA PHE A 306 -25.69 -23.59 15.61
C PHE A 306 -25.23 -24.72 16.50
N THR A 307 -24.84 -25.84 15.91
CA THR A 307 -24.27 -26.92 16.70
C THR A 307 -22.80 -26.61 16.94
N VAL A 308 -22.33 -26.87 18.15
CA VAL A 308 -20.91 -26.78 18.46
C VAL A 308 -20.47 -28.11 19.05
N GLU A 309 -19.48 -28.72 18.43
CA GLU A 309 -18.93 -29.98 18.90
C GLU A 309 -18.07 -29.76 20.13
N LYS A 310 -17.77 -30.85 20.83
CA LYS A 310 -17.13 -30.80 22.12
C LYS A 310 -15.75 -30.15 22.03
N GLY A 311 -15.41 -29.36 23.03
CA GLY A 311 -14.06 -28.82 23.12
C GLY A 311 -14.04 -27.48 23.81
N ILE A 312 -12.88 -26.84 23.70
CA ILE A 312 -12.63 -25.48 24.18
C ILE A 312 -12.50 -24.57 22.97
N TYR A 313 -13.09 -23.39 23.04
CA TYR A 313 -13.02 -22.43 21.94
C TYR A 313 -12.69 -21.04 22.45
N GLN A 314 -11.65 -20.44 21.90
CA GLN A 314 -11.35 -19.04 22.21
C GLN A 314 -12.34 -18.15 21.47
N THR A 315 -13.03 -17.29 22.20
CA THR A 315 -14.14 -16.53 21.62
C THR A 315 -13.93 -15.03 21.62
N SER A 316 -13.51 -14.42 22.72
CA SER A 316 -13.39 -12.99 22.81
C SER A 316 -12.23 -12.62 23.72
N ASN A 317 -12.24 -11.38 24.19
CA ASN A 317 -11.18 -10.88 25.05
C ASN A 317 -11.77 -10.13 26.23
N PHE A 318 -11.15 -10.32 27.39
CA PHE A 318 -11.53 -9.58 28.58
C PHE A 318 -10.71 -8.31 28.69
N ARG A 319 -11.36 -7.24 29.16
CA ARG A 319 -10.69 -5.96 29.35
C ARG A 319 -11.27 -5.21 30.53
N VAL A 320 -10.44 -4.92 31.54
CA VAL A 320 -10.93 -4.16 32.69
C VAL A 320 -11.14 -2.72 32.26
N GLN A 321 -12.39 -2.28 32.28
CA GLN A 321 -12.67 -0.93 31.82
C GLN A 321 -12.14 0.09 32.83
N PRO A 322 -11.48 1.13 32.35
CA PRO A 322 -11.07 2.21 33.25
C PRO A 322 -12.28 2.87 33.88
N THR A 323 -12.17 3.20 35.16
CA THR A 323 -13.30 3.78 35.86
C THR A 323 -13.15 5.29 35.98
N GLU A 324 -12.05 5.75 36.55
CA GLU A 324 -11.83 7.16 36.79
C GLU A 324 -10.87 7.73 35.74
N SER A 325 -10.84 9.06 35.62
CA SER A 325 -9.94 9.75 34.71
C SER A 325 -9.09 10.74 35.48
N ILE A 326 -7.78 10.72 35.26
CA ILE A 326 -6.85 11.65 35.89
C ILE A 326 -6.21 12.51 34.82
N VAL A 327 -6.19 13.83 35.06
CA VAL A 327 -5.76 14.80 34.06
C VAL A 327 -4.57 15.57 34.66
N ARG A 328 -3.72 14.85 35.36
CA ARG A 328 -2.63 15.45 36.11
C ARG A 328 -1.70 16.30 35.23
N PHE A 329 -1.75 17.62 35.40
CA PHE A 329 -0.80 18.58 34.87
C PHE A 329 -0.13 19.29 36.02
N PRO A 330 1.08 19.81 35.81
CA PRO A 330 1.77 20.53 36.88
C PRO A 330 1.07 21.84 37.16
N ASN A 331 1.37 22.39 38.32
CA ASN A 331 0.78 23.64 38.74
C ASN A 331 1.70 24.79 38.38
N ILE A 332 1.24 25.66 37.49
CA ILE A 332 1.84 26.96 37.23
C ILE A 332 0.71 27.91 36.91
N THR A 333 0.91 29.19 37.21
CA THR A 333 -0.14 30.18 37.00
C THR A 333 0.52 31.48 36.52
N ASN A 334 0.65 31.63 35.21
CA ASN A 334 1.04 32.90 34.61
C ASN A 334 0.64 32.85 33.14
N LEU A 335 -0.51 33.45 32.82
CA LEU A 335 -1.10 33.23 31.50
C LEU A 335 -0.21 33.80 30.41
N CYS A 336 -0.11 33.06 29.31
CA CYS A 336 0.89 33.34 28.29
C CYS A 336 0.60 34.66 27.59
N PRO A 337 1.61 35.36 27.12
CA PRO A 337 1.39 36.67 26.50
C PRO A 337 0.91 36.61 25.06
N PHE A 338 -0.15 35.85 24.79
CA PHE A 338 -0.77 35.91 23.47
C PHE A 338 -1.34 37.29 23.20
N GLY A 339 -2.02 37.87 24.18
CA GLY A 339 -2.76 39.11 23.97
C GLY A 339 -1.93 40.23 23.41
N GLU A 340 -0.73 40.40 23.95
CA GLU A 340 0.14 41.47 23.47
C GLU A 340 0.60 41.22 22.03
N VAL A 341 0.78 39.97 21.65
CA VAL A 341 1.13 39.68 20.27
C VAL A 341 -0.01 40.03 19.33
N PHE A 342 -1.23 39.62 19.69
CA PHE A 342 -2.36 39.78 18.77
C PHE A 342 -2.94 41.18 18.85
N ASN A 343 -2.93 41.79 20.03
CA ASN A 343 -3.35 43.19 20.17
C ASN A 343 -2.17 44.14 20.04
N ALA A 344 -1.08 43.68 19.42
CA ALA A 344 0.05 44.54 19.18
C ALA A 344 -0.30 45.61 18.16
N THR A 345 0.53 46.64 18.10
CA THR A 345 0.30 47.76 17.20
C THR A 345 1.23 47.78 16.01
N ARG A 346 2.45 47.28 16.16
CA ARG A 346 3.47 47.37 15.14
C ARG A 346 3.82 45.96 14.64
N PHE A 347 3.04 45.47 13.69
CA PHE A 347 3.43 44.23 13.02
C PHE A 347 4.59 44.51 12.07
N ALA A 348 5.62 43.70 12.18
CA ALA A 348 6.77 43.89 11.30
C ALA A 348 6.43 43.46 9.88
N SER A 349 7.21 43.94 8.93
CA SER A 349 7.01 43.54 7.56
C SER A 349 7.36 42.07 7.37
N VAL A 350 6.83 41.50 6.29
CA VAL A 350 7.04 40.08 6.03
C VAL A 350 8.51 39.77 5.80
N TYR A 351 9.26 40.69 5.20
CA TYR A 351 10.64 40.39 4.86
C TYR A 351 11.50 40.21 6.10
N ALA A 352 11.11 40.84 7.21
CA ALA A 352 11.79 40.67 8.49
C ALA A 352 10.71 40.49 9.56
N TRP A 353 10.32 39.26 9.81
CA TRP A 353 9.17 38.97 10.66
C TRP A 353 9.59 38.81 12.11
N ASN A 354 8.71 39.23 13.01
CA ASN A 354 8.93 39.08 14.44
C ASN A 354 8.95 37.60 14.82
N ARG A 355 9.62 37.25 15.91
CA ARG A 355 9.65 35.86 16.34
C ARG A 355 9.54 35.75 17.85
N LYS A 356 8.56 36.43 18.43
CA LYS A 356 8.39 36.40 19.88
C LYS A 356 8.22 34.97 20.36
N ARG A 357 8.92 34.62 21.43
CA ARG A 357 8.91 33.28 21.99
C ARG A 357 8.05 33.22 23.23
N ILE A 358 7.32 32.13 23.40
CA ILE A 358 6.45 31.90 24.55
C ILE A 358 6.85 30.59 25.20
N SER A 359 6.96 30.60 26.53
CA SER A 359 7.31 29.40 27.26
C SER A 359 6.98 29.60 28.73
N ASN A 360 7.03 28.49 29.47
CA ASN A 360 6.81 28.48 30.92
C ASN A 360 5.57 29.27 31.32
N CYS A 361 4.43 28.91 30.76
CA CYS A 361 3.22 29.67 31.02
C CYS A 361 2.01 28.84 30.63
N VAL A 362 0.87 29.18 31.22
CA VAL A 362 -0.38 28.45 30.97
C VAL A 362 -1.07 29.15 29.80
N ALA A 363 -0.89 28.60 28.61
CA ALA A 363 -1.64 29.07 27.47
C ALA A 363 -3.10 28.69 27.61
N ASP A 364 -3.97 29.46 26.95
CA ASP A 364 -5.36 29.10 26.78
C ASP A 364 -5.73 29.38 25.32
N TYR A 365 -5.48 28.40 24.46
CA TYR A 365 -5.76 28.58 23.05
C TYR A 365 -7.25 28.67 22.78
N SER A 366 -8.07 27.99 23.59
CA SER A 366 -9.49 27.88 23.27
C SER A 366 -10.15 29.24 23.23
N VAL A 367 -10.21 29.94 24.37
CA VAL A 367 -10.89 31.23 24.41
C VAL A 367 -10.20 32.22 23.50
N LEU A 368 -8.94 31.95 23.16
CA LEU A 368 -8.23 32.81 22.23
C LEU A 368 -8.94 32.88 20.88
N TYR A 369 -9.26 31.73 20.29
CA TYR A 369 -9.88 31.75 18.97
C TYR A 369 -11.39 31.62 19.03
N ASN A 370 -11.98 31.63 20.23
CA ASN A 370 -13.43 31.68 20.28
C ASN A 370 -13.87 33.12 20.07
N SER A 371 -13.34 33.72 19.01
CA SER A 371 -13.69 35.04 18.54
C SER A 371 -13.87 34.97 17.04
N ALA A 372 -14.83 35.73 16.53
CA ALA A 372 -15.17 35.68 15.12
C ALA A 372 -14.26 36.56 14.28
N SER A 373 -13.30 37.25 14.90
CA SER A 373 -12.46 38.18 14.16
C SER A 373 -11.60 37.45 13.13
N PHE A 374 -11.03 36.32 13.50
CA PHE A 374 -10.06 35.66 12.63
C PHE A 374 -10.73 35.09 11.40
N SER A 375 -10.09 35.27 10.25
CA SER A 375 -10.66 34.86 8.98
C SER A 375 -10.21 33.48 8.53
N THR A 376 -8.98 33.10 8.83
CA THR A 376 -8.45 31.80 8.42
C THR A 376 -7.71 31.17 9.59
N PHE A 377 -7.97 29.90 9.83
CA PHE A 377 -7.48 29.26 11.04
C PHE A 377 -6.93 27.87 10.76
N LYS A 378 -6.51 27.60 9.52
CA LYS A 378 -6.14 26.25 9.12
C LYS A 378 -5.03 25.71 10.00
N CYS A 379 -5.33 24.69 10.80
CA CYS A 379 -4.35 24.08 11.67
C CYS A 379 -3.91 22.73 11.13
N TYR A 380 -2.60 22.54 11.03
CA TYR A 380 -2.03 21.42 10.28
C TYR A 380 -1.61 20.27 11.17
N GLY A 381 -0.69 20.50 12.10
CA GLY A 381 -0.24 19.42 12.93
C GLY A 381 -1.22 19.00 14.00
N VAL A 382 -2.21 19.85 14.29
CA VAL A 382 -3.08 19.64 15.44
C VAL A 382 -4.51 20.04 15.05
N SER A 383 -5.47 19.30 15.57
CA SER A 383 -6.86 19.73 15.45
C SER A 383 -7.09 20.97 16.32
N PRO A 384 -7.63 22.06 15.76
CA PRO A 384 -7.72 23.31 16.52
C PRO A 384 -8.51 23.18 17.80
N THR A 385 -9.55 22.34 17.83
CA THR A 385 -10.31 22.17 19.06
C THR A 385 -9.45 21.56 20.16
N LYS A 386 -8.67 20.53 19.82
CA LYS A 386 -7.93 19.81 20.84
C LYS A 386 -6.61 20.50 21.19
N LEU A 387 -6.33 21.64 20.56
CA LEU A 387 -5.23 22.49 21.00
C LEU A 387 -5.28 22.75 22.49
N ASN A 388 -6.49 22.99 23.01
CA ASN A 388 -6.62 23.37 24.41
C ASN A 388 -6.07 22.32 25.36
N ASP A 389 -6.10 21.04 24.96
CA ASP A 389 -5.73 19.97 25.88
C ASP A 389 -4.23 19.72 25.92
N LEU A 390 -3.54 19.87 24.79
CA LEU A 390 -2.17 19.40 24.66
C LEU A 390 -1.20 20.16 25.55
N CYS A 391 0.03 19.65 25.59
CA CYS A 391 1.17 20.36 26.15
C CYS A 391 2.29 20.35 25.10
N PHE A 392 2.98 21.48 24.97
CA PHE A 392 4.13 21.56 24.10
C PHE A 392 5.37 21.93 24.88
N THR A 393 6.52 21.45 24.42
CA THR A 393 7.78 21.86 25.02
C THR A 393 7.99 23.36 24.85
N ASN A 394 7.68 23.88 23.67
CA ASN A 394 7.92 25.28 23.35
C ASN A 394 7.08 25.67 22.15
N VAL A 395 6.74 26.96 22.07
CA VAL A 395 5.97 27.48 20.96
C VAL A 395 6.72 28.64 20.31
N TYR A 396 6.14 29.22 19.26
CA TYR A 396 6.79 30.30 18.54
C TYR A 396 5.69 31.17 17.94
N ALA A 397 5.73 32.46 18.25
CA ALA A 397 4.80 33.42 17.68
C ALA A 397 5.53 34.23 16.63
N ASP A 398 5.29 33.91 15.36
CA ASP A 398 5.82 34.70 14.27
C ASP A 398 4.69 35.51 13.65
N SER A 399 4.94 36.81 13.49
CA SER A 399 3.90 37.71 13.02
C SER A 399 4.45 38.58 11.92
N PHE A 400 3.58 38.93 10.97
CA PHE A 400 3.92 39.82 9.87
C PHE A 400 2.61 40.22 9.18
N VAL A 401 2.70 41.04 8.14
CA VAL A 401 1.55 41.47 7.37
C VAL A 401 1.79 41.19 5.91
N ILE A 402 0.80 40.60 5.25
CA ILE A 402 0.89 40.24 3.85
C ILE A 402 -0.45 40.47 3.16
N ARG A 403 -0.43 40.51 1.83
CA ARG A 403 -1.61 40.83 1.05
C ARG A 403 -2.62 39.68 1.13
N GLY A 404 -3.89 40.02 0.92
CA GLY A 404 -4.97 39.08 1.21
C GLY A 404 -4.88 37.79 0.42
N ASP A 405 -4.46 37.87 -0.83
CA ASP A 405 -4.30 36.64 -1.59
C ASP A 405 -3.24 35.76 -0.97
N GLU A 406 -2.19 36.37 -0.44
CA GLU A 406 -1.00 35.62 -0.12
C GLU A 406 -1.19 34.75 1.12
N VAL A 407 -2.17 35.10 1.96
CA VAL A 407 -2.45 34.29 3.13
C VAL A 407 -2.64 32.84 2.72
N ARG A 408 -3.23 32.63 1.56
CA ARG A 408 -3.40 31.28 1.03
C ARG A 408 -2.06 30.58 0.87
N GLN A 409 -1.00 31.33 0.57
CA GLN A 409 0.28 30.69 0.32
C GLN A 409 0.94 30.22 1.61
N ILE A 410 0.86 31.01 2.68
CA ILE A 410 1.49 30.58 3.91
C ILE A 410 0.87 29.26 4.33
N ALA A 411 1.61 28.17 4.13
CA ALA A 411 1.17 26.82 4.41
C ALA A 411 2.33 25.88 4.10
N PRO A 412 2.40 24.72 4.73
CA PRO A 412 3.44 23.76 4.35
C PRO A 412 3.27 23.33 2.91
N GLY A 413 4.39 23.12 2.24
CA GLY A 413 4.37 22.63 0.87
C GLY A 413 3.66 23.54 -0.09
N GLN A 414 3.98 24.83 -0.04
CA GLN A 414 3.41 25.80 -0.95
C GLN A 414 4.54 26.58 -1.61
N THR A 415 4.28 27.02 -2.84
CA THR A 415 5.26 27.77 -3.61
C THR A 415 4.69 29.12 -4.03
N GLY A 416 5.56 30.11 -4.09
CA GLY A 416 5.18 31.45 -4.51
C GLY A 416 6.16 32.48 -4.03
N LYS A 417 5.89 33.73 -4.42
CA LYS A 417 6.82 34.81 -4.14
C LYS A 417 7.13 34.90 -2.66
N ILE A 418 6.11 35.20 -1.85
CA ILE A 418 6.30 35.27 -0.40
C ILE A 418 6.71 33.90 0.16
N ALA A 419 6.09 32.83 -0.32
CA ALA A 419 6.42 31.50 0.19
C ALA A 419 7.88 31.15 -0.06
N ASP A 420 8.41 31.51 -1.22
CA ASP A 420 9.76 31.12 -1.60
C ASP A 420 10.82 32.14 -1.21
N TYR A 421 10.44 33.33 -0.78
CA TYR A 421 11.44 34.37 -0.57
C TYR A 421 11.43 35.02 0.80
N ASN A 422 10.35 34.94 1.56
CA ASN A 422 10.29 35.63 2.84
C ASN A 422 10.06 34.69 4.02
N TYR A 423 9.03 33.86 3.96
CA TYR A 423 8.69 32.95 5.04
C TYR A 423 8.41 31.59 4.42
N LYS A 424 9.06 30.56 4.95
CA LYS A 424 9.00 29.23 4.35
C LYS A 424 8.48 28.24 5.38
N LEU A 425 7.49 27.48 5.00
CA LEU A 425 6.99 26.53 5.98
C LEU A 425 7.54 25.14 5.68
N PRO A 426 8.16 24.47 6.64
CA PRO A 426 8.57 23.07 6.41
C PRO A 426 7.35 22.20 6.20
N ASP A 427 7.54 21.13 5.41
CA ASP A 427 6.44 20.22 5.12
C ASP A 427 5.91 19.59 6.41
N ASP A 428 6.80 19.21 7.31
CA ASP A 428 6.41 18.63 8.59
C ASP A 428 6.07 19.68 9.65
N PHE A 429 5.63 20.87 9.24
CA PHE A 429 5.21 21.89 10.20
C PHE A 429 4.14 21.38 11.15
N THR A 430 4.35 21.59 12.44
CA THR A 430 3.35 21.28 13.46
C THR A 430 2.94 22.57 14.16
N GLY A 431 1.81 23.13 13.75
CA GLY A 431 1.32 24.37 14.31
C GLY A 431 0.35 24.96 13.32
N CYS A 432 -0.03 26.22 13.53
CA CYS A 432 -1.01 26.74 12.61
C CYS A 432 -1.09 28.25 12.60
N VAL A 433 -1.80 28.76 11.59
CA VAL A 433 -1.72 30.13 11.12
C VAL A 433 -3.01 30.85 11.47
N ILE A 434 -2.92 32.17 11.52
CA ILE A 434 -4.03 33.03 11.90
C ILE A 434 -4.15 34.09 10.82
N ALA A 435 -5.37 34.54 10.52
CA ALA A 435 -5.48 35.57 9.50
C ALA A 435 -6.70 36.44 9.75
N TRP A 436 -6.53 37.75 9.54
CA TRP A 436 -7.63 38.68 9.47
C TRP A 436 -7.11 39.98 8.85
N ASN A 437 -7.92 40.57 7.99
CA ASN A 437 -7.51 41.79 7.30
C ASN A 437 -7.48 42.97 8.28
N SER A 438 -6.76 44.01 7.89
CA SER A 438 -6.50 45.12 8.78
C SER A 438 -6.68 46.47 8.09
N ASN A 439 -7.70 46.60 7.24
CA ASN A 439 -7.96 47.90 6.63
C ASN A 439 -8.26 48.95 7.67
N ASN A 440 -8.97 48.57 8.74
CA ASN A 440 -9.34 49.53 9.77
C ASN A 440 -8.10 50.19 10.37
N LEU A 441 -6.99 49.47 10.44
CA LEU A 441 -5.81 49.98 11.11
C LEU A 441 -4.70 50.36 10.14
N ASP A 442 -4.79 49.94 8.88
CA ASP A 442 -3.72 50.17 7.92
C ASP A 442 -4.29 50.78 6.65
N SER A 443 -3.38 51.15 5.71
CA SER A 443 -3.73 51.85 4.44
C SER A 443 -4.59 53.08 4.78
N LYS A 444 -4.02 54.06 5.48
CA LYS A 444 -4.83 55.15 6.09
C LYS A 444 -5.67 55.94 5.08
N VAL A 445 -5.11 56.43 3.97
CA VAL A 445 -5.91 57.24 3.00
C VAL A 445 -5.15 57.44 1.68
N GLY A 446 -3.84 57.20 1.63
CA GLY A 446 -3.17 57.54 0.40
C GLY A 446 -2.15 56.55 -0.10
N GLY A 447 -2.15 55.33 0.43
CA GLY A 447 -1.13 54.38 0.10
C GLY A 447 -0.13 54.25 1.22
N ASN A 448 -0.28 53.22 2.05
CA ASN A 448 0.71 52.96 3.09
C ASN A 448 1.90 52.27 2.45
N TYR A 449 3.09 52.83 2.66
CA TYR A 449 4.30 52.36 2.01
C TYR A 449 5.30 51.83 3.02
N ASN A 450 4.84 51.51 4.23
CA ASN A 450 5.72 51.10 5.30
C ASN A 450 5.95 49.60 5.35
N TYR A 451 5.26 48.84 4.51
CA TYR A 451 5.38 47.39 4.51
C TYR A 451 6.09 46.94 3.25
N LEU A 452 6.95 45.94 3.39
CA LEU A 452 7.88 45.56 2.33
C LEU A 452 7.51 44.20 1.76
N TYR A 453 8.32 43.76 0.82
CA TYR A 453 8.04 42.63 -0.05
C TYR A 453 9.14 41.60 -0.09
N ARG A 454 10.39 42.03 -0.23
CA ARG A 454 11.51 41.13 -0.46
C ARG A 454 11.19 40.29 -1.70
N LEU A 455 11.27 40.92 -2.86
CA LEU A 455 11.05 40.22 -4.11
C LEU A 455 12.30 39.39 -4.39
N PHE A 456 12.47 38.94 -5.63
CA PHE A 456 13.44 37.91 -6.00
C PHE A 456 14.76 38.00 -5.25
N ARG A 457 15.28 36.84 -4.88
CA ARG A 457 16.63 36.69 -4.36
C ARG A 457 17.28 35.53 -5.10
N LYS A 458 18.60 35.42 -4.97
CA LYS A 458 19.36 34.52 -5.84
C LYS A 458 18.88 33.09 -5.75
N SER A 459 18.54 32.62 -4.54
CA SER A 459 18.20 31.22 -4.33
C SER A 459 16.99 31.11 -3.42
N ASN A 460 16.33 29.96 -3.50
CA ASN A 460 15.15 29.69 -2.69
C ASN A 460 15.50 29.69 -1.20
N LEU A 461 14.55 30.13 -0.39
CA LEU A 461 14.81 30.36 1.02
C LEU A 461 14.55 29.10 1.83
N LYS A 462 15.48 28.76 2.72
CA LYS A 462 15.33 27.61 3.58
C LYS A 462 14.29 27.88 4.67
N PRO A 463 13.71 26.83 5.24
CA PRO A 463 12.64 27.04 6.24
C PRO A 463 13.13 27.81 7.46
N PHE A 464 12.23 28.66 7.97
CA PHE A 464 12.45 29.49 9.15
C PHE A 464 13.79 30.23 9.07
N GLU A 465 13.91 31.07 8.05
CA GLU A 465 15.08 31.91 7.89
C GLU A 465 14.62 33.32 7.53
N ARG A 466 14.64 34.21 8.52
CA ARG A 466 14.37 35.61 8.25
C ARG A 466 15.58 36.25 7.60
N ASP A 467 15.37 36.86 6.45
CA ASP A 467 16.45 37.41 5.64
C ASP A 467 16.26 38.91 5.54
N ILE A 468 17.31 39.65 5.90
CA ILE A 468 17.26 41.11 5.89
C ILE A 468 18.37 41.67 5.00
N SER A 469 19.05 40.81 4.25
CA SER A 469 20.16 41.24 3.42
C SER A 469 19.60 41.99 2.22
N THR A 470 19.83 43.30 2.15
CA THR A 470 19.30 44.07 0.99
C THR A 470 20.46 44.75 0.24
N GLU A 471 21.52 44.00 -0.09
CA GLU A 471 22.68 44.63 -0.79
C GLU A 471 22.28 45.14 -2.18
N ILE A 472 21.63 44.28 -2.99
CA ILE A 472 21.13 44.46 -4.40
C ILE A 472 20.92 43.07 -5.05
N TYR A 473 20.28 43.06 -6.23
CA TYR A 473 20.08 41.90 -7.07
C TYR A 473 20.93 42.04 -8.33
N GLN A 474 21.36 40.91 -8.89
CA GLN A 474 22.44 40.88 -9.87
C GLN A 474 21.98 40.44 -11.25
N ALA A 475 21.15 39.39 -11.34
CA ALA A 475 20.51 38.97 -12.58
C ALA A 475 21.52 38.53 -13.65
N GLY A 476 22.48 37.70 -13.27
CA GLY A 476 23.34 37.05 -14.25
C GLY A 476 24.40 37.93 -14.88
N SER A 477 23.98 38.90 -15.69
CA SER A 477 24.90 39.82 -16.36
C SER A 477 25.59 40.68 -15.31
N THR A 478 26.92 40.67 -15.37
CA THR A 478 27.83 41.17 -14.35
C THR A 478 27.49 42.55 -13.76
N PRO A 479 27.24 43.60 -14.59
CA PRO A 479 27.17 44.96 -14.02
C PRO A 479 26.29 45.13 -12.79
N CYS A 480 26.90 45.60 -11.70
CA CYS A 480 26.22 46.01 -10.49
C CYS A 480 26.93 47.22 -9.90
N ASN A 481 26.68 47.43 -8.61
CA ASN A 481 27.39 48.28 -7.64
C ASN A 481 27.37 49.75 -8.05
N GLY A 482 26.94 50.04 -9.28
CA GLY A 482 26.38 51.32 -9.61
C GLY A 482 24.89 51.12 -9.59
N VAL A 483 24.34 50.87 -8.42
CA VAL A 483 23.06 50.17 -8.35
C VAL A 483 21.93 51.06 -8.80
N GLU A 484 21.56 50.92 -10.07
CA GLU A 484 20.35 51.55 -10.59
C GLU A 484 19.97 51.03 -11.98
N GLY A 485 18.83 50.35 -12.10
CA GLY A 485 18.07 50.39 -13.33
C GLY A 485 18.06 49.24 -14.30
N PHE A 486 19.26 48.68 -14.55
CA PHE A 486 19.45 47.52 -15.47
C PHE A 486 20.46 46.56 -14.83
N ASN A 487 20.13 45.26 -14.81
CA ASN A 487 20.96 44.15 -14.24
C ASN A 487 21.35 44.45 -12.79
N CYS A 488 20.41 44.97 -12.01
CA CYS A 488 20.56 45.33 -10.56
C CYS A 488 19.20 45.84 -10.08
N TYR A 489 18.21 44.93 -10.03
CA TYR A 489 16.85 45.30 -9.67
C TYR A 489 16.75 45.32 -8.16
N PHE A 490 16.13 46.35 -7.61
CA PHE A 490 16.12 46.45 -6.16
C PHE A 490 15.17 45.40 -5.58
N PRO A 491 15.63 44.58 -4.62
CA PRO A 491 14.81 43.43 -4.21
C PRO A 491 13.63 43.75 -3.34
N LEU A 492 13.70 44.81 -2.52
CA LEU A 492 12.61 45.11 -1.59
C LEU A 492 11.60 45.98 -2.32
N GLN A 493 10.53 45.36 -2.82
CA GLN A 493 9.35 46.11 -3.22
C GLN A 493 8.56 46.52 -1.98
N SER A 494 7.64 47.45 -2.19
CA SER A 494 6.74 47.88 -1.12
C SER A 494 5.30 47.53 -1.48
N TYR A 495 4.52 47.26 -0.44
CA TYR A 495 3.07 47.14 -0.56
C TYR A 495 2.52 48.54 -0.76
N GLY A 496 1.79 48.73 -1.85
CA GLY A 496 0.96 49.90 -1.98
C GLY A 496 -0.43 49.58 -1.49
N PHE A 497 -0.76 49.98 -0.27
CA PHE A 497 -2.05 49.65 0.31
C PHE A 497 -2.96 50.87 0.25
N GLN A 498 -4.10 50.71 -0.42
CA GLN A 498 -5.12 51.74 -0.44
C GLN A 498 -6.36 51.19 0.24
N PRO A 499 -7.19 52.05 0.84
CA PRO A 499 -8.50 51.57 1.29
C PRO A 499 -9.32 50.98 0.17
N THR A 500 -9.18 51.52 -1.04
CA THR A 500 -9.90 51.03 -2.22
C THR A 500 -8.98 50.08 -2.99
N ASN A 501 -8.91 48.83 -2.51
CA ASN A 501 -8.16 47.81 -3.23
C ASN A 501 -8.95 46.51 -3.41
N GLY A 502 -10.28 46.55 -3.37
CA GLY A 502 -11.04 45.31 -3.40
C GLY A 502 -10.97 44.63 -2.05
N VAL A 503 -11.05 43.31 -2.08
CA VAL A 503 -10.89 42.48 -0.89
C VAL A 503 -9.67 41.60 -0.94
N GLY A 504 -8.99 41.51 -2.08
CA GLY A 504 -7.86 40.63 -2.23
C GLY A 504 -6.53 41.34 -2.18
N TYR A 505 -6.56 42.66 -2.26
CA TYR A 505 -5.33 43.43 -2.14
C TYR A 505 -5.16 44.11 -0.80
N GLN A 506 -6.11 43.94 0.11
CA GLN A 506 -6.04 44.62 1.39
C GLN A 506 -5.00 43.99 2.30
N PRO A 507 -4.54 44.70 3.33
CA PRO A 507 -3.54 44.15 4.25
C PRO A 507 -4.17 43.21 5.27
N TYR A 508 -3.68 41.98 5.29
CA TYR A 508 -4.06 41.01 6.32
C TYR A 508 -2.93 40.89 7.32
N ARG A 509 -3.24 41.13 8.59
CA ARG A 509 -2.32 40.83 9.66
C ARG A 509 -2.39 39.34 9.96
N VAL A 510 -1.26 38.65 9.87
CA VAL A 510 -1.25 37.22 10.14
C VAL A 510 -0.21 36.94 11.22
N VAL A 511 -0.40 35.83 11.90
CA VAL A 511 0.53 35.37 12.92
C VAL A 511 0.50 33.85 12.94
N VAL A 512 1.64 33.23 12.76
CA VAL A 512 1.73 31.78 12.67
C VAL A 512 2.31 31.25 13.97
N LEU A 513 1.65 30.26 14.55
CA LEU A 513 2.17 29.57 15.72
C LEU A 513 2.80 28.26 15.27
N SER A 514 4.01 27.99 15.74
CA SER A 514 4.66 26.72 15.50
C SER A 514 4.94 26.08 16.84
N PHE A 515 4.29 24.95 17.10
CA PHE A 515 4.53 24.16 18.30
C PHE A 515 5.61 23.15 18.00
N GLU A 516 6.50 22.93 18.94
CA GLU A 516 7.49 21.87 18.83
C GLU A 516 7.18 20.81 19.88
N LEU A 517 7.03 19.57 19.42
CA LEU A 517 6.66 18.46 20.28
C LEU A 517 7.87 17.57 20.50
N LEU A 518 8.29 17.44 21.76
CA LEU A 518 9.42 16.60 22.12
C LEU A 518 9.11 15.91 23.43
N HIS A 519 10.00 15.00 23.84
CA HIS A 519 9.92 14.37 25.15
C HIS A 519 10.89 15.06 26.11
N ALA A 520 10.54 16.30 26.44
CA ALA A 520 11.28 17.17 27.33
C ALA A 520 10.23 17.74 28.26
N PRO A 521 10.62 18.22 29.44
CA PRO A 521 9.63 18.86 30.30
C PRO A 521 8.85 19.94 29.56
N ALA A 522 7.57 19.69 29.35
CA ALA A 522 6.75 20.60 28.54
C ALA A 522 6.53 21.91 29.28
N THR A 523 7.01 23.01 28.70
CA THR A 523 6.86 24.30 29.34
C THR A 523 5.43 24.82 29.26
N VAL A 524 4.83 24.78 28.08
CA VAL A 524 3.52 25.39 27.87
C VAL A 524 2.45 24.31 27.83
N CYS A 525 1.29 24.63 28.40
CA CYS A 525 0.19 23.68 28.52
C CYS A 525 -1.15 24.39 28.57
N GLY A 526 -2.19 23.60 28.38
CA GLY A 526 -3.55 24.08 28.53
C GLY A 526 -3.93 24.18 30.00
N PRO A 527 -5.08 24.77 30.28
CA PRO A 527 -5.46 25.03 31.66
C PRO A 527 -6.37 23.97 32.29
N LYS A 528 -5.86 22.78 32.57
CA LYS A 528 -6.68 21.73 33.17
C LYS A 528 -6.52 21.72 34.69
N LYS A 529 -7.41 20.98 35.36
CA LYS A 529 -7.60 21.05 36.82
C LYS A 529 -6.89 19.96 37.61
N SER A 530 -6.59 18.86 36.90
CA SER A 530 -5.90 17.66 37.45
C SER A 530 -6.70 17.08 38.62
N THR A 531 -7.68 16.22 38.35
CA THR A 531 -8.49 15.71 39.47
C THR A 531 -7.62 14.72 40.25
N ASN A 532 -7.14 15.18 41.40
CA ASN A 532 -6.26 14.48 42.38
C ASN A 532 -5.35 13.43 41.73
N LEU A 533 -5.41 12.23 42.32
CA LEU A 533 -4.66 11.02 42.02
C LEU A 533 -5.35 9.80 42.64
N VAL A 534 -5.31 8.67 41.95
CA VAL A 534 -5.74 7.40 42.52
C VAL A 534 -4.69 6.36 42.19
N LYS A 535 -4.34 5.52 43.17
CA LYS A 535 -3.37 4.48 42.98
C LYS A 535 -4.05 3.12 42.98
N ASN A 536 -3.31 2.11 42.51
CA ASN A 536 -3.73 0.71 42.60
C ASN A 536 -5.10 0.49 41.99
N LYS A 537 -5.38 1.13 40.86
CA LYS A 537 -6.70 1.07 40.27
C LYS A 537 -6.59 1.37 38.78
N CYS A 538 -7.41 0.69 37.98
CA CYS A 538 -7.40 0.89 36.54
C CYS A 538 -8.01 2.25 36.27
N VAL A 539 -7.17 3.24 36.05
CA VAL A 539 -7.60 4.62 35.89
C VAL A 539 -6.98 5.17 34.61
N ASN A 540 -7.78 5.88 33.83
CA ASN A 540 -7.24 6.54 32.65
C ASN A 540 -6.48 7.79 33.09
N PHE A 541 -5.23 7.91 32.67
CA PHE A 541 -4.32 8.90 33.23
C PHE A 541 -3.72 9.73 32.13
N ASN A 542 -3.54 11.02 32.40
CA ASN A 542 -2.92 11.96 31.48
C ASN A 542 -1.89 12.78 32.24
N PHE A 543 -0.62 12.50 32.02
CA PHE A 543 0.46 13.13 32.76
C PHE A 543 1.23 14.05 31.82
N ASN A 544 1.21 15.35 32.10
CA ASN A 544 1.91 16.33 31.28
C ASN A 544 1.48 16.23 29.82
N GLY A 545 0.24 15.82 29.61
CA GLY A 545 -0.24 15.61 28.27
C GLY A 545 0.27 14.36 27.60
N LEU A 546 0.75 13.40 28.41
CA LEU A 546 1.27 12.10 27.90
C LEU A 546 0.08 11.27 27.40
N THR A 547 -0.91 11.03 28.28
CA THR A 547 -2.19 10.29 28.06
C THR A 547 -1.98 8.77 28.19
N GLY A 548 -3.06 7.98 28.08
CA GLY A 548 -3.00 6.52 28.20
C GLY A 548 -3.83 5.98 29.36
N THR A 549 -3.96 4.66 29.45
CA THR A 549 -4.75 3.99 30.52
C THR A 549 -3.87 2.93 31.20
N GLY A 550 -3.94 2.84 32.54
CA GLY A 550 -3.12 1.89 33.27
C GLY A 550 -3.46 1.90 34.74
N VAL A 551 -2.70 1.13 35.49
CA VAL A 551 -2.81 1.08 36.95
C VAL A 551 -1.56 1.71 37.53
N LEU A 552 -1.72 2.82 38.23
CA LEU A 552 -0.61 3.61 38.73
C LEU A 552 -0.26 3.18 40.14
N THR A 553 0.96 2.72 40.35
CA THR A 553 1.40 2.31 41.66
C THR A 553 2.74 2.97 41.99
N GLU A 554 2.92 3.27 43.27
CA GLU A 554 4.15 3.90 43.71
C GLU A 554 5.32 2.96 43.51
N SER A 555 6.46 3.50 43.07
CA SER A 555 7.55 2.69 42.56
C SER A 555 8.80 2.83 43.40
N ASN A 556 9.55 1.73 43.51
CA ASN A 556 10.82 1.75 44.24
C ASN A 556 11.97 2.24 43.38
N LYS A 557 11.87 2.16 42.05
CA LYS A 557 12.98 2.57 41.20
C LYS A 557 13.29 4.04 41.42
N LYS A 558 14.58 4.37 41.45
CA LYS A 558 15.03 5.69 41.88
C LYS A 558 15.47 6.45 40.63
N PHE A 559 14.64 7.38 40.18
CA PHE A 559 15.01 8.23 39.05
C PHE A 559 16.19 9.11 39.39
N LEU A 560 16.98 9.45 38.38
CA LEU A 560 17.92 10.54 38.51
C LEU A 560 17.18 11.87 38.41
N PRO A 561 17.74 12.94 38.98
CA PRO A 561 16.97 14.19 39.09
C PRO A 561 16.44 14.72 37.78
N PHE A 562 17.21 14.63 36.71
CA PHE A 562 16.74 15.20 35.45
C PHE A 562 15.67 14.33 34.80
N GLN A 563 15.77 13.01 34.92
CA GLN A 563 14.90 12.13 34.17
C GLN A 563 13.44 12.35 34.52
N GLN A 564 12.58 12.23 33.52
CA GLN A 564 11.16 12.45 33.71
C GLN A 564 10.30 11.26 33.35
N PHE A 565 10.51 10.65 32.19
CA PHE A 565 9.68 9.55 31.71
C PHE A 565 10.53 8.29 31.62
N GLY A 566 10.13 7.25 32.34
CA GLY A 566 10.80 5.99 32.22
C GLY A 566 10.45 5.25 30.95
N ARG A 567 11.15 4.16 30.70
CA ARG A 567 10.85 3.34 29.53
C ARG A 567 11.27 1.90 29.78
N ASP A 568 10.75 1.00 28.95
CA ASP A 568 10.97 -0.43 29.12
C ASP A 568 12.05 -0.94 28.17
N ILE A 569 12.26 -2.25 28.15
CA ILE A 569 13.16 -2.85 27.19
C ILE A 569 12.66 -2.63 25.77
N ALA A 570 11.36 -2.84 25.56
CA ALA A 570 10.74 -2.63 24.26
C ALA A 570 10.31 -1.19 24.05
N ASP A 571 10.82 -0.27 24.86
CA ASP A 571 10.57 1.16 24.70
C ASP A 571 9.09 1.48 24.88
N THR A 572 8.49 0.95 25.95
CA THR A 572 7.13 1.27 26.33
C THR A 572 7.14 2.07 27.62
N THR A 573 6.34 3.12 27.67
CA THR A 573 6.27 3.94 28.87
C THR A 573 5.80 3.10 30.05
N ASP A 574 6.66 2.94 31.05
CA ASP A 574 6.27 2.21 32.25
C ASP A 574 6.32 3.04 33.50
N ALA A 575 7.17 4.06 33.57
CA ALA A 575 7.31 4.86 34.77
C ALA A 575 7.20 6.32 34.38
N VAL A 576 6.36 7.05 35.12
CA VAL A 576 6.15 8.48 34.89
C VAL A 576 6.34 9.18 36.22
N ARG A 577 6.95 10.36 36.18
CA ARG A 577 7.22 11.12 37.39
C ARG A 577 6.14 12.16 37.58
N ASP A 578 5.53 12.16 38.75
CA ASP A 578 4.34 12.98 38.96
C ASP A 578 4.74 14.45 38.98
N PRO A 579 4.12 15.29 38.16
CA PRO A 579 4.54 16.70 38.10
C PRO A 579 4.32 17.46 39.40
N GLN A 580 3.09 17.51 39.88
CA GLN A 580 2.77 18.37 41.02
C GLN A 580 3.57 17.97 42.25
N THR A 581 3.66 16.69 42.53
CA THR A 581 4.48 16.18 43.62
C THR A 581 5.50 15.22 43.04
N LEU A 582 6.77 15.48 43.31
CA LEU A 582 7.85 14.76 42.64
C LEU A 582 7.87 13.33 43.18
N GLU A 583 7.03 12.50 42.59
CA GLU A 583 6.91 11.11 42.96
C GLU A 583 7.00 10.23 41.73
N ILE A 584 7.54 9.03 41.89
CA ILE A 584 7.77 8.12 40.78
C ILE A 584 6.61 7.13 40.74
N LEU A 585 5.88 7.13 39.63
CA LEU A 585 4.71 6.26 39.47
C LEU A 585 4.98 5.29 38.34
N ASP A 586 4.78 4.00 38.61
CA ASP A 586 4.83 2.99 37.56
C ASP A 586 3.49 2.89 36.84
N ILE A 587 3.55 2.55 35.57
CA ILE A 587 2.37 2.27 34.77
C ILE A 587 2.33 0.78 34.51
N THR A 588 1.39 0.08 35.15
CA THR A 588 1.19 -1.32 34.88
C THR A 588 -0.07 -1.47 34.06
N PRO A 589 0.03 -2.02 32.84
CA PRO A 589 -1.13 -2.03 31.95
C PRO A 589 -2.30 -2.75 32.56
N CYS A 590 -3.50 -2.25 32.25
CA CYS A 590 -4.71 -2.81 32.81
C CYS A 590 -4.81 -4.29 32.48
N SER A 591 -5.45 -5.03 33.39
CA SER A 591 -5.48 -6.48 33.25
C SER A 591 -6.37 -6.87 32.07
N PHE A 592 -5.95 -7.95 31.40
CA PHE A 592 -6.66 -8.39 30.20
C PHE A 592 -6.24 -9.79 29.82
N GLY A 593 -7.00 -10.41 28.94
CA GLY A 593 -6.68 -11.76 28.49
C GLY A 593 -7.86 -12.35 27.76
N GLY A 594 -7.57 -13.43 27.06
CA GLY A 594 -8.60 -14.08 26.27
C GLY A 594 -9.60 -14.83 27.15
N VAL A 595 -10.76 -15.12 26.57
CA VAL A 595 -11.81 -15.86 27.23
C VAL A 595 -12.19 -17.03 26.34
N SER A 596 -12.27 -18.22 26.91
CA SER A 596 -12.67 -19.41 26.19
C SER A 596 -13.80 -20.09 26.93
N VAL A 597 -14.64 -20.81 26.19
CA VAL A 597 -15.78 -21.52 26.75
C VAL A 597 -15.46 -23.01 26.78
N ILE A 598 -15.62 -23.61 27.95
CA ILE A 598 -15.53 -25.06 28.08
C ILE A 598 -16.90 -25.63 27.80
N THR A 599 -17.07 -26.25 26.65
CA THR A 599 -18.40 -26.75 26.31
C THR A 599 -18.34 -28.21 25.89
N PRO A 600 -19.12 -29.09 26.52
CA PRO A 600 -19.42 -30.37 25.90
C PRO A 600 -20.34 -30.13 24.72
N GLY A 601 -20.36 -31.08 23.80
CA GLY A 601 -21.17 -30.92 22.60
C GLY A 601 -22.61 -30.62 22.97
N THR A 602 -23.20 -29.66 22.26
CA THR A 602 -24.58 -29.28 22.57
C THR A 602 -25.51 -30.47 22.51
N ASN A 603 -25.19 -31.46 21.67
CA ASN A 603 -26.04 -32.63 21.58
C ASN A 603 -26.04 -33.38 22.91
N THR A 604 -25.06 -33.12 23.77
CA THR A 604 -25.10 -33.64 25.13
C THR A 604 -25.83 -32.69 26.06
N SER A 605 -25.42 -31.42 26.10
CA SER A 605 -25.96 -30.48 27.06
C SER A 605 -25.69 -29.06 26.60
N ASN A 606 -26.35 -28.11 27.26
CA ASN A 606 -26.14 -26.70 26.99
C ASN A 606 -25.37 -25.99 28.08
N GLN A 607 -25.04 -26.68 29.16
CA GLN A 607 -24.27 -26.07 30.23
C GLN A 607 -22.87 -25.71 29.73
N VAL A 608 -22.32 -24.63 30.27
CA VAL A 608 -21.06 -24.09 29.79
C VAL A 608 -20.24 -23.61 30.97
N ALA A 609 -18.93 -23.78 30.88
CA ALA A 609 -18.00 -23.21 31.84
C ALA A 609 -17.04 -22.30 31.10
N VAL A 610 -16.83 -21.11 31.66
CA VAL A 610 -16.10 -20.04 31.00
C VAL A 610 -14.73 -19.93 31.64
N LEU A 611 -13.70 -19.80 30.81
CA LEU A 611 -12.33 -19.68 31.28
C LEU A 611 -11.78 -18.32 30.90
N TYR A 612 -11.36 -17.57 31.90
CA TYR A 612 -10.65 -16.32 31.66
C TYR A 612 -9.15 -16.60 31.71
N GLN A 613 -8.44 -16.28 30.64
CA GLN A 613 -7.02 -16.55 30.61
C GLN A 613 -6.24 -15.45 31.29
N ASP A 614 -5.25 -15.86 32.09
CA ASP A 614 -4.21 -14.96 32.58
C ASP A 614 -4.77 -13.80 33.39
N VAL A 615 -5.78 -14.06 34.21
CA VAL A 615 -6.28 -13.06 35.13
C VAL A 615 -6.44 -13.71 36.51
N ASN A 616 -6.12 -12.95 37.54
CA ASN A 616 -6.39 -13.40 38.88
C ASN A 616 -7.90 -13.39 39.10
N CYS A 617 -8.37 -14.28 39.97
CA CYS A 617 -9.83 -14.36 40.16
C CYS A 617 -10.32 -13.27 41.09
N THR A 618 -9.97 -12.03 40.79
CA THR A 618 -10.56 -10.88 41.47
C THR A 618 -11.04 -9.90 40.41
N GLU A 619 -10.32 -9.81 39.30
CA GLU A 619 -10.65 -8.85 38.26
C GLU A 619 -11.96 -9.20 37.58
N VAL A 620 -12.37 -10.45 37.65
CA VAL A 620 -13.64 -10.86 37.08
C VAL A 620 -14.79 -10.04 37.65
N ASN A 641 -19.00 -20.22 41.98
CA ASN A 641 -18.32 -21.49 41.76
C ASN A 641 -17.02 -21.29 41.00
N VAL A 642 -16.16 -20.45 41.55
CA VAL A 642 -14.92 -20.02 40.89
C VAL A 642 -13.78 -20.91 41.34
N PHE A 643 -13.01 -21.40 40.38
CA PHE A 643 -11.81 -22.16 40.66
C PHE A 643 -10.63 -21.50 39.97
N GLN A 644 -9.52 -21.38 40.67
CA GLN A 644 -8.33 -20.71 40.17
C GLN A 644 -7.29 -21.74 39.74
N THR A 645 -6.83 -21.62 38.49
CA THR A 645 -5.77 -22.48 37.98
C THR A 645 -4.71 -21.62 37.31
N ARG A 646 -3.58 -22.25 36.99
CA ARG A 646 -2.49 -21.50 36.38
C ARG A 646 -2.85 -21.05 34.98
N ALA A 647 -3.80 -21.71 34.34
CA ALA A 647 -4.27 -21.26 33.04
C ALA A 647 -4.98 -19.92 33.16
N GLY A 648 -5.77 -19.76 34.22
CA GLY A 648 -6.51 -18.54 34.42
C GLY A 648 -7.71 -18.80 35.31
N CYS A 649 -8.52 -17.77 35.49
CA CYS A 649 -9.70 -17.95 36.31
C CYS A 649 -10.67 -18.86 35.58
N LEU A 650 -11.16 -19.87 36.28
CA LEU A 650 -12.11 -20.82 35.72
C LEU A 650 -13.41 -20.72 36.50
N ILE A 651 -14.47 -20.34 35.81
CA ILE A 651 -15.73 -20.02 36.45
C ILE A 651 -16.81 -20.93 35.92
N GLY A 652 -17.74 -21.32 36.78
CA GLY A 652 -18.82 -22.19 36.38
C GLY A 652 -18.46 -23.65 36.30
N ALA A 653 -17.37 -24.08 36.92
CA ALA A 653 -16.96 -25.48 36.91
C ALA A 653 -16.62 -25.91 38.33
N GLU A 654 -16.86 -27.19 38.62
CA GLU A 654 -16.64 -27.74 39.95
C GLU A 654 -15.29 -28.43 40.01
N HIS A 655 -14.42 -27.98 40.90
CA HIS A 655 -13.16 -28.66 41.11
C HIS A 655 -13.37 -29.92 41.95
N VAL A 656 -12.61 -30.96 41.64
CA VAL A 656 -12.73 -32.26 42.30
C VAL A 656 -11.33 -32.81 42.55
N ASN A 657 -11.20 -33.70 43.52
CA ASN A 657 -9.91 -34.31 43.78
C ASN A 657 -9.60 -35.43 42.80
N ASN A 658 -10.49 -36.41 42.70
CA ASN A 658 -10.17 -37.63 41.98
C ASN A 658 -10.00 -37.33 40.50
N SER A 659 -9.03 -37.99 39.89
CA SER A 659 -8.60 -37.70 38.54
C SER A 659 -9.20 -38.70 37.55
N TYR A 660 -9.33 -38.26 36.30
CA TYR A 660 -9.79 -39.12 35.23
C TYR A 660 -8.90 -38.92 34.02
N GLU A 661 -9.18 -39.66 32.96
CA GLU A 661 -8.52 -39.44 31.68
C GLU A 661 -8.90 -38.08 31.13
N CYS A 662 -7.93 -37.37 30.55
CA CYS A 662 -8.20 -36.03 30.05
C CYS A 662 -9.24 -36.08 28.95
N ASP A 663 -10.16 -35.13 28.98
CA ASP A 663 -11.24 -35.07 27.99
C ASP A 663 -11.19 -33.76 27.22
N ILE A 664 -11.18 -32.62 27.90
CA ILE A 664 -11.03 -31.32 27.27
C ILE A 664 -9.86 -30.61 27.92
N PRO A 665 -8.86 -30.19 27.18
CA PRO A 665 -7.66 -29.64 27.82
C PRO A 665 -7.78 -28.16 28.16
N ILE A 666 -7.45 -27.82 29.41
CA ILE A 666 -7.32 -26.42 29.82
C ILE A 666 -5.88 -25.95 29.80
N GLY A 667 -4.91 -26.82 30.04
CA GLY A 667 -3.54 -26.41 30.21
C GLY A 667 -3.10 -26.48 31.66
N ALA A 668 -1.79 -26.44 31.84
CA ALA A 668 -1.18 -26.59 33.16
C ALA A 668 -1.67 -27.86 33.86
N GLY A 669 -2.07 -28.84 33.06
CA GLY A 669 -2.41 -30.13 33.61
C GLY A 669 -3.84 -30.28 34.08
N ILE A 670 -4.73 -29.35 33.78
CA ILE A 670 -6.12 -29.43 34.20
C ILE A 670 -6.97 -29.78 32.99
N CYS A 671 -7.80 -30.79 33.13
CA CYS A 671 -8.70 -31.21 32.06
C CYS A 671 -10.13 -31.25 32.58
N ALA A 672 -11.08 -30.85 31.76
CA ALA A 672 -12.46 -30.71 32.17
C ALA A 672 -13.35 -31.58 31.30
N SER A 673 -14.44 -32.06 31.90
CA SER A 673 -15.32 -32.99 31.23
C SER A 673 -16.70 -32.94 31.87
N TYR A 674 -17.67 -33.51 31.17
CA TYR A 674 -19.07 -33.49 31.58
C TYR A 674 -19.40 -34.79 32.29
N GLN A 675 -19.84 -34.69 33.54
CA GLN A 675 -20.00 -35.86 34.38
C GLN A 675 -21.09 -35.59 35.41
N THR A 676 -21.69 -36.67 35.91
CA THR A 676 -22.71 -36.59 36.96
C THR A 676 -22.17 -35.97 38.24
N SER A 689 -28.53 -33.88 37.06
CA SER A 689 -27.60 -34.56 37.93
C SER A 689 -26.17 -34.35 37.47
N GLN A 690 -25.99 -34.11 36.18
CA GLN A 690 -24.68 -33.93 35.58
C GLN A 690 -24.26 -32.46 35.64
N SER A 691 -22.95 -32.23 35.68
CA SER A 691 -22.41 -30.89 35.71
C SER A 691 -21.06 -30.91 35.00
N ILE A 692 -20.37 -29.77 35.04
CA ILE A 692 -19.05 -29.62 34.45
C ILE A 692 -18.03 -29.72 35.57
N ILE A 693 -17.04 -30.59 35.41
CA ILE A 693 -16.03 -30.80 36.43
C ILE A 693 -14.66 -30.52 35.83
N ALA A 694 -13.82 -29.88 36.62
CA ALA A 694 -12.42 -29.66 36.28
C ALA A 694 -11.56 -30.43 37.27
N TYR A 695 -10.62 -31.20 36.76
CA TYR A 695 -9.84 -32.10 37.58
C TYR A 695 -8.39 -32.10 37.13
N THR A 696 -7.51 -32.57 38.00
CA THR A 696 -6.14 -32.80 37.58
C THR A 696 -6.07 -34.00 36.66
N MET A 697 -5.30 -33.87 35.58
CA MET A 697 -5.26 -34.90 34.56
C MET A 697 -4.63 -36.17 35.12
N SER A 698 -5.21 -37.31 34.76
CA SER A 698 -4.68 -38.61 35.17
C SER A 698 -3.85 -39.21 34.06
N LEU A 699 -2.61 -39.54 34.37
CA LEU A 699 -1.67 -39.99 33.36
C LEU A 699 -1.86 -41.45 32.99
N GLY A 700 -2.74 -42.18 33.68
CA GLY A 700 -2.95 -43.57 33.41
C GLY A 700 -2.90 -44.40 34.67
N ALA A 701 -3.37 -45.63 34.54
CA ALA A 701 -3.39 -46.55 35.66
C ALA A 701 -1.98 -46.91 36.09
N GLU A 702 -1.77 -47.02 37.40
CA GLU A 702 -0.47 -47.34 37.94
C GLU A 702 -0.31 -48.84 38.06
N ASN A 703 0.88 -49.34 37.74
CA ASN A 703 1.10 -50.79 37.67
C ASN A 703 2.57 -51.07 37.96
N SER A 704 2.88 -51.41 39.20
CA SER A 704 4.21 -51.88 39.52
C SER A 704 4.42 -53.26 38.94
N VAL A 705 5.66 -53.55 38.55
CA VAL A 705 6.00 -54.82 37.92
C VAL A 705 6.71 -55.70 38.93
N ALA A 706 6.22 -56.92 39.09
CA ALA A 706 6.74 -57.82 40.12
C ALA A 706 8.12 -58.32 39.69
N TYR A 707 9.10 -57.43 39.79
CA TYR A 707 10.44 -57.74 39.36
C TYR A 707 11.24 -58.41 40.46
N SER A 708 12.04 -59.39 40.08
CA SER A 708 13.01 -59.99 40.99
C SER A 708 14.08 -60.65 40.14
N ASN A 709 15.21 -60.96 40.77
CA ASN A 709 16.37 -61.35 39.99
C ASN A 709 16.30 -62.78 39.48
N ASN A 710 15.24 -63.53 39.77
CA ASN A 710 15.12 -64.85 39.17
C ASN A 710 13.70 -65.18 38.76
N SER A 711 12.92 -64.19 38.37
CA SER A 711 11.53 -64.41 37.97
C SER A 711 11.31 -63.93 36.56
N ILE A 712 10.70 -64.76 35.73
CA ILE A 712 10.41 -64.39 34.35
C ILE A 712 8.96 -64.71 34.05
N ALA A 713 8.34 -63.91 33.20
CA ALA A 713 6.97 -64.12 32.77
C ALA A 713 6.94 -64.51 31.30
N ILE A 714 6.26 -65.60 30.98
CA ILE A 714 6.16 -66.11 29.62
C ILE A 714 4.69 -66.10 29.22
N PRO A 715 4.32 -65.47 28.12
CA PRO A 715 2.94 -65.56 27.67
C PRO A 715 2.60 -66.98 27.27
N THR A 716 1.35 -67.36 27.47
CA THR A 716 0.89 -68.68 27.07
C THR A 716 -0.15 -68.64 25.96
N ASN A 717 -0.43 -67.47 25.41
CA ASN A 717 -1.52 -67.35 24.45
C ASN A 717 -1.39 -66.01 23.75
N PHE A 718 -2.11 -65.87 22.65
CA PHE A 718 -1.94 -64.72 21.78
C PHE A 718 -3.28 -64.26 21.25
N THR A 719 -3.35 -62.99 20.88
CA THR A 719 -4.51 -62.43 20.22
C THR A 719 -4.06 -61.66 19.00
N ILE A 720 -4.66 -61.96 17.85
CA ILE A 720 -4.33 -61.31 16.60
C ILE A 720 -5.21 -60.08 16.47
N SER A 721 -4.67 -58.91 16.79
CA SER A 721 -5.46 -57.70 16.79
C SER A 721 -5.21 -56.92 15.51
N VAL A 722 -6.27 -56.39 14.92
CA VAL A 722 -6.19 -55.59 13.71
C VAL A 722 -6.50 -54.13 14.07
N THR A 723 -5.58 -53.24 13.79
CA THR A 723 -5.77 -51.84 14.09
C THR A 723 -5.68 -51.01 12.81
N THR A 724 -6.23 -49.81 12.87
CA THR A 724 -6.41 -48.96 11.70
C THR A 724 -5.53 -47.74 11.84
N GLU A 725 -4.81 -47.40 10.78
CA GLU A 725 -4.03 -46.17 10.72
C GLU A 725 -4.42 -45.42 9.46
N ILE A 726 -4.64 -44.12 9.59
CA ILE A 726 -5.18 -43.29 8.51
C ILE A 726 -4.19 -42.16 8.24
N LEU A 727 -3.89 -41.94 6.96
CA LEU A 727 -2.94 -40.89 6.61
C LEU A 727 -3.46 -40.09 5.43
N PRO A 728 -3.40 -38.76 5.50
CA PRO A 728 -3.66 -37.96 4.30
C PRO A 728 -2.58 -38.24 3.28
N VAL A 729 -2.96 -38.25 2.01
CA VAL A 729 -2.03 -38.47 0.93
C VAL A 729 -1.96 -37.30 -0.03
N SER A 730 -3.08 -36.64 -0.28
CA SER A 730 -3.09 -35.49 -1.17
C SER A 730 -4.21 -34.55 -0.75
N MET A 731 -4.09 -33.30 -1.19
CA MET A 731 -5.08 -32.29 -0.93
C MET A 731 -5.65 -31.82 -2.26
N THR A 732 -6.84 -31.26 -2.20
CA THR A 732 -7.56 -30.92 -3.43
C THR A 732 -6.73 -30.00 -4.32
N LYS A 733 -6.66 -30.36 -5.59
CA LYS A 733 -5.78 -29.68 -6.53
C LYS A 733 -6.48 -28.44 -7.04
N THR A 734 -6.05 -27.27 -6.59
CA THR A 734 -6.73 -26.03 -6.93
C THR A 734 -5.79 -25.04 -7.61
N SER A 735 -6.36 -24.21 -8.47
CA SER A 735 -5.63 -23.11 -9.09
C SER A 735 -6.56 -21.90 -9.19
N VAL A 736 -6.02 -20.73 -8.87
CA VAL A 736 -6.76 -19.47 -9.00
C VAL A 736 -6.14 -18.71 -10.16
N ASP A 737 -6.99 -18.23 -11.06
CA ASP A 737 -6.50 -17.40 -12.15
C ASP A 737 -6.19 -16.03 -11.59
N CYS A 738 -4.91 -15.64 -11.58
CA CYS A 738 -4.50 -14.42 -10.91
C CYS A 738 -5.24 -13.18 -11.39
N THR A 739 -5.24 -12.95 -12.70
CA THR A 739 -5.81 -11.71 -13.19
C THR A 739 -7.30 -11.62 -12.91
N MET A 740 -8.03 -12.70 -13.19
CA MET A 740 -9.48 -12.63 -13.05
C MET A 740 -9.90 -12.39 -11.60
N TYR A 741 -9.19 -12.99 -10.65
CA TYR A 741 -9.53 -12.76 -9.26
C TYR A 741 -9.37 -11.30 -8.89
N ILE A 742 -8.20 -10.73 -9.18
CA ILE A 742 -7.95 -9.35 -8.77
C ILE A 742 -8.80 -8.38 -9.57
N CYS A 743 -8.83 -8.54 -10.89
CA CYS A 743 -9.60 -7.67 -11.76
C CYS A 743 -10.69 -8.48 -12.43
N GLY A 744 -11.95 -8.10 -12.20
CA GLY A 744 -13.05 -8.84 -12.76
C GLY A 744 -13.38 -8.46 -14.19
N ASP A 745 -12.53 -8.87 -15.13
CA ASP A 745 -12.76 -8.59 -16.55
C ASP A 745 -12.88 -7.10 -16.80
N SER A 746 -12.02 -6.32 -16.16
CA SER A 746 -11.93 -4.89 -16.39
C SER A 746 -10.57 -4.59 -16.99
N THR A 747 -10.56 -3.92 -18.14
CA THR A 747 -9.29 -3.54 -18.75
C THR A 747 -8.56 -2.52 -17.88
N GLU A 748 -9.30 -1.58 -17.30
CA GLU A 748 -8.67 -0.54 -16.49
C GLU A 748 -7.91 -1.14 -15.32
N CYS A 749 -8.54 -2.10 -14.64
CA CYS A 749 -7.87 -2.74 -13.51
C CYS A 749 -6.65 -3.53 -13.98
N SER A 750 -6.74 -4.15 -15.16
CA SER A 750 -5.64 -4.98 -15.63
C SER A 750 -4.38 -4.15 -15.82
N ASN A 751 -4.48 -3.00 -16.48
CA ASN A 751 -3.29 -2.20 -16.71
C ASN A 751 -2.67 -1.71 -15.41
N LEU A 752 -3.50 -1.33 -14.44
CA LEU A 752 -2.97 -0.93 -13.15
C LEU A 752 -2.19 -2.06 -12.51
N LEU A 753 -2.74 -3.28 -12.57
CA LEU A 753 -2.01 -4.43 -12.04
C LEU A 753 -0.71 -4.63 -12.77
N LEU A 754 -0.68 -4.36 -14.07
CA LEU A 754 0.50 -4.65 -14.87
C LEU A 754 1.72 -3.90 -14.37
N GLN A 755 1.53 -2.78 -13.67
CA GLN A 755 2.66 -2.09 -13.10
C GLN A 755 3.38 -2.96 -12.07
N TYR A 756 2.63 -3.73 -11.30
CA TYR A 756 3.28 -4.51 -10.25
C TYR A 756 4.19 -5.60 -10.79
N GLY A 757 4.16 -5.86 -12.08
CA GLY A 757 5.15 -6.74 -12.67
C GLY A 757 4.74 -8.18 -12.55
N SER A 758 5.63 -8.99 -12.00
CA SER A 758 5.49 -10.44 -12.05
C SER A 758 4.79 -11.03 -10.83
N PHE A 759 4.23 -10.22 -9.94
CA PHE A 759 3.49 -10.77 -8.82
C PHE A 759 2.34 -11.64 -9.30
N CYS A 760 1.72 -11.25 -10.41
CA CYS A 760 0.52 -11.96 -10.82
C CYS A 760 0.87 -13.27 -11.51
N THR A 761 2.08 -13.38 -12.06
CA THR A 761 2.43 -14.61 -12.76
C THR A 761 2.97 -15.66 -11.80
N GLN A 762 3.89 -15.29 -10.90
CA GLN A 762 4.53 -16.30 -10.08
C GLN A 762 3.54 -16.94 -9.12
N LEU A 763 2.60 -16.16 -8.60
CA LEU A 763 1.55 -16.74 -7.77
C LEU A 763 0.77 -17.80 -8.55
N ASN A 764 0.51 -17.54 -9.83
CA ASN A 764 -0.13 -18.56 -10.64
C ASN A 764 0.77 -19.78 -10.78
N ARG A 765 2.07 -19.56 -10.94
CA ARG A 765 2.97 -20.69 -11.08
C ARG A 765 3.13 -21.46 -9.77
N ALA A 766 3.18 -20.74 -8.65
CA ALA A 766 3.38 -21.42 -7.37
C ALA A 766 2.28 -22.43 -7.10
N LEU A 767 1.04 -22.06 -7.38
CA LEU A 767 -0.05 -23.02 -7.18
C LEU A 767 0.06 -24.18 -8.16
N THR A 768 0.59 -23.95 -9.36
CA THR A 768 0.84 -25.06 -10.25
C THR A 768 1.88 -26.00 -9.67
N GLY A 769 2.92 -25.44 -9.04
CA GLY A 769 3.89 -26.29 -8.37
C GLY A 769 3.25 -27.17 -7.31
N ILE A 770 2.34 -26.61 -6.53
CA ILE A 770 1.56 -27.42 -5.60
C ILE A 770 0.69 -28.40 -6.34
N ALA A 771 0.09 -27.97 -7.45
CA ALA A 771 -0.85 -28.82 -8.16
C ALA A 771 -0.17 -30.08 -8.67
N VAL A 772 1.06 -29.97 -9.18
CA VAL A 772 1.70 -31.13 -9.77
C VAL A 772 2.01 -32.17 -8.72
N GLU A 773 2.62 -31.77 -7.61
CA GLU A 773 3.15 -32.76 -6.68
C GLU A 773 2.04 -33.62 -6.10
N GLN A 774 0.80 -33.12 -6.12
CA GLN A 774 -0.31 -33.95 -5.66
C GLN A 774 -0.43 -35.21 -6.48
N ASP A 775 -0.35 -35.10 -7.80
CA ASP A 775 -0.38 -36.29 -8.63
C ASP A 775 0.86 -37.13 -8.42
N LYS A 776 1.97 -36.49 -8.04
CA LYS A 776 3.17 -37.29 -7.75
C LYS A 776 3.02 -38.02 -6.43
N ASN A 777 2.36 -37.41 -5.44
CA ASN A 777 2.17 -38.08 -4.17
C ASN A 777 1.34 -39.35 -4.34
N THR A 778 0.16 -39.24 -4.93
CA THR A 778 -0.69 -40.42 -5.03
C THR A 778 -0.05 -41.48 -5.90
N GLN A 779 0.90 -41.10 -6.74
CA GLN A 779 1.67 -42.12 -7.45
C GLN A 779 2.67 -42.80 -6.53
N GLU A 780 3.38 -42.03 -5.71
CA GLU A 780 4.39 -42.64 -4.86
C GLU A 780 3.78 -43.57 -3.82
N VAL A 781 2.63 -43.19 -3.27
CA VAL A 781 2.01 -44.04 -2.28
C VAL A 781 1.51 -45.34 -2.91
N PHE A 782 0.77 -45.25 -4.01
CA PHE A 782 0.09 -46.43 -4.52
C PHE A 782 0.82 -47.13 -5.65
N ALA A 783 1.43 -46.40 -6.58
CA ALA A 783 2.03 -47.05 -7.75
C ALA A 783 3.39 -47.65 -7.39
N GLN A 784 3.37 -48.52 -6.40
CA GLN A 784 4.54 -49.29 -6.02
C GLN A 784 4.49 -50.72 -6.50
N VAL A 785 3.52 -51.07 -7.33
CA VAL A 785 3.39 -52.42 -7.85
C VAL A 785 3.48 -52.34 -9.36
N LYS A 786 4.34 -53.16 -9.95
CA LYS A 786 4.62 -53.07 -11.37
C LYS A 786 3.57 -53.75 -12.23
N GLN A 787 2.92 -54.78 -11.73
CA GLN A 787 1.86 -55.46 -12.45
C GLN A 787 0.59 -55.42 -11.62
N ILE A 788 -0.53 -55.66 -12.28
CA ILE A 788 -1.82 -55.64 -11.61
C ILE A 788 -2.21 -57.08 -11.31
N TYR A 789 -1.79 -57.58 -10.16
CA TYR A 789 -2.15 -58.92 -9.74
C TYR A 789 -3.64 -58.98 -9.44
N LYS A 790 -4.27 -60.06 -9.83
CA LYS A 790 -5.67 -60.27 -9.57
C LYS A 790 -5.84 -61.58 -8.83
N THR A 791 -6.62 -61.56 -7.75
CA THR A 791 -6.76 -62.71 -6.89
C THR A 791 -7.45 -63.86 -7.64
N PRO A 792 -7.15 -65.10 -7.28
CA PRO A 792 -7.76 -66.22 -7.99
C PRO A 792 -9.25 -66.26 -7.76
N PRO A 793 -9.99 -66.95 -8.63
CA PRO A 793 -11.46 -66.94 -8.48
C PRO A 793 -11.94 -67.55 -7.18
N ILE A 794 -11.54 -68.78 -6.86
CA ILE A 794 -12.05 -69.47 -5.69
C ILE A 794 -11.24 -69.05 -4.47
N LYS A 795 -11.92 -68.49 -3.48
CA LYS A 795 -11.26 -67.87 -2.33
C LYS A 795 -11.04 -68.92 -1.24
N ASP A 796 -10.06 -69.78 -1.48
CA ASP A 796 -9.63 -70.78 -0.49
C ASP A 796 -8.32 -70.31 0.14
N PHE A 797 -8.42 -69.70 1.31
CA PHE A 797 -7.26 -69.11 1.97
C PHE A 797 -7.03 -69.70 3.36
N GLY A 798 -7.07 -71.02 3.47
CA GLY A 798 -6.69 -71.65 4.71
C GLY A 798 -7.54 -71.28 5.90
N GLY A 799 -8.72 -70.73 5.68
CA GLY A 799 -9.62 -70.36 6.75
C GLY A 799 -9.79 -68.87 6.94
N PHE A 800 -8.84 -68.07 6.48
CA PHE A 800 -8.98 -66.63 6.61
C PHE A 800 -10.04 -66.11 5.67
N ASN A 801 -10.58 -64.93 5.98
CA ASN A 801 -11.74 -64.38 5.29
C ASN A 801 -11.44 -62.97 4.81
N PHE A 802 -10.99 -62.82 3.58
CA PHE A 802 -10.72 -61.51 3.02
C PHE A 802 -11.84 -61.00 2.14
N SER A 803 -13.02 -61.61 2.22
CA SER A 803 -14.12 -61.18 1.37
C SER A 803 -14.51 -59.75 1.66
N GLN A 804 -14.16 -59.25 2.85
CA GLN A 804 -14.58 -57.92 3.22
C GLN A 804 -13.66 -56.86 2.61
N ILE A 805 -12.35 -57.07 2.69
CA ILE A 805 -11.42 -56.06 2.18
C ILE A 805 -11.14 -56.26 0.71
N LEU A 806 -11.50 -57.40 0.14
CA LEU A 806 -11.25 -57.63 -1.27
C LEU A 806 -12.29 -56.91 -2.11
N PRO A 807 -11.99 -56.63 -3.37
CA PRO A 807 -12.96 -55.94 -4.23
C PRO A 807 -14.24 -56.76 -4.36
N ASP A 808 -15.35 -56.05 -4.44
CA ASP A 808 -16.66 -56.67 -4.63
C ASP A 808 -17.22 -56.27 -5.98
N PRO A 809 -17.36 -57.20 -6.92
CA PRO A 809 -17.84 -56.82 -8.26
C PRO A 809 -19.23 -56.22 -8.25
N SER A 810 -20.05 -56.56 -7.25
CA SER A 810 -21.43 -56.09 -7.24
C SER A 810 -21.50 -54.57 -7.23
N LYS A 811 -20.66 -53.93 -6.42
CA LYS A 811 -20.63 -52.48 -6.40
C LYS A 811 -20.23 -51.98 -7.79
N PRO A 812 -20.86 -50.91 -8.30
CA PRO A 812 -20.47 -50.41 -9.62
C PRO A 812 -19.01 -49.99 -9.67
N SER A 813 -18.56 -49.25 -8.67
CA SER A 813 -17.14 -48.99 -8.54
C SER A 813 -16.46 -50.18 -7.88
N LYS A 814 -15.35 -50.62 -8.46
CA LYS A 814 -14.67 -51.83 -8.01
C LYS A 814 -14.00 -51.54 -6.67
N ARG A 815 -14.82 -51.53 -5.62
CA ARG A 815 -14.38 -51.12 -4.30
C ARG A 815 -14.75 -52.17 -3.28
N SER A 816 -13.90 -52.34 -2.27
CA SER A 816 -14.18 -53.28 -1.21
C SER A 816 -15.27 -52.73 -0.30
N PHE A 817 -15.90 -53.64 0.44
CA PHE A 817 -16.98 -53.21 1.32
C PHE A 817 -16.49 -52.20 2.33
N ILE A 818 -15.30 -52.40 2.87
CA ILE A 818 -14.76 -51.42 3.81
C ILE A 818 -14.49 -50.10 3.13
N GLU A 819 -13.94 -50.14 1.93
CA GLU A 819 -13.65 -48.88 1.23
C GLU A 819 -14.91 -48.04 1.08
N ASP A 820 -16.04 -48.68 0.77
CA ASP A 820 -17.28 -47.93 0.61
C ASP A 820 -17.70 -47.26 1.89
N LEU A 821 -17.35 -47.84 3.04
CA LEU A 821 -17.65 -47.18 4.30
C LEU A 821 -16.94 -45.85 4.40
N LEU A 822 -15.70 -45.81 3.92
CA LEU A 822 -14.93 -44.56 4.02
C LEU A 822 -15.48 -43.50 3.09
N PHE A 823 -15.78 -43.85 1.84
CA PHE A 823 -16.26 -42.83 0.90
C PHE A 823 -17.56 -42.18 1.34
N ASN A 824 -18.35 -42.84 2.18
CA ASN A 824 -19.53 -42.18 2.71
C ASN A 824 -19.23 -41.39 3.96
N LYS A 825 -18.29 -41.86 4.78
CA LYS A 825 -17.95 -41.16 6.01
C LYS A 825 -17.32 -39.80 5.72
N VAL A 826 -16.47 -39.72 4.70
CA VAL A 826 -15.79 -38.48 4.38
C VAL A 826 -16.61 -37.70 3.38
N THR A 827 -16.92 -36.44 3.71
CA THR A 827 -17.67 -35.57 2.82
C THR A 827 -16.85 -34.33 2.45
N LYS A 854 -15.90 -19.92 -6.44
CA LYS A 854 -16.93 -20.70 -7.12
C LYS A 854 -16.83 -20.47 -8.61
N PHE A 855 -17.04 -19.22 -9.00
CA PHE A 855 -16.95 -18.82 -10.39
C PHE A 855 -16.12 -17.55 -10.52
N ASN A 856 -15.15 -17.38 -9.63
CA ASN A 856 -14.40 -16.14 -9.52
C ASN A 856 -12.93 -16.32 -9.84
N GLY A 857 -12.60 -17.13 -10.84
CA GLY A 857 -11.24 -17.52 -11.12
C GLY A 857 -10.81 -18.78 -10.43
N LEU A 858 -11.64 -19.34 -9.57
CA LEU A 858 -11.31 -20.57 -8.87
C LEU A 858 -11.56 -21.74 -9.80
N THR A 859 -10.54 -22.53 -10.05
CA THR A 859 -10.68 -23.76 -10.81
C THR A 859 -10.13 -24.90 -9.97
N VAL A 860 -10.89 -25.98 -9.87
CA VAL A 860 -10.45 -27.17 -9.16
C VAL A 860 -10.05 -28.19 -10.22
N LEU A 861 -8.75 -28.37 -10.40
CA LEU A 861 -8.29 -29.33 -11.38
C LEU A 861 -8.64 -30.74 -10.92
N PRO A 862 -8.93 -31.63 -11.85
CA PRO A 862 -9.17 -33.01 -11.48
C PRO A 862 -7.87 -33.71 -11.13
N PRO A 863 -7.91 -34.72 -10.29
CA PRO A 863 -6.71 -35.51 -10.02
C PRO A 863 -6.37 -36.37 -11.23
N LEU A 864 -5.11 -36.80 -11.29
CA LEU A 864 -4.71 -37.61 -12.42
C LEU A 864 -5.24 -39.03 -12.32
N LEU A 865 -5.21 -39.62 -11.13
CA LEU A 865 -5.72 -40.97 -10.92
C LEU A 865 -7.10 -40.86 -10.31
N THR A 866 -8.13 -41.22 -11.07
CA THR A 866 -9.47 -41.19 -10.52
C THR A 866 -9.60 -42.22 -9.41
N ASP A 867 -10.63 -42.04 -8.60
CA ASP A 867 -10.83 -42.96 -7.48
C ASP A 867 -11.04 -44.38 -7.96
N GLU A 868 -11.45 -44.56 -9.22
CA GLU A 868 -11.54 -45.89 -9.76
C GLU A 868 -10.17 -46.53 -9.90
N MET A 869 -9.22 -45.84 -10.54
CA MET A 869 -7.92 -46.47 -10.75
C MET A 869 -7.20 -46.71 -9.43
N ILE A 870 -7.32 -45.78 -8.49
CA ILE A 870 -6.70 -46.02 -7.19
C ILE A 870 -7.20 -47.31 -6.59
N ALA A 871 -8.49 -47.60 -6.76
CA ALA A 871 -9.04 -48.85 -6.24
C ALA A 871 -8.39 -50.05 -6.89
N GLN A 872 -7.90 -49.91 -8.12
CA GLN A 872 -7.23 -51.05 -8.74
C GLN A 872 -5.87 -51.31 -8.11
N TYR A 873 -5.10 -50.26 -7.83
CA TYR A 873 -3.84 -50.46 -7.14
C TYR A 873 -4.05 -51.16 -5.81
N THR A 874 -4.92 -50.63 -4.96
CA THR A 874 -5.15 -51.25 -3.68
C THR A 874 -5.71 -52.64 -3.84
N SER A 875 -6.47 -52.89 -4.91
CA SER A 875 -6.81 -54.27 -5.24
C SER A 875 -5.57 -55.05 -5.65
N ALA A 876 -4.68 -54.43 -6.42
CA ALA A 876 -3.46 -55.13 -6.82
C ALA A 876 -2.57 -55.37 -5.62
N LEU A 877 -2.29 -54.34 -4.83
CA LEU A 877 -1.42 -54.52 -3.68
C LEU A 877 -2.00 -55.54 -2.72
N LEU A 878 -3.31 -55.50 -2.51
CA LEU A 878 -3.92 -56.49 -1.63
C LEU A 878 -3.78 -57.88 -2.21
N ALA A 879 -4.01 -58.03 -3.50
CA ALA A 879 -3.94 -59.37 -4.10
C ALA A 879 -2.54 -59.93 -4.03
N GLY A 880 -1.53 -59.07 -4.19
CA GLY A 880 -0.17 -59.55 -4.09
C GLY A 880 0.17 -60.09 -2.72
N THR A 881 -0.30 -59.41 -1.67
CA THR A 881 0.02 -59.83 -0.31
C THR A 881 -0.62 -61.17 0.01
N ILE A 882 -1.85 -61.41 -0.45
CA ILE A 882 -2.56 -62.63 -0.09
C ILE A 882 -2.06 -63.85 -0.84
N THR A 883 -1.32 -63.67 -1.93
CA THR A 883 -0.99 -64.84 -2.73
C THR A 883 0.51 -65.06 -2.81
N SER A 884 1.28 -64.03 -2.52
CA SER A 884 2.73 -64.10 -2.73
C SER A 884 3.54 -63.57 -1.57
N GLY A 885 2.92 -63.04 -0.53
CA GLY A 885 3.70 -62.55 0.60
C GLY A 885 4.56 -61.39 0.19
N TRP A 886 5.76 -61.30 0.75
CA TRP A 886 6.61 -60.16 0.48
C TRP A 886 7.31 -60.29 -0.86
N THR A 887 7.29 -61.46 -1.47
CA THR A 887 8.11 -61.68 -2.65
C THR A 887 7.78 -60.71 -3.77
N PHE A 888 6.51 -60.40 -3.99
CA PHE A 888 6.16 -59.61 -5.15
C PHE A 888 6.77 -58.22 -5.08
N GLY A 889 7.06 -57.75 -3.87
CA GLY A 889 7.78 -56.50 -3.75
C GLY A 889 9.19 -56.58 -4.27
N ALA A 890 9.88 -57.67 -3.99
CA ALA A 890 11.28 -57.80 -4.38
C ALA A 890 11.42 -58.00 -5.87
N GLY A 891 10.57 -58.83 -6.46
CA GLY A 891 10.73 -59.17 -7.86
C GLY A 891 9.51 -59.84 -8.43
N ALA A 892 9.70 -60.89 -9.22
CA ALA A 892 8.56 -61.62 -9.76
C ALA A 892 7.76 -62.23 -8.61
N ALA A 893 6.44 -62.13 -8.71
CA ALA A 893 5.58 -62.63 -7.65
C ALA A 893 5.63 -64.14 -7.57
N LEU A 894 5.81 -64.68 -6.37
CA LEU A 894 5.98 -66.11 -6.16
C LEU A 894 4.80 -66.63 -5.36
N GLN A 895 3.98 -67.45 -5.99
CA GLN A 895 2.77 -67.94 -5.36
C GLN A 895 3.10 -68.90 -4.22
N ILE A 896 2.45 -68.68 -3.08
CA ILE A 896 2.67 -69.41 -1.83
C ILE A 896 1.32 -69.69 -1.18
N PRO A 897 1.12 -70.85 -0.56
CA PRO A 897 -0.11 -71.07 0.18
C PRO A 897 -0.18 -70.07 1.31
N PHE A 898 -1.39 -69.61 1.63
CA PHE A 898 -1.49 -68.55 2.62
C PHE A 898 -1.11 -69.03 4.00
N ALA A 899 -1.59 -70.22 4.39
CA ALA A 899 -1.27 -70.69 5.73
C ALA A 899 0.22 -70.73 5.96
N MET A 900 0.98 -71.18 4.97
CA MET A 900 2.42 -71.14 5.08
C MET A 900 2.92 -69.71 5.23
N GLN A 901 2.38 -68.80 4.43
CA GLN A 901 2.88 -67.44 4.45
C GLN A 901 2.68 -66.82 5.82
N MET A 902 1.50 -67.00 6.41
CA MET A 902 1.31 -66.52 7.77
C MET A 902 2.26 -67.23 8.71
N ALA A 903 2.56 -68.50 8.44
CA ALA A 903 3.50 -69.23 9.28
C ALA A 903 4.89 -68.64 9.19
N TYR A 904 5.30 -68.17 8.02
CA TYR A 904 6.58 -67.49 7.94
C TYR A 904 6.59 -66.30 8.87
N ARG A 905 5.48 -65.57 8.88
CA ARG A 905 5.46 -64.31 9.60
C ARG A 905 5.71 -64.53 11.07
N PHE A 906 5.10 -65.55 11.65
CA PHE A 906 5.42 -65.88 13.04
C PHE A 906 6.90 -66.14 13.19
N ASN A 907 7.49 -66.88 12.26
CA ASN A 907 8.89 -67.17 12.36
C ASN A 907 9.70 -65.89 12.33
N GLY A 908 9.14 -64.84 11.73
CA GLY A 908 9.80 -63.55 11.77
C GLY A 908 9.82 -62.94 13.16
N ILE A 909 8.70 -63.01 13.88
CA ILE A 909 8.63 -62.37 15.19
C ILE A 909 9.16 -63.25 16.31
N GLY A 910 9.77 -64.37 15.99
CA GLY A 910 10.40 -65.18 17.00
C GLY A 910 9.61 -66.36 17.50
N VAL A 911 8.37 -66.53 17.06
CA VAL A 911 7.57 -67.68 17.43
C VAL A 911 7.73 -68.75 16.37
N THR A 912 8.08 -69.95 16.79
CA THR A 912 8.36 -71.02 15.84
C THR A 912 7.10 -71.44 15.10
N GLN A 913 7.29 -72.04 13.93
CA GLN A 913 6.19 -72.26 13.01
C GLN A 913 5.10 -73.12 13.62
N ASN A 914 5.48 -74.11 14.42
CA ASN A 914 4.51 -75.11 14.84
C ASN A 914 3.38 -74.48 15.64
N VAL A 915 3.63 -73.31 16.22
CA VAL A 915 2.57 -72.62 16.94
C VAL A 915 1.41 -72.31 16.02
N LEU A 916 1.70 -71.81 14.82
CA LEU A 916 0.61 -71.45 13.91
C LEU A 916 -0.15 -72.68 13.46
N TYR A 917 0.55 -73.68 12.95
CA TYR A 917 -0.14 -74.79 12.31
C TYR A 917 -1.02 -75.53 13.30
N GLU A 918 -0.58 -75.64 14.55
CA GLU A 918 -1.42 -76.27 15.56
C GLU A 918 -2.64 -75.41 15.86
N ASN A 919 -2.51 -74.10 15.73
CA ASN A 919 -3.59 -73.18 16.09
C ASN A 919 -4.18 -72.46 14.89
N GLN A 920 -4.16 -73.09 13.71
CA GLN A 920 -4.63 -72.38 12.53
C GLN A 920 -6.10 -72.03 12.64
N LYS A 921 -6.93 -72.98 13.07
CA LYS A 921 -8.35 -72.72 13.15
C LYS A 921 -8.63 -71.59 14.14
N LEU A 922 -7.94 -71.61 15.27
CA LEU A 922 -8.15 -70.54 16.25
C LEU A 922 -7.76 -69.19 15.69
N ILE A 923 -6.62 -69.11 15.01
CA ILE A 923 -6.18 -67.82 14.48
C ILE A 923 -7.20 -67.27 13.50
N ALA A 924 -7.70 -68.12 12.60
CA ALA A 924 -8.64 -67.65 11.60
C ALA A 924 -9.85 -67.01 12.24
N ASN A 925 -10.39 -67.62 13.29
CA ASN A 925 -11.54 -67.02 13.97
C ASN A 925 -11.16 -65.68 14.59
N GLN A 926 -9.98 -65.59 15.19
CA GLN A 926 -9.56 -64.31 15.75
C GLN A 926 -9.32 -63.29 14.66
N PHE A 927 -8.78 -63.71 13.52
CA PHE A 927 -8.58 -62.75 12.44
C PHE A 927 -9.92 -62.32 11.85
N ASN A 928 -10.79 -63.27 11.53
CA ASN A 928 -12.06 -62.93 10.91
C ASN A 928 -12.89 -62.02 11.81
N SER A 929 -12.98 -62.35 13.10
CA SER A 929 -13.71 -61.47 14.01
C SER A 929 -13.03 -60.12 14.12
N ALA A 930 -11.71 -60.08 13.97
CA ALA A 930 -11.01 -58.80 14.04
C ALA A 930 -11.44 -57.88 12.92
N ILE A 931 -11.56 -58.39 11.70
CA ILE A 931 -12.04 -57.56 10.61
C ILE A 931 -13.44 -57.07 10.90
N GLY A 932 -14.28 -57.93 11.46
CA GLY A 932 -15.65 -57.53 11.72
C GLY A 932 -15.75 -56.30 12.58
N LYS A 933 -14.90 -56.20 13.60
CA LYS A 933 -14.95 -55.06 14.49
C LYS A 933 -14.58 -53.77 13.76
N ILE A 934 -13.68 -53.85 12.79
CA ILE A 934 -13.25 -52.65 12.09
C ILE A 934 -14.43 -51.98 11.39
N GLN A 935 -15.31 -52.78 10.79
CA GLN A 935 -16.46 -52.20 10.12
C GLN A 935 -17.30 -51.38 11.09
N ASP A 936 -17.67 -51.99 12.21
CA ASP A 936 -18.56 -51.30 13.15
C ASP A 936 -17.89 -50.06 13.71
N SER A 937 -16.58 -50.12 13.97
CA SER A 937 -15.88 -48.92 14.41
C SER A 937 -15.94 -47.84 13.34
N LEU A 938 -15.86 -48.23 12.07
CA LEU A 938 -16.00 -47.24 11.00
C LEU A 938 -17.47 -47.00 10.64
N SER A 939 -18.30 -48.03 10.73
CA SER A 939 -19.69 -47.89 10.27
C SER A 939 -20.45 -46.88 11.11
N SER A 940 -20.28 -46.92 12.44
CA SER A 940 -21.08 -46.10 13.33
C SER A 940 -20.38 -44.84 13.80
N THR A 941 -19.07 -44.89 14.06
CA THR A 941 -18.35 -43.77 14.64
C THR A 941 -17.47 -43.13 13.57
N ALA A 942 -17.68 -41.84 13.34
CA ALA A 942 -16.93 -41.08 12.35
C ALA A 942 -15.71 -40.38 12.92
N SER A 943 -15.48 -40.49 14.24
CA SER A 943 -14.32 -39.85 14.83
C SER A 943 -13.02 -40.41 14.27
N ALA A 944 -13.06 -41.66 13.80
CA ALA A 944 -11.85 -42.27 13.26
C ALA A 944 -11.35 -41.53 12.02
N LEU A 945 -12.25 -41.16 11.12
CA LEU A 945 -11.86 -40.51 9.88
C LEU A 945 -11.65 -39.02 10.04
N GLY A 946 -11.43 -38.55 11.25
CA GLY A 946 -11.28 -37.12 11.45
C GLY A 946 -10.11 -36.56 10.68
N LYS A 947 -8.99 -37.28 10.67
CA LYS A 947 -7.75 -36.71 10.15
C LYS A 947 -7.88 -36.39 8.66
N LEU A 948 -8.46 -37.29 7.88
CA LEU A 948 -8.75 -36.97 6.49
C LEU A 948 -9.75 -35.83 6.40
N GLN A 949 -10.78 -35.88 7.24
CA GLN A 949 -11.82 -34.85 7.18
C GLN A 949 -11.24 -33.48 7.44
N ASP A 950 -10.22 -33.39 8.28
CA ASP A 950 -9.63 -32.10 8.62
C ASP A 950 -8.99 -31.46 7.41
N VAL A 951 -8.29 -32.24 6.60
CA VAL A 951 -7.63 -31.67 5.43
C VAL A 951 -8.64 -31.06 4.48
N VAL A 952 -9.78 -31.72 4.29
CA VAL A 952 -10.80 -31.19 3.40
C VAL A 952 -11.33 -29.87 3.95
N ASN A 953 -11.61 -29.82 5.25
CA ASN A 953 -12.14 -28.59 5.83
C ASN A 953 -11.16 -27.44 5.71
N GLN A 954 -9.90 -27.67 6.06
CA GLN A 954 -8.95 -26.56 6.05
C GLN A 954 -8.83 -25.94 4.67
N ASN A 955 -8.74 -26.77 3.63
CA ASN A 955 -8.68 -26.22 2.28
C ASN A 955 -9.97 -25.52 1.92
N ALA A 956 -11.11 -26.19 2.09
CA ALA A 956 -12.37 -25.57 1.73
C ALA A 956 -12.62 -24.32 2.56
N GLN A 957 -12.29 -24.37 3.85
CA GLN A 957 -12.48 -23.19 4.67
C GLN A 957 -11.58 -22.06 4.23
N ALA A 958 -10.33 -22.35 3.91
CA ALA A 958 -9.42 -21.30 3.47
C ALA A 958 -9.89 -20.68 2.17
N LEU A 959 -10.37 -21.51 1.25
CA LEU A 959 -10.88 -20.97 -0.01
C LEU A 959 -12.05 -20.03 0.23
N ASN A 960 -12.94 -20.39 1.16
CA ASN A 960 -14.06 -19.50 1.47
C ASN A 960 -13.57 -18.15 1.95
N THR A 961 -12.53 -18.15 2.79
CA THR A 961 -11.98 -16.88 3.22
C THR A 961 -11.43 -16.09 2.04
N LEU A 962 -10.78 -16.79 1.11
CA LEU A 962 -10.25 -16.10 -0.07
C LEU A 962 -11.35 -15.38 -0.83
N VAL A 963 -12.45 -16.07 -1.09
CA VAL A 963 -13.54 -15.44 -1.84
C VAL A 963 -14.17 -14.33 -1.00
N LYS A 964 -14.29 -14.54 0.30
CA LYS A 964 -14.92 -13.53 1.14
C LYS A 964 -14.14 -12.22 1.11
N GLN A 965 -12.81 -12.30 1.01
CA GLN A 965 -12.01 -11.08 0.98
C GLN A 965 -12.36 -10.21 -0.21
N LEU A 966 -12.98 -10.77 -1.24
CA LEU A 966 -13.31 -9.96 -2.40
C LEU A 966 -14.30 -8.87 -2.05
N SER A 967 -15.22 -9.16 -1.13
CA SER A 967 -16.26 -8.22 -0.77
C SER A 967 -15.83 -7.25 0.31
N SER A 968 -14.54 -7.08 0.55
CA SER A 968 -14.05 -6.14 1.53
C SER A 968 -13.48 -4.90 0.84
N ASN A 969 -13.97 -3.74 1.25
CA ASN A 969 -13.71 -2.51 0.50
C ASN A 969 -12.26 -2.06 0.61
N PHE A 970 -11.50 -2.59 1.57
CA PHE A 970 -10.06 -2.36 1.66
C PHE A 970 -9.73 -0.87 1.73
N GLY A 971 -10.55 -0.12 2.46
CA GLY A 971 -10.33 1.30 2.55
C GLY A 971 -10.53 2.02 1.23
N ALA A 972 -11.53 1.62 0.47
CA ALA A 972 -11.93 2.33 -0.75
C ALA A 972 -13.42 2.59 -0.67
N ILE A 973 -13.93 3.31 -1.66
CA ILE A 973 -15.31 3.77 -1.59
C ILE A 973 -16.27 2.59 -1.65
N SER A 974 -15.94 1.55 -2.41
CA SER A 974 -16.83 0.42 -2.53
C SER A 974 -16.07 -0.82 -2.98
N SER A 975 -16.43 -1.96 -2.41
CA SER A 975 -15.73 -3.20 -2.71
C SER A 975 -15.99 -3.65 -4.14
N VAL A 976 -17.19 -3.40 -4.65
CA VAL A 976 -17.51 -3.83 -6.01
C VAL A 976 -16.69 -3.00 -6.99
N LEU A 977 -16.00 -3.68 -7.90
CA LEU A 977 -15.13 -2.98 -8.84
C LEU A 977 -15.95 -2.15 -9.82
N ASN A 978 -17.07 -2.69 -10.29
CA ASN A 978 -17.84 -2.00 -11.31
C ASN A 978 -18.32 -0.64 -10.82
N ASP A 979 -18.71 -0.54 -9.55
CA ASP A 979 -19.14 0.74 -9.00
C ASP A 979 -18.06 1.80 -9.18
N ILE A 980 -16.90 1.59 -8.57
CA ILE A 980 -15.82 2.54 -8.71
C ILE A 980 -15.38 2.65 -10.17
N LEU A 981 -15.55 1.58 -10.94
CA LEU A 981 -15.30 1.69 -12.37
C LEU A 981 -16.36 2.56 -13.03
N SER A 982 -17.64 2.27 -12.79
CA SER A 982 -18.71 3.02 -13.42
C SER A 982 -18.74 4.48 -12.95
N ARG A 983 -18.89 4.69 -11.66
CA ARG A 983 -19.30 6.01 -11.16
C ARG A 983 -18.21 7.06 -11.40
N LEU A 984 -16.95 6.66 -11.38
CA LEU A 984 -15.87 7.62 -11.48
C LEU A 984 -15.00 7.35 -12.69
N ASP A 985 -14.57 8.41 -13.36
CA ASP A 985 -13.69 8.32 -14.52
C ASP A 985 -12.24 8.18 -14.05
N PRO A 986 -11.32 7.82 -14.94
CA PRO A 986 -10.00 7.32 -14.52
C PRO A 986 -9.30 8.19 -13.47
N PRO A 987 -9.18 9.51 -13.65
CA PRO A 987 -8.21 10.25 -12.83
C PRO A 987 -8.37 10.04 -11.34
N GLU A 988 -9.60 9.97 -10.83
CA GLU A 988 -9.79 9.63 -9.42
C GLU A 988 -9.92 8.12 -9.24
N ALA A 989 -10.40 7.42 -10.27
CA ALA A 989 -10.59 5.98 -10.16
C ALA A 989 -9.29 5.27 -9.80
N GLU A 990 -8.17 5.78 -10.32
CA GLU A 990 -6.89 5.13 -10.09
C GLU A 990 -6.59 4.99 -8.60
N VAL A 991 -6.75 6.07 -7.84
CA VAL A 991 -6.38 6.01 -6.43
C VAL A 991 -7.30 5.07 -5.67
N GLN A 992 -8.58 5.01 -6.05
CA GLN A 992 -9.47 4.06 -5.42
C GLN A 992 -9.12 2.63 -5.82
N ILE A 993 -8.94 2.38 -7.12
CA ILE A 993 -8.66 1.02 -7.56
C ILE A 993 -7.35 0.53 -6.96
N ASP A 994 -6.32 1.40 -6.96
CA ASP A 994 -5.02 0.97 -6.47
C ASP A 994 -5.11 0.48 -5.03
N ARG A 995 -6.05 1.01 -4.26
CA ARG A 995 -6.26 0.47 -2.92
C ARG A 995 -6.88 -0.92 -2.98
N LEU A 996 -7.86 -1.11 -3.85
CA LEU A 996 -8.46 -2.43 -3.99
C LEU A 996 -7.44 -3.46 -4.45
N ILE A 997 -6.67 -3.11 -5.49
CA ILE A 997 -5.72 -4.08 -6.02
C ILE A 997 -4.72 -4.48 -4.95
N THR A 998 -4.16 -3.51 -4.23
CA THR A 998 -3.21 -3.84 -3.19
C THR A 998 -3.86 -4.70 -2.13
N GLY A 999 -5.09 -4.38 -1.75
CA GLY A 999 -5.77 -5.20 -0.77
C GLY A 999 -6.02 -6.61 -1.24
N ARG A 1000 -6.55 -6.76 -2.46
CA ARG A 1000 -6.79 -8.10 -2.98
C ARG A 1000 -5.48 -8.86 -3.11
N LEU A 1001 -4.45 -8.19 -3.60
CA LEU A 1001 -3.19 -8.89 -3.88
C LEU A 1001 -2.60 -9.47 -2.61
N GLN A 1002 -2.62 -8.73 -1.51
CA GLN A 1002 -2.15 -9.29 -0.25
C GLN A 1002 -3.01 -10.46 0.16
N SER A 1003 -4.32 -10.39 -0.06
CA SER A 1003 -5.18 -11.52 0.28
C SER A 1003 -4.81 -12.74 -0.54
N LEU A 1004 -4.55 -12.56 -1.83
CA LEU A 1004 -4.11 -13.69 -2.63
C LEU A 1004 -2.71 -14.13 -2.26
N GLN A 1005 -1.84 -13.18 -1.92
CA GLN A 1005 -0.52 -13.55 -1.46
C GLN A 1005 -0.58 -14.40 -0.21
N THR A 1006 -1.44 -14.03 0.74
CA THR A 1006 -1.56 -14.81 1.96
C THR A 1006 -2.06 -16.22 1.66
N TYR A 1007 -3.06 -16.34 0.80
CA TYR A 1007 -3.63 -17.66 0.54
C TYR A 1007 -2.59 -18.61 -0.03
N VAL A 1008 -1.78 -18.14 -0.98
CA VAL A 1008 -0.79 -19.03 -1.57
C VAL A 1008 0.20 -19.50 -0.52
N THR A 1009 0.72 -18.58 0.28
CA THR A 1009 1.66 -18.98 1.31
C THR A 1009 1.00 -19.93 2.30
N GLN A 1010 -0.30 -19.79 2.51
CA GLN A 1010 -1.01 -20.80 3.28
C GLN A 1010 -0.94 -22.17 2.61
N GLN A 1011 -1.17 -22.21 1.30
CA GLN A 1011 -1.15 -23.50 0.61
C GLN A 1011 0.24 -24.11 0.62
N LEU A 1012 1.26 -23.31 0.31
CA LEU A 1012 2.60 -23.86 0.21
C LEU A 1012 3.02 -24.51 1.52
N ILE A 1013 2.77 -23.84 2.63
CA ILE A 1013 3.11 -24.43 3.92
C ILE A 1013 2.29 -25.69 4.17
N ARG A 1014 0.99 -25.63 3.91
CA ARG A 1014 0.17 -26.81 4.10
C ARG A 1014 0.53 -27.89 3.09
N ALA A 1015 1.01 -27.49 1.92
CA ALA A 1015 1.47 -28.49 0.96
C ALA A 1015 2.64 -29.28 1.51
N ALA A 1016 3.57 -28.61 2.18
CA ALA A 1016 4.72 -29.31 2.74
C ALA A 1016 4.26 -30.33 3.77
N GLU A 1017 3.32 -29.97 4.62
CA GLU A 1017 2.87 -30.91 5.64
C GLU A 1017 2.27 -32.15 5.02
N ILE A 1018 1.47 -31.98 3.97
CA ILE A 1018 0.88 -33.15 3.32
C ILE A 1018 1.96 -34.03 2.72
N ARG A 1019 2.94 -33.43 2.07
CA ARG A 1019 4.01 -34.24 1.49
C ARG A 1019 4.73 -35.04 2.54
N ALA A 1020 5.05 -34.42 3.67
CA ALA A 1020 5.67 -35.17 4.76
C ALA A 1020 4.78 -36.32 5.19
N SER A 1021 3.47 -36.15 5.09
CA SER A 1021 2.56 -37.25 5.36
C SER A 1021 2.54 -38.23 4.20
N ALA A 1022 2.68 -37.75 2.97
CA ALA A 1022 2.67 -38.66 1.84
C ALA A 1022 3.88 -39.58 1.86
N ASN A 1023 5.08 -39.01 2.04
CA ASN A 1023 6.27 -39.84 2.12
C ASN A 1023 6.17 -40.82 3.27
N LEU A 1024 5.65 -40.38 4.41
CA LEU A 1024 5.46 -41.30 5.51
C LEU A 1024 4.52 -42.43 5.10
N ALA A 1025 3.45 -42.12 4.37
CA ALA A 1025 2.57 -43.18 3.90
C ALA A 1025 3.30 -44.08 2.91
N ALA A 1026 4.05 -43.50 1.99
CA ALA A 1026 4.78 -44.31 1.03
C ALA A 1026 5.76 -45.23 1.72
N THR A 1027 6.44 -44.72 2.76
CA THR A 1027 7.33 -45.58 3.51
C THR A 1027 6.56 -46.72 4.17
N LYS A 1028 5.41 -46.44 4.75
CA LYS A 1028 4.61 -47.51 5.32
C LYS A 1028 4.18 -48.50 4.25
N MET A 1029 3.75 -47.98 3.10
CA MET A 1029 3.28 -48.87 2.04
C MET A 1029 4.35 -49.85 1.62
N SER A 1030 5.60 -49.39 1.60
CA SER A 1030 6.69 -50.29 1.20
C SER A 1030 7.12 -51.17 2.36
N GLU A 1031 7.45 -50.58 3.49
CA GLU A 1031 8.05 -51.34 4.57
C GLU A 1031 7.04 -52.08 5.42
N CYS A 1032 5.75 -51.78 5.31
CA CYS A 1032 4.77 -52.38 6.19
C CYS A 1032 3.81 -53.30 5.45
N VAL A 1033 3.42 -52.96 4.23
CA VAL A 1033 2.58 -53.87 3.45
C VAL A 1033 3.44 -54.86 2.67
N LEU A 1034 4.33 -54.36 1.81
CA LEU A 1034 5.10 -55.24 0.95
C LEU A 1034 5.98 -56.19 1.74
N GLY A 1035 6.35 -55.82 2.96
CA GLY A 1035 7.17 -56.69 3.76
C GLY A 1035 6.83 -56.56 5.23
N GLN A 1036 7.16 -57.61 5.97
CA GLN A 1036 7.13 -57.51 7.42
C GLN A 1036 8.26 -56.60 7.88
N SER A 1037 7.96 -55.73 8.83
CA SER A 1037 8.95 -54.79 9.36
C SER A 1037 9.14 -55.04 10.85
N LYS A 1038 10.40 -55.11 11.27
CA LYS A 1038 10.72 -55.33 12.66
C LYS A 1038 10.83 -54.05 13.46
N ARG A 1039 10.57 -52.90 12.84
CA ARG A 1039 10.57 -51.66 13.60
C ARG A 1039 9.40 -51.67 14.56
N VAL A 1040 9.69 -51.42 15.83
CA VAL A 1040 8.68 -51.55 16.88
C VAL A 1040 7.75 -50.36 16.82
N ASP A 1041 6.46 -50.63 16.72
CA ASP A 1041 5.38 -49.66 16.82
C ASP A 1041 5.42 -48.75 15.60
N PHE A 1042 6.24 -49.06 14.59
CA PHE A 1042 6.11 -48.40 13.31
C PHE A 1042 4.86 -48.86 12.59
N CYS A 1043 4.33 -50.01 12.98
CA CYS A 1043 3.20 -50.60 12.27
C CYS A 1043 2.12 -51.05 13.24
N GLY A 1044 1.68 -50.18 14.12
CA GLY A 1044 0.66 -50.50 15.07
C GLY A 1044 1.20 -51.30 16.24
N LYS A 1045 0.51 -51.18 17.38
CA LYS A 1045 1.03 -51.71 18.62
C LYS A 1045 1.14 -53.22 18.56
N GLY A 1046 2.28 -53.73 19.02
CA GLY A 1046 2.54 -55.15 19.03
C GLY A 1046 3.44 -55.58 17.88
N TYR A 1047 3.84 -56.83 17.92
CA TYR A 1047 4.62 -57.40 16.83
C TYR A 1047 3.79 -57.39 15.56
N HIS A 1048 4.43 -57.11 14.43
CA HIS A 1048 3.74 -56.92 13.17
C HIS A 1048 3.77 -58.18 12.33
N LEU A 1049 2.62 -58.54 11.77
CA LEU A 1049 2.51 -59.69 10.87
C LEU A 1049 2.30 -59.30 9.42
N MET A 1050 1.30 -58.47 9.14
CA MET A 1050 1.01 -58.06 7.78
C MET A 1050 0.14 -56.83 7.80
N SER A 1051 0.05 -56.18 6.66
CA SER A 1051 -0.72 -54.96 6.54
C SER A 1051 -1.51 -54.97 5.24
N PHE A 1052 -2.73 -54.46 5.28
CA PHE A 1052 -3.54 -54.36 4.10
C PHE A 1052 -3.89 -52.90 3.85
N PRO A 1053 -3.73 -52.41 2.64
CA PRO A 1053 -4.07 -51.02 2.36
C PRO A 1053 -5.47 -50.87 1.84
N GLN A 1054 -6.14 -49.77 2.18
CA GLN A 1054 -7.44 -49.44 1.64
C GLN A 1054 -7.46 -47.98 1.25
N SER A 1055 -8.05 -47.66 0.10
CA SER A 1055 -8.10 -46.28 -0.36
C SER A 1055 -9.13 -45.49 0.42
N ALA A 1056 -9.02 -44.17 0.33
CA ALA A 1056 -9.90 -43.27 1.05
C ALA A 1056 -9.88 -41.93 0.34
N PRO A 1057 -10.89 -41.08 0.55
CA PRO A 1057 -10.91 -39.79 -0.13
C PRO A 1057 -9.67 -39.00 0.22
N HIS A 1058 -8.81 -38.78 -0.78
CA HIS A 1058 -7.57 -38.06 -0.59
C HIS A 1058 -6.71 -38.70 0.50
N GLY A 1059 -6.75 -40.02 0.62
CA GLY A 1059 -6.00 -40.64 1.70
C GLY A 1059 -5.92 -42.13 1.51
N VAL A 1060 -5.11 -42.75 2.36
CA VAL A 1060 -4.93 -44.20 2.39
C VAL A 1060 -5.12 -44.66 3.80
N VAL A 1061 -5.78 -45.80 3.98
CA VAL A 1061 -6.07 -46.35 5.29
C VAL A 1061 -5.50 -47.76 5.35
N PHE A 1062 -4.70 -48.03 6.36
CA PHE A 1062 -4.01 -49.29 6.52
C PHE A 1062 -4.73 -50.13 7.55
N LEU A 1063 -4.82 -51.43 7.30
CA LEU A 1063 -5.18 -52.37 8.34
C LEU A 1063 -3.92 -53.12 8.76
N HIS A 1064 -3.54 -52.97 10.03
CA HIS A 1064 -2.33 -53.59 10.55
C HIS A 1064 -2.71 -54.84 11.32
N VAL A 1065 -2.30 -56.00 10.83
CA VAL A 1065 -2.57 -57.25 11.51
C VAL A 1065 -1.37 -57.59 12.39
N THR A 1066 -1.55 -57.55 13.69
CA THR A 1066 -0.44 -57.61 14.62
C THR A 1066 -0.67 -58.72 15.65
N TYR A 1067 0.43 -59.25 16.16
CA TYR A 1067 0.41 -60.35 17.12
C TYR A 1067 0.71 -59.79 18.49
N VAL A 1068 -0.12 -60.14 19.47
CA VAL A 1068 -0.02 -59.58 20.81
C VAL A 1068 -0.08 -60.72 21.83
N PRO A 1069 0.95 -60.89 22.67
CA PRO A 1069 0.89 -61.92 23.70
C PRO A 1069 -0.24 -61.65 24.68
N ALA A 1070 -0.90 -62.71 25.14
CA ALA A 1070 -2.21 -62.57 25.77
C ALA A 1070 -2.21 -62.90 27.26
N GLN A 1071 -1.89 -64.12 27.64
CA GLN A 1071 -2.03 -64.55 29.03
C GLN A 1071 -0.67 -64.90 29.59
N GLU A 1072 -0.09 -63.99 30.35
CA GLU A 1072 1.22 -64.22 30.91
C GLU A 1072 1.13 -65.23 32.05
N LYS A 1073 2.28 -65.70 32.50
CA LYS A 1073 2.36 -66.69 33.56
C LYS A 1073 3.71 -66.54 34.25
N ASN A 1074 3.73 -66.82 35.54
CA ASN A 1074 4.95 -66.67 36.33
C ASN A 1074 5.76 -67.96 36.28
N PHE A 1075 7.06 -67.82 36.06
CA PHE A 1075 7.98 -68.95 36.13
C PHE A 1075 9.29 -68.52 36.75
N THR A 1076 9.85 -69.36 37.61
CA THR A 1076 11.21 -69.13 38.07
C THR A 1076 12.19 -69.49 36.96
N THR A 1077 13.27 -68.72 36.88
CA THR A 1077 14.22 -68.87 35.78
C THR A 1077 15.64 -68.77 36.29
N ALA A 1078 16.58 -69.05 35.39
CA ALA A 1078 17.98 -69.03 35.74
C ALA A 1078 18.80 -68.87 34.46
N PRO A 1079 19.97 -68.27 34.55
CA PRO A 1079 20.76 -68.08 33.33
C PRO A 1079 21.20 -69.37 32.68
N ALA A 1080 21.69 -70.33 33.44
CA ALA A 1080 22.31 -71.50 32.86
C ALA A 1080 22.13 -72.70 33.77
N ILE A 1081 22.58 -73.86 33.29
CA ILE A 1081 22.54 -75.10 34.06
C ILE A 1081 23.92 -75.73 34.07
N CYS A 1082 24.40 -76.10 35.26
CA CYS A 1082 25.51 -77.02 35.38
C CYS A 1082 25.03 -78.45 35.21
N HIS A 1083 25.77 -79.22 34.43
CA HIS A 1083 25.51 -80.64 34.39
C HIS A 1083 26.70 -81.46 34.88
N ASP A 1084 27.87 -81.22 34.28
CA ASP A 1084 29.11 -81.88 34.68
C ASP A 1084 30.18 -80.89 35.07
N GLY A 1085 29.79 -79.72 35.54
CA GLY A 1085 30.71 -78.62 35.69
C GLY A 1085 30.77 -77.73 34.47
N LYS A 1086 30.23 -78.20 33.35
CA LYS A 1086 30.16 -77.41 32.14
C LYS A 1086 28.82 -76.68 32.08
N ALA A 1087 28.87 -75.37 31.91
CA ALA A 1087 27.68 -74.54 31.95
C ALA A 1087 26.96 -74.62 30.62
N HIS A 1088 25.64 -74.72 30.67
CA HIS A 1088 24.82 -74.86 29.48
C HIS A 1088 23.89 -73.68 29.33
N PHE A 1089 23.88 -73.06 28.16
CA PHE A 1089 23.07 -71.93 27.80
C PHE A 1089 22.05 -72.33 26.74
N PRO A 1090 20.93 -71.63 26.63
CA PRO A 1090 19.95 -71.98 25.60
C PRO A 1090 20.47 -71.63 24.22
N ARG A 1091 20.25 -72.52 23.25
CA ARG A 1091 20.48 -72.11 21.86
C ARG A 1091 19.50 -71.02 21.47
N GLU A 1092 18.23 -71.22 21.79
CA GLU A 1092 17.20 -70.19 21.71
C GLU A 1092 16.31 -70.34 22.93
N GLY A 1093 15.64 -69.27 23.31
CA GLY A 1093 14.67 -69.37 24.37
C GLY A 1093 15.24 -69.20 25.75
N VAL A 1094 14.46 -69.63 26.73
CA VAL A 1094 14.66 -69.28 28.12
C VAL A 1094 14.69 -70.56 28.93
N PHE A 1095 15.39 -70.52 30.06
CA PHE A 1095 15.34 -71.62 31.02
C PHE A 1095 14.32 -71.30 32.09
N VAL A 1096 13.20 -72.01 32.08
CA VAL A 1096 12.12 -71.76 33.01
C VAL A 1096 11.83 -73.03 33.79
N SER A 1097 11.45 -72.87 35.05
CA SER A 1097 11.06 -73.97 35.91
C SER A 1097 9.66 -73.75 36.43
N ASN A 1098 8.81 -74.76 36.32
CA ASN A 1098 7.50 -74.65 36.94
C ASN A 1098 7.54 -74.89 38.43
N GLY A 1099 8.73 -74.91 39.03
CA GLY A 1099 8.89 -75.10 40.46
C GLY A 1099 9.56 -76.41 40.83
N THR A 1100 9.35 -77.47 40.05
CA THR A 1100 9.89 -78.77 40.34
C THR A 1100 10.79 -79.33 39.25
N HIS A 1101 10.73 -78.80 38.04
CA HIS A 1101 11.50 -79.31 36.93
C HIS A 1101 11.99 -78.15 36.10
N TRP A 1102 12.99 -78.41 35.26
CA TRP A 1102 13.62 -77.37 34.47
C TRP A 1102 13.36 -77.61 32.99
N PHE A 1103 12.98 -76.55 32.29
CA PHE A 1103 12.63 -76.66 30.88
C PHE A 1103 13.20 -75.48 30.14
N VAL A 1104 13.34 -75.66 28.83
CA VAL A 1104 13.71 -74.57 27.92
C VAL A 1104 12.54 -74.35 26.97
N THR A 1105 12.16 -73.10 26.82
CA THR A 1105 10.99 -72.74 26.01
C THR A 1105 11.30 -71.54 25.15
N GLN A 1106 10.59 -71.44 24.03
CA GLN A 1106 10.78 -70.30 23.15
C GLN A 1106 10.29 -69.03 23.82
N ARG A 1107 10.89 -67.92 23.43
CA ARG A 1107 10.80 -66.72 24.24
C ARG A 1107 9.36 -66.24 24.36
N ASN A 1108 8.62 -66.23 23.25
CA ASN A 1108 7.33 -65.57 23.22
C ASN A 1108 6.14 -66.49 23.35
N PHE A 1109 6.33 -67.78 23.61
CA PHE A 1109 5.18 -68.66 23.75
C PHE A 1109 5.61 -69.84 24.60
N TYR A 1110 4.75 -70.29 25.48
CA TYR A 1110 5.14 -71.27 26.47
C TYR A 1110 4.87 -72.66 25.93
N GLU A 1111 5.90 -73.31 25.41
CA GLU A 1111 5.84 -74.70 24.99
C GLU A 1111 7.07 -75.42 25.54
N PRO A 1112 7.14 -75.61 26.85
CA PRO A 1112 8.36 -76.14 27.45
C PRO A 1112 8.72 -77.49 26.87
N GLN A 1113 10.01 -77.71 26.68
CA GLN A 1113 10.53 -78.97 26.22
C GLN A 1113 11.60 -79.45 27.17
N ILE A 1114 11.84 -80.75 27.17
CA ILE A 1114 12.87 -81.30 28.05
C ILE A 1114 14.23 -80.80 27.58
N ILE A 1115 15.11 -80.54 28.54
CA ILE A 1115 16.40 -79.94 28.21
C ILE A 1115 17.33 -80.99 27.64
N THR A 1116 17.89 -80.72 26.47
CA THR A 1116 18.80 -81.64 25.82
C THR A 1116 20.00 -80.89 25.28
N THR A 1117 21.04 -81.63 24.94
CA THR A 1117 22.18 -81.01 24.28
C THR A 1117 21.82 -80.47 22.92
N ASP A 1118 20.70 -80.89 22.34
CA ASP A 1118 20.27 -80.32 21.07
C ASP A 1118 19.71 -78.92 21.26
N ASN A 1119 19.31 -78.58 22.48
CA ASN A 1119 18.77 -77.26 22.78
C ASN A 1119 19.79 -76.32 23.39
N THR A 1120 20.94 -76.83 23.84
CA THR A 1120 21.88 -76.04 24.60
C THR A 1120 23.28 -76.20 24.03
N PHE A 1121 24.09 -75.16 24.17
CA PHE A 1121 25.48 -75.21 23.77
C PHE A 1121 26.36 -74.89 24.97
N VAL A 1122 27.36 -75.71 25.19
CA VAL A 1122 28.21 -75.62 26.37
C VAL A 1122 29.20 -74.48 26.24
N SER A 1123 29.54 -73.85 27.35
CA SER A 1123 30.61 -72.87 27.36
C SER A 1123 31.19 -72.74 28.76
N GLY A 1124 32.51 -72.79 28.87
CA GLY A 1124 33.21 -72.51 30.10
C GLY A 1124 32.92 -73.52 31.19
N ASN A 1125 33.02 -73.05 32.44
CA ASN A 1125 32.71 -73.86 33.60
C ASN A 1125 31.76 -73.09 34.51
N CYS A 1126 31.29 -73.77 35.55
CA CYS A 1126 30.16 -73.28 36.33
C CYS A 1126 30.47 -71.94 36.99
N ASP A 1127 31.64 -71.81 37.60
CA ASP A 1127 31.91 -70.74 38.55
C ASP A 1127 31.62 -69.33 38.04
N VAL A 1128 31.88 -69.06 36.76
CA VAL A 1128 31.90 -67.68 36.30
C VAL A 1128 30.49 -67.09 36.24
N VAL A 1129 29.53 -67.84 35.72
CA VAL A 1129 28.19 -67.29 35.49
C VAL A 1129 27.47 -67.13 36.81
N ILE A 1130 26.82 -65.99 37.00
CA ILE A 1130 26.08 -65.75 38.23
C ILE A 1130 24.69 -66.34 38.13
N GLY A 1131 24.22 -66.95 39.21
CA GLY A 1131 22.87 -67.44 39.29
C GLY A 1131 22.62 -68.80 38.68
N ILE A 1132 23.65 -69.47 38.18
CA ILE A 1132 23.44 -70.75 37.52
C ILE A 1132 22.90 -71.76 38.53
N VAL A 1133 22.04 -72.66 38.06
CA VAL A 1133 21.37 -73.63 38.91
C VAL A 1133 21.76 -75.03 38.47
N ASN A 1134 22.02 -75.90 39.45
CA ASN A 1134 22.29 -77.29 39.15
C ASN A 1134 21.06 -77.95 38.55
N ASN A 1135 21.27 -78.82 37.59
CA ASN A 1135 20.21 -79.69 37.08
C ASN A 1135 20.85 -80.76 36.21
N THR A 1136 20.00 -81.53 35.55
CA THR A 1136 20.45 -82.60 34.66
C THR A 1136 20.21 -82.18 33.22
N VAL A 1137 21.22 -82.32 32.41
CA VAL A 1137 21.08 -82.14 30.97
C VAL A 1137 21.11 -83.50 30.31
N TYR A 1138 20.17 -83.75 29.42
CA TYR A 1138 20.01 -85.05 28.78
C TYR A 1138 20.78 -85.06 27.46
N ASP A 1139 21.32 -86.22 27.11
CA ASP A 1139 22.03 -86.41 25.86
C ASP A 1139 21.34 -87.49 25.04
N PRO A 1140 20.81 -87.18 23.85
CA PRO A 1140 20.18 -88.23 23.04
C PRO A 1140 21.12 -89.34 22.65
N LEU A 1141 22.40 -89.05 22.44
CA LEU A 1141 23.34 -90.06 21.96
C LEU A 1141 23.60 -91.16 22.98
N GLN A 1142 23.66 -90.81 24.26
CA GLN A 1142 24.10 -91.74 25.29
C GLN A 1142 23.22 -92.99 25.37
N PRO A 1143 21.89 -92.88 25.51
CA PRO A 1143 21.08 -94.11 25.60
C PRO A 1143 21.12 -94.94 24.34
N GLU A 1144 21.47 -94.33 23.21
CA GLU A 1144 21.62 -95.11 21.99
C GLU A 1144 22.91 -95.91 22.00
N LEU A 1145 24.01 -95.33 22.50
CA LEU A 1145 25.23 -96.09 22.74
C LEU A 1145 25.09 -97.05 23.90
N ASP A 1146 24.27 -96.68 24.89
CA ASP A 1146 23.95 -97.62 25.96
C ASP A 1146 23.24 -98.84 25.42
N SER A 1147 22.36 -98.65 24.44
CA SER A 1147 21.67 -99.75 23.79
C SER A 1147 22.57 -100.42 22.75
N ALA B 27 -3.38 -9.87 -56.60
CA ALA B 27 -2.78 -11.17 -56.30
C ALA B 27 -2.25 -11.22 -54.88
N TYR B 28 -2.26 -12.40 -54.28
CA TYR B 28 -1.83 -12.58 -52.90
C TYR B 28 -0.68 -13.57 -52.82
N THR B 29 0.12 -13.44 -51.77
CA THR B 29 1.18 -14.40 -51.47
C THR B 29 1.49 -14.39 -49.98
N ASN B 30 2.54 -15.14 -49.62
CA ASN B 30 2.81 -15.46 -48.23
C ASN B 30 4.04 -14.70 -47.72
N SER B 31 3.84 -13.88 -46.69
CA SER B 31 4.91 -13.17 -46.01
C SER B 31 5.63 -14.03 -44.99
N PHE B 32 6.23 -15.14 -45.41
CA PHE B 32 6.65 -16.23 -44.54
C PHE B 32 7.29 -15.81 -43.23
N THR B 33 8.41 -15.11 -43.27
CA THR B 33 9.07 -14.73 -42.04
C THR B 33 9.62 -13.30 -42.08
N ARG B 34 9.53 -12.63 -43.23
CA ARG B 34 10.13 -11.32 -43.36
C ARG B 34 9.38 -10.32 -42.51
N GLY B 35 10.08 -9.29 -42.06
CA GLY B 35 9.38 -8.18 -41.44
C GLY B 35 9.87 -7.73 -40.08
N VAL B 36 10.80 -8.47 -39.48
CA VAL B 36 11.25 -8.12 -38.15
C VAL B 36 12.36 -7.08 -38.21
N TYR B 37 12.22 -6.03 -37.41
CA TYR B 37 13.16 -4.92 -37.39
C TYR B 37 13.56 -4.63 -35.96
N TYR B 38 14.79 -4.21 -35.75
CA TYR B 38 15.26 -3.89 -34.42
C TYR B 38 14.35 -2.84 -33.79
N PRO B 39 13.54 -3.21 -32.80
CA PRO B 39 12.54 -2.24 -32.30
C PRO B 39 13.15 -1.00 -31.72
N ASP B 40 14.36 -1.09 -31.16
CA ASP B 40 14.97 0.07 -30.52
C ASP B 40 16.49 0.02 -30.56
N LYS B 41 17.14 0.82 -29.73
CA LYS B 41 18.60 0.95 -29.72
C LYS B 41 19.14 0.16 -28.54
N VAL B 42 19.51 -1.09 -28.77
CA VAL B 42 19.97 -1.98 -27.70
C VAL B 42 21.01 -2.90 -28.31
N PHE B 43 21.79 -3.57 -27.47
CA PHE B 43 22.83 -4.49 -27.90
C PHE B 43 22.76 -5.79 -27.12
N ARG B 44 21.59 -6.42 -27.09
CA ARG B 44 21.48 -7.69 -26.39
C ARG B 44 22.30 -8.75 -27.10
N SER B 45 23.00 -9.57 -26.32
CA SER B 45 23.83 -10.64 -26.87
C SER B 45 23.35 -11.97 -26.31
N SER B 46 22.91 -12.85 -27.21
CA SER B 46 22.42 -14.17 -26.82
C SER B 46 21.32 -14.06 -25.76
N VAL B 47 20.44 -13.09 -25.95
CA VAL B 47 19.31 -12.87 -25.05
C VAL B 47 18.03 -13.04 -25.85
N LEU B 48 17.09 -13.80 -25.30
CA LEU B 48 15.76 -13.88 -25.87
C LEU B 48 14.93 -12.77 -25.23
N HIS B 49 14.69 -11.70 -25.99
CA HIS B 49 14.04 -10.51 -25.48
C HIS B 49 12.64 -10.41 -26.06
N SER B 50 11.65 -10.30 -25.19
CA SER B 50 10.26 -10.21 -25.61
C SER B 50 9.85 -8.76 -25.74
N THR B 51 9.33 -8.40 -26.91
CA THR B 51 8.89 -7.02 -27.15
C THR B 51 7.53 -7.03 -27.80
N GLN B 52 6.75 -6.00 -27.48
CA GLN B 52 5.41 -5.83 -28.01
C GLN B 52 5.40 -4.54 -28.83
N ASP B 53 5.12 -4.66 -30.12
CA ASP B 53 5.20 -3.51 -31.01
C ASP B 53 4.52 -3.88 -32.32
N LEU B 54 4.53 -2.93 -33.26
CA LEU B 54 3.93 -3.13 -34.57
C LEU B 54 4.87 -3.96 -35.42
N PHE B 55 4.42 -5.16 -35.79
CA PHE B 55 5.17 -6.04 -36.67
C PHE B 55 4.25 -6.58 -37.75
N LEU B 56 4.85 -7.08 -38.81
CA LEU B 56 4.08 -7.80 -39.81
C LEU B 56 3.81 -9.20 -39.30
N PRO B 57 2.56 -9.61 -39.10
CA PRO B 57 2.31 -10.95 -38.58
C PRO B 57 2.84 -12.01 -39.53
N PHE B 58 3.36 -13.09 -38.95
CA PHE B 58 3.95 -14.14 -39.77
C PHE B 58 2.90 -14.79 -40.65
N PHE B 59 3.37 -15.27 -41.80
CA PHE B 59 2.52 -16.01 -42.73
C PHE B 59 1.30 -15.20 -43.15
N SER B 60 1.45 -13.90 -43.25
CA SER B 60 0.32 -13.06 -43.62
C SER B 60 0.18 -12.99 -45.13
N ASN B 61 -0.99 -12.53 -45.56
CA ASN B 61 -1.26 -12.29 -46.98
C ASN B 61 -0.79 -10.88 -47.32
N VAL B 62 0.10 -10.77 -48.29
CA VAL B 62 0.56 -9.47 -48.76
C VAL B 62 0.08 -9.27 -50.19
N THR B 63 -0.52 -8.12 -50.44
CA THR B 63 -1.01 -7.80 -51.77
C THR B 63 0.16 -7.56 -52.70
N TRP B 64 0.18 -8.25 -53.83
CA TRP B 64 1.35 -8.31 -54.69
C TRP B 64 1.06 -7.61 -56.01
N PHE B 65 1.74 -6.49 -56.24
CA PHE B 65 1.47 -5.61 -57.38
C PHE B 65 2.55 -5.78 -58.45
N HIS B 66 2.13 -5.74 -59.71
CA HIS B 66 3.00 -5.96 -60.85
C HIS B 66 3.45 -4.66 -61.51
N ALA B 67 4.60 -4.73 -62.17
CA ALA B 67 5.12 -3.66 -63.00
C ALA B 67 5.41 -4.21 -64.39
N ILE B 68 4.44 -4.95 -65.11
CA ILE B 68 4.72 -5.68 -66.40
C ILE B 68 3.75 -5.18 -67.48
N HIS B 69 3.94 -5.65 -68.72
CA HIS B 69 3.06 -5.24 -69.86
C HIS B 69 2.96 -3.71 -69.91
N ARG B 78 -1.88 -3.79 -69.22
CA ARG B 78 -1.26 -2.46 -69.04
C ARG B 78 -0.82 -2.29 -67.59
N PHE B 79 -1.80 -2.22 -66.66
CA PHE B 79 -1.65 -2.09 -65.19
C PHE B 79 -1.19 -0.69 -64.75
N ASP B 80 -1.08 -0.50 -63.43
CA ASP B 80 -0.66 0.79 -62.81
C ASP B 80 -0.34 0.56 -61.33
N ASN B 81 0.10 1.62 -60.63
CA ASN B 81 0.41 1.55 -59.21
C ASN B 81 -0.66 2.28 -58.43
N PRO B 82 -1.74 1.62 -58.06
CA PRO B 82 -2.87 2.32 -57.44
C PRO B 82 -2.49 2.94 -56.10
N VAL B 83 -3.29 3.92 -55.70
CA VAL B 83 -3.20 4.43 -54.34
C VAL B 83 -3.56 3.30 -53.39
N LEU B 84 -2.74 3.14 -52.36
CA LEU B 84 -2.94 2.05 -51.41
C LEU B 84 -3.21 2.63 -50.03
N PRO B 85 -4.18 2.08 -49.31
CA PRO B 85 -4.46 2.59 -47.98
C PRO B 85 -3.25 2.40 -47.08
N PHE B 86 -2.88 3.45 -46.37
CA PHE B 86 -1.93 3.31 -45.29
C PHE B 86 -2.62 2.73 -44.08
N ASN B 87 -1.94 2.62 -42.95
CA ASN B 87 -2.36 1.99 -41.68
C ASN B 87 -1.33 2.36 -40.62
N ASP B 88 -1.59 1.91 -39.40
CA ASP B 88 -0.63 2.06 -38.31
C ASP B 88 0.78 1.74 -38.77
N GLY B 89 0.93 0.78 -39.68
CA GLY B 89 2.23 0.55 -40.30
C GLY B 89 2.07 -0.13 -41.63
N VAL B 90 3.10 -0.04 -42.45
CA VAL B 90 3.07 -0.62 -43.79
C VAL B 90 4.41 -1.27 -44.09
N TYR B 91 4.36 -2.51 -44.54
CA TYR B 91 5.53 -3.26 -44.98
C TYR B 91 5.63 -3.18 -46.48
N PHE B 92 6.77 -2.73 -46.98
CA PHE B 92 6.98 -2.57 -48.41
C PHE B 92 8.22 -3.37 -48.79
N ALA B 93 8.01 -4.53 -49.41
CA ALA B 93 9.09 -5.34 -49.95
C ALA B 93 8.96 -5.37 -51.45
N SER B 94 10.05 -5.08 -52.14
CA SER B 94 10.07 -5.08 -53.59
C SER B 94 11.25 -5.89 -54.09
N THR B 95 10.98 -6.80 -55.02
CA THR B 95 12.03 -7.42 -55.81
C THR B 95 12.36 -6.47 -56.94
N GLU B 96 13.64 -6.18 -57.13
CA GLU B 96 14.06 -5.24 -58.16
C GLU B 96 15.24 -5.79 -58.93
N LYS B 97 15.17 -5.65 -60.26
CA LYS B 97 16.22 -6.10 -61.15
C LYS B 97 16.82 -4.98 -61.97
N SER B 98 16.13 -3.84 -62.11
CA SER B 98 16.59 -2.73 -62.94
C SER B 98 16.38 -1.37 -62.28
N ASN B 99 16.25 -1.33 -60.97
CA ASN B 99 16.20 -0.06 -60.23
C ASN B 99 15.04 0.83 -60.68
N ILE B 100 13.92 0.21 -61.03
CA ILE B 100 12.75 0.96 -61.48
C ILE B 100 12.13 1.75 -60.35
N ILE B 101 12.00 1.14 -59.18
CA ILE B 101 11.26 1.73 -58.08
C ILE B 101 12.12 2.79 -57.41
N ARG B 102 11.56 3.99 -57.24
CA ARG B 102 12.36 5.09 -56.71
C ARG B 102 11.65 5.92 -55.66
N GLY B 103 10.39 5.65 -55.33
CA GLY B 103 9.69 6.69 -54.60
C GLY B 103 8.47 6.21 -53.86
N TRP B 104 8.03 7.04 -52.92
CA TRP B 104 6.90 6.76 -52.07
C TRP B 104 6.15 8.06 -51.85
N ILE B 105 4.87 7.94 -51.58
CA ILE B 105 3.99 9.07 -51.31
C ILE B 105 3.27 8.81 -50.01
N PHE B 106 3.14 9.84 -49.18
CA PHE B 106 2.50 9.74 -47.87
C PHE B 106 1.70 11.00 -47.63
N GLY B 107 0.42 10.96 -47.98
CA GLY B 107 -0.43 12.12 -47.82
C GLY B 107 -1.79 11.73 -47.26
N THR B 108 -2.53 12.74 -46.83
CA THR B 108 -3.93 12.52 -46.46
C THR B 108 -4.86 12.70 -47.65
N THR B 109 -4.65 13.77 -48.42
CA THR B 109 -5.45 14.03 -49.61
C THR B 109 -4.66 13.89 -50.90
N LEU B 110 -3.34 14.14 -50.85
CA LEU B 110 -2.46 13.97 -51.99
C LEU B 110 -2.81 14.94 -53.11
N ASP B 111 -3.39 16.09 -52.76
CA ASP B 111 -3.85 17.01 -53.80
C ASP B 111 -3.57 18.47 -53.50
N SER B 112 -2.56 18.78 -52.70
CA SER B 112 -2.10 20.11 -52.31
C SER B 112 -3.02 20.76 -51.29
N LYS B 113 -4.20 20.18 -51.01
CA LYS B 113 -5.02 20.73 -49.94
C LYS B 113 -4.36 20.50 -48.59
N THR B 114 -3.71 19.35 -48.41
CA THR B 114 -3.28 18.92 -47.10
C THR B 114 -1.83 18.45 -47.13
N GLN B 115 -1.22 18.53 -45.95
CA GLN B 115 0.21 18.34 -45.76
C GLN B 115 0.63 16.99 -46.33
N SER B 116 1.70 16.99 -47.13
CA SER B 116 2.03 15.80 -47.93
C SER B 116 3.53 15.58 -47.97
N LEU B 117 3.98 14.42 -47.51
CA LEU B 117 5.38 14.03 -47.60
C LEU B 117 5.67 13.35 -48.93
N LEU B 118 6.91 13.51 -49.42
CA LEU B 118 7.41 12.75 -50.54
C LEU B 118 8.80 12.22 -50.23
N ILE B 119 9.08 11.00 -50.68
CA ILE B 119 10.42 10.42 -50.70
C ILE B 119 10.69 9.91 -52.10
N VAL B 120 11.80 10.34 -52.70
CA VAL B 120 12.20 9.88 -54.01
C VAL B 120 13.70 9.67 -54.04
N ASN B 121 14.14 8.71 -54.86
CA ASN B 121 15.56 8.42 -55.03
C ASN B 121 15.90 8.46 -56.52
N ASN B 122 16.32 9.62 -57.01
CA ASN B 122 16.85 9.75 -58.37
C ASN B 122 18.36 9.56 -58.31
N ALA B 123 18.99 9.51 -59.49
CA ALA B 123 20.12 8.63 -59.80
C ALA B 123 21.03 8.43 -58.59
N THR B 124 21.57 9.47 -57.96
CA THR B 124 22.43 9.30 -56.81
C THR B 124 21.96 10.06 -55.59
N ASN B 125 20.81 10.72 -55.67
CA ASN B 125 20.37 11.61 -54.60
C ASN B 125 19.05 11.14 -54.03
N VAL B 126 18.96 11.13 -52.71
CA VAL B 126 17.74 10.81 -51.97
C VAL B 126 17.12 12.12 -51.53
N VAL B 127 15.87 12.33 -51.92
CA VAL B 127 15.18 13.58 -51.67
C VAL B 127 13.95 13.31 -50.81
N ILE B 128 13.77 14.12 -49.79
CA ILE B 128 12.57 14.05 -48.98
C ILE B 128 12.00 15.46 -48.84
N LYS B 129 10.75 15.63 -49.24
CA LYS B 129 10.11 16.93 -49.17
C LYS B 129 8.69 16.75 -48.66
N VAL B 130 8.18 17.80 -48.03
CA VAL B 130 6.88 17.72 -47.39
C VAL B 130 5.97 18.86 -47.83
N CYS B 131 6.13 19.36 -49.05
CA CYS B 131 5.23 20.42 -49.51
C CYS B 131 3.81 19.88 -49.67
N GLU B 132 2.86 20.80 -49.77
CA GLU B 132 1.49 20.47 -50.17
C GLU B 132 1.47 20.37 -51.69
N PHE B 133 1.99 19.24 -52.16
CA PHE B 133 2.24 19.05 -53.58
C PHE B 133 0.95 18.86 -54.37
N GLN B 134 0.96 19.34 -55.61
CA GLN B 134 -0.09 19.04 -56.57
C GLN B 134 0.30 17.75 -57.29
N PHE B 135 -0.27 16.64 -56.84
CA PHE B 135 0.08 15.34 -57.35
C PHE B 135 -0.71 14.98 -58.60
N CYS B 136 -0.05 14.34 -59.55
CA CYS B 136 -0.72 13.85 -60.73
C CYS B 136 -1.68 12.71 -60.37
N ASN B 137 -2.76 12.60 -61.15
CA ASN B 137 -3.62 11.42 -61.00
C ASN B 137 -2.85 10.15 -61.29
N ASP B 138 -1.98 10.19 -62.31
CA ASP B 138 -0.97 9.16 -62.52
C ASP B 138 0.37 9.74 -62.14
N PRO B 139 0.74 9.74 -60.87
CA PRO B 139 2.01 10.36 -60.48
C PRO B 139 3.19 9.44 -60.77
N PHE B 140 3.98 9.77 -61.79
CA PHE B 140 5.04 8.88 -62.22
C PHE B 140 6.30 9.69 -62.53
N LEU B 141 7.44 9.03 -62.36
CA LEU B 141 8.73 9.61 -62.69
C LEU B 141 9.24 8.94 -63.97
N GLY B 142 9.16 9.66 -65.07
CA GLY B 142 9.60 9.10 -66.34
C GLY B 142 11.10 8.95 -66.43
N VAL B 143 11.52 7.95 -67.20
CA VAL B 143 12.94 7.69 -67.42
C VAL B 143 13.50 8.67 -68.43
N ASN B 165 2.73 26.63 -49.27
CA ASN B 165 3.23 26.35 -47.93
C ASN B 165 4.17 25.15 -47.94
N CYS B 166 5.45 25.39 -48.15
CA CYS B 166 6.45 24.34 -48.12
C CYS B 166 7.19 24.35 -46.78
N THR B 167 7.70 23.19 -46.39
CA THR B 167 8.37 22.98 -45.11
C THR B 167 9.56 22.03 -45.29
N PHE B 168 9.99 21.37 -44.21
CA PHE B 168 11.26 20.65 -44.14
C PHE B 168 11.65 19.86 -45.39
N GLU B 169 12.94 19.85 -45.67
CA GLU B 169 13.54 19.04 -46.73
C GLU B 169 14.90 18.54 -46.26
N TYR B 170 15.30 17.38 -46.77
CA TYR B 170 16.65 16.85 -46.59
C TYR B 170 17.05 16.09 -47.84
N VAL B 171 18.35 16.13 -48.17
CA VAL B 171 18.84 15.45 -49.37
C VAL B 171 20.09 14.63 -49.03
N SER B 172 20.19 13.49 -49.68
CA SER B 172 21.39 12.66 -49.58
C SER B 172 22.16 12.69 -50.91
N PHE B 186 15.04 -11.39 -60.73
CA PHE B 186 15.23 -10.29 -59.79
C PHE B 186 16.32 -10.68 -58.81
N LYS B 187 17.26 -9.76 -58.57
CA LYS B 187 18.44 -10.05 -57.77
C LYS B 187 18.43 -9.34 -56.42
N ASN B 188 17.52 -8.38 -56.21
CA ASN B 188 17.59 -7.51 -55.05
C ASN B 188 16.28 -7.48 -54.30
N LEU B 189 16.36 -7.52 -52.98
CA LEU B 189 15.25 -7.22 -52.10
C LEU B 189 15.56 -5.92 -51.36
N ARG B 190 14.86 -4.85 -51.73
CA ARG B 190 14.95 -3.61 -50.95
C ARG B 190 13.75 -3.53 -49.99
N GLU B 191 13.77 -4.42 -49.01
CA GLU B 191 12.71 -4.48 -48.03
C GLU B 191 12.65 -3.20 -47.21
N PHE B 192 11.46 -2.66 -47.03
CA PHE B 192 11.28 -1.47 -46.22
C PHE B 192 10.07 -1.63 -45.31
N VAL B 193 10.15 -1.05 -44.12
CA VAL B 193 9.04 -1.01 -43.19
C VAL B 193 8.81 0.44 -42.81
N PHE B 194 7.77 1.05 -43.36
CA PHE B 194 7.45 2.44 -43.08
C PHE B 194 6.42 2.48 -41.97
N LYS B 195 6.81 2.95 -40.80
CA LYS B 195 5.87 3.06 -39.69
C LYS B 195 5.85 4.50 -39.20
N ASN B 196 4.67 5.01 -38.92
CA ASN B 196 4.47 6.34 -38.37
C ASN B 196 3.92 6.21 -36.97
N ILE B 197 4.59 6.81 -36.00
CA ILE B 197 4.22 6.68 -34.60
C ILE B 197 4.45 8.00 -33.88
N ASP B 198 3.60 8.27 -32.89
CA ASP B 198 3.72 9.39 -31.93
C ASP B 198 4.38 10.62 -32.55
N GLY B 199 3.87 11.02 -33.70
CA GLY B 199 4.38 12.20 -34.37
C GLY B 199 5.78 12.05 -34.93
N TYR B 200 6.25 10.82 -35.09
CA TYR B 200 7.57 10.57 -35.64
C TYR B 200 7.44 9.60 -36.79
N PHE B 201 8.22 9.80 -37.84
CA PHE B 201 8.16 8.94 -39.01
C PHE B 201 9.45 8.16 -39.11
N LYS B 202 9.35 6.83 -39.05
CA LYS B 202 10.51 5.96 -39.03
C LYS B 202 10.56 5.10 -40.29
N ILE B 203 11.76 4.88 -40.80
CA ILE B 203 11.98 4.05 -41.98
C ILE B 203 13.03 2.99 -41.65
N TYR B 204 12.74 1.74 -42.02
CA TYR B 204 13.67 0.65 -41.83
C TYR B 204 13.98 0.00 -43.17
N SER B 205 15.13 -0.67 -43.25
CA SER B 205 15.65 -1.06 -44.54
C SER B 205 16.43 -2.35 -44.46
N LYS B 206 16.66 -2.94 -45.63
CA LYS B 206 17.52 -4.11 -45.79
C LYS B 206 17.67 -4.38 -47.28
N HIS B 207 18.79 -5.00 -47.67
CA HIS B 207 19.15 -5.19 -49.08
C HIS B 207 19.66 -6.61 -49.33
N THR B 208 18.89 -7.60 -48.91
CA THR B 208 19.30 -8.98 -49.16
C THR B 208 19.22 -9.30 -50.65
N PRO B 209 20.25 -9.94 -51.21
CA PRO B 209 20.18 -10.40 -52.60
C PRO B 209 19.58 -11.81 -52.68
N ILE B 210 18.80 -12.06 -53.73
CA ILE B 210 18.14 -13.34 -53.93
C ILE B 210 18.22 -13.73 -55.39
N ASN B 211 17.88 -14.99 -55.69
CA ASN B 211 17.78 -15.46 -57.06
C ASN B 211 16.40 -15.99 -57.43
N LEU B 212 15.48 -16.10 -56.47
CA LEU B 212 14.13 -16.60 -56.74
C LEU B 212 13.30 -15.46 -57.31
N VAL B 213 12.94 -15.56 -58.58
CA VAL B 213 12.22 -14.49 -59.25
C VAL B 213 10.72 -14.57 -59.03
N ARG B 214 10.18 -15.74 -58.71
CA ARG B 214 8.73 -15.92 -58.74
C ARG B 214 8.05 -15.20 -57.58
N ASP B 215 8.58 -15.34 -56.37
CA ASP B 215 7.85 -14.85 -55.19
C ASP B 215 8.83 -14.63 -54.05
N LEU B 216 8.29 -14.37 -52.87
CA LEU B 216 9.09 -13.98 -51.71
C LEU B 216 9.91 -15.15 -51.21
N PRO B 217 11.15 -14.92 -50.78
CA PRO B 217 11.98 -16.02 -50.26
C PRO B 217 11.72 -16.28 -48.79
N GLN B 218 11.64 -17.56 -48.44
CA GLN B 218 11.64 -17.93 -47.02
C GLN B 218 13.02 -17.68 -46.45
N GLY B 219 13.06 -17.24 -45.21
CA GLY B 219 14.31 -16.89 -44.57
C GLY B 219 14.04 -15.86 -43.51
N PHE B 220 15.11 -15.39 -42.88
CA PHE B 220 14.93 -14.37 -41.84
C PHE B 220 16.07 -13.37 -41.90
N SER B 221 15.77 -12.18 -42.40
CA SER B 221 16.70 -11.06 -42.36
C SER B 221 16.10 -9.94 -41.52
N ALA B 222 16.82 -9.54 -40.48
CA ALA B 222 16.39 -8.41 -39.67
C ALA B 222 16.52 -7.12 -40.46
N LEU B 223 15.79 -6.10 -40.05
CA LEU B 223 15.79 -4.81 -40.71
C LEU B 223 16.41 -3.76 -39.80
N GLU B 224 17.52 -3.17 -40.23
CA GLU B 224 18.16 -2.11 -39.47
C GLU B 224 17.42 -0.79 -39.67
N PRO B 225 17.39 0.06 -38.68
CA PRO B 225 16.71 1.35 -38.84
C PRO B 225 17.51 2.29 -39.71
N LEU B 226 16.99 2.56 -40.91
CA LEU B 226 17.72 3.40 -41.85
C LEU B 226 17.73 4.86 -41.36
N VAL B 227 16.56 5.47 -41.25
CA VAL B 227 16.45 6.90 -40.96
C VAL B 227 15.20 7.13 -40.13
N ASP B 228 15.23 8.18 -39.31
CA ASP B 228 14.07 8.66 -38.59
C ASP B 228 13.90 10.15 -38.89
N LEU B 229 12.65 10.58 -39.06
CA LEU B 229 12.38 11.97 -39.40
C LEU B 229 11.01 12.40 -38.91
N PRO B 230 10.90 13.64 -38.41
CA PRO B 230 9.76 14.20 -37.66
C PRO B 230 8.70 14.99 -38.45
N ILE B 231 7.75 14.31 -39.10
CA ILE B 231 6.72 15.07 -39.80
C ILE B 231 5.48 15.29 -38.93
N GLY B 232 4.92 14.23 -38.35
CA GLY B 232 3.69 14.36 -37.57
C GLY B 232 2.41 14.70 -38.32
N ILE B 233 1.88 13.73 -39.08
CA ILE B 233 0.67 13.91 -39.86
C ILE B 233 -0.29 12.76 -39.57
N ASN B 234 -1.57 12.95 -39.95
CA ASN B 234 -2.35 11.81 -40.42
C ASN B 234 -1.94 11.43 -41.83
N ILE B 235 -1.08 10.43 -41.91
CA ILE B 235 -0.88 9.73 -43.16
C ILE B 235 -1.84 8.55 -43.22
N THR B 236 -2.78 8.59 -44.16
CA THR B 236 -3.76 7.54 -44.30
C THR B 236 -3.79 6.94 -45.68
N ARG B 237 -3.07 7.52 -46.62
CA ARG B 237 -3.02 6.98 -47.97
C ARG B 237 -1.57 6.93 -48.44
N PHE B 238 -1.34 6.09 -49.43
CA PHE B 238 -0.03 5.58 -49.80
C PHE B 238 0.01 5.28 -51.29
N GLN B 239 1.12 5.66 -51.94
CA GLN B 239 1.40 5.26 -53.30
C GLN B 239 2.89 5.32 -53.57
N THR B 240 3.35 4.53 -54.52
CA THR B 240 4.76 4.44 -54.87
C THR B 240 5.03 5.06 -56.23
N LEU B 241 6.30 5.32 -56.49
CA LEU B 241 6.75 5.97 -57.72
C LEU B 241 7.70 5.04 -58.46
N LEU B 242 7.29 4.62 -59.65
CA LEU B 242 8.10 3.75 -60.49
C LEU B 242 8.65 4.54 -61.66
N ALA B 243 9.90 4.26 -62.03
CA ALA B 243 10.46 4.84 -63.24
C ALA B 243 9.75 4.26 -64.47
N LEU B 244 9.31 5.13 -65.36
CA LEU B 244 8.52 4.73 -66.52
C LEU B 244 9.34 4.93 -67.79
N HIS B 245 9.37 3.90 -68.64
CA HIS B 245 10.10 3.95 -69.89
C HIS B 245 9.24 4.50 -71.01
N ALA B 263 8.89 -5.13 -62.46
CA ALA B 263 9.43 -4.83 -61.14
C ALA B 263 8.32 -4.87 -60.09
N ALA B 264 7.88 -6.08 -59.76
CA ALA B 264 6.80 -6.23 -58.79
C ALA B 264 7.22 -5.77 -57.41
N TYR B 265 6.26 -5.30 -56.63
CA TYR B 265 6.49 -4.94 -55.25
C TYR B 265 5.31 -5.40 -54.40
N TYR B 266 5.58 -5.66 -53.12
CA TYR B 266 4.64 -6.28 -52.20
C TYR B 266 4.26 -5.30 -51.10
N VAL B 267 3.06 -5.46 -50.54
CA VAL B 267 2.57 -4.59 -49.49
C VAL B 267 1.96 -5.44 -48.39
N GLY B 268 2.36 -5.18 -47.15
CA GLY B 268 1.70 -5.79 -46.00
C GLY B 268 1.48 -4.74 -44.93
N TYR B 269 0.49 -4.98 -44.08
CA TYR B 269 0.09 -4.03 -43.05
C TYR B 269 0.41 -4.59 -41.69
N LEU B 270 1.18 -3.85 -40.90
CA LEU B 270 1.58 -4.33 -39.59
C LEU B 270 0.41 -4.33 -38.61
N GLN B 271 0.61 -5.05 -37.51
CA GLN B 271 -0.37 -5.17 -36.44
C GLN B 271 0.35 -5.12 -35.11
N PRO B 272 -0.36 -4.80 -34.02
CA PRO B 272 0.28 -4.74 -32.70
C PRO B 272 0.48 -6.12 -32.07
N ARG B 273 1.36 -6.92 -32.65
CA ARG B 273 1.64 -8.24 -32.11
C ARG B 273 2.78 -8.19 -31.10
N THR B 274 2.92 -9.28 -30.36
CA THR B 274 4.01 -9.47 -29.42
C THR B 274 4.98 -10.50 -29.99
N PHE B 275 6.25 -10.13 -30.10
CA PHE B 275 7.27 -10.99 -30.69
C PHE B 275 8.34 -11.29 -29.66
N LEU B 276 8.90 -12.49 -29.76
CA LEU B 276 10.06 -12.88 -28.97
C LEU B 276 11.25 -12.94 -29.92
N LEU B 277 12.21 -12.06 -29.73
CA LEU B 277 13.32 -11.92 -30.66
C LEU B 277 14.57 -12.53 -30.06
N LYS B 278 15.25 -13.36 -30.84
CA LYS B 278 16.45 -14.03 -30.37
C LYS B 278 17.66 -13.27 -30.88
N TYR B 279 18.29 -12.50 -30.00
CA TYR B 279 19.53 -11.84 -30.38
C TYR B 279 20.67 -12.84 -30.39
N ASN B 280 21.57 -12.68 -31.34
CA ASN B 280 22.70 -13.59 -31.49
C ASN B 280 23.81 -13.09 -30.57
N GLU B 281 25.03 -13.66 -30.69
CA GLU B 281 26.15 -13.14 -29.92
C GLU B 281 26.44 -11.70 -30.29
N ASN B 282 26.62 -11.44 -31.59
CA ASN B 282 26.89 -10.08 -32.04
C ASN B 282 25.68 -9.18 -31.81
N GLY B 283 24.49 -9.67 -32.10
CA GLY B 283 23.32 -8.83 -31.94
C GLY B 283 22.46 -8.86 -33.17
N THR B 284 22.94 -9.53 -34.20
CA THR B 284 22.09 -9.78 -35.36
C THR B 284 20.96 -10.71 -34.96
N ILE B 285 19.73 -10.24 -35.16
CA ILE B 285 18.56 -11.07 -34.85
C ILE B 285 18.53 -12.21 -35.84
N THR B 286 18.58 -13.44 -35.34
CA THR B 286 18.61 -14.60 -36.22
C THR B 286 17.29 -15.34 -36.28
N ASP B 287 16.45 -15.23 -35.27
CA ASP B 287 15.15 -15.88 -35.30
C ASP B 287 14.20 -15.17 -34.34
N ALA B 288 12.91 -15.25 -34.65
CA ALA B 288 11.89 -14.69 -33.79
C ALA B 288 10.61 -15.50 -33.96
N VAL B 289 9.74 -15.41 -32.96
CA VAL B 289 8.50 -16.16 -32.94
C VAL B 289 7.35 -15.24 -32.60
N ASP B 290 6.26 -15.35 -33.36
CA ASP B 290 5.05 -14.58 -33.08
C ASP B 290 4.34 -15.22 -31.90
N CYS B 291 4.03 -14.43 -30.89
CA CYS B 291 3.39 -14.98 -29.70
C CYS B 291 1.95 -15.40 -29.94
N ALA B 292 1.34 -14.99 -31.06
CA ALA B 292 -0.07 -15.30 -31.28
C ALA B 292 -0.32 -16.06 -32.57
N LEU B 293 0.73 -16.51 -33.27
CA LEU B 293 0.52 -17.16 -34.55
C LEU B 293 -0.31 -18.43 -34.42
N ASP B 294 0.05 -19.29 -33.48
CA ASP B 294 -0.60 -20.59 -33.36
C ASP B 294 -0.33 -21.16 -31.97
N PRO B 295 -1.09 -22.15 -31.53
CA PRO B 295 -0.95 -22.60 -30.14
C PRO B 295 0.45 -22.98 -29.75
N LEU B 296 1.19 -23.61 -30.66
CA LEU B 296 2.57 -23.93 -30.34
C LEU B 296 3.37 -22.66 -30.05
N SER B 297 3.17 -21.62 -30.84
CA SER B 297 3.99 -20.43 -30.71
C SER B 297 3.68 -19.70 -29.41
N GLU B 298 2.45 -19.80 -28.91
CA GLU B 298 2.16 -19.14 -27.64
C GLU B 298 2.98 -19.76 -26.51
N THR B 299 3.20 -21.08 -26.56
CA THR B 299 4.00 -21.72 -25.53
C THR B 299 5.43 -21.20 -25.55
N LYS B 300 6.02 -21.08 -26.74
CA LYS B 300 7.40 -20.62 -26.83
C LYS B 300 7.57 -19.28 -26.15
N CYS B 301 6.61 -18.38 -26.32
CA CYS B 301 6.68 -17.11 -25.60
C CYS B 301 6.54 -17.33 -24.09
N THR B 302 5.63 -18.21 -23.68
CA THR B 302 5.44 -18.45 -22.26
C THR B 302 6.69 -19.07 -21.64
N LEU B 303 7.21 -20.13 -22.24
CA LEU B 303 8.45 -20.72 -21.76
C LEU B 303 9.62 -19.79 -21.97
N LYS B 304 9.47 -18.81 -22.85
CA LYS B 304 10.55 -17.90 -23.25
C LYS B 304 11.73 -18.67 -23.81
N SER B 305 11.45 -19.70 -24.61
CA SER B 305 12.49 -20.50 -25.25
C SER B 305 12.01 -20.89 -26.63
N PHE B 306 12.95 -21.05 -27.55
CA PHE B 306 12.58 -21.54 -28.88
C PHE B 306 12.30 -23.03 -28.85
N THR B 307 13.11 -23.80 -28.13
CA THR B 307 12.84 -25.21 -27.98
C THR B 307 12.12 -25.45 -26.65
N VAL B 308 11.01 -26.18 -26.71
CA VAL B 308 10.25 -26.54 -25.51
C VAL B 308 10.25 -28.06 -25.37
N GLU B 309 10.44 -28.53 -24.15
CA GLU B 309 10.51 -29.97 -23.88
C GLU B 309 9.12 -30.58 -23.85
N LYS B 310 9.09 -31.90 -23.97
CA LYS B 310 7.85 -32.67 -23.97
C LYS B 310 7.05 -32.41 -22.70
N GLY B 311 5.77 -32.14 -22.86
CA GLY B 311 4.90 -32.00 -21.71
C GLY B 311 3.72 -31.08 -21.99
N ILE B 312 2.99 -30.79 -20.92
CA ILE B 312 1.81 -29.93 -20.92
C ILE B 312 2.17 -28.58 -20.34
N TYR B 313 1.75 -27.51 -21.00
CA TYR B 313 2.06 -26.16 -20.55
C TYR B 313 0.80 -25.30 -20.58
N GLN B 314 0.48 -24.68 -19.45
CA GLN B 314 -0.62 -23.74 -19.41
C GLN B 314 -0.15 -22.38 -19.91
N THR B 315 -0.86 -21.81 -20.89
CA THR B 315 -0.42 -20.58 -21.52
C THR B 315 -1.36 -19.41 -21.28
N SER B 316 -2.62 -19.52 -21.67
CA SER B 316 -3.54 -18.40 -21.63
C SER B 316 -4.84 -18.82 -20.98
N ASN B 317 -5.74 -17.86 -20.81
CA ASN B 317 -7.02 -18.11 -20.17
C ASN B 317 -8.13 -17.90 -21.18
N PHE B 318 -9.03 -18.87 -21.25
CA PHE B 318 -10.18 -18.77 -22.13
C PHE B 318 -11.24 -17.88 -21.51
N ARG B 319 -11.98 -17.19 -22.38
CA ARG B 319 -13.07 -16.33 -21.96
C ARG B 319 -14.13 -16.33 -23.05
N VAL B 320 -15.40 -16.41 -22.65
CA VAL B 320 -16.49 -16.31 -23.59
C VAL B 320 -16.97 -14.87 -23.58
N GLN B 321 -16.77 -14.17 -24.69
CA GLN B 321 -17.11 -12.76 -24.72
C GLN B 321 -18.62 -12.57 -24.72
N PRO B 322 -19.14 -11.69 -23.88
CA PRO B 322 -20.57 -11.36 -23.97
C PRO B 322 -20.89 -10.82 -25.35
N THR B 323 -21.98 -11.32 -25.93
CA THR B 323 -22.33 -10.95 -27.28
C THR B 323 -23.31 -9.77 -27.27
N GLU B 324 -24.49 -9.97 -26.71
CA GLU B 324 -25.42 -8.86 -26.56
C GLU B 324 -25.17 -8.13 -25.25
N SER B 325 -25.77 -6.97 -25.12
CA SER B 325 -25.77 -6.23 -23.86
C SER B 325 -27.17 -5.69 -23.63
N ILE B 326 -27.97 -6.41 -22.85
CA ILE B 326 -29.33 -5.99 -22.55
C ILE B 326 -29.27 -4.83 -21.57
N VAL B 327 -30.04 -3.77 -21.85
CA VAL B 327 -29.93 -2.51 -21.13
C VAL B 327 -31.08 -2.36 -20.13
N ARG B 328 -31.62 -3.48 -19.66
CA ARG B 328 -32.89 -3.51 -18.94
C ARG B 328 -32.99 -2.60 -17.71
N PHE B 329 -33.88 -1.61 -17.77
CA PHE B 329 -34.29 -0.75 -16.67
C PHE B 329 -35.78 -0.90 -16.40
N PRO B 330 -36.24 -0.46 -15.24
CA PRO B 330 -37.67 -0.55 -14.91
C PRO B 330 -38.60 0.13 -15.91
N ASN B 331 -39.90 -0.10 -15.76
CA ASN B 331 -40.90 0.40 -16.72
C ASN B 331 -41.87 1.31 -15.95
N ILE B 332 -41.48 2.57 -15.81
CA ILE B 332 -42.36 3.63 -15.31
C ILE B 332 -42.11 4.86 -16.17
N THR B 333 -43.18 5.58 -16.50
CA THR B 333 -43.10 6.71 -17.41
C THR B 333 -43.65 7.96 -16.73
N ASN B 334 -42.75 8.74 -16.13
CA ASN B 334 -43.06 10.04 -15.58
C ASN B 334 -41.80 10.86 -15.34
N LEU B 335 -41.66 11.97 -16.08
CA LEU B 335 -40.42 12.74 -16.04
C LEU B 335 -40.33 13.51 -14.73
N CYS B 336 -39.15 13.51 -14.13
CA CYS B 336 -38.97 14.10 -12.81
C CYS B 336 -39.14 15.63 -12.89
N PRO B 337 -39.61 16.27 -11.82
CA PRO B 337 -39.94 17.70 -11.90
C PRO B 337 -38.75 18.63 -11.67
N PHE B 338 -37.62 18.37 -12.33
CA PHE B 338 -36.51 19.29 -12.25
C PHE B 338 -36.85 20.65 -12.86
N GLY B 339 -37.62 20.64 -13.95
CA GLY B 339 -37.92 21.86 -14.67
C GLY B 339 -38.41 22.98 -13.79
N GLU B 340 -39.36 22.68 -12.90
CA GLU B 340 -39.91 23.71 -12.03
C GLU B 340 -38.86 24.21 -11.03
N VAL B 341 -37.93 23.36 -10.62
CA VAL B 341 -36.84 23.82 -9.78
C VAL B 341 -35.95 24.79 -10.55
N PHE B 342 -35.58 24.42 -11.77
CA PHE B 342 -34.73 25.28 -12.58
C PHE B 342 -35.50 26.47 -13.14
N ASN B 343 -36.78 26.31 -13.41
CA ASN B 343 -37.65 27.40 -13.85
C ASN B 343 -38.47 27.97 -12.70
N ALA B 344 -37.93 27.92 -11.48
CA ALA B 344 -38.62 28.48 -10.33
C ALA B 344 -38.63 30.01 -10.42
N THR B 345 -39.57 30.60 -9.69
CA THR B 345 -39.73 32.04 -9.63
C THR B 345 -39.27 32.64 -8.31
N ARG B 346 -39.48 31.94 -7.21
CA ARG B 346 -39.12 32.42 -5.89
C ARG B 346 -38.08 31.46 -5.29
N PHE B 347 -36.81 31.69 -5.61
CA PHE B 347 -35.76 30.99 -4.89
C PHE B 347 -35.74 31.42 -3.43
N ALA B 348 -35.54 30.45 -2.55
CA ALA B 348 -35.52 30.75 -1.14
C ALA B 348 -34.12 31.21 -0.71
N SER B 349 -34.08 31.95 0.39
CA SER B 349 -32.82 32.46 0.89
C SER B 349 -31.93 31.33 1.36
N VAL B 350 -30.65 31.66 1.55
CA VAL B 350 -29.67 30.65 1.91
C VAL B 350 -29.98 30.03 3.27
N TYR B 351 -30.42 30.84 4.24
CA TYR B 351 -30.61 30.31 5.59
C TYR B 351 -31.78 29.34 5.61
N ALA B 352 -32.79 29.60 4.79
CA ALA B 352 -33.98 28.77 4.69
C ALA B 352 -34.07 28.34 3.23
N TRP B 353 -33.33 27.30 2.88
CA TRP B 353 -33.26 26.83 1.51
C TRP B 353 -34.29 25.73 1.27
N ASN B 354 -34.78 25.64 0.05
CA ASN B 354 -35.80 24.64 -0.27
C ASN B 354 -35.18 23.25 -0.22
N ARG B 355 -36.01 22.22 -0.02
CA ARG B 355 -35.50 20.86 0.03
C ARG B 355 -36.42 19.94 -0.78
N LYS B 356 -36.80 20.37 -1.98
CA LYS B 356 -37.65 19.55 -2.83
C LYS B 356 -37.05 18.17 -3.03
N ARG B 357 -37.84 17.15 -2.74
CA ARG B 357 -37.41 15.76 -2.85
C ARG B 357 -37.97 15.19 -4.15
N ILE B 358 -37.13 14.47 -4.89
CA ILE B 358 -37.51 13.86 -6.15
C ILE B 358 -37.21 12.36 -6.08
N SER B 359 -38.20 11.56 -6.46
CA SER B 359 -38.03 10.11 -6.47
C SER B 359 -39.15 9.50 -7.30
N ASN B 360 -39.03 8.21 -7.55
CA ASN B 360 -40.02 7.44 -8.30
C ASN B 360 -40.35 8.12 -9.63
N CYS B 361 -39.32 8.39 -10.43
CA CYS B 361 -39.50 9.06 -11.71
C CYS B 361 -38.24 8.88 -12.54
N VAL B 362 -38.39 9.13 -13.84
CA VAL B 362 -37.28 8.93 -14.80
C VAL B 362 -36.63 10.29 -14.98
N ALA B 363 -35.58 10.54 -14.19
CA ALA B 363 -34.77 11.73 -14.37
C ALA B 363 -33.94 11.62 -15.64
N ASP B 364 -33.67 12.78 -16.24
CA ASP B 364 -32.85 12.86 -17.43
C ASP B 364 -31.85 14.00 -17.23
N TYR B 365 -30.72 13.67 -16.60
CA TYR B 365 -29.74 14.69 -16.26
C TYR B 365 -29.02 15.21 -17.50
N SER B 366 -28.84 14.37 -18.51
CA SER B 366 -27.94 14.72 -19.61
C SER B 366 -28.46 15.92 -20.39
N VAL B 367 -29.70 15.88 -20.86
CA VAL B 367 -30.23 17.03 -21.59
C VAL B 367 -30.43 18.20 -20.64
N LEU B 368 -30.64 17.91 -19.36
CA LEU B 368 -30.88 18.95 -18.38
C LEU B 368 -29.72 19.95 -18.35
N TYR B 369 -28.48 19.45 -18.30
CA TYR B 369 -27.33 20.32 -18.22
C TYR B 369 -26.65 20.52 -19.57
N ASN B 370 -27.28 20.08 -20.66
CA ASN B 370 -26.76 20.39 -21.98
C ASN B 370 -27.17 21.80 -22.39
N SER B 371 -26.88 22.77 -21.52
CA SER B 371 -27.11 24.19 -21.80
C SER B 371 -25.94 24.98 -21.24
N ALA B 372 -25.55 26.03 -21.96
CA ALA B 372 -24.34 26.78 -21.65
C ALA B 372 -24.59 27.95 -20.71
N SER B 373 -25.81 28.11 -20.21
CA SER B 373 -26.06 29.14 -19.21
C SER B 373 -25.30 28.85 -17.92
N PHE B 374 -25.24 27.59 -17.53
CA PHE B 374 -24.80 27.25 -16.19
C PHE B 374 -23.31 27.46 -16.04
N SER B 375 -22.91 28.06 -14.93
CA SER B 375 -21.54 28.49 -14.70
C SER B 375 -20.69 27.48 -13.97
N THR B 376 -21.22 26.84 -12.93
CA THR B 376 -20.46 25.88 -12.15
C THR B 376 -21.21 24.56 -12.11
N PHE B 377 -20.50 23.47 -12.39
CA PHE B 377 -21.13 22.15 -12.47
C PHE B 377 -20.27 21.10 -11.78
N LYS B 378 -19.27 21.52 -11.01
CA LYS B 378 -18.25 20.60 -10.50
C LYS B 378 -18.88 19.49 -9.67
N CYS B 379 -18.68 18.25 -10.10
CA CYS B 379 -19.30 17.10 -9.45
C CYS B 379 -18.28 16.22 -8.75
N TYR B 380 -18.64 15.76 -7.55
CA TYR B 380 -17.71 15.07 -6.66
C TYR B 380 -17.87 13.54 -6.69
N GLY B 381 -19.07 13.05 -6.35
CA GLY B 381 -19.25 11.63 -6.17
C GLY B 381 -19.42 10.85 -7.46
N VAL B 382 -19.89 11.51 -8.52
CA VAL B 382 -20.14 10.85 -9.79
C VAL B 382 -19.65 11.75 -10.91
N SER B 383 -19.00 11.16 -11.90
CA SER B 383 -18.56 11.94 -13.05
C SER B 383 -19.77 12.47 -13.80
N PRO B 384 -19.81 13.77 -14.12
CA PRO B 384 -21.07 14.38 -14.56
C PRO B 384 -21.69 13.74 -15.79
N THR B 385 -20.88 13.35 -16.77
CA THR B 385 -21.43 12.85 -18.03
C THR B 385 -22.27 11.61 -17.82
N LYS B 386 -21.90 10.79 -16.83
CA LYS B 386 -22.43 9.44 -16.75
C LYS B 386 -23.76 9.39 -16.02
N LEU B 387 -24.14 10.49 -15.36
CA LEU B 387 -25.37 10.57 -14.59
C LEU B 387 -26.57 9.95 -15.29
N ASN B 388 -26.72 10.23 -16.59
CA ASN B 388 -27.86 9.69 -17.34
C ASN B 388 -27.94 8.17 -17.22
N ASP B 389 -26.80 7.50 -17.06
CA ASP B 389 -26.82 6.04 -17.03
C ASP B 389 -27.29 5.52 -15.67
N LEU B 390 -26.93 6.20 -14.60
CA LEU B 390 -27.02 5.65 -13.26
C LEU B 390 -28.48 5.53 -12.81
N CYS B 391 -28.69 4.67 -11.81
CA CYS B 391 -29.92 4.62 -11.03
C CYS B 391 -29.62 4.90 -9.57
N PHE B 392 -30.40 5.79 -8.97
CA PHE B 392 -30.22 6.20 -7.59
C PHE B 392 -31.46 5.91 -6.77
N THR B 393 -31.25 5.65 -5.48
CA THR B 393 -32.38 5.42 -4.59
C THR B 393 -33.20 6.68 -4.41
N ASN B 394 -32.54 7.82 -4.22
CA ASN B 394 -33.25 9.07 -3.96
C ASN B 394 -32.29 10.23 -4.18
N VAL B 395 -32.88 11.41 -4.43
CA VAL B 395 -32.11 12.63 -4.63
C VAL B 395 -32.74 13.77 -3.82
N TYR B 396 -31.97 14.84 -3.60
CA TYR B 396 -32.46 16.03 -2.91
C TYR B 396 -32.07 17.25 -3.75
N ALA B 397 -33.07 18.02 -4.16
CA ALA B 397 -32.84 19.27 -4.89
C ALA B 397 -32.91 20.42 -3.89
N ASP B 398 -31.75 20.86 -3.43
CA ASP B 398 -31.65 21.99 -2.51
C ASP B 398 -31.18 23.22 -3.27
N SER B 399 -31.95 24.31 -3.16
CA SER B 399 -31.75 25.48 -4.00
C SER B 399 -31.77 26.75 -3.15
N PHE B 400 -30.94 27.72 -3.53
CA PHE B 400 -30.89 29.03 -2.88
C PHE B 400 -30.03 29.95 -3.75
N VAL B 401 -29.84 31.18 -3.28
CA VAL B 401 -29.06 32.19 -3.98
C VAL B 401 -28.05 32.79 -3.01
N ILE B 402 -26.79 32.89 -3.45
CA ILE B 402 -25.71 33.44 -2.63
C ILE B 402 -24.72 34.22 -3.49
N ARG B 403 -23.70 34.76 -2.82
CA ARG B 403 -22.69 35.58 -3.47
C ARG B 403 -21.71 34.69 -4.26
N GLY B 404 -21.02 35.30 -5.22
CA GLY B 404 -20.16 34.53 -6.11
C GLY B 404 -18.97 33.89 -5.43
N ASP B 405 -18.32 34.61 -4.53
CA ASP B 405 -17.29 33.98 -3.73
C ASP B 405 -17.88 32.82 -2.94
N GLU B 406 -19.09 32.99 -2.44
CA GLU B 406 -19.69 31.97 -1.61
C GLU B 406 -20.14 30.77 -2.45
N VAL B 407 -20.48 31.02 -3.72
CA VAL B 407 -20.74 29.92 -4.64
C VAL B 407 -19.53 29.00 -4.70
N ARG B 408 -18.34 29.61 -4.70
CA ARG B 408 -17.13 28.80 -4.61
C ARG B 408 -17.08 28.06 -3.29
N GLN B 409 -17.59 28.68 -2.23
CA GLN B 409 -17.56 28.06 -0.90
C GLN B 409 -18.33 26.76 -0.88
N ILE B 410 -19.48 26.71 -1.56
CA ILE B 410 -20.30 25.51 -1.57
C ILE B 410 -19.48 24.36 -2.15
N ALA B 411 -19.09 23.43 -1.28
CA ALA B 411 -18.33 22.23 -1.64
C ALA B 411 -18.11 21.40 -0.38
N PRO B 412 -17.92 20.10 -0.50
CA PRO B 412 -17.51 19.31 0.67
C PRO B 412 -16.15 19.77 1.16
N GLY B 413 -15.98 19.74 2.48
CA GLY B 413 -14.72 20.12 3.09
C GLY B 413 -14.31 21.54 2.81
N GLN B 414 -15.26 22.47 2.95
CA GLN B 414 -15.01 23.88 2.75
C GLN B 414 -15.52 24.65 3.95
N THR B 415 -14.90 25.80 4.21
CA THR B 415 -15.18 26.59 5.39
C THR B 415 -15.50 28.01 4.99
N GLY B 416 -16.27 28.68 5.84
CA GLY B 416 -16.70 30.04 5.59
C GLY B 416 -17.99 30.35 6.30
N LYS B 417 -18.46 31.58 6.09
CA LYS B 417 -19.64 32.05 6.76
C LYS B 417 -20.85 31.17 6.43
N ILE B 418 -21.23 31.14 5.17
CA ILE B 418 -22.35 30.29 4.75
C ILE B 418 -22.03 28.82 4.94
N ALA B 419 -20.79 28.41 4.67
CA ALA B 419 -20.41 27.02 4.87
C ALA B 419 -20.59 26.60 6.32
N ASP B 420 -20.14 27.41 7.28
CA ASP B 420 -20.18 27.03 8.68
C ASP B 420 -21.48 27.41 9.37
N TYR B 421 -22.30 28.27 8.78
CA TYR B 421 -23.48 28.75 9.47
C TYR B 421 -24.77 28.58 8.68
N ASN B 422 -24.73 28.35 7.38
CA ASN B 422 -25.93 28.22 6.58
C ASN B 422 -26.13 26.84 5.96
N TYR B 423 -25.15 26.35 5.21
CA TYR B 423 -25.26 25.07 4.53
C TYR B 423 -23.96 24.32 4.72
N LYS B 424 -24.05 23.07 5.16
CA LYS B 424 -22.87 22.25 5.39
C LYS B 424 -23.02 20.94 4.62
N LEU B 425 -22.02 20.63 3.80
CA LEU B 425 -22.04 19.42 2.98
C LEU B 425 -21.16 18.35 3.61
N PRO B 426 -21.57 17.08 3.56
CA PRO B 426 -20.74 16.01 4.10
C PRO B 426 -19.45 15.85 3.30
N ASP B 427 -18.42 15.33 3.98
CA ASP B 427 -17.15 15.07 3.30
C ASP B 427 -17.30 13.95 2.28
N ASP B 428 -18.08 12.92 2.61
CA ASP B 428 -18.41 11.85 1.66
C ASP B 428 -19.61 12.18 0.78
N PHE B 429 -19.92 13.47 0.61
CA PHE B 429 -21.09 13.89 -0.14
C PHE B 429 -21.08 13.29 -1.53
N THR B 430 -22.18 12.65 -1.91
CA THR B 430 -22.36 12.13 -3.26
C THR B 430 -23.36 13.01 -3.98
N GLY B 431 -22.84 13.90 -4.83
CA GLY B 431 -23.67 14.84 -5.54
C GLY B 431 -22.83 15.98 -6.04
N CYS B 432 -23.48 17.08 -6.40
CA CYS B 432 -22.76 18.26 -6.89
C CYS B 432 -23.70 19.44 -7.03
N VAL B 433 -23.12 20.55 -7.50
CA VAL B 433 -23.72 21.87 -7.39
C VAL B 433 -23.94 22.45 -8.77
N ILE B 434 -24.88 23.38 -8.85
CA ILE B 434 -25.24 24.07 -10.08
C ILE B 434 -25.10 25.56 -9.80
N ALA B 435 -24.66 26.32 -10.79
CA ALA B 435 -24.57 27.76 -10.53
C ALA B 435 -24.74 28.53 -11.82
N TRP B 436 -25.38 29.70 -11.70
CA TRP B 436 -25.44 30.70 -12.75
C TRP B 436 -26.01 31.97 -12.14
N ASN B 437 -25.61 33.11 -12.66
CA ASN B 437 -26.05 34.37 -12.07
C ASN B 437 -27.51 34.64 -12.37
N SER B 438 -28.08 35.56 -11.59
CA SER B 438 -29.47 35.99 -11.73
C SER B 438 -29.59 37.50 -11.64
N ASN B 439 -28.58 38.23 -12.12
CA ASN B 439 -28.72 39.67 -12.27
C ASN B 439 -29.91 40.00 -13.15
N ASN B 440 -30.14 39.18 -14.17
CA ASN B 440 -31.27 39.37 -15.07
C ASN B 440 -32.58 39.30 -14.31
N LEU B 441 -32.60 38.61 -13.17
CA LEU B 441 -33.83 38.37 -12.43
C LEU B 441 -33.87 39.08 -11.08
N ASP B 442 -32.73 39.50 -10.54
CA ASP B 442 -32.68 40.09 -9.20
C ASP B 442 -31.76 41.31 -9.20
N SER B 443 -31.64 41.94 -8.02
CA SER B 443 -30.89 43.21 -7.77
C SER B 443 -31.21 44.21 -8.89
N LYS B 444 -32.49 44.32 -9.23
CA LYS B 444 -32.99 45.02 -10.44
C LYS B 444 -32.65 46.52 -10.54
N VAL B 445 -32.87 47.34 -9.49
CA VAL B 445 -32.63 48.80 -9.74
C VAL B 445 -32.30 49.61 -8.49
N GLY B 446 -32.52 49.12 -7.26
CA GLY B 446 -32.27 50.06 -6.18
C GLY B 446 -31.86 49.46 -4.87
N GLY B 447 -31.33 48.25 -4.85
CA GLY B 447 -31.01 47.57 -3.61
C GLY B 447 -32.07 46.54 -3.31
N ASN B 448 -31.78 45.29 -3.63
CA ASN B 448 -32.67 44.20 -3.26
C ASN B 448 -32.40 43.84 -1.80
N TYR B 449 -33.48 43.65 -1.04
CA TYR B 449 -33.36 43.34 0.38
C TYR B 449 -34.20 42.13 0.77
N ASN B 450 -34.52 41.26 -0.18
CA ASN B 450 -35.36 40.11 0.07
C ASN B 450 -34.57 38.85 0.41
N TYR B 451 -33.25 38.94 0.44
CA TYR B 451 -32.39 37.80 0.71
C TYR B 451 -31.60 38.04 1.98
N LEU B 452 -31.46 37.01 2.80
CA LEU B 452 -30.83 37.13 4.10
C LEU B 452 -29.47 36.43 4.12
N TYR B 453 -28.77 36.60 5.23
CA TYR B 453 -27.38 36.16 5.30
C TYR B 453 -27.09 35.22 6.46
N ARG B 454 -27.75 35.40 7.61
CA ARG B 454 -27.57 34.50 8.75
C ARG B 454 -26.10 34.49 9.20
N LEU B 455 -25.72 35.50 9.97
CA LEU B 455 -24.35 35.65 10.45
C LEU B 455 -24.04 34.62 11.54
N PHE B 456 -23.00 34.93 12.31
CA PHE B 456 -22.51 34.07 13.39
C PHE B 456 -23.62 33.36 14.14
N ARG B 457 -23.35 32.12 14.53
CA ARG B 457 -24.21 31.38 15.43
C ARG B 457 -23.32 30.71 16.47
N LYS B 458 -23.95 30.35 17.59
CA LYS B 458 -23.18 29.90 18.76
C LYS B 458 -22.25 28.75 18.43
N SER B 459 -22.73 27.78 17.66
CA SER B 459 -21.93 26.60 17.34
C SER B 459 -21.94 26.39 15.83
N ASN B 460 -20.88 25.74 15.33
CA ASN B 460 -20.79 25.46 13.90
C ASN B 460 -21.94 24.55 13.48
N LEU B 461 -22.41 24.76 12.25
CA LEU B 461 -23.63 24.10 11.80
C LEU B 461 -23.32 22.66 11.39
N LYS B 462 -24.18 21.73 11.80
CA LYS B 462 -24.01 20.34 11.44
C LYS B 462 -24.41 20.14 9.97
N PRO B 463 -23.94 19.05 9.34
CA PRO B 463 -24.22 18.88 7.91
C PRO B 463 -25.70 18.79 7.60
N PHE B 464 -26.10 19.44 6.50
CA PHE B 464 -27.46 19.36 5.98
C PHE B 464 -28.49 19.76 7.04
N GLU B 465 -28.39 21.01 7.48
CA GLU B 465 -29.26 21.51 8.54
C GLU B 465 -29.74 22.92 8.20
N ARG B 466 -31.03 23.01 7.87
CA ARG B 466 -31.68 24.29 7.71
C ARG B 466 -31.92 24.92 9.07
N ASP B 467 -31.47 26.16 9.25
CA ASP B 467 -31.71 26.87 10.50
C ASP B 467 -32.41 28.20 10.21
N ILE B 468 -33.59 28.38 10.80
CA ILE B 468 -34.33 29.63 10.71
C ILE B 468 -34.49 30.27 12.09
N SER B 469 -33.67 29.84 13.05
CA SER B 469 -33.78 30.38 14.45
C SER B 469 -33.30 31.83 14.51
N THR B 470 -34.21 32.79 14.28
CA THR B 470 -33.82 34.23 14.32
C THR B 470 -33.38 34.63 15.72
N GLU B 471 -34.17 34.25 16.76
CA GLU B 471 -33.99 34.53 18.22
C GLU B 471 -33.08 35.74 18.45
N ILE B 472 -31.95 35.52 19.13
CA ILE B 472 -30.93 36.55 19.28
C ILE B 472 -29.55 35.88 19.34
N TYR B 473 -28.50 36.69 19.27
CA TYR B 473 -27.14 36.25 19.54
C TYR B 473 -26.69 36.81 20.88
N GLN B 474 -25.70 36.16 21.48
CA GLN B 474 -25.30 36.39 22.86
C GLN B 474 -23.95 37.08 23.01
N ALA B 475 -22.92 36.56 22.33
CA ALA B 475 -21.57 37.13 22.38
C ALA B 475 -20.97 37.12 23.79
N GLY B 476 -21.29 36.08 24.56
CA GLY B 476 -20.68 35.90 25.86
C GLY B 476 -21.15 36.85 26.94
N SER B 477 -20.96 38.16 26.71
CA SER B 477 -21.32 39.19 27.67
C SER B 477 -22.84 39.24 27.81
N THR B 478 -23.31 38.80 28.97
CA THR B 478 -24.69 38.47 29.32
C THR B 478 -25.77 39.43 28.82
N PRO B 479 -25.70 40.77 29.11
CA PRO B 479 -26.88 41.63 28.91
C PRO B 479 -27.58 41.42 27.57
N CYS B 480 -28.79 40.88 27.65
CA CYS B 480 -29.53 40.42 26.47
C CYS B 480 -31.03 40.58 26.72
N ASN B 481 -31.79 40.21 25.69
CA ASN B 481 -33.26 40.21 25.69
C ASN B 481 -33.82 41.62 25.60
N GLY B 482 -32.99 42.62 25.83
CA GLY B 482 -33.33 43.98 25.47
C GLY B 482 -32.76 44.30 24.11
N VAL B 483 -33.31 43.69 23.06
CA VAL B 483 -32.58 43.60 21.79
C VAL B 483 -32.47 44.95 21.10
N GLU B 484 -31.30 45.59 21.25
CA GLU B 484 -30.80 46.58 20.31
C GLU B 484 -29.33 46.94 20.55
N GLY B 485 -28.45 46.54 19.65
CA GLY B 485 -27.21 47.29 19.43
C GLY B 485 -25.91 46.80 20.02
N PHE B 486 -25.90 46.40 21.30
CA PHE B 486 -24.64 46.21 22.01
C PHE B 486 -24.46 44.74 22.40
N ASN B 487 -23.41 44.14 21.85
CA ASN B 487 -22.90 42.78 22.05
C ASN B 487 -24.00 41.73 22.06
N CYS B 488 -25.12 42.02 21.42
CA CYS B 488 -26.15 41.06 21.09
C CYS B 488 -26.64 41.43 19.68
N TYR B 489 -25.96 40.87 18.68
CA TYR B 489 -26.10 41.38 17.32
C TYR B 489 -27.14 40.52 16.60
N PHE B 490 -27.90 41.15 15.71
CA PHE B 490 -28.94 40.43 14.99
C PHE B 490 -28.29 39.47 13.99
N PRO B 491 -28.54 38.16 14.10
CA PRO B 491 -27.81 37.21 13.25
C PRO B 491 -28.16 37.30 11.77
N LEU B 492 -29.35 37.77 11.43
CA LEU B 492 -29.88 37.69 10.07
C LEU B 492 -29.73 39.04 9.37
N GLN B 493 -28.55 39.28 8.80
CA GLN B 493 -28.43 40.38 7.86
C GLN B 493 -29.07 40.00 6.53
N SER B 494 -29.47 41.01 5.78
CA SER B 494 -29.99 40.80 4.43
C SER B 494 -28.89 41.04 3.41
N TYR B 495 -29.13 40.56 2.20
CA TYR B 495 -28.28 40.80 1.06
C TYR B 495 -28.68 42.11 0.42
N GLY B 496 -27.74 43.04 0.28
CA GLY B 496 -27.97 44.21 -0.51
C GLY B 496 -27.55 43.97 -1.94
N PHE B 497 -28.49 43.60 -2.80
CA PHE B 497 -28.18 43.24 -4.18
C PHE B 497 -28.45 44.43 -5.09
N GLN B 498 -27.47 44.76 -5.92
CA GLN B 498 -27.55 45.85 -6.87
C GLN B 498 -27.02 45.38 -8.21
N PRO B 499 -27.59 45.85 -9.32
CA PRO B 499 -26.95 45.58 -10.61
C PRO B 499 -25.57 46.17 -10.70
N THR B 500 -25.35 47.31 -10.06
CA THR B 500 -24.03 47.94 -9.99
C THR B 500 -23.31 47.38 -8.76
N ASN B 501 -22.94 46.09 -8.84
CA ASN B 501 -22.26 45.47 -7.71
C ASN B 501 -21.07 44.61 -8.14
N GLY B 502 -20.46 44.87 -9.29
CA GLY B 502 -19.29 44.12 -9.68
C GLY B 502 -19.64 42.81 -10.36
N VAL B 503 -18.72 41.86 -10.27
CA VAL B 503 -18.84 40.59 -10.96
C VAL B 503 -18.96 39.40 -10.01
N GLY B 504 -18.62 39.58 -8.74
CA GLY B 504 -18.66 38.47 -7.80
C GLY B 504 -19.72 38.63 -6.74
N TYR B 505 -20.18 39.86 -6.54
CA TYR B 505 -21.25 40.14 -5.59
C TYR B 505 -22.63 40.02 -6.23
N GLN B 506 -22.69 39.64 -7.50
CA GLN B 506 -23.93 39.54 -8.23
C GLN B 506 -24.79 38.42 -7.67
N PRO B 507 -26.09 38.41 -7.97
CA PRO B 507 -26.94 37.30 -7.51
C PRO B 507 -26.81 36.10 -8.43
N TYR B 508 -26.23 35.02 -7.91
CA TYR B 508 -26.16 33.73 -8.60
C TYR B 508 -27.19 32.77 -8.03
N ARG B 509 -28.12 32.34 -8.87
CA ARG B 509 -29.05 31.28 -8.49
C ARG B 509 -28.32 29.94 -8.52
N VAL B 510 -28.37 29.20 -7.42
CA VAL B 510 -27.70 27.91 -7.35
C VAL B 510 -28.67 26.87 -6.83
N VAL B 511 -28.38 25.61 -7.16
CA VAL B 511 -29.14 24.47 -6.66
C VAL B 511 -28.19 23.28 -6.56
N VAL B 512 -28.09 22.70 -5.37
CA VAL B 512 -27.18 21.60 -5.10
C VAL B 512 -27.97 20.30 -5.04
N LEU B 513 -27.47 19.27 -5.72
CA LEU B 513 -28.11 17.96 -5.72
C LEU B 513 -27.30 16.99 -4.86
N SER B 514 -28.00 16.25 -4.01
CA SER B 514 -27.39 15.22 -3.17
C SER B 514 -27.97 13.88 -3.58
N PHE B 515 -27.10 12.98 -4.03
CA PHE B 515 -27.51 11.63 -4.37
C PHE B 515 -27.20 10.70 -3.22
N GLU B 516 -28.19 9.93 -2.81
CA GLU B 516 -27.99 8.89 -1.80
C GLU B 516 -28.06 7.54 -2.52
N LEU B 517 -26.95 6.82 -2.47
CA LEU B 517 -26.82 5.53 -3.14
C LEU B 517 -26.82 4.43 -2.09
N LEU B 518 -27.76 3.51 -2.19
CA LEU B 518 -27.86 2.38 -1.27
C LEU B 518 -28.26 1.16 -2.08
N HIS B 519 -28.32 0.01 -1.41
CA HIS B 519 -28.83 -1.21 -2.02
C HIS B 519 -30.30 -1.40 -1.65
N ALA B 520 -31.13 -0.51 -2.24
CA ALA B 520 -32.56 -0.47 -2.07
C ALA B 520 -33.13 -0.24 -3.45
N PRO B 521 -34.39 -0.61 -3.71
CA PRO B 521 -34.96 -0.42 -5.04
C PRO B 521 -34.81 1.01 -5.54
N ALA B 522 -34.02 1.18 -6.60
CA ALA B 522 -33.72 2.51 -7.13
C ALA B 522 -34.98 3.19 -7.64
N THR B 523 -35.41 4.25 -6.95
CA THR B 523 -36.61 4.96 -7.36
C THR B 523 -36.39 5.73 -8.65
N VAL B 524 -35.20 6.29 -8.84
CA VAL B 524 -34.91 7.15 -9.99
C VAL B 524 -33.90 6.45 -10.88
N CYS B 525 -33.99 6.73 -12.18
CA CYS B 525 -33.04 6.26 -13.19
C CYS B 525 -33.03 7.23 -14.36
N GLY B 526 -31.98 7.12 -15.16
CA GLY B 526 -31.93 7.81 -16.42
C GLY B 526 -32.66 6.99 -17.45
N PRO B 527 -33.06 7.63 -18.55
CA PRO B 527 -33.88 6.92 -19.53
C PRO B 527 -33.00 6.12 -20.48
N LYS B 528 -33.29 4.82 -20.59
CA LYS B 528 -32.61 3.94 -21.54
C LYS B 528 -33.63 2.97 -22.13
N LYS B 529 -33.51 2.69 -23.42
CA LYS B 529 -34.43 1.79 -24.11
C LYS B 529 -34.23 0.34 -23.65
N SER B 530 -35.01 -0.07 -22.67
CA SER B 530 -34.96 -1.44 -22.17
C SER B 530 -35.22 -2.43 -23.30
N THR B 531 -34.55 -3.58 -23.21
CA THR B 531 -34.62 -4.60 -24.25
C THR B 531 -35.15 -5.90 -23.67
N ASN B 532 -35.58 -6.78 -24.57
CA ASN B 532 -36.10 -8.08 -24.17
C ASN B 532 -35.01 -8.97 -23.61
N LEU B 533 -35.42 -9.91 -22.76
CA LEU B 533 -34.48 -10.83 -22.13
C LEU B 533 -33.91 -11.82 -23.13
N VAL B 534 -32.68 -12.24 -22.91
CA VAL B 534 -32.06 -13.33 -23.65
C VAL B 534 -31.65 -14.40 -22.65
N LYS B 535 -32.23 -15.59 -22.77
CA LYS B 535 -32.02 -16.66 -21.83
C LYS B 535 -31.16 -17.76 -22.45
N ASN B 536 -30.37 -18.43 -21.61
CA ASN B 536 -29.50 -19.54 -21.98
C ASN B 536 -28.37 -19.10 -22.91
N LYS B 537 -28.16 -17.80 -23.07
CA LYS B 537 -27.11 -17.30 -23.95
C LYS B 537 -26.31 -16.24 -23.21
N CYS B 538 -25.00 -16.28 -23.35
CA CYS B 538 -24.15 -15.34 -22.64
C CYS B 538 -24.45 -13.92 -23.07
N VAL B 539 -24.56 -13.03 -22.08
CA VAL B 539 -24.93 -11.65 -22.35
C VAL B 539 -24.43 -10.79 -21.19
N ASN B 540 -24.03 -9.57 -21.51
CA ASN B 540 -23.71 -8.60 -20.49
C ASN B 540 -25.01 -7.98 -20.00
N PHE B 541 -25.39 -8.27 -18.76
CA PHE B 541 -26.72 -7.94 -18.26
C PHE B 541 -26.63 -6.75 -17.33
N ASN B 542 -27.55 -5.81 -17.50
CA ASN B 542 -27.71 -4.69 -16.59
C ASN B 542 -29.16 -4.67 -16.13
N PHE B 543 -29.41 -5.19 -14.93
CA PHE B 543 -30.74 -5.26 -14.34
C PHE B 543 -30.86 -4.15 -13.31
N ASN B 544 -31.90 -3.33 -13.42
CA ASN B 544 -32.15 -2.26 -12.45
C ASN B 544 -30.93 -1.40 -12.23
N GLY B 545 -30.00 -1.46 -13.18
CA GLY B 545 -28.77 -0.72 -13.10
C GLY B 545 -27.67 -1.31 -12.23
N LEU B 546 -27.72 -2.63 -12.04
CA LEU B 546 -26.70 -3.37 -11.24
C LEU B 546 -25.54 -3.75 -12.19
N THR B 547 -25.89 -4.20 -13.40
CA THR B 547 -24.99 -4.61 -14.52
C THR B 547 -24.32 -5.97 -14.24
N GLY B 548 -23.29 -6.30 -15.02
CA GLY B 548 -22.56 -7.57 -14.88
C GLY B 548 -22.70 -8.46 -16.12
N THR B 549 -21.96 -9.57 -16.15
CA THR B 549 -22.00 -10.53 -17.30
C THR B 549 -22.35 -11.92 -16.78
N GLY B 550 -23.24 -12.63 -17.49
CA GLY B 550 -23.65 -13.95 -17.05
C GLY B 550 -24.67 -14.51 -18.01
N VAL B 551 -24.98 -15.78 -17.82
CA VAL B 551 -25.98 -16.46 -18.63
C VAL B 551 -27.25 -16.57 -17.81
N LEU B 552 -28.30 -15.91 -18.27
CA LEU B 552 -29.54 -15.79 -17.51
C LEU B 552 -30.43 -17.00 -17.79
N THR B 553 -30.93 -17.61 -16.73
CA THR B 553 -31.80 -18.77 -16.87
C THR B 553 -32.94 -18.71 -15.86
N GLU B 554 -34.05 -19.36 -16.21
CA GLU B 554 -35.18 -19.44 -15.31
C GLU B 554 -34.78 -20.25 -14.07
N SER B 555 -35.23 -19.78 -12.92
CA SER B 555 -34.84 -20.36 -11.64
C SER B 555 -36.05 -20.83 -10.87
N ASN B 556 -35.93 -22.02 -10.28
CA ASN B 556 -37.04 -22.61 -9.54
C ASN B 556 -37.18 -22.05 -8.13
N LYS B 557 -36.21 -21.26 -7.66
CA LYS B 557 -36.27 -20.76 -6.30
C LYS B 557 -37.37 -19.71 -6.15
N LYS B 558 -38.02 -19.71 -4.98
CA LYS B 558 -39.22 -18.92 -4.74
C LYS B 558 -38.88 -17.69 -3.91
N PHE B 559 -38.69 -16.55 -4.55
CA PHE B 559 -38.45 -15.31 -3.83
C PHE B 559 -39.65 -14.93 -2.97
N LEU B 560 -39.37 -14.36 -1.81
CA LEU B 560 -40.40 -13.68 -1.05
C LEU B 560 -40.76 -12.37 -1.74
N PRO B 561 -42.02 -11.94 -1.65
CA PRO B 561 -42.46 -10.78 -2.43
C PRO B 561 -41.67 -9.50 -2.19
N PHE B 562 -41.29 -9.21 -0.95
CA PHE B 562 -40.60 -7.96 -0.67
C PHE B 562 -39.23 -7.93 -1.35
N GLN B 563 -38.53 -9.05 -1.33
CA GLN B 563 -37.14 -9.08 -1.73
C GLN B 563 -36.98 -8.84 -3.23
N GLN B 564 -35.77 -8.41 -3.63
CA GLN B 564 -35.39 -8.30 -5.03
C GLN B 564 -34.27 -9.24 -5.42
N PHE B 565 -33.11 -9.18 -4.76
CA PHE B 565 -31.89 -9.79 -5.28
C PHE B 565 -31.39 -10.85 -4.32
N GLY B 566 -31.15 -12.05 -4.83
CA GLY B 566 -30.55 -13.10 -4.03
C GLY B 566 -29.03 -13.01 -3.99
N ARG B 567 -28.43 -13.88 -3.19
CA ARG B 567 -26.99 -13.94 -3.08
C ARG B 567 -26.58 -15.36 -2.69
N ASP B 568 -25.28 -15.61 -2.69
CA ASP B 568 -24.75 -16.94 -2.50
C ASP B 568 -24.09 -17.06 -1.13
N ILE B 569 -23.52 -18.24 -0.85
CA ILE B 569 -22.88 -18.49 0.44
C ILE B 569 -21.69 -17.57 0.64
N ALA B 570 -20.96 -17.28 -0.44
CA ALA B 570 -19.80 -16.42 -0.38
C ALA B 570 -20.13 -14.98 -0.75
N ASP B 571 -21.39 -14.58 -0.60
CA ASP B 571 -21.82 -13.20 -0.83
C ASP B 571 -21.58 -12.77 -2.27
N THR B 572 -22.03 -13.60 -3.20
CA THR B 572 -21.95 -13.30 -4.62
C THR B 572 -23.35 -13.34 -5.22
N THR B 573 -23.69 -12.32 -6.00
CA THR B 573 -25.00 -12.25 -6.64
C THR B 573 -25.23 -13.46 -7.54
N ASP B 574 -26.40 -14.07 -7.42
CA ASP B 574 -26.74 -15.18 -8.29
C ASP B 574 -28.16 -15.13 -8.85
N ALA B 575 -28.98 -14.18 -8.41
CA ALA B 575 -30.37 -14.14 -8.85
C ALA B 575 -30.86 -12.70 -8.92
N VAL B 576 -31.81 -12.46 -9.82
CA VAL B 576 -32.40 -11.14 -10.00
C VAL B 576 -33.89 -11.28 -10.24
N ARG B 577 -34.61 -10.17 -10.07
CA ARG B 577 -36.02 -10.06 -10.42
C ARG B 577 -36.15 -9.11 -11.59
N ASP B 578 -36.80 -9.57 -12.65
CA ASP B 578 -36.97 -8.73 -13.83
C ASP B 578 -37.87 -7.54 -13.47
N PRO B 579 -37.50 -6.33 -13.86
CA PRO B 579 -38.31 -5.16 -13.48
C PRO B 579 -39.70 -5.14 -14.11
N GLN B 580 -39.79 -5.23 -15.44
CA GLN B 580 -41.10 -5.13 -16.08
C GLN B 580 -42.01 -6.27 -15.67
N THR B 581 -41.50 -7.49 -15.67
CA THR B 581 -42.28 -8.64 -15.24
C THR B 581 -41.62 -9.28 -14.03
N LEU B 582 -42.38 -9.44 -12.96
CA LEU B 582 -41.82 -10.08 -11.79
C LEU B 582 -41.48 -11.53 -12.12
N GLU B 583 -40.18 -11.81 -12.19
CA GLU B 583 -39.72 -13.11 -12.66
C GLU B 583 -38.43 -13.44 -11.94
N ILE B 584 -38.24 -14.73 -11.69
CA ILE B 584 -37.12 -15.20 -10.88
C ILE B 584 -36.07 -15.72 -11.84
N LEU B 585 -34.89 -15.08 -11.83
CA LEU B 585 -33.83 -15.41 -12.76
C LEU B 585 -32.56 -15.74 -12.01
N ASP B 586 -31.84 -16.76 -12.46
CA ASP B 586 -30.50 -17.06 -11.99
C ASP B 586 -29.48 -16.47 -12.94
N ILE B 587 -28.37 -15.98 -12.40
CA ILE B 587 -27.23 -15.60 -13.20
C ILE B 587 -26.10 -16.56 -12.89
N THR B 588 -25.54 -17.18 -13.92
CA THR B 588 -24.40 -18.07 -13.78
C THR B 588 -23.26 -17.50 -14.61
N PRO B 589 -22.09 -17.24 -14.02
CA PRO B 589 -21.02 -16.60 -14.78
C PRO B 589 -20.64 -17.41 -16.00
N CYS B 590 -20.34 -16.69 -17.08
CA CYS B 590 -20.04 -17.33 -18.34
C CYS B 590 -18.83 -18.22 -18.22
N SER B 591 -18.79 -19.27 -19.04
CA SER B 591 -17.75 -20.28 -18.93
C SER B 591 -16.38 -19.68 -19.20
N PHE B 592 -15.39 -20.18 -18.47
CA PHE B 592 -14.01 -19.76 -18.66
C PHE B 592 -13.12 -20.83 -18.05
N GLY B 593 -12.00 -21.11 -18.71
CA GLY B 593 -11.03 -22.04 -18.17
C GLY B 593 -9.65 -21.72 -18.69
N GLY B 594 -8.65 -22.30 -18.03
CA GLY B 594 -7.29 -22.18 -18.51
C GLY B 594 -7.10 -22.96 -19.79
N VAL B 595 -6.16 -22.51 -20.59
CA VAL B 595 -5.83 -23.16 -21.86
C VAL B 595 -4.49 -23.82 -21.69
N SER B 596 -4.45 -25.13 -21.84
CA SER B 596 -3.22 -25.90 -21.75
C SER B 596 -2.86 -26.44 -23.11
N VAL B 597 -1.57 -26.48 -23.41
CA VAL B 597 -1.08 -26.90 -24.70
C VAL B 597 -0.33 -28.22 -24.57
N ILE B 598 -0.79 -29.23 -25.28
CA ILE B 598 -0.12 -30.53 -25.28
C ILE B 598 0.88 -30.54 -26.40
N THR B 599 2.15 -30.75 -26.08
CA THR B 599 3.15 -30.89 -27.11
C THR B 599 4.07 -32.06 -26.79
N PRO B 600 4.40 -32.89 -27.78
CA PRO B 600 5.65 -33.64 -27.70
C PRO B 600 6.78 -32.65 -27.84
N GLY B 601 7.95 -33.04 -27.34
CA GLY B 601 9.10 -32.14 -27.44
C GLY B 601 9.30 -31.70 -28.88
N THR B 602 9.55 -30.40 -29.07
CA THR B 602 9.64 -29.85 -30.42
C THR B 602 10.61 -30.64 -31.27
N ASN B 603 11.72 -31.06 -30.66
CA ASN B 603 12.82 -31.62 -31.43
C ASN B 603 12.39 -32.93 -32.08
N THR B 604 11.38 -33.58 -31.50
CA THR B 604 10.72 -34.68 -32.18
C THR B 604 9.77 -34.19 -33.28
N SER B 605 8.90 -33.23 -32.95
CA SER B 605 7.86 -32.83 -33.90
C SER B 605 7.26 -31.50 -33.51
N ASN B 606 6.40 -30.97 -34.38
CA ASN B 606 5.72 -29.73 -34.11
C ASN B 606 4.20 -29.87 -34.06
N GLN B 607 3.66 -31.07 -34.29
CA GLN B 607 2.23 -31.25 -34.15
C GLN B 607 1.83 -30.99 -32.71
N VAL B 608 0.73 -30.27 -32.53
CA VAL B 608 0.32 -29.82 -31.20
C VAL B 608 -1.19 -29.96 -31.04
N ALA B 609 -1.60 -30.39 -29.85
CA ALA B 609 -3.00 -30.48 -29.49
C ALA B 609 -3.26 -29.61 -28.28
N VAL B 610 -4.44 -29.00 -28.24
CA VAL B 610 -4.78 -27.99 -27.25
C VAL B 610 -5.88 -28.51 -26.35
N LEU B 611 -5.73 -28.30 -25.04
CA LEU B 611 -6.73 -28.68 -24.06
C LEU B 611 -7.39 -27.42 -23.51
N TYR B 612 -8.70 -27.36 -23.60
CA TYR B 612 -9.47 -26.31 -22.93
C TYR B 612 -10.03 -26.86 -21.64
N GLN B 613 -9.74 -26.19 -20.53
CA GLN B 613 -10.14 -26.72 -19.24
C GLN B 613 -11.59 -26.39 -18.93
N ASP B 614 -12.35 -27.43 -18.56
CA ASP B 614 -13.64 -27.29 -17.91
C ASP B 614 -14.61 -26.44 -18.73
N VAL B 615 -14.68 -26.70 -20.03
CA VAL B 615 -15.70 -26.11 -20.88
C VAL B 615 -16.32 -27.22 -21.68
N ASN B 616 -17.58 -27.04 -22.06
CA ASN B 616 -18.18 -28.00 -22.95
C ASN B 616 -17.63 -27.79 -24.35
N CYS B 617 -17.65 -28.85 -25.16
CA CYS B 617 -17.12 -28.72 -26.51
C CYS B 617 -18.17 -28.11 -27.44
N THR B 618 -18.75 -27.00 -27.01
CA THR B 618 -19.66 -26.24 -27.85
C THR B 618 -19.22 -24.79 -27.86
N GLU B 619 -18.72 -24.33 -26.71
CA GLU B 619 -18.35 -22.92 -26.58
C GLU B 619 -17.14 -22.59 -27.44
N VAL B 620 -16.33 -23.59 -27.77
CA VAL B 620 -15.14 -23.34 -28.57
C VAL B 620 -15.48 -22.73 -29.92
N ASN B 641 -11.56 -33.40 -34.96
CA ASN B 641 -10.87 -34.23 -33.99
C ASN B 641 -11.03 -33.69 -32.59
N VAL B 642 -12.26 -33.41 -32.20
CA VAL B 642 -12.57 -32.85 -30.89
C VAL B 642 -13.05 -33.98 -30.00
N PHE B 643 -12.39 -34.17 -28.87
CA PHE B 643 -12.72 -35.22 -27.93
C PHE B 643 -13.05 -34.58 -26.59
N GLN B 644 -14.12 -35.05 -25.96
CA GLN B 644 -14.60 -34.50 -24.71
C GLN B 644 -14.13 -35.39 -23.56
N THR B 645 -13.52 -34.78 -22.55
CA THR B 645 -13.14 -35.49 -21.35
C THR B 645 -13.48 -34.65 -20.13
N ARG B 646 -13.61 -35.32 -18.99
CA ARG B 646 -13.94 -34.61 -17.76
C ARG B 646 -12.85 -33.62 -17.39
N ALA B 647 -11.66 -33.79 -17.96
CA ALA B 647 -10.66 -32.73 -17.85
C ALA B 647 -11.12 -31.47 -18.56
N GLY B 648 -11.71 -31.62 -19.74
CA GLY B 648 -12.19 -30.48 -20.49
C GLY B 648 -12.35 -30.84 -21.95
N CYS B 649 -12.52 -29.80 -22.75
CA CYS B 649 -12.54 -29.99 -24.19
C CYS B 649 -11.12 -30.14 -24.71
N LEU B 650 -10.88 -31.21 -25.46
CA LEU B 650 -9.57 -31.51 -25.99
C LEU B 650 -9.62 -31.49 -27.50
N ILE B 651 -8.77 -30.67 -28.12
CA ILE B 651 -8.81 -30.46 -29.56
C ILE B 651 -7.47 -30.86 -30.16
N GLY B 652 -7.53 -31.53 -31.30
CA GLY B 652 -6.33 -31.91 -32.02
C GLY B 652 -5.75 -33.24 -31.62
N ALA B 653 -6.45 -34.03 -30.82
CA ALA B 653 -6.00 -35.36 -30.44
C ALA B 653 -7.12 -36.35 -30.70
N GLU B 654 -6.76 -37.52 -31.22
CA GLU B 654 -7.74 -38.53 -31.57
C GLU B 654 -7.81 -39.57 -30.46
N HIS B 655 -9.02 -39.84 -29.99
CA HIS B 655 -9.20 -40.83 -28.96
C HIS B 655 -8.95 -42.21 -29.53
N VAL B 656 -8.40 -43.11 -28.70
CA VAL B 656 -8.08 -44.46 -29.12
C VAL B 656 -8.47 -45.43 -28.01
N ASN B 657 -9.02 -46.58 -28.40
CA ASN B 657 -9.40 -47.58 -27.41
C ASN B 657 -8.18 -48.15 -26.70
N ASN B 658 -7.11 -48.40 -27.45
CA ASN B 658 -5.96 -49.08 -26.89
C ASN B 658 -5.33 -48.25 -25.77
N SER B 659 -5.04 -48.91 -24.66
CA SER B 659 -4.49 -48.24 -23.49
C SER B 659 -2.99 -48.46 -23.43
N TYR B 660 -2.29 -47.48 -22.88
CA TYR B 660 -0.84 -47.53 -22.77
C TYR B 660 -0.43 -46.90 -21.45
N GLU B 661 0.84 -47.03 -21.14
CA GLU B 661 1.40 -46.37 -19.97
C GLU B 661 1.36 -44.87 -20.17
N CYS B 662 1.06 -44.13 -19.10
CA CYS B 662 0.83 -42.70 -19.22
C CYS B 662 2.10 -41.98 -19.62
N ASP B 663 1.97 -41.10 -20.61
CA ASP B 663 3.12 -40.39 -21.15
C ASP B 663 3.04 -38.90 -20.82
N ILE B 664 1.97 -38.22 -21.18
CA ILE B 664 1.73 -36.83 -20.82
C ILE B 664 0.41 -36.78 -20.08
N PRO B 665 0.37 -36.31 -18.85
CA PRO B 665 -0.87 -36.37 -18.08
C PRO B 665 -1.90 -35.30 -18.45
N ILE B 666 -3.08 -35.74 -18.85
CA ILE B 666 -4.20 -34.82 -19.08
C ILE B 666 -5.04 -34.62 -17.83
N GLY B 667 -5.20 -35.63 -17.01
CA GLY B 667 -6.05 -35.54 -15.84
C GLY B 667 -7.28 -36.42 -15.94
N ALA B 668 -7.70 -36.90 -14.78
CA ALA B 668 -8.85 -37.80 -14.67
C ALA B 668 -8.67 -39.04 -15.53
N GLY B 669 -7.46 -39.58 -15.56
CA GLY B 669 -7.23 -40.86 -16.18
C GLY B 669 -6.98 -40.83 -17.67
N ILE B 670 -6.79 -39.65 -18.25
CA ILE B 670 -6.52 -39.54 -19.68
C ILE B 670 -5.08 -39.09 -19.84
N CYS B 671 -4.36 -39.71 -20.76
CA CYS B 671 -2.99 -39.32 -21.03
C CYS B 671 -2.80 -39.21 -22.53
N ALA B 672 -1.93 -38.29 -22.95
CA ALA B 672 -1.73 -38.02 -24.36
C ALA B 672 -0.28 -38.32 -24.73
N SER B 673 -0.08 -38.73 -25.98
CA SER B 673 1.25 -39.15 -26.41
C SER B 673 1.36 -39.08 -27.93
N TYR B 674 2.58 -39.19 -28.41
CA TYR B 674 2.90 -39.10 -29.83
C TYR B 674 3.22 -40.49 -30.36
N GLN B 675 2.47 -40.94 -31.36
CA GLN B 675 2.62 -42.27 -31.89
C GLN B 675 2.03 -42.32 -33.28
N THR B 676 2.44 -43.33 -34.05
CA THR B 676 1.97 -43.51 -35.43
C THR B 676 0.46 -43.67 -35.53
N SER B 689 3.36 -40.37 -40.57
CA SER B 689 2.22 -41.20 -40.20
C SER B 689 1.88 -41.03 -38.73
N GLN B 690 2.71 -40.28 -38.02
CA GLN B 690 2.57 -40.13 -36.58
C GLN B 690 1.67 -38.94 -36.25
N SER B 691 0.92 -39.05 -35.15
CA SER B 691 -0.01 -38.02 -34.73
C SER B 691 -0.11 -38.04 -33.21
N ILE B 692 -1.10 -37.32 -32.69
CA ILE B 692 -1.30 -37.18 -31.24
C ILE B 692 -2.53 -37.99 -30.85
N ILE B 693 -2.39 -38.85 -29.84
CA ILE B 693 -3.47 -39.70 -29.39
C ILE B 693 -3.68 -39.49 -27.90
N ALA B 694 -4.94 -39.48 -27.48
CA ALA B 694 -5.32 -39.42 -26.08
C ALA B 694 -6.07 -40.69 -25.73
N TYR B 695 -5.67 -41.33 -24.63
CA TYR B 695 -6.16 -42.66 -24.29
C TYR B 695 -6.39 -42.77 -22.80
N THR B 696 -7.25 -43.70 -22.42
CA THR B 696 -7.41 -44.03 -21.02
C THR B 696 -6.11 -44.64 -20.50
N MET B 697 -5.69 -44.21 -19.31
CA MET B 697 -4.41 -44.66 -18.78
C MET B 697 -4.45 -46.17 -18.57
N SER B 698 -3.33 -46.82 -18.81
CA SER B 698 -3.18 -48.24 -18.56
C SER B 698 -2.33 -48.44 -17.31
N LEU B 699 -2.85 -49.22 -16.37
CA LEU B 699 -2.25 -49.28 -15.05
C LEU B 699 -1.10 -50.27 -14.98
N GLY B 700 -0.82 -50.97 -16.07
CA GLY B 700 0.18 -52.01 -16.08
C GLY B 700 -0.39 -53.33 -16.57
N ALA B 701 0.51 -54.23 -16.91
CA ALA B 701 0.10 -55.53 -17.43
C ALA B 701 -0.63 -56.31 -16.35
N GLU B 702 -1.72 -56.95 -16.75
CA GLU B 702 -2.49 -57.76 -15.82
C GLU B 702 -1.85 -59.14 -15.70
N ASN B 703 -1.76 -59.64 -14.47
CA ASN B 703 -1.02 -60.86 -14.19
C ASN B 703 -1.71 -61.59 -13.05
N SER B 704 -2.60 -62.51 -13.38
CA SER B 704 -3.18 -63.36 -12.36
C SER B 704 -2.12 -64.33 -11.84
N VAL B 705 -2.22 -64.67 -10.56
CA VAL B 705 -1.24 -65.50 -9.90
C VAL B 705 -1.81 -66.90 -9.74
N ALA B 706 -1.04 -67.91 -10.15
CA ALA B 706 -1.50 -69.29 -10.11
C ALA B 706 -1.45 -69.81 -8.67
N TYR B 707 -2.29 -69.20 -7.84
CA TYR B 707 -2.36 -69.58 -6.44
C TYR B 707 -3.11 -70.89 -6.27
N SER B 708 -2.74 -71.64 -5.25
CA SER B 708 -3.53 -72.77 -4.80
C SER B 708 -3.07 -73.11 -3.40
N ASN B 709 -3.76 -74.06 -2.77
CA ASN B 709 -3.48 -74.32 -1.37
C ASN B 709 -2.33 -75.28 -1.15
N ASN B 710 -1.69 -75.80 -2.20
CA ASN B 710 -0.52 -76.64 -1.98
C ASN B 710 0.55 -76.42 -3.02
N SER B 711 0.68 -75.20 -3.54
CA SER B 711 1.65 -74.92 -4.60
C SER B 711 2.58 -73.80 -4.18
N ILE B 712 3.87 -74.00 -4.40
CA ILE B 712 4.89 -73.02 -4.06
C ILE B 712 5.79 -72.81 -5.25
N ALA B 713 6.22 -71.57 -5.46
CA ALA B 713 7.19 -71.24 -6.48
C ALA B 713 8.47 -70.80 -5.82
N ILE B 714 9.58 -71.43 -6.19
CA ILE B 714 10.89 -71.15 -5.62
C ILE B 714 11.79 -70.66 -6.75
N PRO B 715 12.49 -69.55 -6.58
CA PRO B 715 13.46 -69.15 -7.60
C PRO B 715 14.58 -70.17 -7.67
N THR B 716 15.12 -70.38 -8.86
CA THR B 716 16.27 -71.24 -9.05
C THR B 716 17.50 -70.49 -9.48
N ASN B 717 17.46 -69.17 -9.50
CA ASN B 717 18.55 -68.38 -10.03
C ASN B 717 18.38 -66.95 -9.54
N PHE B 718 19.44 -66.17 -9.66
CA PHE B 718 19.43 -64.83 -9.11
C PHE B 718 20.11 -63.87 -10.08
N THR B 719 19.71 -62.61 -10.03
CA THR B 719 20.35 -61.55 -10.78
C THR B 719 20.68 -60.41 -9.84
N ILE B 720 21.92 -59.94 -9.91
CA ILE B 720 22.36 -58.78 -9.13
C ILE B 720 22.10 -57.54 -9.98
N SER B 721 21.17 -56.72 -9.54
CA SER B 721 20.82 -55.50 -10.27
C SER B 721 21.32 -54.31 -9.48
N VAL B 722 21.99 -53.39 -10.15
CA VAL B 722 22.44 -52.14 -9.55
C VAL B 722 21.56 -51.01 -10.04
N THR B 723 20.87 -50.36 -9.11
CA THR B 723 19.99 -49.26 -9.44
C THR B 723 20.49 -47.98 -8.79
N THR B 724 20.14 -46.86 -9.38
CA THR B 724 20.69 -45.57 -9.00
C THR B 724 19.59 -44.70 -8.42
N GLU B 725 19.89 -43.99 -7.35
CA GLU B 725 18.95 -43.13 -6.66
C GLU B 725 19.61 -41.79 -6.41
N ILE B 726 18.90 -40.71 -6.71
CA ILE B 726 19.48 -39.37 -6.73
C ILE B 726 18.72 -38.49 -5.75
N LEU B 727 19.44 -37.79 -4.89
CA LEU B 727 18.80 -36.94 -3.90
C LEU B 727 19.44 -35.57 -3.88
N PRO B 728 18.64 -34.50 -3.84
CA PRO B 728 19.23 -33.19 -3.55
C PRO B 728 19.69 -33.17 -2.12
N VAL B 729 20.82 -32.49 -1.88
CA VAL B 729 21.36 -32.37 -0.54
C VAL B 729 21.49 -30.91 -0.10
N SER B 730 21.86 -30.02 -1.02
CA SER B 730 21.93 -28.60 -0.70
C SER B 730 21.65 -27.80 -1.96
N MET B 731 21.31 -26.53 -1.77
CA MET B 731 21.07 -25.63 -2.88
C MET B 731 21.92 -24.39 -2.69
N THR B 732 22.07 -23.62 -3.77
CA THR B 732 23.07 -22.57 -3.80
C THR B 732 22.85 -21.56 -2.70
N LYS B 733 23.92 -21.19 -2.01
CA LYS B 733 23.85 -20.24 -0.91
C LYS B 733 23.85 -18.83 -1.47
N THR B 734 22.70 -18.17 -1.48
CA THR B 734 22.59 -16.81 -2.00
C THR B 734 22.21 -15.88 -0.87
N SER B 735 22.82 -14.71 -0.86
CA SER B 735 22.55 -13.69 0.14
C SER B 735 22.20 -12.38 -0.55
N VAL B 736 21.05 -11.83 -0.22
CA VAL B 736 20.53 -10.61 -0.83
C VAL B 736 20.48 -9.55 0.25
N ASP B 737 21.20 -8.46 0.04
CA ASP B 737 21.37 -7.38 1.00
C ASP B 737 20.14 -6.47 1.00
N CYS B 738 19.74 -5.99 2.18
CA CYS B 738 18.64 -5.04 2.43
C CYS B 738 18.76 -3.68 1.70
N THR B 739 19.83 -2.88 1.90
CA THR B 739 19.81 -1.54 1.33
C THR B 739 20.19 -1.57 -0.13
N MET B 740 21.28 -2.26 -0.44
CA MET B 740 21.77 -2.30 -1.80
C MET B 740 20.69 -2.67 -2.78
N TYR B 741 19.80 -3.60 -2.42
CA TYR B 741 18.77 -3.99 -3.37
C TYR B 741 17.70 -2.92 -3.49
N ILE B 742 17.09 -2.54 -2.37
CA ILE B 742 15.96 -1.61 -2.45
C ILE B 742 16.41 -0.24 -2.90
N CYS B 743 17.53 0.25 -2.37
CA CYS B 743 18.02 1.58 -2.66
C CYS B 743 19.36 1.47 -3.36
N GLY B 744 19.43 1.97 -4.58
CA GLY B 744 20.68 1.89 -5.32
C GLY B 744 21.69 2.90 -4.82
N ASP B 745 22.15 2.70 -3.58
CA ASP B 745 23.17 3.55 -2.98
C ASP B 745 22.72 5.01 -2.93
N SER B 746 21.45 5.23 -2.64
CA SER B 746 20.89 6.56 -2.53
C SER B 746 20.55 6.84 -1.07
N THR B 747 21.15 7.88 -0.51
CA THR B 747 20.92 8.17 0.90
C THR B 747 19.46 8.51 1.15
N GLU B 748 18.84 9.25 0.24
CA GLU B 748 17.43 9.58 0.42
C GLU B 748 16.57 8.33 0.48
N CYS B 749 16.85 7.35 -0.38
CA CYS B 749 16.10 6.11 -0.31
C CYS B 749 16.39 5.39 1.00
N SER B 750 17.65 5.40 1.45
CA SER B 750 18.00 4.69 2.67
C SER B 750 17.25 5.27 3.86
N ASN B 751 17.18 6.59 3.98
CA ASN B 751 16.47 7.19 5.11
C ASN B 751 14.99 6.86 5.07
N LEU B 752 14.39 6.87 3.88
CA LEU B 752 12.98 6.51 3.78
C LEU B 752 12.77 5.08 4.25
N LEU B 753 13.65 4.17 3.88
CA LEU B 753 13.52 2.79 4.33
C LEU B 753 13.67 2.69 5.82
N LEU B 754 14.47 3.56 6.42
CA LEU B 754 14.71 3.47 7.86
C LEU B 754 13.43 3.61 8.65
N GLN B 755 12.43 4.31 8.10
CA GLN B 755 11.15 4.40 8.80
C GLN B 755 10.53 3.03 8.96
N TYR B 756 10.63 2.18 7.95
CA TYR B 756 10.00 0.87 8.07
C TYR B 756 10.65 -0.01 9.13
N GLY B 757 11.67 0.48 9.80
CA GLY B 757 12.16 -0.21 10.97
C GLY B 757 13.06 -1.34 10.60
N SER B 758 12.73 -2.52 11.12
CA SER B 758 13.60 -3.67 11.02
C SER B 758 13.17 -4.69 9.98
N PHE B 759 12.36 -4.31 8.97
CA PHE B 759 11.92 -5.33 8.03
C PHE B 759 13.09 -6.05 7.39
N CYS B 760 14.10 -5.32 6.94
CA CYS B 760 15.10 -5.98 6.10
C CYS B 760 16.22 -6.60 6.92
N THR B 761 16.48 -6.09 8.11
CA THR B 761 17.53 -6.72 8.89
C THR B 761 17.14 -8.13 9.25
N GLN B 762 15.86 -8.38 9.41
CA GLN B 762 15.52 -9.78 9.61
C GLN B 762 15.60 -10.54 8.30
N LEU B 763 15.25 -9.89 7.19
CA LEU B 763 15.36 -10.52 5.88
C LEU B 763 16.80 -10.82 5.52
N ASN B 764 17.75 -10.02 6.00
CA ASN B 764 19.14 -10.44 5.90
C ASN B 764 19.41 -11.64 6.78
N ARG B 765 18.93 -11.62 8.02
CA ARG B 765 19.21 -12.74 8.91
C ARG B 765 18.51 -14.01 8.45
N ALA B 766 17.27 -13.90 7.98
CA ALA B 766 16.56 -15.09 7.54
C ALA B 766 17.30 -15.76 6.39
N LEU B 767 17.82 -14.98 5.45
CA LEU B 767 18.58 -15.56 4.36
C LEU B 767 19.90 -16.12 4.83
N THR B 768 20.46 -15.57 5.90
CA THR B 768 21.64 -16.17 6.49
C THR B 768 21.31 -17.48 7.17
N GLY B 769 20.15 -17.55 7.81
CA GLY B 769 19.74 -18.80 8.43
C GLY B 769 19.64 -19.95 7.45
N ILE B 770 19.09 -19.68 6.27
CA ILE B 770 19.09 -20.68 5.21
C ILE B 770 20.51 -21.01 4.79
N ALA B 771 21.33 -19.98 4.59
CA ALA B 771 22.67 -20.20 4.06
C ALA B 771 23.50 -21.07 4.98
N VAL B 772 23.38 -20.86 6.29
CA VAL B 772 24.22 -21.59 7.23
C VAL B 772 23.90 -23.07 7.21
N GLU B 773 22.62 -23.43 7.32
CA GLU B 773 22.29 -24.83 7.54
C GLU B 773 22.66 -25.67 6.33
N GLN B 774 22.75 -25.06 5.14
CA GLN B 774 23.12 -25.84 3.98
C GLN B 774 24.53 -26.39 4.12
N ASP B 775 25.44 -25.62 4.71
CA ASP B 775 26.73 -26.18 5.04
C ASP B 775 26.59 -27.29 6.06
N LYS B 776 25.57 -27.21 6.93
CA LYS B 776 25.34 -28.29 7.88
C LYS B 776 24.81 -29.53 7.18
N ASN B 777 24.04 -29.35 6.11
CA ASN B 777 23.49 -30.51 5.42
C ASN B 777 24.59 -31.42 4.89
N THR B 778 25.52 -30.87 4.12
CA THR B 778 26.56 -31.71 3.56
C THR B 778 27.41 -32.34 4.66
N GLN B 779 27.46 -31.70 5.83
CA GLN B 779 28.08 -32.38 6.97
C GLN B 779 27.34 -33.66 7.29
N GLU B 780 26.02 -33.59 7.39
CA GLU B 780 25.24 -34.74 7.83
C GLU B 780 25.32 -35.89 6.83
N VAL B 781 25.25 -35.58 5.54
CA VAL B 781 25.22 -36.64 4.55
C VAL B 781 26.58 -37.28 4.39
N PHE B 782 27.63 -36.48 4.25
CA PHE B 782 28.93 -37.02 3.90
C PHE B 782 29.87 -37.21 5.08
N ALA B 783 29.86 -36.32 6.06
CA ALA B 783 30.86 -36.37 7.12
C ALA B 783 30.45 -37.35 8.23
N GLN B 784 30.11 -38.56 7.81
CA GLN B 784 29.73 -39.60 8.76
C GLN B 784 30.85 -40.57 9.07
N VAL B 785 32.03 -40.38 8.50
CA VAL B 785 33.15 -41.28 8.74
C VAL B 785 34.25 -40.52 9.46
N LYS B 786 34.67 -41.04 10.60
CA LYS B 786 35.58 -40.28 11.47
C LYS B 786 37.00 -40.27 10.95
N GLN B 787 37.36 -41.21 10.09
CA GLN B 787 38.67 -41.24 9.49
C GLN B 787 38.52 -41.28 7.98
N ILE B 788 39.61 -41.05 7.28
CA ILE B 788 39.61 -41.19 5.83
C ILE B 788 40.34 -42.49 5.51
N TYR B 789 39.58 -43.50 5.13
CA TYR B 789 40.18 -44.76 4.70
C TYR B 789 40.60 -44.64 3.25
N LYS B 790 41.61 -45.38 2.88
CA LYS B 790 42.11 -45.37 1.52
C LYS B 790 42.22 -46.80 1.02
N THR B 791 41.80 -47.01 -0.22
CA THR B 791 41.84 -48.34 -0.80
C THR B 791 43.27 -48.84 -0.89
N PRO B 792 43.49 -50.15 -0.72
CA PRO B 792 44.83 -50.68 -0.87
C PRO B 792 45.31 -50.49 -2.30
N PRO B 793 46.63 -50.38 -2.50
CA PRO B 793 47.13 -50.11 -3.85
C PRO B 793 46.72 -51.15 -4.87
N ILE B 794 46.69 -52.42 -4.50
CA ILE B 794 46.38 -53.50 -5.43
C ILE B 794 44.89 -53.83 -5.32
N LYS B 795 44.20 -53.83 -6.45
CA LYS B 795 42.74 -54.01 -6.46
C LYS B 795 42.40 -55.47 -6.74
N ASP B 796 42.69 -56.31 -5.74
CA ASP B 796 42.35 -57.72 -5.78
C ASP B 796 41.13 -57.95 -4.90
N PHE B 797 39.94 -57.85 -5.49
CA PHE B 797 38.69 -57.92 -4.75
C PHE B 797 37.89 -59.17 -5.09
N GLY B 798 38.56 -60.30 -5.19
CA GLY B 798 37.83 -61.54 -5.38
C GLY B 798 37.01 -61.60 -6.64
N GLY B 799 37.34 -60.80 -7.64
CA GLY B 799 36.66 -60.83 -8.89
C GLY B 799 35.83 -59.60 -9.20
N PHE B 800 35.34 -58.90 -8.19
CA PHE B 800 34.56 -57.69 -8.44
C PHE B 800 35.45 -56.58 -8.97
N ASN B 801 34.83 -55.63 -9.65
CA ASN B 801 35.54 -54.60 -10.41
C ASN B 801 35.07 -53.22 -9.98
N PHE B 802 35.73 -52.62 -8.99
CA PHE B 802 35.37 -51.28 -8.53
C PHE B 802 36.23 -50.21 -9.17
N SER B 803 36.83 -50.49 -10.33
CA SER B 803 37.68 -49.49 -10.95
C SER B 803 36.85 -48.30 -11.42
N GLN B 804 35.55 -48.48 -11.57
CA GLN B 804 34.74 -47.40 -12.12
C GLN B 804 34.38 -46.38 -11.05
N ILE B 805 34.00 -46.84 -9.86
CA ILE B 805 33.55 -45.90 -8.85
C ILE B 805 34.67 -45.48 -7.90
N LEU B 806 35.81 -46.14 -7.95
CA LEU B 806 36.93 -45.71 -7.15
C LEU B 806 37.63 -44.52 -7.80
N PRO B 807 38.29 -43.68 -7.00
CA PRO B 807 38.93 -42.49 -7.56
C PRO B 807 39.99 -42.87 -8.59
N ASP B 808 40.07 -42.06 -9.64
CA ASP B 808 41.09 -42.21 -10.66
C ASP B 808 42.09 -41.07 -10.55
N PRO B 809 43.32 -41.35 -10.15
CA PRO B 809 44.28 -40.25 -9.93
C PRO B 809 44.61 -39.46 -11.18
N SER B 810 44.38 -40.04 -12.36
CA SER B 810 44.77 -39.37 -13.60
C SER B 810 44.09 -38.02 -13.73
N LYS B 811 42.80 -37.95 -13.43
CA LYS B 811 42.09 -36.69 -13.48
C LYS B 811 42.68 -35.73 -12.45
N PRO B 812 42.80 -34.44 -12.76
CA PRO B 812 43.26 -33.49 -11.72
C PRO B 812 42.34 -33.46 -10.52
N SER B 813 41.02 -33.54 -10.74
CA SER B 813 40.11 -33.72 -9.63
C SER B 813 40.04 -35.19 -9.24
N LYS B 814 40.23 -35.47 -7.96
CA LYS B 814 40.33 -36.85 -7.48
C LYS B 814 38.94 -37.48 -7.48
N ARG B 815 38.38 -37.63 -8.68
CA ARG B 815 36.99 -38.03 -8.87
C ARG B 815 36.92 -39.28 -9.71
N SER B 816 36.02 -40.19 -9.34
CA SER B 816 35.88 -41.42 -10.09
C SER B 816 35.12 -41.17 -11.37
N PHE B 817 35.22 -42.14 -12.27
CA PHE B 817 34.70 -41.96 -13.62
C PHE B 817 33.21 -41.67 -13.62
N ILE B 818 32.44 -42.41 -12.83
CA ILE B 818 31.00 -42.20 -12.81
C ILE B 818 30.65 -40.85 -12.20
N GLU B 819 31.40 -40.45 -11.17
CA GLU B 819 31.20 -39.11 -10.62
C GLU B 819 31.41 -38.05 -11.69
N ASP B 820 32.41 -38.26 -12.54
CA ASP B 820 32.76 -37.23 -13.51
C ASP B 820 31.62 -37.01 -14.50
N LEU B 821 30.94 -38.07 -14.91
CA LEU B 821 29.76 -37.90 -15.76
C LEU B 821 28.75 -36.97 -15.12
N LEU B 822 28.57 -37.08 -13.80
CA LEU B 822 27.57 -36.28 -13.13
C LEU B 822 27.89 -34.79 -13.17
N PHE B 823 29.15 -34.43 -12.92
CA PHE B 823 29.51 -33.02 -12.98
C PHE B 823 29.34 -32.42 -14.37
N ASN B 824 29.41 -33.22 -15.42
CA ASN B 824 29.19 -32.66 -16.74
C ASN B 824 27.72 -32.60 -17.11
N LYS B 825 26.93 -33.56 -16.66
CA LYS B 825 25.51 -33.55 -16.99
C LYS B 825 24.81 -32.33 -16.39
N VAL B 826 25.10 -32.02 -15.13
CA VAL B 826 24.49 -30.86 -14.49
C VAL B 826 25.20 -29.60 -14.94
N THR B 827 24.43 -28.61 -15.38
CA THR B 827 24.99 -27.37 -15.90
C THR B 827 24.65 -26.18 -15.01
N LYS B 854 22.70 -9.95 -10.51
CA LYS B 854 24.04 -10.03 -11.05
C LYS B 854 25.00 -9.20 -10.22
N PHE B 855 24.69 -7.92 -10.11
CA PHE B 855 25.51 -6.97 -9.38
C PHE B 855 24.65 -6.08 -8.49
N ASN B 856 23.51 -6.60 -8.05
CA ASN B 856 22.51 -5.83 -7.33
C ASN B 856 22.52 -6.16 -5.85
N GLY B 857 23.67 -6.44 -5.27
CA GLY B 857 23.74 -6.91 -3.92
C GLY B 857 23.55 -8.39 -3.77
N LEU B 858 23.30 -9.10 -4.87
CA LEU B 858 23.15 -10.54 -4.84
C LEU B 858 24.52 -11.19 -4.81
N THR B 859 24.93 -11.67 -3.66
CA THR B 859 26.21 -12.35 -3.49
C THR B 859 25.95 -13.83 -3.32
N VAL B 860 26.68 -14.64 -4.06
CA VAL B 860 26.58 -16.08 -3.95
C VAL B 860 27.73 -16.54 -3.08
N LEU B 861 27.44 -16.90 -1.85
CA LEU B 861 28.49 -17.39 -0.98
C LEU B 861 28.98 -18.74 -1.48
N PRO B 862 30.25 -19.05 -1.28
CA PRO B 862 30.76 -20.35 -1.67
C PRO B 862 30.42 -21.39 -0.61
N PRO B 863 30.27 -22.66 -1.00
CA PRO B 863 29.99 -23.70 -0.02
C PRO B 863 31.23 -23.98 0.81
N LEU B 864 31.00 -24.49 2.01
CA LEU B 864 32.12 -24.74 2.92
C LEU B 864 33.00 -25.87 2.44
N LEU B 865 32.40 -26.96 1.99
CA LEU B 865 33.16 -28.10 1.46
C LEU B 865 33.27 -27.95 -0.04
N THR B 866 34.46 -27.62 -0.53
CA THR B 866 34.63 -27.63 -1.97
C THR B 866 34.39 -29.03 -2.51
N ASP B 867 34.11 -29.10 -3.80
CA ASP B 867 33.80 -30.39 -4.41
C ASP B 867 34.95 -31.37 -4.22
N GLU B 868 36.17 -30.86 -4.06
CA GLU B 868 37.30 -31.75 -3.86
C GLU B 868 37.18 -32.52 -2.55
N MET B 869 36.97 -31.83 -1.42
CA MET B 869 36.85 -32.60 -0.18
C MET B 869 35.62 -33.48 -0.19
N ILE B 870 34.52 -33.04 -0.79
CA ILE B 870 33.37 -33.93 -0.89
C ILE B 870 33.77 -35.25 -1.55
N ALA B 871 34.57 -35.16 -2.60
CA ALA B 871 35.02 -36.37 -3.29
C ALA B 871 35.82 -37.28 -2.37
N GLN B 872 36.52 -36.72 -1.39
CA GLN B 872 37.35 -37.57 -0.54
C GLN B 872 36.50 -38.39 0.43
N TYR B 873 35.48 -37.80 1.03
CA TYR B 873 34.58 -38.62 1.83
C TYR B 873 33.99 -39.76 1.02
N THR B 874 33.42 -39.46 -0.14
CA THR B 874 32.85 -40.52 -0.95
C THR B 874 33.92 -41.51 -1.41
N SER B 875 35.18 -41.07 -1.44
CA SER B 875 36.27 -42.04 -1.53
C SER B 875 36.44 -42.78 -0.22
N ALA B 876 36.34 -42.07 0.90
CA ALA B 876 36.52 -42.71 2.19
C ALA B 876 35.40 -43.70 2.47
N LEU B 877 34.15 -43.26 2.33
CA LEU B 877 33.04 -44.15 2.58
C LEU B 877 33.10 -45.37 1.68
N LEU B 878 33.44 -45.15 0.42
CA LEU B 878 33.56 -46.27 -0.49
C LEU B 878 34.69 -47.20 -0.08
N ALA B 879 35.85 -46.65 0.29
CA ALA B 879 36.97 -47.51 0.65
C ALA B 879 36.65 -48.32 1.90
N GLY B 880 35.86 -47.76 2.81
CA GLY B 880 35.49 -48.51 3.99
C GLY B 880 34.59 -49.68 3.66
N THR B 881 33.60 -49.47 2.80
CA THR B 881 32.60 -50.51 2.56
C THR B 881 33.17 -51.64 1.70
N ILE B 882 34.32 -51.41 1.06
CA ILE B 882 34.98 -52.48 0.32
C ILE B 882 35.94 -53.27 1.18
N THR B 883 36.34 -52.76 2.33
CA THR B 883 37.37 -53.44 3.09
C THR B 883 36.90 -53.78 4.49
N SER B 884 35.74 -53.29 4.89
CA SER B 884 35.28 -53.51 6.25
C SER B 884 33.82 -53.89 6.38
N GLY B 885 33.03 -53.86 5.32
CA GLY B 885 31.62 -54.10 5.48
C GLY B 885 31.01 -53.04 6.37
N TRP B 886 30.31 -53.47 7.41
CA TRP B 886 29.66 -52.50 8.29
C TRP B 886 30.59 -52.07 9.42
N THR B 887 31.59 -52.88 9.73
CA THR B 887 32.36 -52.67 10.95
C THR B 887 32.92 -51.26 11.05
N PHE B 888 33.35 -50.68 9.93
CA PHE B 888 33.90 -49.33 10.00
C PHE B 888 32.84 -48.32 10.39
N GLY B 889 31.57 -48.64 10.17
CA GLY B 889 30.51 -47.79 10.69
C GLY B 889 30.37 -47.88 12.19
N ALA B 890 30.48 -49.09 12.74
CA ALA B 890 30.24 -49.29 14.16
C ALA B 890 31.40 -48.78 14.99
N GLY B 891 32.62 -48.89 14.47
CA GLY B 891 33.79 -48.56 15.27
C GLY B 891 35.05 -48.56 14.44
N ALA B 892 36.11 -49.17 14.94
CA ALA B 892 37.33 -49.28 14.15
C ALA B 892 37.09 -50.20 12.97
N ALA B 893 37.69 -49.87 11.82
CA ALA B 893 37.51 -50.66 10.62
C ALA B 893 38.26 -51.98 10.73
N LEU B 894 37.61 -53.06 10.29
CA LEU B 894 38.18 -54.39 10.32
C LEU B 894 38.35 -54.90 8.91
N GLN B 895 39.57 -55.27 8.53
CA GLN B 895 39.81 -55.79 7.21
C GLN B 895 39.06 -57.11 7.03
N ILE B 896 38.46 -57.28 5.86
CA ILE B 896 37.73 -58.50 5.53
C ILE B 896 37.84 -58.75 4.03
N PRO B 897 38.20 -59.94 3.61
CA PRO B 897 38.25 -60.22 2.18
C PRO B 897 36.89 -60.04 1.57
N PHE B 898 36.84 -59.37 0.42
CA PHE B 898 35.56 -58.93 -0.11
C PHE B 898 34.65 -60.11 -0.41
N ALA B 899 35.23 -61.26 -0.77
CA ALA B 899 34.39 -62.41 -1.02
C ALA B 899 33.57 -62.76 0.22
N MET B 900 34.22 -62.89 1.36
CA MET B 900 33.46 -63.26 2.56
C MET B 900 32.48 -62.17 2.95
N GLN B 901 32.86 -60.91 2.79
CA GLN B 901 31.93 -59.86 3.17
C GLN B 901 30.64 -59.99 2.40
N MET B 902 30.72 -60.26 1.10
CA MET B 902 29.51 -60.48 0.35
C MET B 902 28.80 -61.75 0.80
N ALA B 903 29.58 -62.74 1.26
CA ALA B 903 28.97 -63.96 1.75
C ALA B 903 28.20 -63.70 3.03
N TYR B 904 28.68 -62.78 3.86
CA TYR B 904 27.84 -62.30 4.95
C TYR B 904 26.54 -61.75 4.41
N ARG B 905 26.62 -60.87 3.42
CA ARG B 905 25.46 -60.12 3.00
C ARG B 905 24.40 -61.03 2.41
N PHE B 906 24.79 -62.07 1.68
CA PHE B 906 23.80 -63.06 1.28
C PHE B 906 23.16 -63.68 2.51
N ASN B 907 23.97 -64.01 3.52
CA ASN B 907 23.41 -64.58 4.73
C ASN B 907 22.45 -63.61 5.39
N GLY B 908 22.62 -62.33 5.12
CA GLY B 908 21.68 -61.35 5.65
C GLY B 908 20.29 -61.50 5.08
N ILE B 909 20.20 -61.71 3.76
CA ILE B 909 18.88 -61.77 3.12
C ILE B 909 18.32 -63.17 3.04
N GLY B 910 18.90 -64.13 3.75
CA GLY B 910 18.28 -65.44 3.85
C GLY B 910 18.80 -66.46 2.88
N VAL B 911 19.81 -66.15 2.09
CA VAL B 911 20.46 -67.13 1.25
C VAL B 911 21.76 -67.57 1.92
N THR B 912 21.90 -68.85 2.17
CA THR B 912 23.07 -69.35 2.89
C THR B 912 24.33 -69.08 2.10
N GLN B 913 25.46 -69.10 2.81
CA GLN B 913 26.70 -68.64 2.23
C GLN B 913 27.08 -69.44 1.01
N ASN B 914 26.88 -70.76 1.04
CA ASN B 914 27.47 -71.61 0.02
C ASN B 914 26.96 -71.26 -1.37
N VAL B 915 25.83 -70.56 -1.45
CA VAL B 915 25.37 -70.09 -2.75
C VAL B 915 26.37 -69.14 -3.36
N LEU B 916 26.89 -68.21 -2.58
CA LEU B 916 27.78 -67.21 -3.16
C LEU B 916 29.07 -67.85 -3.66
N TYR B 917 29.74 -68.63 -2.80
CA TYR B 917 31.05 -69.13 -3.17
C TYR B 917 30.96 -70.01 -4.41
N GLU B 918 29.95 -70.86 -4.48
CA GLU B 918 29.81 -71.72 -5.63
C GLU B 918 29.58 -70.92 -6.90
N ASN B 919 28.98 -69.74 -6.77
CA ASN B 919 28.68 -68.90 -7.92
C ASN B 919 29.43 -67.58 -7.89
N GLN B 920 30.60 -67.54 -7.27
CA GLN B 920 31.32 -66.27 -7.18
C GLN B 920 31.64 -65.74 -8.57
N LYS B 921 32.14 -66.60 -9.45
CA LYS B 921 32.49 -66.17 -10.79
C LYS B 921 31.29 -65.58 -11.51
N LEU B 922 30.15 -66.24 -11.42
CA LEU B 922 28.96 -65.76 -12.09
C LEU B 922 28.51 -64.43 -11.52
N ILE B 923 28.60 -64.25 -10.20
CA ILE B 923 28.18 -62.98 -9.59
C ILE B 923 29.05 -61.84 -10.08
N ALA B 924 30.37 -62.04 -10.13
CA ALA B 924 31.27 -60.95 -10.50
C ALA B 924 30.92 -60.40 -11.87
N ASN B 925 30.67 -61.26 -12.85
CA ASN B 925 30.28 -60.78 -14.17
C ASN B 925 28.98 -60.00 -14.09
N GLN B 926 28.00 -60.52 -13.33
CA GLN B 926 26.73 -59.82 -13.23
C GLN B 926 26.90 -58.45 -12.59
N PHE B 927 27.70 -58.38 -11.53
CA PHE B 927 27.91 -57.08 -10.90
C PHE B 927 28.67 -56.15 -11.84
N ASN B 928 29.75 -56.63 -12.46
CA ASN B 928 30.53 -55.78 -13.33
C ASN B 928 29.72 -55.30 -14.53
N SER B 929 28.95 -56.18 -15.13
CA SER B 929 28.08 -55.74 -16.22
C SER B 929 27.07 -54.74 -15.72
N ALA B 930 26.56 -54.93 -14.50
CA ALA B 930 25.59 -54.00 -13.96
C ALA B 930 26.18 -52.60 -13.85
N ILE B 931 27.41 -52.48 -13.36
CA ILE B 931 28.06 -51.18 -13.33
C ILE B 931 28.18 -50.63 -14.75
N GLY B 932 28.52 -51.49 -15.70
CA GLY B 932 28.71 -51.01 -17.06
C GLY B 932 27.48 -50.32 -17.61
N LYS B 933 26.29 -50.85 -17.30
CA LYS B 933 25.07 -50.23 -17.80
C LYS B 933 24.81 -48.88 -17.17
N ILE B 934 25.20 -48.70 -15.90
CA ILE B 934 24.99 -47.42 -15.25
C ILE B 934 25.70 -46.31 -16.00
N GLN B 935 26.89 -46.58 -16.51
CA GLN B 935 27.60 -45.57 -17.30
C GLN B 935 26.75 -45.11 -18.47
N ASP B 936 26.39 -46.03 -19.36
CA ASP B 936 25.73 -45.65 -20.60
C ASP B 936 24.40 -44.97 -20.33
N SER B 937 23.64 -45.49 -19.36
CA SER B 937 22.37 -44.85 -19.04
C SER B 937 22.60 -43.43 -18.54
N LEU B 938 23.62 -43.22 -17.72
CA LEU B 938 23.96 -41.86 -17.33
C LEU B 938 24.65 -41.11 -18.45
N SER B 939 25.47 -41.80 -19.25
CA SER B 939 26.29 -41.11 -20.23
C SER B 939 25.45 -40.42 -21.28
N SER B 940 24.38 -41.07 -21.74
CA SER B 940 23.59 -40.55 -22.85
C SER B 940 22.30 -39.85 -22.41
N THR B 941 21.61 -40.38 -21.40
CA THR B 941 20.29 -39.89 -21.03
C THR B 941 20.41 -38.88 -19.89
N ALA B 942 19.88 -37.68 -20.11
CA ALA B 942 19.92 -36.62 -19.11
C ALA B 942 18.66 -36.57 -18.26
N SER B 943 17.62 -37.32 -18.62
CA SER B 943 16.37 -37.28 -17.85
C SER B 943 16.55 -37.93 -16.48
N ALA B 944 17.42 -38.93 -16.39
CA ALA B 944 17.60 -39.64 -15.12
C ALA B 944 18.09 -38.69 -14.02
N LEU B 945 18.99 -37.78 -14.36
CA LEU B 945 19.55 -36.85 -13.40
C LEU B 945 18.68 -35.61 -13.25
N GLY B 946 17.39 -35.73 -13.52
CA GLY B 946 16.53 -34.57 -13.52
C GLY B 946 16.39 -33.92 -12.17
N LYS B 947 16.35 -34.73 -11.10
CA LYS B 947 15.95 -34.20 -9.80
C LYS B 947 16.89 -33.11 -9.33
N LEU B 948 18.20 -33.32 -9.43
CA LEU B 948 19.12 -32.24 -9.09
C LEU B 948 18.94 -31.06 -10.02
N GLN B 949 18.83 -31.32 -11.32
CA GLN B 949 18.73 -30.23 -12.29
C GLN B 949 17.47 -29.42 -12.03
N ASP B 950 16.49 -30.03 -11.39
CA ASP B 950 15.26 -29.30 -11.06
C ASP B 950 15.52 -28.23 -10.02
N VAL B 951 16.28 -28.55 -8.97
CA VAL B 951 16.53 -27.58 -7.91
C VAL B 951 17.30 -26.38 -8.45
N VAL B 952 18.32 -26.62 -9.26
CA VAL B 952 19.10 -25.52 -9.81
C VAL B 952 18.20 -24.59 -10.62
N ASN B 953 17.32 -25.16 -11.43
CA ASN B 953 16.41 -24.31 -12.20
C ASN B 953 15.49 -23.52 -11.29
N GLN B 954 14.81 -24.17 -10.37
CA GLN B 954 13.84 -23.46 -9.55
C GLN B 954 14.51 -22.37 -8.73
N ASN B 955 15.69 -22.64 -8.21
CA ASN B 955 16.41 -21.60 -7.50
C ASN B 955 16.80 -20.47 -8.44
N ALA B 956 17.49 -20.79 -9.53
CA ALA B 956 18.00 -19.75 -10.41
C ALA B 956 16.88 -18.99 -11.08
N GLN B 957 15.76 -19.66 -11.32
CA GLN B 957 14.63 -18.96 -11.92
C GLN B 957 14.04 -17.96 -10.93
N ALA B 958 13.82 -18.37 -9.69
CA ALA B 958 13.25 -17.47 -8.70
C ALA B 958 14.14 -16.26 -8.48
N LEU B 959 15.45 -16.47 -8.53
CA LEU B 959 16.36 -15.34 -8.44
C LEU B 959 16.17 -14.38 -9.61
N ASN B 960 15.96 -14.92 -10.81
CA ASN B 960 15.75 -14.05 -11.97
C ASN B 960 14.49 -13.21 -11.81
N THR B 961 13.43 -13.80 -11.27
CA THR B 961 12.23 -13.03 -11.03
C THR B 961 12.51 -11.87 -10.09
N LEU B 962 13.33 -12.10 -9.06
CA LEU B 962 13.67 -11.04 -8.14
C LEU B 962 14.34 -9.88 -8.86
N VAL B 963 15.31 -10.18 -9.73
CA VAL B 963 15.99 -9.10 -10.44
C VAL B 963 15.04 -8.41 -11.40
N LYS B 964 14.13 -9.18 -12.01
CA LYS B 964 13.21 -8.57 -12.96
C LYS B 964 12.31 -7.54 -12.29
N GLN B 965 12.01 -7.73 -11.01
CA GLN B 965 11.18 -6.77 -10.29
C GLN B 965 11.81 -5.39 -10.24
N LEU B 966 13.13 -5.28 -10.36
CA LEU B 966 13.74 -3.97 -10.28
C LEU B 966 13.25 -3.05 -11.39
N SER B 967 13.07 -3.59 -12.59
CA SER B 967 12.64 -2.79 -13.72
C SER B 967 11.13 -2.56 -13.73
N SER B 968 10.46 -2.71 -12.60
CA SER B 968 9.02 -2.54 -12.52
C SER B 968 8.69 -1.21 -11.87
N ASN B 969 7.66 -0.54 -12.40
CA ASN B 969 7.37 0.83 -12.00
C ASN B 969 6.69 0.91 -10.64
N PHE B 970 5.84 -0.05 -10.31
CA PHE B 970 5.14 -0.05 -9.02
C PHE B 970 4.32 1.21 -8.83
N GLY B 971 3.70 1.67 -9.91
CA GLY B 971 2.88 2.87 -9.83
C GLY B 971 3.66 4.13 -9.52
N ALA B 972 4.84 4.26 -10.11
CA ALA B 972 5.62 5.49 -10.01
C ALA B 972 6.00 5.93 -11.41
N ILE B 973 6.59 7.12 -11.51
CA ILE B 973 6.90 7.69 -12.81
C ILE B 973 7.98 6.89 -13.53
N SER B 974 8.96 6.38 -12.79
CA SER B 974 10.04 5.65 -13.46
C SER B 974 10.59 4.57 -12.54
N SER B 975 11.09 3.51 -13.14
CA SER B 975 11.67 2.43 -12.33
C SER B 975 13.04 2.80 -11.82
N VAL B 976 13.86 3.47 -12.64
CA VAL B 976 15.24 3.73 -12.25
C VAL B 976 15.26 4.77 -11.15
N LEU B 977 15.92 4.43 -10.04
CA LEU B 977 15.83 5.28 -8.86
C LEU B 977 16.56 6.59 -9.07
N ASN B 978 17.64 6.59 -9.84
CA ASN B 978 18.40 7.82 -10.03
C ASN B 978 17.57 8.88 -10.73
N ASP B 979 16.73 8.49 -11.69
CA ASP B 979 15.89 9.45 -12.40
C ASP B 979 15.04 10.26 -11.41
N ILE B 980 14.18 9.59 -10.66
CA ILE B 980 13.34 10.28 -9.70
C ILE B 980 14.18 11.12 -8.77
N LEU B 981 15.30 10.57 -8.31
CA LEU B 981 16.21 11.35 -7.49
C LEU B 981 16.79 12.52 -8.29
N SER B 982 17.09 12.29 -9.57
CA SER B 982 17.77 13.31 -10.35
C SER B 982 16.83 14.43 -10.78
N ARG B 983 15.64 14.09 -11.30
CA ARG B 983 14.83 15.12 -11.92
C ARG B 983 14.07 15.96 -10.90
N LEU B 984 13.23 15.34 -10.09
CA LEU B 984 12.38 16.11 -9.19
C LEU B 984 12.96 16.08 -7.78
N ASP B 985 12.76 17.18 -7.07
CA ASP B 985 13.44 17.44 -5.80
C ASP B 985 12.68 16.81 -4.64
N PRO B 986 13.32 16.69 -3.48
CA PRO B 986 12.82 15.79 -2.41
C PRO B 986 11.35 15.95 -2.09
N PRO B 987 10.84 17.16 -1.83
CA PRO B 987 9.53 17.25 -1.14
C PRO B 987 8.43 16.42 -1.79
N GLU B 988 8.41 16.34 -3.12
CA GLU B 988 7.46 15.45 -3.78
C GLU B 988 8.14 14.17 -4.24
N ALA B 989 9.48 14.13 -4.24
CA ALA B 989 10.18 12.90 -4.60
C ALA B 989 9.84 11.77 -3.64
N GLU B 990 9.58 12.09 -2.37
CA GLU B 990 9.29 11.03 -1.41
C GLU B 990 8.06 10.24 -1.79
N VAL B 991 7.00 10.91 -2.21
CA VAL B 991 5.78 10.20 -2.59
C VAL B 991 6.06 9.29 -3.77
N GLN B 992 7.04 9.65 -4.59
CA GLN B 992 7.42 8.79 -5.70
C GLN B 992 8.24 7.59 -5.24
N ILE B 993 9.24 7.82 -4.38
CA ILE B 993 10.07 6.71 -3.93
C ILE B 993 9.26 5.76 -3.05
N ASP B 994 8.43 6.31 -2.16
CA ASP B 994 7.74 5.45 -1.20
C ASP B 994 6.91 4.38 -1.90
N ARG B 995 6.53 4.62 -3.15
CA ARG B 995 5.91 3.54 -3.91
C ARG B 995 6.97 2.56 -4.43
N LEU B 996 8.14 3.06 -4.83
CA LEU B 996 9.19 2.14 -5.23
C LEU B 996 9.64 1.27 -4.07
N ILE B 997 9.83 1.86 -2.90
CA ILE B 997 10.26 1.06 -1.76
C ILE B 997 9.21 0.02 -1.42
N THR B 998 7.95 0.42 -1.27
CA THR B 998 6.93 -0.53 -0.87
C THR B 998 6.84 -1.66 -1.87
N GLY B 999 6.90 -1.34 -3.17
CA GLY B 999 6.87 -2.39 -4.17
C GLY B 999 8.10 -3.28 -4.11
N ARG B 1000 9.29 -2.69 -4.13
CA ARG B 1000 10.50 -3.49 -4.13
C ARG B 1000 10.59 -4.33 -2.86
N LEU B 1001 10.34 -3.71 -1.71
CA LEU B 1001 10.41 -4.43 -0.45
C LEU B 1001 9.44 -5.60 -0.44
N GLN B 1002 8.27 -5.42 -1.07
CA GLN B 1002 7.34 -6.53 -1.17
C GLN B 1002 7.90 -7.65 -2.02
N SER B 1003 8.57 -7.30 -3.13
CA SER B 1003 9.14 -8.34 -3.98
C SER B 1003 10.20 -9.13 -3.23
N LEU B 1004 11.11 -8.44 -2.54
CA LEU B 1004 12.17 -9.14 -1.84
C LEU B 1004 11.61 -10.04 -0.77
N GLN B 1005 10.57 -9.58 -0.07
CA GLN B 1005 9.99 -10.37 0.99
C GLN B 1005 9.38 -11.65 0.47
N THR B 1006 8.71 -11.58 -0.69
CA THR B 1006 8.18 -12.80 -1.29
C THR B 1006 9.29 -13.77 -1.63
N TYR B 1007 10.40 -13.27 -2.18
CA TYR B 1007 11.50 -14.15 -2.52
C TYR B 1007 12.02 -14.89 -1.29
N VAL B 1008 12.17 -14.18 -0.18
CA VAL B 1008 12.68 -14.84 1.02
C VAL B 1008 11.71 -15.92 1.49
N THR B 1009 10.42 -15.62 1.55
CA THR B 1009 9.48 -16.64 1.97
C THR B 1009 9.47 -17.82 1.02
N GLN B 1010 9.72 -17.57 -0.26
CA GLN B 1010 9.90 -18.70 -1.17
C GLN B 1010 11.13 -19.51 -0.78
N GLN B 1011 12.24 -18.85 -0.47
CA GLN B 1011 13.45 -19.59 -0.14
C GLN B 1011 13.28 -20.37 1.16
N LEU B 1012 12.66 -19.77 2.17
CA LEU B 1012 12.50 -20.47 3.43
C LEU B 1012 11.72 -21.75 3.24
N ILE B 1013 10.61 -21.69 2.50
CA ILE B 1013 9.84 -22.90 2.28
C ILE B 1013 10.65 -23.91 1.48
N ARG B 1014 11.35 -23.45 0.44
CA ARG B 1014 12.16 -24.36 -0.34
C ARG B 1014 13.31 -24.90 0.48
N ALA B 1015 13.79 -24.12 1.46
CA ALA B 1015 14.85 -24.63 2.32
C ALA B 1015 14.39 -25.83 3.12
N ALA B 1016 13.17 -25.77 3.65
CA ALA B 1016 12.68 -26.89 4.44
C ALA B 1016 12.57 -28.15 3.59
N GLU B 1017 12.07 -28.02 2.37
CA GLU B 1017 11.98 -29.19 1.51
C GLU B 1017 13.33 -29.83 1.29
N ILE B 1018 14.35 -29.01 1.02
CA ILE B 1018 15.69 -29.55 0.82
C ILE B 1018 16.19 -30.22 2.09
N ARG B 1019 16.01 -29.57 3.24
CA ARG B 1019 16.47 -30.18 4.47
C ARG B 1019 15.82 -31.53 4.69
N ALA B 1020 14.53 -31.64 4.40
CA ALA B 1020 13.89 -32.94 4.52
C ALA B 1020 14.54 -33.96 3.60
N SER B 1021 14.91 -33.55 2.39
CA SER B 1021 15.63 -34.44 1.51
C SER B 1021 17.02 -34.75 2.04
N ALA B 1022 17.69 -33.75 2.61
CA ALA B 1022 19.03 -34.00 3.13
C ALA B 1022 19.01 -35.02 4.26
N ASN B 1023 18.08 -34.87 5.21
CA ASN B 1023 17.99 -35.86 6.28
C ASN B 1023 17.66 -37.23 5.73
N LEU B 1024 16.74 -37.30 4.76
CA LEU B 1024 16.46 -38.57 4.14
C LEU B 1024 17.71 -39.12 3.44
N ALA B 1025 18.53 -38.23 2.88
CA ALA B 1025 19.80 -38.69 2.35
C ALA B 1025 20.72 -39.14 3.48
N ALA B 1026 20.81 -38.36 4.54
CA ALA B 1026 21.68 -38.73 5.65
C ALA B 1026 21.26 -40.05 6.25
N THR B 1027 19.95 -40.26 6.40
CA THR B 1027 19.48 -41.55 6.87
C THR B 1027 19.87 -42.66 5.92
N LYS B 1028 19.76 -42.41 4.62
CA LYS B 1028 20.15 -43.45 3.66
C LYS B 1028 21.64 -43.74 3.75
N MET B 1029 22.47 -42.70 3.82
CA MET B 1029 23.90 -42.95 3.90
C MET B 1029 24.25 -43.82 5.09
N SER B 1030 23.64 -43.54 6.25
CA SER B 1030 23.95 -44.32 7.43
C SER B 1030 23.37 -45.72 7.33
N GLU B 1031 22.09 -45.83 7.00
CA GLU B 1031 21.41 -47.11 7.08
C GLU B 1031 21.47 -47.93 5.82
N CYS B 1032 22.08 -47.42 4.75
CA CYS B 1032 22.13 -48.18 3.51
C CYS B 1032 23.56 -48.45 3.07
N VAL B 1033 24.45 -47.45 3.14
CA VAL B 1033 25.85 -47.71 2.82
C VAL B 1033 26.55 -48.37 3.98
N LEU B 1034 26.59 -47.70 5.14
CA LEU B 1034 27.38 -48.18 6.26
C LEU B 1034 26.95 -49.56 6.70
N GLY B 1035 25.67 -49.90 6.54
CA GLY B 1035 25.19 -51.21 6.93
C GLY B 1035 24.17 -51.72 5.95
N GLN B 1036 23.99 -53.03 5.98
CA GLN B 1036 22.90 -53.65 5.24
C GLN B 1036 21.58 -53.30 5.92
N SER B 1037 20.55 -53.07 5.11
CA SER B 1037 19.24 -52.69 5.64
C SER B 1037 18.20 -53.72 5.26
N LYS B 1038 17.38 -54.10 6.23
CA LYS B 1038 16.30 -55.04 6.00
C LYS B 1038 14.97 -54.34 5.71
N ARG B 1039 14.96 -53.02 5.62
CA ARG B 1039 13.74 -52.34 5.21
C ARG B 1039 13.52 -52.55 3.72
N VAL B 1040 12.28 -52.85 3.35
CA VAL B 1040 11.96 -53.21 1.98
C VAL B 1040 11.78 -51.94 1.16
N ASP B 1041 12.46 -51.87 0.03
CA ASP B 1041 12.43 -50.77 -0.93
C ASP B 1041 12.94 -49.46 -0.35
N PHE B 1042 13.42 -49.44 0.89
CA PHE B 1042 14.12 -48.25 1.35
C PHE B 1042 15.45 -48.10 0.63
N CYS B 1043 15.94 -49.18 0.02
CA CYS B 1043 17.22 -49.14 -0.66
C CYS B 1043 17.16 -49.77 -2.03
N GLY B 1044 16.21 -49.34 -2.86
CA GLY B 1044 16.09 -49.87 -4.20
C GLY B 1044 15.41 -51.21 -4.24
N LYS B 1045 14.77 -51.50 -5.37
CA LYS B 1045 13.92 -52.66 -5.48
C LYS B 1045 14.73 -53.95 -5.35
N GLY B 1046 14.17 -54.91 -4.64
CA GLY B 1046 14.82 -56.17 -4.38
C GLY B 1046 15.43 -56.21 -3.00
N TYR B 1047 15.85 -57.41 -2.61
CA TYR B 1047 16.61 -57.54 -1.38
C TYR B 1047 17.93 -56.79 -1.51
N HIS B 1048 18.35 -56.14 -0.44
CA HIS B 1048 19.48 -55.22 -0.49
C HIS B 1048 20.77 -55.86 0.01
N LEU B 1049 21.85 -55.68 -0.74
CA LEU B 1049 23.16 -56.18 -0.34
C LEU B 1049 24.09 -55.08 0.13
N MET B 1050 24.34 -54.07 -0.70
CA MET B 1050 25.26 -53.01 -0.34
C MET B 1050 24.94 -51.81 -1.21
N SER B 1051 25.45 -50.66 -0.80
CA SER B 1051 25.24 -49.44 -1.55
C SER B 1051 26.52 -48.63 -1.59
N PHE B 1052 26.81 -48.03 -2.73
CA PHE B 1052 27.97 -47.20 -2.91
C PHE B 1052 27.53 -45.76 -3.14
N PRO B 1053 28.06 -44.82 -2.42
CA PRO B 1053 27.68 -43.43 -2.65
C PRO B 1053 28.57 -42.77 -3.69
N GLN B 1054 28.00 -41.91 -4.53
CA GLN B 1054 28.78 -41.10 -5.44
C GLN B 1054 28.33 -39.66 -5.33
N SER B 1055 29.29 -38.74 -5.25
CA SER B 1055 28.96 -37.34 -5.12
C SER B 1055 28.46 -36.77 -6.43
N ALA B 1056 27.62 -35.76 -6.34
CA ALA B 1056 27.04 -35.10 -7.50
C ALA B 1056 26.92 -33.62 -7.19
N PRO B 1057 26.82 -32.78 -8.21
CA PRO B 1057 26.72 -31.34 -7.96
C PRO B 1057 25.51 -31.02 -7.09
N HIS B 1058 25.77 -30.53 -5.88
CA HIS B 1058 24.73 -30.23 -4.91
C HIS B 1058 23.84 -31.43 -4.65
N GLY B 1059 24.40 -32.62 -4.58
CA GLY B 1059 23.57 -33.79 -4.35
C GLY B 1059 24.42 -35.02 -4.21
N VAL B 1060 23.76 -36.11 -3.83
CA VAL B 1060 24.42 -37.40 -3.66
C VAL B 1060 23.68 -38.41 -4.52
N VAL B 1061 24.43 -39.27 -5.19
CA VAL B 1061 23.89 -40.33 -6.02
C VAL B 1061 24.33 -41.66 -5.43
N PHE B 1062 23.38 -42.53 -5.14
CA PHE B 1062 23.66 -43.83 -4.57
C PHE B 1062 23.63 -44.87 -5.67
N LEU B 1063 24.53 -45.85 -5.58
CA LEU B 1063 24.39 -47.06 -6.36
C LEU B 1063 23.92 -48.16 -5.42
N HIS B 1064 22.70 -48.64 -5.63
CA HIS B 1064 22.12 -49.67 -4.78
C HIS B 1064 22.37 -51.02 -5.43
N VAL B 1065 23.12 -51.88 -4.76
CA VAL B 1065 23.34 -53.23 -5.24
C VAL B 1065 22.34 -54.14 -4.56
N THR B 1066 21.52 -54.82 -5.36
CA THR B 1066 20.40 -55.58 -4.84
C THR B 1066 20.41 -56.97 -5.43
N TYR B 1067 19.81 -57.90 -4.69
CA TYR B 1067 19.71 -59.30 -5.10
C TYR B 1067 18.28 -59.55 -5.52
N VAL B 1068 18.07 -59.99 -6.74
CA VAL B 1068 16.74 -60.16 -7.31
C VAL B 1068 16.57 -61.61 -7.76
N PRO B 1069 15.62 -62.35 -7.21
CA PRO B 1069 15.39 -63.72 -7.66
C PRO B 1069 14.97 -63.75 -9.12
N ALA B 1070 15.42 -64.76 -9.85
CA ALA B 1070 15.46 -64.67 -11.31
C ALA B 1070 14.49 -65.61 -12.00
N GLN B 1071 14.61 -66.92 -11.83
CA GLN B 1071 13.82 -67.88 -12.59
C GLN B 1071 13.08 -68.79 -11.64
N GLU B 1072 11.79 -68.53 -11.46
CA GLU B 1072 11.01 -69.34 -10.54
C GLU B 1072 10.57 -70.63 -11.21
N LYS B 1073 10.18 -71.59 -10.38
CA LYS B 1073 9.77 -72.91 -10.82
C LYS B 1073 8.67 -73.41 -9.90
N ASN B 1074 7.74 -74.17 -10.46
CA ASN B 1074 6.60 -74.67 -9.70
C ASN B 1074 7.01 -75.90 -8.91
N PHE B 1075 6.62 -75.95 -7.64
CA PHE B 1075 6.79 -77.13 -6.80
C PHE B 1075 5.55 -77.33 -5.96
N THR B 1076 5.13 -78.57 -5.80
CA THR B 1076 4.11 -78.86 -4.81
C THR B 1076 4.73 -78.88 -3.42
N THR B 1077 3.92 -78.57 -2.41
CA THR B 1077 4.45 -78.38 -1.07
C THR B 1077 3.42 -78.83 -0.04
N ALA B 1078 3.87 -78.92 1.21
CA ALA B 1078 3.00 -79.31 2.30
C ALA B 1078 3.58 -78.78 3.60
N PRO B 1079 2.72 -78.42 4.56
CA PRO B 1079 3.23 -77.78 5.78
C PRO B 1079 4.17 -78.65 6.57
N ALA B 1080 3.90 -79.94 6.70
CA ALA B 1080 4.67 -80.76 7.61
C ALA B 1080 4.71 -82.20 7.11
N ILE B 1081 5.55 -83.00 7.75
CA ILE B 1081 5.77 -84.39 7.36
C ILE B 1081 5.47 -85.29 8.55
N CYS B 1082 4.65 -86.31 8.33
CA CYS B 1082 4.52 -87.39 9.30
C CYS B 1082 5.55 -88.47 9.02
N HIS B 1083 6.21 -88.92 10.09
CA HIS B 1083 7.08 -90.08 9.92
C HIS B 1083 6.65 -91.26 10.77
N ASP B 1084 6.50 -91.04 12.07
CA ASP B 1084 6.02 -92.07 12.98
C ASP B 1084 4.82 -91.59 13.79
N GLY B 1085 3.92 -90.84 13.16
CA GLY B 1085 2.86 -90.19 13.87
C GLY B 1085 3.27 -88.86 14.46
N LYS B 1086 4.56 -88.59 14.54
CA LYS B 1086 5.06 -87.31 15.00
C LYS B 1086 5.29 -86.40 13.81
N ALA B 1087 4.81 -85.17 13.92
CA ALA B 1087 4.85 -84.21 12.82
C ALA B 1087 6.21 -83.51 12.82
N HIS B 1088 6.79 -83.37 11.64
CA HIS B 1088 8.07 -82.70 11.48
C HIS B 1088 7.91 -81.43 10.69
N PHE B 1089 8.50 -80.36 11.17
CA PHE B 1089 8.51 -79.06 10.51
C PHE B 1089 9.93 -78.71 10.11
N PRO B 1090 10.11 -77.89 9.07
CA PRO B 1090 11.47 -77.53 8.66
C PRO B 1090 12.09 -76.55 9.64
N ARG B 1091 13.35 -76.80 10.01
CA ARG B 1091 14.07 -75.80 10.79
C ARG B 1091 14.19 -74.51 10.00
N GLU B 1092 14.70 -74.61 8.78
CA GLU B 1092 14.79 -73.50 7.85
C GLU B 1092 14.31 -73.99 6.50
N GLY B 1093 13.80 -73.08 5.70
CA GLY B 1093 13.36 -73.47 4.39
C GLY B 1093 12.01 -74.17 4.39
N VAL B 1094 11.71 -74.79 3.26
CA VAL B 1094 10.36 -75.23 2.96
C VAL B 1094 10.38 -76.68 2.52
N PHE B 1095 9.27 -77.37 2.74
CA PHE B 1095 9.10 -78.71 2.22
C PHE B 1095 8.59 -78.63 0.79
N VAL B 1096 9.38 -79.08 -0.16
CA VAL B 1096 8.99 -79.07 -1.56
C VAL B 1096 9.19 -80.47 -2.12
N SER B 1097 8.36 -80.84 -3.09
CA SER B 1097 8.44 -82.14 -3.74
C SER B 1097 8.41 -81.97 -5.24
N ASN B 1098 9.33 -82.64 -5.95
CA ASN B 1098 9.28 -82.59 -7.40
C ASN B 1098 8.24 -83.53 -7.98
N GLY B 1099 7.31 -84.04 -7.16
CA GLY B 1099 6.29 -84.95 -7.61
C GLY B 1099 6.48 -86.36 -7.13
N THR B 1100 7.71 -86.80 -6.91
CA THR B 1100 7.97 -88.16 -6.47
C THR B 1100 8.74 -88.24 -5.16
N HIS B 1101 9.49 -87.20 -4.81
CA HIS B 1101 10.31 -87.24 -3.62
C HIS B 1101 10.10 -85.94 -2.86
N TRP B 1102 10.43 -85.95 -1.58
CA TRP B 1102 10.18 -84.80 -0.72
C TRP B 1102 11.52 -84.28 -0.21
N PHE B 1103 11.75 -82.99 -0.40
CA PHE B 1103 13.00 -82.37 -0.01
C PHE B 1103 12.71 -81.14 0.82
N VAL B 1104 13.74 -80.64 1.50
CA VAL B 1104 13.69 -79.37 2.19
C VAL B 1104 14.72 -78.45 1.55
N THR B 1105 14.29 -77.23 1.24
CA THR B 1105 15.13 -76.29 0.51
C THR B 1105 15.01 -74.90 1.11
N GLN B 1106 16.07 -74.13 0.98
CA GLN B 1106 16.10 -72.79 1.54
C GLN B 1106 15.16 -71.90 0.73
N ARG B 1107 14.60 -70.90 1.42
CA ARG B 1107 13.41 -70.23 0.92
C ARG B 1107 13.65 -69.53 -0.39
N ASN B 1108 14.82 -68.93 -0.56
CA ASN B 1108 15.07 -68.06 -1.70
C ASN B 1108 15.95 -68.67 -2.77
N PHE B 1109 16.34 -69.93 -2.65
CA PHE B 1109 17.11 -70.53 -3.72
C PHE B 1109 16.81 -72.02 -3.73
N TYR B 1110 16.55 -72.56 -4.90
CA TYR B 1110 16.16 -73.96 -4.98
C TYR B 1110 17.42 -74.81 -4.90
N GLU B 1111 17.74 -75.24 -3.69
CA GLU B 1111 18.91 -76.09 -3.43
C GLU B 1111 18.40 -77.25 -2.59
N PRO B 1112 17.68 -78.18 -3.19
CA PRO B 1112 17.00 -79.21 -2.40
C PRO B 1112 18.00 -80.13 -1.73
N GLN B 1113 17.66 -80.55 -0.52
CA GLN B 1113 18.43 -81.53 0.21
C GLN B 1113 17.49 -82.57 0.80
N ILE B 1114 18.00 -83.78 0.99
CA ILE B 1114 17.17 -84.85 1.50
C ILE B 1114 16.79 -84.55 2.94
N ILE B 1115 15.59 -84.98 3.33
CA ILE B 1115 15.05 -84.59 4.62
C ILE B 1115 15.66 -85.42 5.72
N THR B 1116 16.28 -84.76 6.69
CA THR B 1116 16.87 -85.44 7.83
C THR B 1116 16.44 -84.74 9.11
N THR B 1117 16.57 -85.45 10.22
CA THR B 1117 16.21 -84.86 11.50
C THR B 1117 17.09 -83.67 11.87
N ASP B 1118 18.22 -83.50 11.19
CA ASP B 1118 19.01 -82.29 11.40
C ASP B 1118 18.36 -81.09 10.76
N ASN B 1119 17.49 -81.30 9.78
CA ASN B 1119 16.78 -80.20 9.12
C ASN B 1119 15.42 -79.94 9.72
N THR B 1120 14.90 -80.83 10.56
CA THR B 1120 13.53 -80.74 11.03
C THR B 1120 13.49 -80.87 12.54
N PHE B 1121 12.56 -80.15 13.16
CA PHE B 1121 12.31 -80.27 14.58
C PHE B 1121 10.89 -80.79 14.79
N VAL B 1122 10.74 -81.77 15.66
CA VAL B 1122 9.48 -82.48 15.80
C VAL B 1122 8.56 -81.74 16.74
N SER B 1123 7.26 -81.85 16.52
CA SER B 1123 6.28 -81.30 17.44
C SER B 1123 4.92 -81.96 17.22
N GLY B 1124 4.25 -82.31 18.32
CA GLY B 1124 2.89 -82.78 18.27
C GLY B 1124 2.72 -84.10 17.55
N ASN B 1125 1.52 -84.32 17.03
CA ASN B 1125 1.18 -85.51 16.27
C ASN B 1125 0.42 -85.12 15.02
N CYS B 1126 0.18 -86.12 14.15
CA CYS B 1126 -0.22 -85.83 12.78
C CYS B 1126 -1.54 -85.07 12.70
N ASP B 1127 -2.56 -85.55 13.38
CA ASP B 1127 -3.93 -85.13 13.09
C ASP B 1127 -4.16 -83.63 13.10
N VAL B 1128 -3.50 -82.89 13.98
CA VAL B 1128 -3.82 -81.47 14.14
C VAL B 1128 -3.42 -80.67 12.90
N VAL B 1129 -2.21 -80.89 12.40
CA VAL B 1129 -1.66 -80.02 11.36
C VAL B 1129 -2.36 -80.32 10.05
N ILE B 1130 -3.12 -79.35 9.55
CA ILE B 1130 -3.88 -79.58 8.33
C ILE B 1130 -2.93 -79.62 7.15
N GLY B 1131 -3.23 -80.48 6.18
CA GLY B 1131 -2.43 -80.58 4.98
C GLY B 1131 -1.17 -81.38 5.13
N ILE B 1132 -0.90 -81.95 6.30
CA ILE B 1132 0.31 -82.74 6.48
C ILE B 1132 0.27 -83.96 5.59
N VAL B 1133 1.44 -84.38 5.10
CA VAL B 1133 1.53 -85.47 4.13
C VAL B 1133 2.47 -86.54 4.67
N ASN B 1134 2.14 -87.79 4.40
CA ASN B 1134 3.00 -88.89 4.80
C ASN B 1134 4.30 -88.88 4.00
N ASN B 1135 5.39 -89.21 4.67
CA ASN B 1135 6.67 -89.42 4.01
C ASN B 1135 7.61 -90.10 4.99
N THR B 1136 8.85 -90.27 4.56
CA THR B 1136 9.89 -90.83 5.40
C THR B 1136 10.82 -89.71 5.84
N VAL B 1137 11.11 -89.65 7.11
CA VAL B 1137 12.15 -88.78 7.62
C VAL B 1137 13.37 -89.63 7.92
N TYR B 1138 14.53 -89.19 7.45
CA TYR B 1138 15.76 -89.96 7.57
C TYR B 1138 16.46 -89.56 8.85
N ASP B 1139 17.05 -90.55 9.52
CA ASP B 1139 17.81 -90.31 10.75
C ASP B 1139 19.25 -90.74 10.55
N PRO B 1140 20.21 -89.81 10.51
CA PRO B 1140 21.61 -90.20 10.29
C PRO B 1140 22.19 -91.09 11.36
N LEU B 1141 21.69 -91.03 12.58
CA LEU B 1141 22.25 -91.84 13.66
C LEU B 1141 21.94 -93.32 13.46
N GLN B 1142 20.78 -93.65 12.90
CA GLN B 1142 20.30 -95.02 12.79
C GLN B 1142 21.26 -95.94 12.03
N PRO B 1143 21.73 -95.57 10.83
CA PRO B 1143 22.66 -96.48 10.13
C PRO B 1143 23.97 -96.67 10.86
N GLU B 1144 24.37 -95.71 11.69
CA GLU B 1144 25.60 -95.89 12.46
C GLU B 1144 25.42 -96.87 13.60
N LEU B 1145 24.30 -96.81 14.30
CA LEU B 1145 23.99 -97.86 15.27
C LEU B 1145 23.69 -99.18 14.60
N ASP B 1146 23.05 -99.14 13.44
CA ASP B 1146 22.71 -100.36 12.73
C ASP B 1146 23.96 -101.12 12.30
N SER B 1147 25.06 -100.41 12.07
CA SER B 1147 26.30 -101.05 11.67
C SER B 1147 27.14 -101.39 12.90
N ALA C 27 50.32 19.99 22.16
CA ALA C 27 50.45 18.67 22.76
C ALA C 27 49.11 17.94 22.74
N TYR C 28 49.15 16.64 22.46
CA TYR C 28 47.95 15.84 22.36
C TYR C 28 47.99 14.72 23.39
N THR C 29 46.82 14.17 23.69
CA THR C 29 46.70 13.02 24.58
C THR C 29 45.58 12.12 24.07
N ASN C 30 45.24 11.11 24.86
CA ASN C 30 44.29 10.10 24.44
C ASN C 30 42.99 10.25 25.21
N SER C 31 41.89 10.42 24.48
CA SER C 31 40.56 10.48 25.06
C SER C 31 39.99 9.10 25.32
N PHE C 32 40.65 8.29 26.15
CA PHE C 32 40.47 6.85 26.18
C PHE C 32 39.02 6.40 26.03
N THR C 33 38.17 6.80 26.96
CA THR C 33 36.78 6.39 26.94
C THR C 33 35.85 7.51 27.34
N ARG C 34 36.37 8.55 27.98
CA ARG C 34 35.54 9.58 28.56
C ARG C 34 34.73 10.28 27.48
N GLY C 35 33.53 10.72 27.84
CA GLY C 35 32.78 11.56 26.94
C GLY C 35 31.32 11.22 26.72
N VAL C 36 30.83 10.16 27.35
CA VAL C 36 29.46 9.74 27.12
C VAL C 36 28.51 10.44 28.08
N TYR C 37 27.41 10.95 27.55
CA TYR C 37 26.43 11.69 28.30
C TYR C 37 25.04 11.16 27.97
N TYR C 38 24.14 11.16 28.96
CA TYR C 38 22.79 10.68 28.74
C TYR C 38 22.14 11.45 27.60
N PRO C 39 21.94 10.81 26.44
CA PRO C 39 21.42 11.56 25.29
C PRO C 39 20.04 12.15 25.52
N ASP C 40 19.22 11.51 26.35
CA ASP C 40 17.86 12.00 26.52
C ASP C 40 17.32 11.72 27.92
N LYS C 41 15.99 11.76 28.05
CA LYS C 41 15.32 11.58 29.34
C LYS C 41 14.60 10.24 29.33
N VAL C 42 15.20 9.24 29.94
CA VAL C 42 14.60 7.92 30.09
C VAL C 42 15.08 7.33 31.40
N PHE C 43 14.53 6.20 31.77
CA PHE C 43 15.04 5.47 32.92
C PHE C 43 15.28 4.02 32.55
N ARG C 44 15.91 3.80 31.41
CA ARG C 44 16.16 2.44 30.98
C ARG C 44 17.01 1.72 32.02
N SER C 45 16.59 0.51 32.38
CA SER C 45 17.26 -0.26 33.42
C SER C 45 17.81 -1.55 32.83
N SER C 46 19.13 -1.71 32.91
CA SER C 46 19.80 -2.91 32.43
C SER C 46 19.43 -3.23 30.99
N VAL C 47 19.30 -2.18 30.18
CA VAL C 47 18.95 -2.30 28.78
C VAL C 47 20.11 -1.80 27.95
N LEU C 48 20.60 -2.63 27.04
CA LEU C 48 21.61 -2.20 26.11
C LEU C 48 20.93 -1.39 25.03
N HIS C 49 21.10 -0.08 25.07
CA HIS C 49 20.37 0.84 24.22
C HIS C 49 21.32 1.47 23.21
N SER C 50 20.96 1.38 21.94
CA SER C 50 21.76 1.97 20.88
C SER C 50 21.15 3.30 20.48
N THR C 51 21.97 4.34 20.44
CA THR C 51 21.52 5.67 20.06
C THR C 51 22.52 6.30 19.11
N GLN C 52 22.02 7.13 18.20
CA GLN C 52 22.84 7.85 17.26
C GLN C 52 22.79 9.32 17.63
N ASP C 53 23.94 9.91 17.94
CA ASP C 53 24.00 11.31 18.31
C ASP C 53 25.45 11.76 18.30
N LEU C 54 25.68 12.99 18.74
CA LEU C 54 27.01 13.61 18.72
C LEU C 54 27.77 13.14 19.96
N PHE C 55 28.87 12.43 19.73
CA PHE C 55 29.70 11.95 20.82
C PHE C 55 31.18 12.14 20.49
N LEU C 56 31.99 12.18 21.52
CA LEU C 56 33.43 12.21 21.31
C LEU C 56 33.89 10.81 20.97
N PRO C 57 34.45 10.57 19.79
CA PRO C 57 34.88 9.21 19.45
C PRO C 57 35.93 8.72 20.44
N PHE C 58 35.85 7.43 20.75
CA PHE C 58 36.80 6.88 21.70
C PHE C 58 38.21 6.95 21.15
N PHE C 59 39.17 7.04 22.07
CA PHE C 59 40.58 7.01 21.71
C PHE C 59 40.95 8.11 20.73
N SER C 60 40.26 9.23 20.80
CA SER C 60 40.55 10.33 19.90
C SER C 60 41.66 11.22 20.46
N ASN C 61 42.01 12.23 19.68
CA ASN C 61 43.03 13.19 20.07
C ASN C 61 42.35 14.47 20.57
N VAL C 62 42.65 14.84 21.81
CA VAL C 62 42.13 16.07 22.40
C VAL C 62 43.29 16.99 22.70
N THR C 63 43.19 18.23 22.24
CA THR C 63 44.27 19.19 22.40
C THR C 63 44.44 19.53 23.87
N TRP C 64 45.69 19.61 24.32
CA TRP C 64 46.00 19.78 25.74
C TRP C 64 46.68 21.12 25.98
N PHE C 65 45.96 22.03 26.63
CA PHE C 65 46.46 23.36 26.94
C PHE C 65 46.88 23.44 28.39
N HIS C 66 47.85 24.30 28.68
CA HIS C 66 48.40 24.50 30.01
C HIS C 66 47.91 25.79 30.67
N ALA C 67 47.92 25.80 32.00
CA ALA C 67 47.49 26.98 32.79
C ALA C 67 48.33 27.07 34.07
N ILE C 68 49.65 27.09 33.93
CA ILE C 68 50.58 27.18 35.10
C ILE C 68 51.55 28.34 34.85
N HIS C 69 52.08 28.95 35.92
CA HIS C 69 53.02 30.09 35.80
C HIS C 69 52.42 31.17 34.90
N ARG C 78 55.05 31.78 30.15
CA ARG C 78 54.03 32.85 29.98
C ARG C 78 52.63 32.23 30.01
N PHE C 79 52.31 31.44 28.97
CA PHE C 79 51.03 30.68 28.75
C PHE C 79 49.88 31.58 28.27
N ASP C 80 48.86 30.94 27.69
CA ASP C 80 47.70 31.64 27.15
C ASP C 80 46.55 30.65 26.95
N ASN C 81 45.36 31.21 26.72
CA ASN C 81 44.14 30.48 26.44
C ASN C 81 43.64 30.90 25.07
N PRO C 82 44.20 30.38 23.98
CA PRO C 82 43.84 30.88 22.66
C PRO C 82 42.40 30.58 22.32
N VAL C 83 41.85 31.36 21.40
CA VAL C 83 40.55 31.06 20.84
C VAL C 83 40.59 29.70 20.18
N LEU C 84 39.55 28.90 20.39
CA LEU C 84 39.44 27.63 19.70
C LEU C 84 38.23 27.65 18.79
N PRO C 85 38.33 27.06 17.60
CA PRO C 85 37.15 26.98 16.74
C PRO C 85 36.09 26.11 17.38
N PHE C 86 34.84 26.54 17.26
CA PHE C 86 33.74 25.67 17.64
C PHE C 86 33.41 24.73 16.48
N ASN C 87 32.43 23.87 16.67
CA ASN C 87 32.18 22.66 15.88
C ASN C 87 30.78 22.19 16.26
N ASP C 88 30.33 21.08 15.68
CA ASP C 88 29.01 20.56 16.00
C ASP C 88 28.85 20.38 17.51
N GLY C 89 29.95 20.13 18.22
CA GLY C 89 29.94 20.14 19.67
C GLY C 89 31.37 20.15 20.17
N VAL C 90 31.52 20.42 21.46
CA VAL C 90 32.84 20.51 22.07
C VAL C 90 32.89 19.78 23.39
N TYR C 91 33.88 18.91 23.54
CA TYR C 91 34.19 18.26 24.80
C TYR C 91 35.20 19.11 25.53
N PHE C 92 34.79 19.69 26.64
CA PHE C 92 35.67 20.55 27.44
C PHE C 92 35.83 19.89 28.80
N ALA C 93 37.02 19.35 29.04
CA ALA C 93 37.37 18.77 30.33
C ALA C 93 38.52 19.55 30.93
N SER C 94 38.39 19.91 32.19
CA SER C 94 39.39 20.71 32.88
C SER C 94 39.84 19.99 34.14
N THR C 95 41.15 19.90 34.33
CA THR C 95 41.71 19.38 35.56
C THR C 95 42.11 20.54 36.45
N GLU C 96 41.58 20.57 37.66
CA GLU C 96 41.67 21.75 38.51
C GLU C 96 42.01 21.39 39.94
N LYS C 97 42.78 22.27 40.57
CA LYS C 97 43.11 22.21 41.99
C LYS C 97 42.71 23.44 42.78
N SER C 98 42.40 24.56 42.12
CA SER C 98 42.18 25.82 42.82
C SER C 98 41.15 26.71 42.12
N ASN C 99 40.26 26.13 41.33
CA ASN C 99 39.19 26.88 40.67
C ASN C 99 39.72 27.94 39.72
N ILE C 100 40.78 27.64 38.97
CA ILE C 100 41.29 28.62 38.02
C ILE C 100 40.35 28.79 36.84
N ILE C 101 39.87 27.69 36.25
CA ILE C 101 38.97 27.78 35.12
C ILE C 101 37.61 28.26 35.59
N ARG C 102 37.13 29.36 35.01
CA ARG C 102 35.91 29.97 35.53
C ARG C 102 34.96 30.48 34.45
N GLY C 103 35.24 30.26 33.18
CA GLY C 103 34.38 30.90 32.19
C GLY C 103 34.43 30.24 30.84
N TRP C 104 33.49 30.67 30.00
CA TRP C 104 33.39 30.21 28.63
C TRP C 104 32.81 31.33 27.79
N ILE C 105 33.13 31.29 26.50
CA ILE C 105 32.74 32.32 25.55
C ILE C 105 32.22 31.63 24.30
N PHE C 106 31.17 32.19 23.73
CA PHE C 106 30.51 31.58 22.57
C PHE C 106 29.96 32.69 21.69
N GLY C 107 30.75 33.10 20.70
CA GLY C 107 30.30 34.09 19.76
C GLY C 107 30.91 33.85 18.38
N THR C 108 30.25 34.42 17.37
CA THR C 108 30.79 34.36 16.02
C THR C 108 31.97 35.32 15.88
N THR C 109 31.85 36.52 16.43
CA THR C 109 32.83 37.58 16.30
C THR C 109 33.61 37.84 17.58
N LEU C 110 32.96 37.72 18.74
CA LEU C 110 33.56 38.05 20.04
C LEU C 110 33.94 39.52 20.14
N ASP C 111 33.36 40.37 19.27
CA ASP C 111 33.82 41.75 19.20
C ASP C 111 32.69 42.77 19.16
N SER C 112 31.55 42.49 19.80
CA SER C 112 30.40 43.36 19.96
C SER C 112 29.60 43.49 18.67
N LYS C 113 30.06 42.93 17.56
CA LYS C 113 29.30 43.04 16.32
C LYS C 113 28.07 42.14 16.35
N THR C 114 28.20 40.94 16.90
CA THR C 114 27.14 39.93 16.83
C THR C 114 26.90 39.35 18.21
N GLN C 115 25.83 38.57 18.31
CA GLN C 115 25.37 38.06 19.59
C GLN C 115 26.34 37.00 20.10
N SER C 116 26.66 37.05 21.39
CA SER C 116 27.70 36.19 21.93
C SER C 116 27.33 35.71 23.33
N LEU C 117 27.29 34.40 23.52
CA LEU C 117 27.03 33.85 24.84
C LEU C 117 28.20 34.06 25.78
N LEU C 118 27.89 34.23 27.05
CA LEU C 118 28.88 34.33 28.11
C LEU C 118 28.45 33.48 29.29
N ILE C 119 29.40 32.72 29.85
CA ILE C 119 29.18 31.97 31.08
C ILE C 119 30.39 32.20 31.98
N VAL C 120 30.16 32.66 33.19
CA VAL C 120 31.20 32.91 34.17
C VAL C 120 30.72 32.43 35.53
N ASN C 121 31.63 31.84 36.31
CA ASN C 121 31.35 31.46 37.68
C ASN C 121 32.34 32.18 38.59
N ASN C 122 31.95 33.35 39.08
CA ASN C 122 32.66 34.01 40.17
C ASN C 122 32.04 33.55 41.49
N ALA C 123 32.59 34.04 42.60
CA ALA C 123 32.77 33.28 43.85
C ALA C 123 31.63 32.29 44.08
N THR C 124 30.37 32.70 44.13
CA THR C 124 29.27 31.76 44.36
C THR C 124 28.20 31.85 43.29
N ASN C 125 28.42 32.64 42.25
CA ASN C 125 27.35 32.96 41.31
C ASN C 125 27.76 32.60 39.89
N VAL C 126 26.80 32.02 39.17
CA VAL C 126 26.95 31.64 37.78
C VAL C 126 26.18 32.63 36.93
N VAL C 127 26.85 33.24 35.96
CA VAL C 127 26.24 34.30 35.17
C VAL C 127 26.07 33.81 33.74
N ILE C 128 24.93 34.14 33.16
CA ILE C 128 24.67 33.84 31.76
C ILE C 128 24.09 35.09 31.10
N LYS C 129 24.71 35.53 30.02
CA LYS C 129 24.25 36.67 29.25
C LYS C 129 24.49 36.38 27.78
N VAL C 130 23.73 37.07 26.93
CA VAL C 130 23.93 36.92 25.48
C VAL C 130 23.99 38.28 24.79
N CYS C 131 24.42 39.33 25.49
CA CYS C 131 24.50 40.62 24.84
C CYS C 131 25.69 40.66 23.88
N GLU C 132 25.77 41.75 23.10
CA GLU C 132 26.88 41.94 22.17
C GLU C 132 28.06 42.59 22.91
N PHE C 133 28.87 41.73 23.51
CA PHE C 133 29.96 42.18 24.35
C PHE C 133 31.17 42.57 23.51
N GLN C 134 31.83 43.64 23.91
CA GLN C 134 33.12 44.02 23.33
C GLN C 134 34.22 43.42 24.21
N PHE C 135 34.75 42.29 23.76
CA PHE C 135 35.65 41.49 24.58
C PHE C 135 37.10 41.91 24.38
N CYS C 136 37.90 41.73 25.44
CA CYS C 136 39.32 42.02 25.37
C CYS C 136 40.00 41.08 24.38
N ASN C 137 41.05 41.59 23.73
CA ASN C 137 41.88 40.73 22.91
C ASN C 137 42.41 39.55 23.71
N ASP C 138 42.81 39.81 24.95
CA ASP C 138 43.11 38.77 25.93
C ASP C 138 42.05 38.84 27.02
N PRO C 139 40.93 38.16 26.87
CA PRO C 139 39.88 38.25 27.89
C PRO C 139 40.17 37.40 29.11
N PHE C 140 40.49 38.03 30.23
CA PHE C 140 40.84 37.31 31.45
C PHE C 140 40.16 37.94 32.64
N LEU C 141 39.82 37.12 33.62
CA LEU C 141 39.23 37.56 34.87
C LEU C 141 40.32 37.54 35.93
N GLY C 142 40.87 38.71 36.25
CA GLY C 142 41.92 38.78 37.25
C GLY C 142 41.39 38.53 38.65
N VAL C 143 42.25 37.93 39.48
CA VAL C 143 41.91 37.61 40.85
C VAL C 143 41.70 38.89 41.66
N ASN C 165 21.59 46.94 22.73
CA ASN C 165 21.05 45.70 22.22
C ASN C 165 21.38 44.51 23.13
N CYS C 166 21.07 44.62 24.43
CA CYS C 166 21.38 43.58 25.39
C CYS C 166 20.11 42.81 25.74
N THR C 167 20.25 41.51 25.99
CA THR C 167 19.11 40.59 26.08
C THR C 167 19.42 39.48 27.08
N PHE C 168 18.74 38.33 26.95
CA PHE C 168 18.54 37.37 28.04
C PHE C 168 19.71 37.23 29.00
N GLU C 169 19.38 37.13 30.28
CA GLU C 169 20.33 36.88 31.34
C GLU C 169 19.75 35.84 32.30
N TYR C 170 20.62 35.00 32.86
CA TYR C 170 20.26 34.05 33.90
C TYR C 170 21.36 34.01 34.96
N VAL C 171 20.97 33.78 36.21
CA VAL C 171 21.93 33.65 37.30
C VAL C 171 21.49 32.47 38.16
N SER C 172 22.44 31.95 38.94
CA SER C 172 22.16 30.88 39.89
C SER C 172 22.67 31.27 41.28
N PHE C 186 45.92 17.97 40.96
CA PHE C 186 44.54 18.06 40.51
C PHE C 186 43.67 17.03 41.21
N LYS C 187 42.71 17.52 41.99
CA LYS C 187 41.79 16.65 42.72
C LYS C 187 40.38 16.65 42.13
N ASN C 188 40.09 17.55 41.20
CA ASN C 188 38.78 17.63 40.58
C ASN C 188 38.93 17.66 39.08
N LEU C 189 38.20 16.78 38.39
CA LEU C 189 38.16 16.76 36.94
C LEU C 189 36.75 17.21 36.56
N ARG C 190 36.60 18.47 36.17
CA ARG C 190 35.31 19.02 35.83
C ARG C 190 35.07 18.88 34.33
N GLU C 191 34.56 17.71 33.95
CA GLU C 191 34.21 17.48 32.55
C GLU C 191 32.94 18.22 32.19
N PHE C 192 32.93 18.81 31.00
CA PHE C 192 31.73 19.46 30.47
C PHE C 192 31.62 19.12 28.99
N VAL C 193 30.38 19.11 28.50
CA VAL C 193 30.13 18.92 27.07
C VAL C 193 29.16 19.99 26.61
N PHE C 194 29.66 20.95 25.84
CA PHE C 194 28.85 22.07 25.37
C PHE C 194 28.43 21.81 23.94
N LYS C 195 27.23 21.29 23.76
CA LYS C 195 26.73 21.02 22.42
C LYS C 195 25.54 21.93 22.16
N ASN C 196 25.51 22.54 20.98
CA ASN C 196 24.43 23.43 20.59
C ASN C 196 23.73 22.86 19.38
N ILE C 197 22.43 22.61 19.51
CA ILE C 197 21.66 21.96 18.46
C ILE C 197 20.30 22.65 18.34
N ASP C 198 19.71 22.57 17.14
CA ASP C 198 18.38 23.08 16.78
C ASP C 198 18.01 24.35 17.55
N GLY C 199 18.92 25.32 17.53
CA GLY C 199 18.69 26.58 18.22
C GLY C 199 18.65 26.47 19.73
N TYR C 200 19.25 25.44 20.30
CA TYR C 200 19.29 25.24 21.75
C TYR C 200 20.71 24.91 22.17
N PHE C 201 21.11 25.44 23.32
CA PHE C 201 22.46 25.28 23.84
C PHE C 201 22.39 24.42 25.09
N LYS C 202 22.85 23.18 24.99
CA LYS C 202 22.79 22.22 26.07
C LYS C 202 24.14 22.13 26.78
N ILE C 203 24.10 21.90 28.08
CA ILE C 203 25.30 21.75 28.89
C ILE C 203 25.18 20.47 29.71
N TYR C 204 26.24 19.69 29.74
CA TYR C 204 26.32 18.52 30.58
C TYR C 204 27.52 18.66 31.50
N SER C 205 27.61 17.80 32.52
CA SER C 205 28.64 17.98 33.51
C SER C 205 28.98 16.68 34.21
N LYS C 206 30.07 16.71 34.97
CA LYS C 206 30.47 15.64 35.87
C LYS C 206 31.65 16.14 36.68
N HIS C 207 31.72 15.71 37.95
CA HIS C 207 32.74 16.21 38.89
C HIS C 207 33.44 15.04 39.57
N THR C 208 33.95 14.11 38.80
CA THR C 208 34.61 12.99 39.45
C THR C 208 35.93 13.44 40.08
N PRO C 209 36.27 12.92 41.26
CA PRO C 209 37.56 13.24 41.88
C PRO C 209 38.65 12.37 41.29
N ILE C 210 39.82 12.95 41.07
CA ILE C 210 40.95 12.26 40.48
C ILE C 210 42.19 12.54 41.31
N ASN C 211 43.15 11.61 41.27
CA ASN C 211 44.44 11.81 41.89
C ASN C 211 45.59 11.67 40.90
N LEU C 212 45.32 11.22 39.68
CA LEU C 212 46.34 11.16 38.63
C LEU C 212 46.46 12.54 38.02
N VAL C 213 47.55 13.23 38.31
CA VAL C 213 47.67 14.64 37.95
C VAL C 213 48.23 14.83 36.53
N ARG C 214 48.73 13.78 35.90
CA ARG C 214 49.42 13.97 34.63
C ARG C 214 48.44 14.26 33.49
N ASP C 215 47.39 13.47 33.37
CA ASP C 215 46.51 13.60 32.21
C ASP C 215 45.15 12.98 32.52
N LEU C 216 44.36 12.77 31.48
CA LEU C 216 43.03 12.20 31.62
C LEU C 216 43.12 10.76 32.10
N PRO C 217 42.40 10.40 33.16
CA PRO C 217 42.44 9.01 33.62
C PRO C 217 41.53 8.13 32.78
N GLN C 218 41.94 6.87 32.63
CA GLN C 218 41.05 5.86 32.10
C GLN C 218 39.90 5.64 33.05
N GLY C 219 38.73 5.34 32.49
CA GLY C 219 37.53 5.22 33.29
C GLY C 219 36.35 5.55 32.42
N PHE C 220 35.17 5.49 33.01
CA PHE C 220 33.96 5.78 32.25
C PHE C 220 32.91 6.39 33.16
N SER C 221 32.82 7.71 33.14
CA SER C 221 31.83 8.46 33.91
C SER C 221 30.79 9.02 32.96
N ALA C 222 29.53 8.70 33.24
CA ALA C 222 28.44 9.29 32.47
C ALA C 222 28.30 10.77 32.81
N LEU C 223 27.72 11.53 31.88
CA LEU C 223 27.53 12.95 32.06
C LEU C 223 26.04 13.28 32.06
N GLU C 224 25.56 13.88 33.15
CA GLU C 224 24.17 14.27 33.28
C GLU C 224 23.92 15.61 32.61
N PRO C 225 22.70 15.86 32.18
CA PRO C 225 22.36 17.19 31.66
C PRO C 225 22.20 18.20 32.78
N LEU C 226 23.15 19.12 32.89
CA LEU C 226 23.10 20.10 33.96
C LEU C 226 22.01 21.14 33.70
N VAL C 227 21.92 21.65 32.48
CA VAL C 227 20.98 22.72 32.18
C VAL C 227 20.75 22.75 30.67
N ASP C 228 19.64 23.36 30.26
CA ASP C 228 19.35 23.67 28.87
C ASP C 228 18.96 25.13 28.81
N LEU C 229 19.50 25.86 27.84
CA LEU C 229 19.21 27.28 27.71
C LEU C 229 19.23 27.68 26.24
N PRO C 230 18.13 28.33 25.76
CA PRO C 230 17.80 28.53 24.32
C PRO C 230 18.24 29.83 23.67
N ILE C 231 19.52 29.95 23.36
CA ILE C 231 19.96 31.18 22.70
C ILE C 231 19.78 31.10 21.19
N GLY C 232 20.25 30.03 20.54
CA GLY C 232 20.10 29.93 19.10
C GLY C 232 20.92 30.92 18.30
N ILE C 233 22.24 30.70 18.24
CA ILE C 233 23.16 31.63 17.62
C ILE C 233 24.10 30.91 16.66
N ASN C 234 24.61 31.68 15.70
CA ASN C 234 25.64 31.25 14.76
C ASN C 234 26.98 31.22 15.51
N ILE C 235 27.07 30.29 16.46
CA ILE C 235 28.28 30.12 17.26
C ILE C 235 29.28 29.30 16.45
N THR C 236 30.45 29.87 16.19
CA THR C 236 31.49 29.20 15.43
C THR C 236 32.86 29.33 16.07
N ARG C 237 33.01 30.14 17.11
CA ARG C 237 34.28 30.23 17.79
C ARG C 237 34.03 30.11 19.28
N PHE C 238 35.13 29.99 20.02
CA PHE C 238 35.14 29.52 21.39
C PHE C 238 36.36 30.03 22.12
N GLN C 239 36.21 30.41 23.37
CA GLN C 239 37.35 30.65 24.26
C GLN C 239 36.98 30.29 25.68
N THR C 240 38.00 30.11 26.49
CA THR C 240 37.85 29.90 27.92
C THR C 240 38.35 31.12 28.68
N LEU C 241 37.95 31.21 29.95
CA LEU C 241 38.33 32.31 30.82
C LEU C 241 39.05 31.74 32.04
N LEU C 242 40.26 32.22 32.30
CA LEU C 242 41.07 31.73 33.40
C LEU C 242 41.26 32.85 34.42
N ALA C 243 41.14 32.49 35.71
CA ALA C 243 41.43 33.44 36.77
C ALA C 243 42.93 33.68 36.86
N LEU C 244 43.32 34.96 36.82
CA LEU C 244 44.72 35.35 36.77
C LEU C 244 45.11 36.08 38.05
N HIS C 245 46.23 35.67 38.63
CA HIS C 245 46.71 36.27 39.87
C HIS C 245 47.61 37.47 39.59
N ALA C 263 46.81 24.31 35.86
CA ALA C 263 45.38 24.05 35.69
C ALA C 263 45.06 23.76 34.24
N ALA C 264 45.61 22.66 33.73
CA ALA C 264 45.44 22.31 32.33
C ALA C 264 44.00 21.93 32.02
N TYR C 265 43.57 22.24 30.80
CA TYR C 265 42.25 21.82 30.34
C TYR C 265 42.38 21.23 28.94
N TYR C 266 41.47 20.33 28.62
CA TYR C 266 41.49 19.56 27.38
C TYR C 266 40.30 19.96 26.53
N VAL C 267 40.47 19.87 25.21
CA VAL C 267 39.39 20.19 24.27
C VAL C 267 39.32 19.11 23.21
N GLY C 268 38.14 18.57 22.98
CA GLY C 268 37.90 17.67 21.88
C GLY C 268 36.59 17.99 21.21
N TYR C 269 36.47 17.55 19.96
CA TYR C 269 35.35 17.96 19.11
C TYR C 269 34.47 16.75 18.82
N LEU C 270 33.18 16.89 19.06
CA LEU C 270 32.26 15.77 18.88
C LEU C 270 31.98 15.52 17.41
N GLN C 271 31.61 14.29 17.10
CA GLN C 271 31.26 13.83 15.77
C GLN C 271 29.98 13.01 15.86
N PRO C 272 29.27 12.87 14.75
CA PRO C 272 28.00 12.12 14.79
C PRO C 272 28.18 10.61 14.64
N ARG C 273 28.72 9.99 15.69
CA ARG C 273 28.84 8.53 15.67
C ARG C 273 27.58 7.86 16.19
N THR C 274 27.61 6.53 16.19
CA THR C 274 26.59 5.72 16.81
C THR C 274 27.19 5.00 18.00
N PHE C 275 26.48 4.99 19.12
CA PHE C 275 26.97 4.38 20.34
C PHE C 275 25.95 3.41 20.88
N LEU C 276 26.43 2.36 21.53
CA LEU C 276 25.59 1.44 22.28
C LEU C 276 25.91 1.65 23.74
N LEU C 277 24.93 2.13 24.49
CA LEU C 277 25.11 2.46 25.89
C LEU C 277 24.49 1.40 26.77
N LYS C 278 25.22 0.95 27.77
CA LYS C 278 24.74 -0.09 28.67
C LYS C 278 24.26 0.58 29.95
N TYR C 279 22.95 0.75 30.06
CA TYR C 279 22.39 1.24 31.31
C TYR C 279 22.49 0.15 32.38
N ASN C 280 22.69 0.57 33.62
CA ASN C 280 22.77 -0.36 34.73
C ASN C 280 21.37 -0.51 35.32
N GLU C 281 21.25 -1.13 36.50
CA GLU C 281 19.95 -1.25 37.13
C GLU C 281 19.38 0.12 37.47
N ASN C 282 20.16 0.94 38.17
CA ASN C 282 19.69 2.26 38.53
C ASN C 282 19.53 3.15 37.31
N GLY C 283 20.35 2.94 36.29
CA GLY C 283 20.27 3.78 35.12
C GLY C 283 21.56 4.52 34.90
N THR C 284 22.51 4.34 35.83
CA THR C 284 23.83 4.90 35.62
C THR C 284 24.50 4.20 34.45
N ILE C 285 24.97 4.97 33.49
CA ILE C 285 25.59 4.41 32.30
C ILE C 285 26.98 3.93 32.67
N THR C 286 27.18 2.62 32.66
CA THR C 286 28.41 2.06 33.19
C THR C 286 29.46 1.76 32.12
N ASP C 287 29.03 1.40 30.90
CA ASP C 287 29.92 1.13 29.79
C ASP C 287 29.25 1.55 28.50
N ALA C 288 30.07 1.85 27.50
CA ALA C 288 29.58 2.15 26.16
C ALA C 288 30.59 1.64 25.17
N VAL C 289 30.12 1.33 23.96
CA VAL C 289 30.96 0.82 22.91
C VAL C 289 30.72 1.62 21.64
N ASP C 290 31.79 2.10 21.03
CA ASP C 290 31.70 2.94 19.85
C ASP C 290 31.50 2.07 18.62
N CYS C 291 30.38 2.26 17.93
CA CYS C 291 30.05 1.37 16.82
C CYS C 291 31.01 1.49 15.65
N ALA C 292 31.87 2.50 15.61
CA ALA C 292 32.74 2.68 14.46
C ALA C 292 34.23 2.61 14.80
N LEU C 293 34.58 2.31 16.05
CA LEU C 293 35.99 2.37 16.43
C LEU C 293 36.83 1.39 15.63
N ASP C 294 36.47 0.13 15.61
CA ASP C 294 37.30 -0.91 15.02
C ASP C 294 36.44 -2.15 14.80
N PRO C 295 36.88 -3.08 13.95
CA PRO C 295 35.99 -4.17 13.54
C PRO C 295 35.37 -4.95 14.68
N LEU C 296 36.10 -5.15 15.77
CA LEU C 296 35.45 -5.79 16.92
C LEU C 296 34.27 -4.98 17.38
N SER C 297 34.44 -3.66 17.49
CA SER C 297 33.38 -2.83 18.05
C SER C 297 32.14 -2.84 17.18
N GLU C 298 32.32 -2.83 15.86
CA GLU C 298 31.17 -2.95 14.97
C GLU C 298 30.37 -4.21 15.30
N THR C 299 31.06 -5.30 15.59
CA THR C 299 30.38 -6.54 15.91
C THR C 299 29.55 -6.41 17.16
N LYS C 300 30.10 -5.76 18.19
CA LYS C 300 29.38 -5.60 19.44
C LYS C 300 28.06 -4.88 19.21
N CYS C 301 28.06 -3.90 18.31
CA CYS C 301 26.82 -3.18 18.03
C CYS C 301 25.83 -4.07 17.28
N THR C 302 26.29 -4.78 16.26
CA THR C 302 25.37 -5.62 15.49
C THR C 302 24.77 -6.71 16.35
N LEU C 303 25.59 -7.42 17.12
CA LEU C 303 25.05 -8.38 18.06
C LEU C 303 24.23 -7.71 19.14
N LYS C 304 24.44 -6.42 19.35
CA LYS C 304 23.79 -5.67 20.41
C LYS C 304 24.07 -6.28 21.77
N SER C 305 25.28 -6.76 21.98
CA SER C 305 25.72 -7.28 23.27
C SER C 305 27.19 -7.00 23.43
N PHE C 306 27.66 -6.92 24.67
CA PHE C 306 29.07 -6.67 24.90
C PHE C 306 29.91 -7.92 24.67
N THR C 307 29.49 -9.05 25.21
CA THR C 307 30.24 -10.27 25.02
C THR C 307 29.94 -10.83 23.63
N VAL C 308 30.97 -11.26 22.92
CA VAL C 308 30.84 -11.84 21.60
C VAL C 308 31.45 -13.23 21.62
N GLU C 309 30.62 -14.24 21.41
CA GLU C 309 31.09 -15.61 21.44
C GLU C 309 31.77 -15.97 20.13
N LYS C 310 32.46 -17.11 20.14
CA LYS C 310 33.25 -17.55 19.01
C LYS C 310 32.40 -17.65 17.75
N GLY C 311 32.97 -17.27 16.62
CA GLY C 311 32.32 -17.50 15.36
C GLY C 311 32.61 -16.39 14.36
N ILE C 312 31.88 -16.44 13.27
CA ILE C 312 31.91 -15.45 12.20
C ILE C 312 30.62 -14.64 12.27
N TYR C 313 30.73 -13.33 12.18
CA TYR C 313 29.57 -12.46 12.17
C TYR C 313 29.65 -11.51 10.99
N GLN C 314 28.57 -11.42 10.24
CA GLN C 314 28.48 -10.41 9.18
C GLN C 314 28.06 -9.09 9.80
N THR C 315 28.76 -8.02 9.48
CA THR C 315 28.55 -6.75 10.17
C THR C 315 28.14 -5.60 9.26
N SER C 316 28.81 -5.40 8.13
CA SER C 316 28.56 -4.24 7.29
C SER C 316 28.76 -4.60 5.84
N ASN C 317 28.82 -3.57 5.00
CA ASN C 317 29.03 -3.74 3.57
C ASN C 317 30.23 -2.93 3.12
N PHE C 318 31.15 -3.58 2.44
CA PHE C 318 32.23 -2.85 1.79
C PHE C 318 31.67 -2.12 0.58
N ARG C 319 32.32 -1.02 0.21
CA ARG C 319 31.89 -0.26 -0.96
C ARG C 319 33.02 0.60 -1.50
N VAL C 320 33.43 0.36 -2.74
CA VAL C 320 34.44 1.20 -3.35
C VAL C 320 33.81 2.55 -3.69
N GLN C 321 34.31 3.60 -3.06
CA GLN C 321 33.78 4.93 -3.35
C GLN C 321 34.33 5.44 -4.68
N PRO C 322 33.48 6.02 -5.52
CA PRO C 322 33.97 6.64 -6.75
C PRO C 322 34.93 7.76 -6.42
N THR C 323 35.97 7.89 -7.23
CA THR C 323 37.04 8.81 -6.89
C THR C 323 36.86 10.14 -7.59
N GLU C 324 36.82 10.13 -8.92
CA GLU C 324 36.54 11.35 -9.64
C GLU C 324 35.19 11.24 -10.35
N SER C 325 34.77 12.34 -10.97
CA SER C 325 33.46 12.40 -11.62
C SER C 325 33.60 12.86 -13.06
N ILE C 326 32.88 12.18 -13.95
CA ILE C 326 32.78 12.55 -15.36
C ILE C 326 31.38 13.13 -15.59
N VAL C 327 31.31 14.26 -16.29
CA VAL C 327 30.06 14.97 -16.51
C VAL C 327 29.82 15.08 -18.01
N ARG C 328 30.29 14.09 -18.75
CA ARG C 328 30.33 14.16 -20.20
C ARG C 328 28.95 14.32 -20.83
N PHE C 329 28.87 15.22 -21.81
CA PHE C 329 27.73 15.39 -22.69
C PHE C 329 28.24 15.37 -24.12
N PRO C 330 27.35 15.34 -25.10
CA PRO C 330 27.79 15.44 -26.50
C PRO C 330 28.32 16.82 -26.82
N ASN C 331 28.65 17.08 -28.09
CA ASN C 331 29.34 18.32 -28.43
C ASN C 331 28.60 19.03 -29.55
N ILE C 332 27.80 20.04 -29.18
CA ILE C 332 27.17 20.94 -30.12
C ILE C 332 27.07 22.29 -29.44
N THR C 333 27.02 23.35 -30.25
CA THR C 333 27.08 24.72 -29.74
C THR C 333 25.87 25.57 -30.09
N ASN C 334 25.06 25.16 -31.05
CA ASN C 334 23.93 25.98 -31.48
C ASN C 334 22.89 26.09 -30.37
N LEU C 335 22.72 27.29 -29.83
CA LEU C 335 21.76 27.50 -28.75
C LEU C 335 20.36 27.29 -29.29
N CYS C 336 19.52 26.67 -28.47
CA CYS C 336 18.15 26.43 -28.90
C CYS C 336 17.43 27.75 -29.14
N PRO C 337 16.65 27.86 -30.21
CA PRO C 337 16.01 29.14 -30.52
C PRO C 337 14.83 29.43 -29.61
N PHE C 338 15.03 29.25 -28.30
CA PHE C 338 13.98 29.60 -27.35
C PHE C 338 13.68 31.08 -27.39
N GLY C 339 14.70 31.90 -27.62
CA GLY C 339 14.55 33.34 -27.59
C GLY C 339 13.45 33.85 -28.49
N GLU C 340 13.40 33.35 -29.73
CA GLU C 340 12.38 33.84 -30.65
C GLU C 340 10.99 33.47 -30.17
N VAL C 341 10.86 32.33 -29.47
CA VAL C 341 9.57 31.94 -28.95
C VAL C 341 9.07 32.94 -27.93
N PHE C 342 9.90 33.28 -26.95
CA PHE C 342 9.47 34.20 -25.91
C PHE C 342 9.48 35.64 -26.39
N ASN C 343 10.37 35.97 -27.34
CA ASN C 343 10.40 37.29 -27.95
C ASN C 343 9.56 37.35 -29.21
N ALA C 344 8.56 36.47 -29.32
CA ALA C 344 7.71 36.47 -30.49
C ALA C 344 6.87 37.74 -30.53
N THR C 345 6.44 38.09 -31.74
CA THR C 345 5.64 39.29 -31.96
C THR C 345 4.18 38.98 -32.22
N ARG C 346 3.87 37.81 -32.76
CA ARG C 346 2.51 37.41 -33.09
C ARG C 346 2.19 36.09 -32.37
N PHE C 347 1.75 36.19 -31.12
CA PHE C 347 1.23 35.01 -30.44
C PHE C 347 -0.07 34.56 -31.10
N ALA C 348 -0.20 33.25 -31.23
CA ALA C 348 -1.38 32.70 -31.87
C ALA C 348 -2.54 32.63 -30.89
N SER C 349 -3.75 32.55 -31.45
CA SER C 349 -4.93 32.42 -30.62
C SER C 349 -5.00 31.03 -30.00
N VAL C 350 -5.75 30.93 -28.90
CA VAL C 350 -5.76 29.70 -28.13
C VAL C 350 -6.39 28.55 -28.90
N TYR C 351 -7.40 28.83 -29.72
CA TYR C 351 -8.04 27.75 -30.46
C TYR C 351 -7.09 27.12 -31.46
N ALA C 352 -6.14 27.89 -31.97
CA ALA C 352 -5.13 27.39 -32.90
C ALA C 352 -3.76 27.85 -32.40
N TRP C 353 -3.17 27.06 -31.52
CA TRP C 353 -1.91 27.42 -30.89
C TRP C 353 -0.74 26.94 -31.74
N ASN C 354 0.34 27.70 -31.73
CA ASN C 354 1.56 27.29 -32.42
C ASN C 354 2.13 26.07 -31.74
N ARG C 355 2.91 25.27 -32.47
CA ARG C 355 3.58 24.14 -31.85
C ARG C 355 5.01 24.04 -32.36
N LYS C 356 5.73 25.16 -32.34
CA LYS C 356 7.11 25.14 -32.77
C LYS C 356 7.90 24.10 -31.99
N ARG C 357 8.64 23.27 -32.70
CA ARG C 357 9.37 22.16 -32.10
C ARG C 357 10.84 22.55 -31.98
N ILE C 358 11.48 22.09 -30.92
CA ILE C 358 12.88 22.37 -30.66
C ILE C 358 13.60 21.05 -30.45
N SER C 359 14.76 20.89 -31.09
CA SER C 359 15.51 19.65 -31.00
C SER C 359 16.97 19.94 -31.34
N ASN C 360 17.80 18.91 -31.19
CA ASN C 360 19.24 18.88 -31.49
C ASN C 360 19.94 20.22 -31.30
N CYS C 361 19.87 20.75 -30.09
CA CYS C 361 20.49 22.02 -29.76
C CYS C 361 20.72 22.06 -28.25
N VAL C 362 21.57 22.98 -27.83
CA VAL C 362 21.94 23.09 -26.41
C VAL C 362 21.01 24.13 -25.79
N ALA C 363 19.94 23.63 -25.18
CA ALA C 363 19.05 24.49 -24.43
C ALA C 363 19.73 24.99 -23.18
N ASP C 364 19.37 26.20 -22.77
CA ASP C 364 19.84 26.76 -21.53
C ASP C 364 18.63 27.35 -20.80
N TYR C 365 17.95 26.49 -20.05
CA TYR C 365 16.74 26.92 -19.38
C TYR C 365 17.03 27.85 -18.21
N SER C 366 18.09 27.57 -17.46
CA SER C 366 18.24 28.20 -16.15
C SER C 366 18.29 29.72 -16.27
N VAL C 367 19.07 30.24 -17.21
CA VAL C 367 19.12 31.68 -17.39
C VAL C 367 17.79 32.18 -17.94
N LEU C 368 17.10 31.35 -18.71
CA LEU C 368 15.90 31.80 -19.38
C LEU C 368 14.83 32.21 -18.39
N TYR C 369 14.63 31.42 -17.33
CA TYR C 369 13.64 31.80 -16.32
C TYR C 369 14.26 32.61 -15.19
N ASN C 370 15.57 32.90 -15.27
CA ASN C 370 16.19 33.76 -14.28
C ASN C 370 15.87 35.20 -14.62
N SER C 371 14.59 35.46 -14.83
CA SER C 371 14.05 36.79 -15.04
C SER C 371 12.77 36.88 -14.25
N ALA C 372 12.45 38.07 -13.77
CA ALA C 372 11.29 38.26 -12.92
C ALA C 372 10.01 38.45 -13.72
N SER C 373 10.11 38.58 -15.05
CA SER C 373 8.94 38.91 -15.84
C SER C 373 7.85 37.85 -15.69
N PHE C 374 8.24 36.58 -15.71
CA PHE C 374 7.25 35.51 -15.73
C PHE C 374 6.47 35.48 -14.43
N SER C 375 5.16 35.39 -14.54
CA SER C 375 4.30 35.44 -13.37
C SER C 375 3.94 34.08 -12.81
N THR C 376 3.83 33.06 -13.65
CA THR C 376 3.51 31.71 -13.20
C THR C 376 4.49 30.75 -13.86
N PHE C 377 5.03 29.82 -13.06
CA PHE C 377 6.08 28.95 -13.54
C PHE C 377 5.91 27.53 -13.02
N LYS C 378 4.69 27.12 -12.69
CA LYS C 378 4.46 25.84 -12.05
C LYS C 378 4.96 24.70 -12.92
N CYS C 379 5.94 23.95 -12.42
CA CYS C 379 6.49 22.82 -13.15
C CYS C 379 6.09 21.50 -12.52
N TYR C 380 5.61 20.58 -13.34
CA TYR C 380 4.97 19.35 -12.86
C TYR C 380 5.88 18.13 -12.90
N GLY C 381 6.34 17.75 -14.10
CA GLY C 381 7.10 16.53 -14.18
C GLY C 381 8.51 16.65 -13.65
N VAL C 382 9.03 17.88 -13.55
CA VAL C 382 10.43 18.13 -13.24
C VAL C 382 10.50 19.30 -12.29
N SER C 383 11.36 19.21 -11.30
CA SER C 383 11.63 20.37 -10.46
C SER C 383 12.34 21.41 -11.32
N PRO C 384 11.83 22.65 -11.38
CA PRO C 384 12.33 23.59 -12.40
C PRO C 384 13.81 23.89 -12.27
N THR C 385 14.35 23.84 -11.06
CA THR C 385 15.77 24.13 -10.89
C THR C 385 16.63 23.15 -11.67
N LYS C 386 16.21 21.90 -11.73
CA LYS C 386 17.07 20.86 -12.29
C LYS C 386 16.94 20.78 -13.81
N LEU C 387 16.02 21.56 -14.38
CA LEU C 387 15.84 21.61 -15.83
C LEU C 387 17.15 21.77 -16.58
N ASN C 388 18.02 22.65 -16.07
CA ASN C 388 19.29 22.91 -16.73
C ASN C 388 20.15 21.65 -16.85
N ASP C 389 19.91 20.67 -16.00
CA ASP C 389 20.81 19.53 -15.90
C ASP C 389 20.40 18.38 -16.82
N LEU C 390 19.11 18.19 -17.03
CA LEU C 390 18.60 17.00 -17.71
C LEU C 390 18.98 16.99 -19.19
N CYS C 391 18.74 15.85 -19.82
CA CYS C 391 18.80 15.70 -21.27
C CYS C 391 17.51 15.07 -21.76
N PHE C 392 16.85 15.72 -22.72
CA PHE C 392 15.59 15.21 -23.25
C PHE C 392 15.76 14.77 -24.69
N THR C 393 14.93 13.78 -25.08
CA THR C 393 14.87 13.40 -26.47
C THR C 393 14.35 14.54 -27.33
N ASN C 394 13.29 15.21 -26.88
CA ASN C 394 12.66 16.25 -27.67
C ASN C 394 11.75 17.07 -26.78
N VAL C 395 11.57 18.34 -27.14
CA VAL C 395 10.70 19.24 -26.39
C VAL C 395 9.63 19.80 -27.31
N TYR C 396 8.73 20.61 -26.76
CA TYR C 396 7.60 21.13 -27.51
C TYR C 396 7.22 22.49 -26.96
N ALA C 397 7.22 23.50 -27.83
CA ALA C 397 6.88 24.86 -27.45
C ALA C 397 5.49 25.17 -28.00
N ASP C 398 4.51 25.17 -27.12
CA ASP C 398 3.16 25.54 -27.47
C ASP C 398 2.81 26.85 -26.80
N SER C 399 2.37 27.83 -27.59
CA SER C 399 2.11 29.15 -27.05
C SER C 399 0.77 29.64 -27.57
N PHE C 400 0.10 30.46 -26.77
CA PHE C 400 -1.20 31.03 -27.13
C PHE C 400 -1.51 32.13 -26.14
N VAL C 401 -2.69 32.73 -26.26
CA VAL C 401 -3.10 33.86 -25.44
C VAL C 401 -4.43 33.54 -24.77
N ILE C 402 -4.48 33.72 -23.46
CA ILE C 402 -5.72 33.54 -22.72
C ILE C 402 -5.84 34.62 -21.65
N ARG C 403 -7.04 34.84 -21.14
CA ARG C 403 -7.25 35.78 -20.06
C ARG C 403 -6.62 35.25 -18.77
N GLY C 404 -6.67 36.09 -17.73
CA GLY C 404 -6.01 35.74 -16.48
C GLY C 404 -6.59 34.50 -15.82
N ASP C 405 -7.91 34.41 -15.76
CA ASP C 405 -8.54 33.35 -14.99
C ASP C 405 -8.23 31.96 -15.54
N GLU C 406 -7.90 31.89 -16.83
CA GLU C 406 -7.72 30.57 -17.44
C GLU C 406 -6.30 30.05 -17.27
N VAL C 407 -5.35 30.92 -16.94
CA VAL C 407 -3.98 30.46 -16.81
C VAL C 407 -3.87 29.37 -15.75
N ARG C 408 -4.62 29.49 -14.66
CA ARG C 408 -4.63 28.43 -13.68
C ARG C 408 -5.21 27.15 -14.26
N GLN C 409 -6.03 27.27 -15.30
CA GLN C 409 -6.65 26.08 -15.90
C GLN C 409 -5.63 25.26 -16.66
N ILE C 410 -4.77 25.91 -17.44
CA ILE C 410 -3.75 25.15 -18.17
C ILE C 410 -2.87 24.43 -17.16
N ALA C 411 -3.06 23.13 -17.04
CA ALA C 411 -2.38 22.31 -16.03
C ALA C 411 -2.83 20.87 -16.20
N PRO C 412 -2.04 19.90 -15.71
CA PRO C 412 -2.52 18.51 -15.74
C PRO C 412 -3.76 18.37 -14.88
N GLY C 413 -4.67 17.52 -15.33
CA GLY C 413 -5.85 17.18 -14.55
C GLY C 413 -6.70 18.38 -14.18
N GLN C 414 -7.00 19.22 -15.16
CA GLN C 414 -7.81 20.41 -14.93
C GLN C 414 -8.99 20.39 -15.89
N THR C 415 -10.07 21.04 -15.47
CA THR C 415 -11.26 21.16 -16.28
C THR C 415 -11.70 22.61 -16.35
N GLY C 416 -12.34 22.95 -17.45
CA GLY C 416 -12.76 24.32 -17.68
C GLY C 416 -12.94 24.58 -19.16
N LYS C 417 -13.41 25.79 -19.46
CA LYS C 417 -13.81 26.11 -20.81
C LYS C 417 -12.66 25.92 -21.78
N ILE C 418 -11.57 26.67 -21.60
CA ILE C 418 -10.39 26.44 -22.40
C ILE C 418 -9.80 25.07 -22.10
N ALA C 419 -9.88 24.65 -20.84
CA ALA C 419 -9.31 23.36 -20.47
C ALA C 419 -10.01 22.22 -21.19
N ASP C 420 -11.33 22.27 -21.31
CA ASP C 420 -12.08 21.20 -21.94
C ASP C 420 -12.30 21.42 -23.43
N TYR C 421 -11.92 22.56 -23.97
CA TYR C 421 -12.24 22.84 -25.36
C TYR C 421 -11.07 23.33 -26.20
N ASN C 422 -10.01 23.85 -25.61
CA ASN C 422 -8.92 24.42 -26.39
C ASN C 422 -7.61 23.67 -26.24
N TYR C 423 -7.15 23.48 -25.02
CA TYR C 423 -5.85 22.89 -24.76
C TYR C 423 -6.00 21.94 -23.59
N LYS C 424 -5.68 20.67 -23.82
CA LYS C 424 -5.94 19.60 -22.86
C LYS C 424 -4.62 18.95 -22.51
N LEU C 425 -4.26 18.97 -21.26
CA LEU C 425 -3.00 18.31 -20.94
C LEU C 425 -3.25 16.92 -20.38
N PRO C 426 -2.50 15.92 -20.82
CA PRO C 426 -2.61 14.59 -20.22
C PRO C 426 -2.20 14.65 -18.75
N ASP C 427 -2.76 13.72 -17.97
CA ASP C 427 -2.46 13.69 -16.54
C ASP C 427 -0.98 13.48 -16.30
N ASP C 428 -0.36 12.60 -17.07
CA ASP C 428 1.08 12.37 -16.98
C ASP C 428 1.91 13.40 -17.72
N PHE C 429 1.47 14.65 -17.79
CA PHE C 429 2.25 15.70 -18.42
C PHE C 429 3.61 15.83 -17.76
N THR C 430 4.66 15.77 -18.56
CA THR C 430 6.03 15.99 -18.08
C THR C 430 6.58 17.24 -18.75
N GLY C 431 6.54 18.34 -18.01
CA GLY C 431 6.96 19.63 -18.54
C GLY C 431 6.31 20.70 -17.71
N CYS C 432 6.29 21.93 -18.23
CA CYS C 432 5.68 22.97 -17.42
C CYS C 432 5.42 24.25 -18.21
N VAL C 433 4.65 25.13 -17.57
CA VAL C 433 3.94 26.22 -18.22
C VAL C 433 4.57 27.54 -17.83
N ILE C 434 4.34 28.54 -18.67
CA ILE C 434 4.94 29.85 -18.52
C ILE C 434 3.80 30.86 -18.61
N ALA C 435 3.86 31.92 -17.83
CA ALA C 435 2.79 32.92 -17.93
C ALA C 435 3.32 34.30 -17.60
N TRP C 436 2.85 35.29 -18.36
CA TRP C 436 3.08 36.70 -18.04
C TRP C 436 2.18 37.55 -18.92
N ASN C 437 1.65 38.63 -18.35
CA ASN C 437 0.67 39.43 -19.05
C ASN C 437 1.29 40.20 -20.21
N SER C 438 0.42 40.66 -21.10
CA SER C 438 0.83 41.40 -22.28
C SER C 438 -0.08 42.60 -22.53
N ASN C 439 -0.64 43.18 -21.46
CA ASN C 439 -1.23 44.50 -21.59
C ASN C 439 -0.21 45.47 -22.12
N ASN C 440 1.07 45.20 -21.88
CA ASN C 440 2.14 45.88 -22.57
C ASN C 440 1.93 45.83 -24.08
N LEU C 441 1.51 44.69 -24.60
CA LEU C 441 1.54 44.54 -26.06
C LEU C 441 0.15 44.34 -26.67
N ASP C 442 -0.89 44.09 -25.88
CA ASP C 442 -2.19 43.75 -26.43
C ASP C 442 -3.27 44.65 -25.84
N SER C 443 -4.51 44.49 -26.35
CA SER C 443 -5.69 45.34 -26.00
C SER C 443 -5.29 46.81 -26.14
N LYS C 444 -4.99 47.27 -27.37
CA LYS C 444 -4.32 48.58 -27.53
C LYS C 444 -5.06 49.74 -26.88
N VAL C 445 -6.36 49.94 -27.15
CA VAL C 445 -7.16 51.06 -26.56
C VAL C 445 -8.63 50.98 -27.00
N GLY C 446 -9.01 50.07 -27.91
CA GLY C 446 -10.38 50.20 -28.34
C GLY C 446 -11.15 48.91 -28.46
N GLY C 447 -10.70 47.86 -27.80
CA GLY C 447 -11.30 46.56 -28.00
C GLY C 447 -10.45 45.75 -28.94
N ASN C 448 -9.65 44.85 -28.39
CA ASN C 448 -8.89 43.92 -29.20
C ASN C 448 -9.80 42.75 -29.55
N TYR C 449 -9.78 42.34 -30.82
CA TYR C 449 -10.67 41.30 -31.30
C TYR C 449 -9.93 40.25 -32.12
N ASN C 450 -8.61 40.23 -32.05
CA ASN C 450 -7.81 39.32 -32.85
C ASN C 450 -7.54 38.00 -32.17
N TYR C 451 -8.02 37.81 -30.95
CA TYR C 451 -7.82 36.58 -30.21
C TYR C 451 -9.15 35.88 -30.02
N LEU C 452 -9.17 34.57 -30.20
CA LEU C 452 -10.41 33.82 -30.26
C LEU C 452 -10.58 32.97 -29.02
N TYR C 453 -11.66 32.23 -28.98
CA TYR C 453 -12.03 31.56 -27.75
C TYR C 453 -12.30 30.08 -27.93
N ARG C 454 -12.98 29.69 -29.01
CA ARG C 454 -13.39 28.30 -29.22
C ARG C 454 -14.23 27.85 -28.02
N LEU C 455 -15.45 28.35 -27.96
CA LEU C 455 -16.38 28.02 -26.89
C LEU C 455 -16.91 26.63 -27.16
N PHE C 456 -18.06 26.27 -26.57
CA PHE C 456 -18.57 24.90 -26.61
C PHE C 456 -18.42 24.23 -27.98
N ARG C 457 -18.06 22.95 -27.94
CA ARG C 457 -18.02 22.09 -29.12
C ARG C 457 -18.65 20.77 -28.72
N LYS C 458 -18.96 19.95 -29.73
CA LYS C 458 -19.83 18.80 -29.51
C LYS C 458 -19.28 17.87 -28.43
N SER C 459 -17.98 17.61 -28.46
CA SER C 459 -17.37 16.65 -27.56
C SER C 459 -16.11 17.24 -26.94
N ASN C 460 -15.75 16.68 -25.79
CA ASN C 460 -14.57 17.14 -25.07
C ASN C 460 -13.32 16.93 -25.91
N LEU C 461 -12.35 17.82 -25.75
CA LEU C 461 -11.16 17.79 -26.58
C LEU C 461 -10.12 16.82 -26.02
N LYS C 462 -9.58 15.96 -26.88
CA LYS C 462 -8.56 15.02 -26.45
C LYS C 462 -7.21 15.73 -26.31
N PRO C 463 -6.31 15.20 -25.47
CA PRO C 463 -5.07 15.92 -25.17
C PRO C 463 -4.20 16.17 -26.41
N PHE C 464 -3.61 17.37 -26.45
CA PHE C 464 -2.77 17.84 -27.54
C PHE C 464 -3.47 17.67 -28.89
N GLU C 465 -4.56 18.43 -29.06
CA GLU C 465 -5.26 18.51 -30.34
C GLU C 465 -5.63 19.96 -30.62
N ARG C 466 -4.93 20.58 -31.57
CA ARG C 466 -5.37 21.87 -32.08
C ARG C 466 -6.53 21.67 -33.04
N ASP C 467 -7.67 22.26 -32.71
CA ASP C 467 -8.88 22.12 -33.51
C ASP C 467 -9.21 23.47 -34.12
N ILE C 468 -9.19 23.53 -35.45
CA ILE C 468 -9.43 24.77 -36.16
C ILE C 468 -10.74 24.70 -36.95
N SER C 469 -11.50 23.62 -36.74
CA SER C 469 -12.79 23.42 -37.46
C SER C 469 -13.91 24.18 -36.75
N THR C 470 -14.30 25.34 -37.29
CA THR C 470 -15.34 26.20 -36.67
C THR C 470 -16.52 26.39 -37.64
N GLU C 471 -16.87 25.34 -38.39
CA GLU C 471 -17.96 25.51 -39.40
C GLU C 471 -19.27 25.92 -38.74
N ILE C 472 -19.68 25.22 -37.66
CA ILE C 472 -20.95 25.49 -36.90
C ILE C 472 -21.14 24.46 -35.76
N TYR C 473 -22.08 24.76 -34.86
CA TYR C 473 -22.55 23.91 -33.79
C TYR C 473 -24.02 23.58 -34.04
N GLN C 474 -24.50 22.49 -33.45
CA GLN C 474 -25.80 21.92 -33.84
C GLN C 474 -26.86 22.00 -32.75
N ALA C 475 -26.49 21.67 -31.51
CA ALA C 475 -27.37 21.82 -30.33
C ALA C 475 -28.67 21.02 -30.45
N GLY C 476 -28.57 19.74 -30.82
CA GLY C 476 -29.70 18.85 -30.69
C GLY C 476 -30.82 19.11 -31.67
N SER C 477 -31.47 20.26 -31.54
CA SER C 477 -32.50 20.69 -32.49
C SER C 477 -31.85 20.92 -33.86
N THR C 478 -32.36 20.17 -34.83
CA THR C 478 -31.79 19.96 -36.16
C THR C 478 -31.44 21.23 -36.95
N PRO C 479 -32.37 22.21 -37.11
CA PRO C 479 -32.26 23.12 -38.27
C PRO C 479 -30.91 23.82 -38.36
N CYS C 480 -30.14 23.44 -39.37
CA CYS C 480 -28.77 23.87 -39.55
C CYS C 480 -28.51 24.06 -41.04
N ASN C 481 -27.33 24.62 -41.32
CA ASN C 481 -26.81 25.07 -42.63
C ASN C 481 -27.53 26.35 -43.06
N GLY C 482 -28.61 26.69 -42.35
CA GLY C 482 -29.13 28.04 -42.35
C GLY C 482 -28.44 28.73 -41.19
N VAL C 483 -27.16 29.04 -41.36
CA VAL C 483 -26.32 29.33 -40.20
C VAL C 483 -26.66 30.69 -39.63
N GLU C 484 -27.59 30.70 -38.67
CA GLU C 484 -27.91 31.90 -37.92
C GLU C 484 -28.82 31.64 -36.73
N GLY C 485 -28.39 31.99 -35.52
CA GLY C 485 -29.28 32.61 -34.57
C GLY C 485 -29.90 31.79 -33.46
N PHE C 486 -30.44 30.61 -33.78
CA PHE C 486 -31.03 29.76 -32.78
C PHE C 486 -30.39 28.38 -32.81
N ASN C 487 -29.89 27.98 -31.64
CA ASN C 487 -29.33 26.67 -31.33
C ASN C 487 -28.43 26.18 -32.45
N CYS C 488 -27.88 27.13 -33.20
CA CYS C 488 -26.75 26.91 -34.08
C CYS C 488 -25.80 28.07 -33.81
N TYR C 489 -25.06 27.94 -32.72
CA TYR C 489 -24.33 29.05 -32.14
C TYR C 489 -22.88 28.92 -32.53
N PHE C 490 -22.28 30.02 -33.00
CA PHE C 490 -20.95 29.93 -33.56
C PHE C 490 -19.95 29.61 -32.45
N PRO C 491 -19.05 28.66 -32.66
CA PRO C 491 -18.23 28.16 -31.54
C PRO C 491 -17.12 29.12 -31.13
N LEU C 492 -16.68 29.99 -32.03
CA LEU C 492 -15.52 30.85 -31.77
C LEU C 492 -15.99 32.20 -31.26
N GLN C 493 -15.97 32.38 -29.93
CA GLN C 493 -16.06 33.72 -29.37
C GLN C 493 -14.75 34.45 -29.54
N SER C 494 -14.80 35.76 -29.33
CA SER C 494 -13.60 36.57 -29.29
C SER C 494 -13.43 37.19 -27.92
N TYR C 495 -12.17 37.39 -27.54
CA TYR C 495 -11.81 38.13 -26.36
C TYR C 495 -12.03 39.61 -26.65
N GLY C 496 -12.76 40.27 -25.76
CA GLY C 496 -12.75 41.71 -25.77
C GLY C 496 -11.66 42.19 -24.85
N PHE C 497 -10.49 42.50 -25.40
CA PHE C 497 -9.35 42.87 -24.59
C PHE C 497 -9.27 44.37 -24.45
N GLN C 498 -9.28 44.86 -23.22
CA GLN C 498 -9.30 46.28 -22.93
C GLN C 498 -8.12 46.62 -22.03
N PRO C 499 -7.50 47.78 -22.23
CA PRO C 499 -6.55 48.26 -21.21
C PRO C 499 -7.21 48.44 -19.86
N THR C 500 -8.48 48.85 -19.85
CA THR C 500 -9.28 48.90 -18.63
C THR C 500 -10.13 47.64 -18.57
N ASN C 501 -9.50 46.54 -18.14
CA ASN C 501 -10.25 45.29 -18.07
C ASN C 501 -10.00 44.52 -16.77
N GLY C 502 -9.79 45.21 -15.66
CA GLY C 502 -9.56 44.51 -14.42
C GLY C 502 -8.17 43.90 -14.40
N VAL C 503 -8.02 42.86 -13.58
CA VAL C 503 -6.77 42.12 -13.47
C VAL C 503 -6.91 40.67 -13.90
N GLY C 504 -8.12 40.12 -13.90
CA GLY C 504 -8.30 38.73 -14.25
C GLY C 504 -8.77 38.54 -15.67
N TYR C 505 -9.16 39.63 -16.32
CA TYR C 505 -9.55 39.59 -17.72
C TYR C 505 -8.44 39.97 -18.68
N GLN C 506 -7.27 40.34 -18.17
CA GLN C 506 -6.20 40.83 -19.00
C GLN C 506 -5.56 39.69 -19.81
N PRO C 507 -4.87 40.02 -20.90
CA PRO C 507 -4.27 38.97 -21.73
C PRO C 507 -2.96 38.47 -21.13
N TYR C 508 -2.96 37.22 -20.70
CA TYR C 508 -1.75 36.51 -20.31
C TYR C 508 -1.23 35.74 -21.51
N ARG C 509 -0.07 36.13 -22.02
CA ARG C 509 0.62 35.32 -23.01
C ARG C 509 1.25 34.12 -22.30
N VAL C 510 0.92 32.91 -22.74
CA VAL C 510 1.49 31.73 -22.11
C VAL C 510 2.22 30.91 -23.16
N VAL C 511 3.15 30.10 -22.69
CA VAL C 511 3.83 29.11 -23.52
C VAL C 511 4.12 27.91 -22.62
N VAL C 512 3.77 26.72 -23.09
CA VAL C 512 3.90 25.50 -22.32
C VAL C 512 4.96 24.62 -22.95
N LEU C 513 5.91 24.18 -22.15
CA LEU C 513 6.95 23.25 -22.59
C LEU C 513 6.60 21.86 -22.13
N SER C 514 6.55 20.92 -23.06
CA SER C 514 6.30 19.52 -22.74
C SER C 514 7.52 18.72 -23.17
N PHE C 515 8.19 18.10 -22.21
CA PHE C 515 9.36 17.29 -22.48
C PHE C 515 8.93 15.84 -22.68
N GLU C 516 9.45 15.22 -23.71
CA GLU C 516 9.27 13.78 -23.92
C GLU C 516 10.60 13.10 -23.63
N LEU C 517 10.63 12.34 -22.54
CA LEU C 517 11.86 11.75 -22.02
C LEU C 517 11.82 10.24 -22.24
N LEU C 518 12.74 9.74 -23.06
CA LEU C 518 12.75 8.35 -23.47
C LEU C 518 14.19 7.85 -23.50
N HIS C 519 14.35 6.54 -23.65
CA HIS C 519 15.66 5.93 -23.79
C HIS C 519 16.05 5.92 -25.27
N ALA C 520 16.32 7.12 -25.77
CA ALA C 520 16.67 7.38 -27.16
C ALA C 520 17.82 8.36 -27.14
N PRO C 521 18.59 8.46 -28.22
CA PRO C 521 19.64 9.50 -28.27
C PRO C 521 19.08 10.87 -27.95
N ALA C 522 19.53 11.46 -26.84
CA ALA C 522 19.00 12.74 -26.40
C ALA C 522 19.47 13.86 -27.31
N THR C 523 18.53 14.51 -27.99
CA THR C 523 18.91 15.61 -28.88
C THR C 523 19.25 16.87 -28.11
N VAL C 524 18.47 17.19 -27.09
CA VAL C 524 18.60 18.46 -26.39
C VAL C 524 19.14 18.23 -24.99
N CYS C 525 19.99 19.15 -24.54
CA CYS C 525 20.63 19.02 -23.24
C CYS C 525 20.99 20.40 -22.70
N GLY C 526 21.32 20.42 -21.40
CA GLY C 526 21.77 21.62 -20.76
C GLY C 526 23.19 21.99 -21.17
N PRO C 527 23.61 23.17 -20.79
CA PRO C 527 24.93 23.64 -21.21
C PRO C 527 26.03 23.29 -20.23
N LYS C 528 26.43 22.02 -20.15
CA LYS C 528 27.55 21.61 -19.28
C LYS C 528 28.67 21.05 -20.14
N LYS C 529 29.81 21.72 -20.09
CA LYS C 529 31.02 21.21 -20.72
C LYS C 529 31.41 19.88 -20.11
N SER C 530 32.40 19.23 -20.73
CA SER C 530 32.69 17.84 -20.40
C SER C 530 34.18 17.66 -20.17
N THR C 531 34.50 16.74 -19.28
CA THR C 531 35.88 16.33 -19.06
C THR C 531 36.26 15.25 -20.07
N ASN C 532 37.53 14.87 -20.03
CA ASN C 532 38.00 13.77 -20.86
C ASN C 532 37.62 12.43 -20.23
N LEU C 533 38.13 11.34 -20.80
CA LEU C 533 37.70 10.01 -20.42
C LEU C 533 38.77 9.33 -19.58
N VAL C 534 38.37 8.75 -18.46
CA VAL C 534 39.26 8.02 -17.57
C VAL C 534 38.77 6.59 -17.48
N LYS C 535 39.68 5.65 -17.73
CA LYS C 535 39.30 4.26 -17.97
C LYS C 535 39.96 3.35 -16.95
N ASN C 536 39.38 2.15 -16.80
CA ASN C 536 39.89 1.16 -15.86
C ASN C 536 39.92 1.69 -14.43
N LYS C 537 38.92 2.49 -14.06
CA LYS C 537 38.93 3.12 -12.76
C LYS C 537 37.50 3.38 -12.31
N CYS C 538 37.29 3.37 -10.99
CA CYS C 538 35.96 3.53 -10.43
C CYS C 538 35.58 5.00 -10.48
N VAL C 539 34.84 5.40 -11.51
CA VAL C 539 34.55 6.80 -11.76
C VAL C 539 33.04 6.97 -11.86
N ASN C 540 32.54 8.08 -11.32
CA ASN C 540 31.16 8.43 -11.53
C ASN C 540 31.00 9.00 -12.94
N PHE C 541 30.06 8.45 -13.71
CA PHE C 541 30.00 8.75 -15.13
C PHE C 541 28.60 9.19 -15.54
N ASN C 542 28.54 10.12 -16.47
CA ASN C 542 27.30 10.58 -17.08
C ASN C 542 27.50 10.66 -18.59
N PHE C 543 26.77 9.84 -19.34
CA PHE C 543 26.94 9.75 -20.78
C PHE C 543 25.65 10.16 -21.44
N ASN C 544 25.69 11.25 -22.23
CA ASN C 544 24.51 11.76 -22.92
C ASN C 544 23.37 12.02 -21.95
N GLY C 545 23.71 12.17 -20.67
CA GLY C 545 22.72 12.34 -19.66
C GLY C 545 22.13 11.06 -19.09
N LEU C 546 22.83 9.94 -19.28
CA LEU C 546 22.40 8.62 -18.78
C LEU C 546 22.48 8.59 -17.25
N THR C 547 23.65 9.00 -16.71
CA THR C 547 24.01 9.10 -15.26
C THR C 547 24.46 7.72 -14.71
N GLY C 548 24.86 7.68 -13.43
CA GLY C 548 25.33 6.44 -12.80
C GLY C 548 26.84 6.32 -12.82
N THR C 549 27.40 5.43 -11.98
CA THR C 549 28.87 5.24 -11.89
C THR C 549 29.26 3.85 -12.43
N GLY C 550 30.54 3.50 -12.33
CA GLY C 550 31.04 2.22 -12.80
C GLY C 550 32.52 2.30 -13.13
N VAL C 551 33.04 1.17 -13.59
CA VAL C 551 34.41 1.10 -14.08
C VAL C 551 34.35 0.97 -15.59
N LEU C 552 34.90 1.94 -16.29
CA LEU C 552 34.75 2.04 -17.73
C LEU C 552 35.96 1.40 -18.40
N THR C 553 35.72 0.40 -19.24
CA THR C 553 36.80 -0.29 -19.93
C THR C 553 36.41 -0.50 -21.39
N GLU C 554 37.43 -0.68 -22.24
CA GLU C 554 37.18 -0.91 -23.66
C GLU C 554 36.47 -2.24 -23.83
N SER C 555 35.57 -2.31 -24.80
CA SER C 555 34.78 -3.51 -25.06
C SER C 555 35.14 -4.09 -26.42
N ASN C 556 35.40 -5.39 -26.45
CA ASN C 556 35.66 -6.05 -27.72
C ASN C 556 34.38 -6.27 -28.53
N LYS C 557 33.22 -6.16 -27.88
CA LYS C 557 31.96 -6.38 -28.55
C LYS C 557 31.74 -5.34 -29.65
N LYS C 558 31.14 -5.76 -30.75
CA LYS C 558 30.97 -4.92 -31.94
C LYS C 558 29.53 -4.44 -32.01
N PHE C 559 29.29 -3.22 -31.55
CA PHE C 559 27.99 -2.59 -31.77
C PHE C 559 27.70 -2.50 -33.26
N LEU C 560 26.41 -2.43 -33.60
CA LEU C 560 26.03 -2.01 -34.92
C LEU C 560 26.07 -0.48 -34.99
N PRO C 561 26.22 0.09 -36.19
CA PRO C 561 26.40 1.54 -36.28
C PRO C 561 25.31 2.36 -35.63
N PHE C 562 24.06 1.94 -35.75
CA PHE C 562 22.97 2.73 -35.19
C PHE C 562 22.88 2.57 -33.68
N GLN C 563 23.18 1.38 -33.17
CA GLN C 563 22.95 1.12 -31.75
C GLN C 563 23.80 2.04 -30.89
N GLN C 564 23.26 2.41 -29.73
CA GLN C 564 23.97 3.25 -28.80
C GLN C 564 24.20 2.59 -27.44
N PHE C 565 23.16 2.04 -26.83
CA PHE C 565 23.19 1.67 -25.42
C PHE C 565 23.19 0.16 -25.32
N GLY C 566 24.30 -0.41 -24.90
CA GLY C 566 24.31 -1.81 -24.60
C GLY C 566 23.48 -2.10 -23.37
N ARG C 567 22.92 -3.30 -23.32
CA ARG C 567 22.00 -3.64 -22.25
C ARG C 567 22.23 -5.10 -21.87
N ASP C 568 21.77 -5.46 -20.68
CA ASP C 568 22.09 -6.76 -20.13
C ASP C 568 20.87 -7.67 -20.22
N ILE C 569 21.06 -8.97 -19.97
CA ILE C 569 19.95 -9.91 -19.95
C ILE C 569 18.98 -9.53 -18.84
N ALA C 570 19.51 -9.03 -17.72
CA ALA C 570 18.70 -8.49 -16.64
C ALA C 570 18.25 -7.06 -16.89
N ASP C 571 18.45 -6.55 -18.10
CA ASP C 571 17.98 -5.22 -18.51
C ASP C 571 18.59 -4.14 -17.62
N THR C 572 19.90 -4.20 -17.44
CA THR C 572 20.66 -3.13 -16.81
C THR C 572 21.74 -2.66 -17.78
N THR C 573 22.01 -1.37 -17.77
CA THR C 573 23.02 -0.81 -18.65
C THR C 573 24.37 -1.43 -18.37
N ASP C 574 25.02 -1.95 -19.40
CA ASP C 574 26.37 -2.47 -19.27
C ASP C 574 27.35 -1.88 -20.26
N ALA C 575 26.88 -1.33 -21.37
CA ALA C 575 27.76 -0.77 -22.39
C ALA C 575 27.12 0.47 -22.99
N VAL C 576 27.94 1.49 -23.22
CA VAL C 576 27.51 2.71 -23.89
C VAL C 576 28.55 3.05 -24.94
N ARG C 577 28.14 3.84 -25.92
CA ARG C 577 29.05 4.31 -26.97
C ARG C 577 29.48 5.72 -26.63
N ASP C 578 30.78 5.96 -26.63
CA ASP C 578 31.29 7.27 -26.25
C ASP C 578 30.81 8.31 -27.26
N PRO C 579 30.11 9.35 -26.83
CA PRO C 579 29.60 10.33 -27.80
C PRO C 579 30.70 11.09 -28.53
N GLN C 580 31.70 11.57 -27.79
CA GLN C 580 32.72 12.42 -28.41
C GLN C 580 33.51 11.65 -29.47
N THR C 581 34.01 10.47 -29.11
CA THR C 581 34.73 9.61 -30.03
C THR C 581 34.04 8.27 -30.06
N LEU C 582 33.78 7.75 -31.25
CA LEU C 582 32.98 6.54 -31.40
C LEU C 582 33.81 5.36 -30.92
N GLU C 583 33.84 5.20 -29.61
CA GLU C 583 34.49 4.08 -28.94
C GLU C 583 33.47 3.45 -28.00
N ILE C 584 33.53 2.13 -27.87
CA ILE C 584 32.51 1.37 -27.14
C ILE C 584 33.06 1.03 -25.76
N LEU C 585 32.30 1.35 -24.73
CA LEU C 585 32.73 1.22 -23.34
C LEU C 585 31.89 0.20 -22.61
N ASP C 586 32.54 -0.68 -21.85
CA ASP C 586 31.84 -1.54 -20.91
C ASP C 586 31.60 -0.81 -19.61
N ILE C 587 30.43 -1.02 -19.03
CA ILE C 587 30.11 -0.53 -17.70
C ILE C 587 30.13 -1.71 -16.75
N THR C 588 31.13 -1.77 -15.89
CA THR C 588 31.20 -2.80 -14.87
C THR C 588 31.00 -2.18 -13.52
N PRO C 589 30.00 -2.59 -12.76
CA PRO C 589 29.73 -1.94 -11.47
C PRO C 589 30.92 -2.02 -10.55
N CYS C 590 31.12 -0.96 -9.78
CA CYS C 590 32.22 -0.89 -8.85
C CYS C 590 32.13 -2.05 -7.87
N SER C 591 33.29 -2.43 -7.34
CA SER C 591 33.34 -3.61 -6.49
C SER C 591 32.72 -3.34 -5.14
N PHE C 592 32.08 -4.36 -4.59
CA PHE C 592 31.44 -4.26 -3.29
C PHE C 592 31.12 -5.64 -2.77
N GLY C 593 30.81 -5.74 -1.50
CA GLY C 593 30.49 -7.02 -0.91
C GLY C 593 30.45 -6.91 0.59
N GLY C 594 29.94 -7.95 1.21
CA GLY C 594 29.80 -7.94 2.65
C GLY C 594 31.15 -8.05 3.34
N VAL C 595 31.19 -7.55 4.56
CA VAL C 595 32.36 -7.64 5.42
C VAL C 595 31.98 -8.44 6.66
N SER C 596 32.68 -9.54 6.87
CA SER C 596 32.44 -10.42 8.02
C SER C 596 33.68 -10.42 8.89
N VAL C 597 33.49 -10.50 10.20
CA VAL C 597 34.58 -10.45 11.15
C VAL C 597 34.78 -11.84 11.74
N ILE C 598 36.01 -12.33 11.68
CA ILE C 598 36.37 -13.57 12.35
C ILE C 598 36.80 -13.21 13.74
N THR C 599 36.12 -13.75 14.75
CA THR C 599 36.53 -13.49 16.10
C THR C 599 36.47 -14.74 16.96
N PRO C 600 37.53 -15.07 17.68
CA PRO C 600 37.40 -16.00 18.80
C PRO C 600 36.63 -15.29 19.90
N GLY C 601 36.03 -16.09 20.78
CA GLY C 601 35.20 -15.50 21.83
C GLY C 601 35.99 -14.47 22.62
N THR C 602 35.33 -13.33 22.88
CA THR C 602 36.02 -12.23 23.53
C THR C 602 36.66 -12.68 24.84
N ASN C 603 36.02 -13.63 25.52
CA ASN C 603 36.56 -14.10 26.79
C ASN C 603 37.94 -14.70 26.61
N THR C 604 38.25 -15.17 25.41
CA THR C 604 39.59 -15.64 25.11
C THR C 604 40.51 -14.49 24.73
N SER C 605 40.07 -13.62 23.83
CA SER C 605 40.95 -12.59 23.33
C SER C 605 40.14 -11.55 22.58
N ASN C 606 40.81 -10.44 22.26
CA ASN C 606 40.21 -9.36 21.49
C ASN C 606 40.75 -9.26 20.08
N GLN C 607 41.69 -10.12 19.70
CA GLN C 607 42.20 -10.09 18.34
C GLN C 607 41.08 -10.44 17.37
N VAL C 608 41.06 -9.76 16.23
CA VAL C 608 40.02 -9.96 15.23
C VAL C 608 40.64 -9.89 13.85
N ALA C 609 40.15 -10.74 12.96
CA ALA C 609 40.55 -10.72 11.56
C ALA C 609 39.31 -10.56 10.71
N VAL C 610 39.43 -9.75 9.67
CA VAL C 610 38.29 -9.30 8.87
C VAL C 610 38.32 -9.98 7.52
N LEU C 611 37.16 -10.45 7.08
CA LEU C 611 37.02 -11.09 5.78
C LEU C 611 36.19 -10.21 4.86
N TYR C 612 36.81 -9.71 3.80
CA TYR C 612 36.10 -8.97 2.77
C TYR C 612 35.60 -9.94 1.71
N GLN C 613 34.29 -10.03 1.56
CA GLN C 613 33.72 -11.05 0.68
C GLN C 613 33.82 -10.64 -0.78
N ASP C 614 34.30 -11.56 -1.60
CA ASP C 614 34.26 -11.43 -3.06
C ASP C 614 34.85 -10.11 -3.55
N VAL C 615 35.97 -9.70 -2.95
CA VAL C 615 36.75 -8.62 -3.52
C VAL C 615 38.21 -9.04 -3.60
N ASN C 616 38.84 -8.71 -4.71
CA ASN C 616 40.25 -9.00 -4.86
C ASN C 616 41.03 -8.21 -3.83
N CYS C 617 42.19 -8.72 -3.44
CA CYS C 617 42.97 -8.00 -2.44
C CYS C 617 43.76 -6.87 -3.07
N THR C 618 43.07 -6.04 -3.85
CA THR C 618 43.66 -4.82 -4.37
C THR C 618 42.71 -3.66 -4.09
N GLU C 619 41.41 -3.92 -4.18
CA GLU C 619 40.42 -2.87 -3.98
C GLU C 619 40.45 -2.36 -2.54
N VAL C 620 40.81 -3.21 -1.60
CA VAL C 620 40.91 -2.80 -0.21
C VAL C 620 41.87 -1.63 -0.05
N ASN C 641 49.15 -8.03 6.71
CA ASN C 641 49.17 -9.48 6.67
C ASN C 641 47.97 -10.00 5.89
N VAL C 642 48.01 -9.81 4.58
CA VAL C 642 46.85 -10.01 3.71
C VAL C 642 46.95 -11.39 3.09
N PHE C 643 45.88 -12.16 3.21
CA PHE C 643 45.79 -13.48 2.60
C PHE C 643 44.56 -13.51 1.69
N GLN C 644 44.72 -14.10 0.51
CA GLN C 644 43.65 -14.18 -0.47
C GLN C 644 43.12 -15.60 -0.54
N THR C 645 41.80 -15.76 -0.47
CA THR C 645 41.15 -17.04 -0.67
C THR C 645 39.96 -16.85 -1.59
N ARG C 646 39.34 -17.96 -2.00
CA ARG C 646 38.24 -17.86 -2.95
C ARG C 646 37.03 -17.19 -2.32
N ALA C 647 36.89 -17.30 -1.01
CA ALA C 647 35.79 -16.60 -0.34
C ALA C 647 35.94 -15.09 -0.49
N GLY C 648 37.15 -14.58 -0.34
CA GLY C 648 37.39 -13.16 -0.44
C GLY C 648 38.72 -12.81 0.20
N CYS C 649 38.98 -11.51 0.28
CA CYS C 649 40.20 -11.05 0.92
C CYS C 649 40.11 -11.28 2.42
N LEU C 650 41.20 -11.76 3.02
CA LEU C 650 41.25 -12.02 4.44
C LEU C 650 42.39 -11.23 5.05
N ILE C 651 42.07 -10.41 6.03
CA ILE C 651 43.02 -9.47 6.62
C ILE C 651 43.14 -9.77 8.11
N GLY C 652 44.37 -9.77 8.61
CA GLY C 652 44.60 -9.98 10.02
C GLY C 652 44.74 -11.42 10.42
N ALA C 653 44.87 -12.34 9.48
CA ALA C 653 45.09 -13.74 9.77
C ALA C 653 46.26 -14.23 8.95
N GLU C 654 47.06 -15.12 9.52
CA GLU C 654 48.25 -15.62 8.86
C GLU C 654 47.98 -17.02 8.30
N HIS C 655 48.34 -17.23 7.05
CA HIS C 655 48.19 -18.54 6.44
C HIS C 655 49.20 -19.50 7.05
N VAL C 656 48.80 -20.76 7.20
CA VAL C 656 49.67 -21.80 7.72
C VAL C 656 49.46 -23.07 6.92
N ASN C 657 50.55 -23.77 6.63
CA ASN C 657 50.44 -25.02 5.88
C ASN C 657 49.73 -26.08 6.70
N ASN C 658 50.00 -26.14 8.00
CA ASN C 658 49.44 -27.21 8.82
C ASN C 658 47.92 -27.16 8.80
N SER C 659 47.31 -28.33 8.61
CA SER C 659 45.87 -28.44 8.58
C SER C 659 45.35 -29.00 9.89
N TYR C 660 44.15 -28.57 10.27
CA TYR C 660 43.56 -28.95 11.55
C TYR C 660 42.07 -29.15 11.36
N GLU C 661 41.40 -29.43 12.48
CA GLU C 661 39.95 -29.52 12.47
C GLU C 661 39.34 -28.13 12.33
N CYS C 662 38.28 -28.02 11.54
CA CYS C 662 37.66 -26.71 11.34
C CYS C 662 37.09 -26.18 12.65
N ASP C 663 37.42 -24.93 12.95
CA ASP C 663 36.94 -24.29 14.18
C ASP C 663 35.96 -23.18 13.85
N ILE C 664 36.34 -22.22 13.02
CA ILE C 664 35.44 -21.17 12.54
C ILE C 664 35.44 -21.23 11.02
N PRO C 665 34.31 -21.45 10.39
CA PRO C 665 34.33 -21.70 8.95
C PRO C 665 34.38 -20.43 8.11
N ILE C 666 35.32 -20.36 7.17
CA ILE C 666 35.37 -19.26 6.21
C ILE C 666 34.71 -19.62 4.90
N GLY C 667 34.64 -20.89 4.55
CA GLY C 667 34.15 -21.31 3.27
C GLY C 667 35.26 -21.60 2.29
N ALA C 668 34.88 -22.28 1.21
CA ALA C 668 35.82 -22.68 0.17
C ALA C 668 36.97 -23.49 0.75
N GLY C 669 36.71 -24.20 1.82
CA GLY C 669 37.69 -25.11 2.38
C GLY C 669 38.64 -24.51 3.39
N ILE C 670 38.49 -23.24 3.72
CA ILE C 670 39.37 -22.57 4.67
C ILE C 670 38.62 -22.36 5.96
N CYS C 671 39.24 -22.70 7.08
CA CYS C 671 38.69 -22.42 8.39
C CYS C 671 39.75 -21.71 9.22
N ALA C 672 39.30 -20.80 10.09
CA ALA C 672 40.21 -19.97 10.86
C ALA C 672 40.02 -20.23 12.34
N SER C 673 41.11 -20.10 13.10
CA SER C 673 41.07 -20.44 14.52
C SER C 673 42.14 -19.68 15.26
N TYR C 674 42.02 -19.69 16.58
CA TYR C 674 42.93 -18.97 17.48
C TYR C 674 43.90 -19.96 18.09
N GLN C 675 45.20 -19.76 17.86
CA GLN C 675 46.20 -20.68 18.35
C GLN C 675 47.54 -19.97 18.40
N THR C 676 48.46 -20.51 19.22
CA THR C 676 49.79 -19.92 19.38
C THR C 676 50.57 -19.89 18.07
N SER C 689 51.75 -14.23 22.29
CA SER C 689 52.29 -15.34 21.51
C SER C 689 51.24 -15.94 20.61
N GLN C 690 49.97 -15.80 21.01
CA GLN C 690 48.87 -16.34 20.24
C GLN C 690 48.43 -15.34 19.17
N SER C 691 47.83 -15.87 18.11
CA SER C 691 47.29 -15.02 17.05
C SER C 691 46.19 -15.78 16.33
N ILE C 692 45.77 -15.25 15.19
CA ILE C 692 44.70 -15.83 14.38
C ILE C 692 45.34 -16.50 13.17
N ILE C 693 45.01 -17.76 12.93
CA ILE C 693 45.57 -18.52 11.81
C ILE C 693 44.44 -19.03 10.95
N ALA C 694 44.66 -19.03 9.64
CA ALA C 694 43.74 -19.59 8.67
C ALA C 694 44.41 -20.73 7.94
N TYR C 695 43.76 -21.88 7.91
CA TYR C 695 44.37 -23.11 7.43
C TYR C 695 43.40 -23.85 6.53
N THR C 696 43.94 -24.65 5.62
CA THR C 696 43.08 -25.52 4.84
C THR C 696 42.46 -26.56 5.74
N MET C 697 41.15 -26.74 5.62
CA MET C 697 40.44 -27.62 6.52
C MET C 697 40.93 -29.05 6.35
N SER C 698 41.06 -29.76 7.46
CA SER C 698 41.51 -31.15 7.45
C SER C 698 40.33 -32.06 7.71
N LEU C 699 40.17 -33.09 6.89
CA LEU C 699 38.99 -33.93 6.92
C LEU C 699 39.11 -35.09 7.89
N GLY C 700 40.21 -35.19 8.62
CA GLY C 700 40.39 -36.26 9.56
C GLY C 700 41.68 -37.03 9.31
N ALA C 701 42.02 -37.84 10.29
CA ALA C 701 43.23 -38.64 10.19
C ALA C 701 43.16 -39.58 9.02
N GLU C 702 44.25 -39.66 8.27
CA GLU C 702 44.34 -40.59 7.16
C GLU C 702 44.68 -41.96 7.70
N ASN C 703 43.96 -42.98 7.21
CA ASN C 703 44.06 -44.31 7.81
C ASN C 703 43.82 -45.37 6.74
N SER C 704 44.90 -45.89 6.18
CA SER C 704 44.78 -46.98 5.23
C SER C 704 44.34 -48.25 5.94
N VAL C 705 43.74 -49.16 5.19
CA VAL C 705 43.23 -50.40 5.74
C VAL C 705 44.13 -51.55 5.29
N ALA C 706 44.50 -52.41 6.24
CA ALA C 706 45.43 -53.50 5.96
C ALA C 706 44.70 -54.66 5.28
N TYR C 707 44.08 -54.34 4.16
CA TYR C 707 43.26 -55.31 3.45
C TYR C 707 44.12 -56.29 2.66
N SER C 708 43.65 -57.53 2.56
CA SER C 708 44.21 -58.51 1.66
C SER C 708 43.17 -59.59 1.47
N ASN C 709 43.44 -60.52 0.57
CA ASN C 709 42.41 -61.47 0.20
C ASN C 709 42.27 -62.64 1.16
N ASN C 710 43.10 -62.74 2.19
CA ASN C 710 42.93 -63.83 3.13
C ASN C 710 43.19 -63.43 4.58
N SER C 711 42.91 -62.19 4.94
CA SER C 711 43.19 -61.71 6.29
C SER C 711 41.95 -61.06 6.88
N ILE C 712 41.62 -61.46 8.10
CA ILE C 712 40.46 -60.96 8.80
C ILE C 712 40.89 -60.39 10.14
N ALA C 713 40.24 -59.31 10.55
CA ALA C 713 40.42 -58.77 11.88
C ALA C 713 39.15 -59.03 12.68
N ILE C 714 39.30 -59.60 13.87
CA ILE C 714 38.19 -59.91 14.75
C ILE C 714 38.46 -59.26 16.09
N PRO C 715 37.52 -58.51 16.66
CA PRO C 715 37.74 -57.95 17.99
C PRO C 715 37.86 -59.04 19.03
N THR C 716 38.64 -58.76 20.07
CA THR C 716 38.73 -59.65 21.21
C THR C 716 38.11 -59.06 22.46
N ASN C 717 37.56 -57.85 22.38
CA ASN C 717 37.12 -57.14 23.57
C ASN C 717 36.16 -56.05 23.14
N PHE C 718 35.36 -55.58 24.09
CA PHE C 718 34.27 -54.69 23.77
C PHE C 718 34.18 -53.58 24.81
N THR C 719 33.59 -52.47 24.41
CA THR C 719 33.34 -51.35 25.31
C THR C 719 31.89 -50.94 25.20
N ILE C 720 31.23 -50.84 26.34
CA ILE C 720 29.87 -50.33 26.41
C ILE C 720 29.96 -48.82 26.58
N SER C 721 29.60 -48.08 25.54
CA SER C 721 29.71 -46.63 25.56
C SER C 721 28.32 -46.02 25.51
N VAL C 722 28.09 -44.99 26.30
CA VAL C 722 26.80 -44.28 26.34
C VAL C 722 26.97 -42.93 25.69
N THR C 723 26.15 -42.66 24.67
CA THR C 723 26.17 -41.39 23.97
C THR C 723 24.87 -40.66 24.19
N THR C 724 24.91 -39.35 24.05
CA THR C 724 23.78 -38.48 24.35
C THR C 724 23.28 -37.85 23.06
N GLU C 725 21.98 -37.95 22.82
CA GLU C 725 21.35 -37.35 21.66
C GLU C 725 20.18 -36.49 22.11
N ILE C 726 20.11 -35.26 21.62
CA ILE C 726 19.17 -34.26 22.12
C ILE C 726 18.29 -33.82 20.98
N LEU C 727 16.98 -33.77 21.21
CA LEU C 727 16.06 -33.35 20.17
C LEU C 727 15.05 -32.34 20.72
N PRO C 728 14.70 -31.32 19.93
CA PRO C 728 13.59 -30.46 20.32
C PRO C 728 12.29 -31.19 20.11
N VAL C 729 11.31 -30.91 20.97
CA VAL C 729 9.99 -31.51 20.85
C VAL C 729 8.90 -30.45 20.69
N SER C 730 8.96 -29.37 21.47
CA SER C 730 7.96 -28.34 21.39
C SER C 730 8.60 -26.97 21.56
N MET C 731 7.88 -25.94 21.18
CA MET C 731 8.32 -24.56 21.38
C MET C 731 7.25 -23.79 22.10
N THR C 732 7.64 -22.64 22.64
CA THR C 732 6.77 -21.89 23.53
C THR C 732 5.46 -21.55 22.85
N LYS C 733 4.36 -21.91 23.50
CA LYS C 733 3.04 -21.66 22.95
C LYS C 733 2.76 -20.17 23.08
N THR C 734 2.84 -19.44 21.99
CA THR C 734 2.63 -18.00 22.01
C THR C 734 1.40 -17.64 21.20
N SER C 735 0.63 -16.69 21.71
CA SER C 735 -0.52 -16.17 21.01
C SER C 735 -0.52 -14.66 21.11
N VAL C 736 -0.61 -13.97 19.98
CA VAL C 736 -0.73 -12.52 19.94
C VAL C 736 -2.14 -12.21 19.47
N ASP C 737 -2.87 -11.45 20.28
CA ASP C 737 -4.19 -11.02 19.84
C ASP C 737 -4.00 -10.07 18.67
N CYS C 738 -4.59 -10.39 17.53
CA CYS C 738 -4.42 -9.57 16.35
C CYS C 738 -4.88 -8.14 16.59
N THR C 739 -6.07 -7.97 17.17
CA THR C 739 -6.61 -6.62 17.29
C THR C 739 -5.83 -5.78 18.29
N MET C 740 -5.59 -6.30 19.49
CA MET C 740 -4.93 -5.46 20.50
C MET C 740 -3.55 -5.04 20.04
N TYR C 741 -2.86 -5.90 19.30
CA TYR C 741 -1.52 -5.52 18.85
C TYR C 741 -1.59 -4.38 17.86
N ILE C 742 -2.40 -4.50 16.82
CA ILE C 742 -2.44 -3.47 15.80
C ILE C 742 -3.03 -2.19 16.37
N CYS C 743 -4.16 -2.27 17.05
CA CYS C 743 -4.84 -1.12 17.61
C CYS C 743 -4.82 -1.21 19.12
N GLY C 744 -4.31 -0.18 19.77
CA GLY C 744 -4.28 -0.15 21.21
C GLY C 744 -5.61 0.26 21.80
N ASP C 745 -6.56 -0.67 21.79
CA ASP C 745 -7.92 -0.46 22.30
C ASP C 745 -8.49 0.90 21.88
N SER C 746 -8.23 1.28 20.64
CA SER C 746 -8.79 2.49 20.07
C SER C 746 -9.92 2.07 19.14
N THR C 747 -11.13 2.52 19.45
CA THR C 747 -12.27 2.16 18.61
C THR C 747 -12.06 2.67 17.20
N GLU C 748 -11.52 3.89 17.07
CA GLU C 748 -11.28 4.45 15.75
C GLU C 748 -10.33 3.57 14.96
N CYS C 749 -9.25 3.11 15.58
CA CYS C 749 -8.34 2.21 14.88
C CYS C 749 -9.02 0.89 14.55
N SER C 750 -9.82 0.38 15.49
CA SER C 750 -10.46 -0.91 15.26
C SER C 750 -11.40 -0.86 14.06
N ASN C 751 -12.21 0.19 13.96
CA ASN C 751 -13.13 0.27 12.83
C ASN C 751 -12.39 0.35 11.51
N LEU C 752 -11.31 1.12 11.46
CA LEU C 752 -10.49 1.14 10.26
C LEU C 752 -10.01 -0.25 9.91
N LEU C 753 -9.67 -1.05 10.91
CA LEU C 753 -9.15 -2.38 10.63
C LEU C 753 -10.20 -3.27 10.00
N LEU C 754 -11.47 -3.09 10.38
CA LEU C 754 -12.51 -3.95 9.84
C LEU C 754 -12.63 -3.85 8.33
N GLN C 755 -12.15 -2.76 7.75
CA GLN C 755 -12.17 -2.65 6.29
C GLN C 755 -11.31 -3.72 5.65
N TYR C 756 -10.14 -4.00 6.23
CA TYR C 756 -9.23 -4.96 5.64
C TYR C 756 -9.78 -6.38 5.64
N GLY C 757 -10.97 -6.60 6.16
CA GLY C 757 -11.60 -7.89 6.02
C GLY C 757 -11.06 -8.85 7.05
N SER C 758 -10.95 -10.11 6.67
CA SER C 758 -10.67 -11.18 7.62
C SER C 758 -9.19 -11.44 7.82
N PHE C 759 -8.32 -10.50 7.46
CA PHE C 759 -6.90 -10.68 7.78
C PHE C 759 -6.71 -10.88 9.27
N CYS C 760 -7.41 -10.10 10.08
CA CYS C 760 -7.15 -10.12 11.51
C CYS C 760 -7.55 -11.44 12.13
N THR C 761 -8.55 -12.12 11.57
CA THR C 761 -8.99 -13.37 12.17
C THR C 761 -8.16 -14.55 11.68
N GLN C 762 -7.70 -14.51 10.43
CA GLN C 762 -6.78 -15.55 9.98
C GLN C 762 -5.52 -15.57 10.83
N LEU C 763 -4.90 -14.41 11.01
CA LEU C 763 -3.62 -14.37 11.70
C LEU C 763 -3.78 -14.87 13.12
N ASN C 764 -4.91 -14.58 13.73
CA ASN C 764 -5.18 -15.09 15.08
C ASN C 764 -5.31 -16.60 15.04
N ARG C 765 -6.09 -17.13 14.09
CA ARG C 765 -6.37 -18.56 14.11
C ARG C 765 -5.15 -19.37 13.73
N ALA C 766 -4.32 -18.86 12.81
CA ALA C 766 -3.14 -19.62 12.41
C ALA C 766 -2.21 -19.84 13.59
N LEU C 767 -2.06 -18.82 14.44
CA LEU C 767 -1.18 -18.98 15.59
C LEU C 767 -1.78 -19.95 16.60
N THR C 768 -3.10 -19.99 16.71
CA THR C 768 -3.71 -20.99 17.58
C THR C 768 -3.47 -22.40 17.06
N GLY C 769 -3.53 -22.57 15.74
CA GLY C 769 -3.24 -23.87 15.18
C GLY C 769 -1.85 -24.36 15.55
N ILE C 770 -0.88 -23.47 15.59
CA ILE C 770 0.45 -23.81 16.07
C ILE C 770 0.41 -24.20 17.53
N ALA C 771 -0.34 -23.45 18.34
CA ALA C 771 -0.37 -23.72 19.77
C ALA C 771 -0.97 -25.09 20.06
N VAL C 772 -2.06 -25.44 19.41
CA VAL C 772 -2.70 -26.73 19.68
C VAL C 772 -1.84 -27.86 19.15
N GLU C 773 -1.29 -27.71 17.94
CA GLU C 773 -0.34 -28.68 17.44
C GLU C 773 0.79 -28.89 18.43
N GLN C 774 1.15 -27.83 19.15
CA GLN C 774 2.34 -27.89 19.98
C GLN C 774 2.17 -28.91 21.09
N ASP C 775 0.99 -28.96 21.69
CA ASP C 775 0.73 -29.97 22.71
C ASP C 775 0.70 -31.36 22.10
N LYS C 776 0.25 -31.48 20.86
CA LYS C 776 0.20 -32.80 20.23
C LYS C 776 1.59 -33.38 20.04
N ASN C 777 2.61 -32.52 20.00
CA ASN C 777 3.96 -33.05 19.90
C ASN C 777 4.35 -33.82 21.15
N THR C 778 4.21 -33.21 22.33
CA THR C 778 4.65 -33.89 23.53
C THR C 778 3.82 -35.13 23.80
N GLN C 779 2.58 -35.15 23.34
CA GLN C 779 1.81 -36.40 23.42
C GLN C 779 2.48 -37.50 22.61
N GLU C 780 2.90 -37.19 21.39
CA GLU C 780 3.49 -38.22 20.54
C GLU C 780 4.80 -38.72 21.12
N VAL C 781 5.65 -37.82 21.61
CA VAL C 781 6.97 -38.22 22.07
C VAL C 781 6.86 -39.07 23.33
N PHE C 782 6.10 -38.61 24.31
CA PHE C 782 6.12 -39.25 25.62
C PHE C 782 4.98 -40.20 25.88
N ALA C 783 3.74 -39.82 25.57
CA ALA C 783 2.59 -40.63 25.97
C ALA C 783 2.47 -41.85 25.07
N GLN C 784 3.54 -42.63 25.02
CA GLN C 784 3.57 -43.86 24.24
C GLN C 784 3.35 -45.09 25.10
N VAL C 785 3.11 -44.93 26.39
CA VAL C 785 2.94 -46.05 27.30
C VAL C 785 1.54 -45.98 27.89
N LYS C 786 0.83 -47.10 27.81
CA LYS C 786 -0.56 -47.14 28.25
C LYS C 786 -0.72 -47.12 29.75
N GLN C 787 0.27 -47.59 30.50
CA GLN C 787 0.22 -47.58 31.96
C GLN C 787 1.42 -46.82 32.48
N ILE C 788 1.43 -46.57 33.78
CA ILE C 788 2.60 -46.02 34.45
C ILE C 788 3.21 -47.13 35.30
N TYR C 789 4.29 -47.72 34.81
CA TYR C 789 5.02 -48.71 35.58
C TYR C 789 5.90 -48.01 36.60
N LYS C 790 6.15 -48.69 37.70
CA LYS C 790 6.99 -48.16 38.76
C LYS C 790 8.06 -49.17 39.09
N THR C 791 9.29 -48.68 39.23
CA THR C 791 10.40 -49.56 39.53
C THR C 791 10.19 -50.22 40.89
N PRO C 792 10.64 -51.46 41.06
CA PRO C 792 10.54 -52.10 42.36
C PRO C 792 11.36 -51.33 43.37
N PRO C 793 10.96 -51.35 44.64
CA PRO C 793 11.67 -50.54 45.64
C PRO C 793 13.15 -50.88 45.77
N ILE C 794 13.51 -52.16 45.66
CA ILE C 794 14.89 -52.59 45.85
C ILE C 794 15.59 -52.63 44.49
N LYS C 795 16.74 -51.95 44.41
CA LYS C 795 17.39 -51.68 43.12
C LYS C 795 18.49 -52.71 42.87
N ASP C 796 18.07 -53.96 42.69
CA ASP C 796 18.99 -55.07 42.44
C ASP C 796 18.88 -55.48 40.98
N PHE C 797 19.72 -54.89 40.15
CA PHE C 797 19.65 -55.09 38.71
C PHE C 797 20.91 -55.76 38.16
N GLY C 798 21.35 -56.82 38.83
CA GLY C 798 22.47 -57.57 38.31
C GLY C 798 23.77 -56.81 38.24
N GLY C 799 23.92 -55.77 39.05
CA GLY C 799 25.13 -54.99 39.09
C GLY C 799 25.04 -53.65 38.40
N PHE C 800 24.06 -53.45 37.53
CA PHE C 800 23.91 -52.16 36.89
C PHE C 800 23.35 -51.15 37.89
N ASN C 801 23.62 -49.88 37.61
CA ASN C 801 23.38 -48.79 38.56
C ASN C 801 22.58 -47.68 37.89
N PHE C 802 21.26 -47.79 37.89
CA PHE C 802 20.42 -46.74 37.32
C PHE C 802 20.02 -45.71 38.36
N SER C 803 20.80 -45.57 39.43
CA SER C 803 20.43 -44.64 40.49
C SER C 803 20.34 -43.22 39.96
N GLN C 804 21.18 -42.88 39.00
CA GLN C 804 21.22 -41.50 38.53
C GLN C 804 20.01 -41.18 37.65
N ILE C 805 19.64 -42.09 36.75
CA ILE C 805 18.58 -41.76 35.81
C ILE C 805 17.21 -42.09 36.37
N LEU C 806 17.12 -42.87 37.42
CA LEU C 806 15.83 -43.16 38.02
C LEU C 806 15.37 -41.98 38.88
N PRO C 807 14.06 -41.80 39.03
CA PRO C 807 13.57 -40.66 39.82
C PRO C 807 14.07 -40.73 41.25
N ASP C 808 14.35 -39.56 41.80
CA ASP C 808 14.81 -39.42 43.18
C ASP C 808 13.72 -38.76 44.00
N PRO C 809 13.11 -39.50 44.94
CA PRO C 809 11.97 -38.93 45.69
C PRO C 809 12.33 -37.72 46.54
N SER C 810 13.61 -37.55 46.88
CA SER C 810 13.99 -36.47 47.79
C SER C 810 13.66 -35.09 47.21
N LYS C 811 13.97 -34.89 45.93
CA LYS C 811 13.74 -33.58 45.33
C LYS C 811 12.25 -33.31 45.22
N PRO C 812 11.82 -32.04 45.22
CA PRO C 812 10.36 -31.78 45.15
C PRO C 812 9.73 -32.34 43.90
N SER C 813 10.15 -31.89 42.72
CA SER C 813 9.68 -32.50 41.50
C SER C 813 10.34 -33.86 41.33
N LYS C 814 9.55 -34.86 40.95
CA LYS C 814 10.05 -36.23 40.85
C LYS C 814 10.94 -36.34 39.62
N ARG C 815 12.12 -35.75 39.72
CA ARG C 815 13.07 -35.68 38.62
C ARG C 815 14.37 -36.37 38.99
N SER C 816 14.89 -37.14 38.06
CA SER C 816 16.13 -37.86 38.30
C SER C 816 17.31 -36.92 38.14
N PHE C 817 18.47 -37.38 38.62
CA PHE C 817 19.60 -36.49 38.81
C PHE C 817 20.04 -35.86 37.49
N ILE C 818 20.13 -36.66 36.43
CA ILE C 818 20.51 -36.08 35.15
C ILE C 818 19.46 -35.11 34.66
N GLU C 819 18.18 -35.46 34.80
CA GLU C 819 17.12 -34.57 34.37
C GLU C 819 17.28 -33.20 35.00
N ASP C 820 17.77 -33.16 36.25
CA ASP C 820 17.91 -31.89 36.93
C ASP C 820 19.01 -31.04 36.31
N LEU C 821 20.14 -31.65 35.96
CA LEU C 821 21.23 -30.89 35.36
C LEU C 821 20.77 -30.18 34.11
N LEU C 822 19.95 -30.84 33.31
CA LEU C 822 19.46 -30.21 32.08
C LEU C 822 18.64 -28.98 32.39
N PHE C 823 17.72 -29.06 33.35
CA PHE C 823 16.81 -27.96 33.59
C PHE C 823 17.52 -26.67 33.97
N ASN C 824 18.69 -26.78 34.60
CA ASN C 824 19.43 -25.55 34.92
C ASN C 824 20.19 -25.04 33.71
N LYS C 825 20.68 -25.93 32.86
CA LYS C 825 21.46 -25.49 31.70
C LYS C 825 20.62 -24.66 30.75
N VAL C 826 19.37 -25.04 30.52
CA VAL C 826 18.49 -24.29 29.63
C VAL C 826 18.01 -23.05 30.36
N THR C 827 18.12 -21.89 29.71
CA THR C 827 17.69 -20.64 30.30
C THR C 827 16.73 -19.89 29.38
N LYS C 854 5.27 -7.35 25.65
CA LYS C 854 5.28 -7.68 27.06
C LYS C 854 3.85 -7.70 27.59
N PHE C 855 3.14 -6.60 27.33
CA PHE C 855 1.75 -6.46 27.72
C PHE C 855 0.96 -5.82 26.58
N ASN C 856 1.43 -6.03 25.36
CA ASN C 856 0.88 -5.40 24.16
C ASN C 856 -0.15 -6.29 23.47
N GLY C 857 -0.69 -7.27 24.18
CA GLY C 857 -1.63 -8.20 23.61
C GLY C 857 -1.09 -9.58 23.34
N LEU C 858 0.20 -9.81 23.55
CA LEU C 858 0.76 -11.14 23.40
C LEU C 858 0.67 -11.88 24.72
N THR C 859 0.19 -13.11 24.67
CA THR C 859 0.07 -13.96 25.85
C THR C 859 0.74 -15.28 25.59
N VAL C 860 1.33 -15.87 26.62
CA VAL C 860 2.00 -17.16 26.52
C VAL C 860 1.14 -18.18 27.23
N LEU C 861 0.44 -19.02 26.47
CA LEU C 861 -0.35 -20.06 27.09
C LEU C 861 0.55 -21.12 27.70
N PRO C 862 0.19 -21.64 28.86
CA PRO C 862 1.00 -22.68 29.47
C PRO C 862 0.83 -23.99 28.74
N PRO C 863 1.80 -24.89 28.82
CA PRO C 863 1.68 -26.18 28.15
C PRO C 863 0.68 -27.06 28.86
N LEU C 864 0.18 -28.06 28.13
CA LEU C 864 -0.81 -28.96 28.70
C LEU C 864 -0.20 -29.94 29.68
N LEU C 865 0.94 -30.52 29.35
CA LEU C 865 1.62 -31.46 30.24
C LEU C 865 2.68 -30.69 31.02
N THR C 866 2.37 -30.39 32.27
CA THR C 866 3.33 -29.65 33.08
C THR C 866 4.54 -30.51 33.38
N ASP C 867 5.65 -29.84 33.73
CA ASP C 867 6.94 -30.52 33.76
C ASP C 867 6.96 -31.66 34.75
N GLU C 868 6.18 -31.57 35.82
CA GLU C 868 6.07 -32.73 36.71
C GLU C 868 5.47 -33.91 35.97
N MET C 869 4.41 -33.67 35.19
CA MET C 869 3.73 -34.77 34.52
C MET C 869 4.63 -35.43 33.50
N ILE C 870 5.40 -34.65 32.74
CA ILE C 870 6.29 -35.24 31.76
C ILE C 870 7.28 -36.16 32.44
N ALA C 871 7.87 -35.70 33.54
CA ALA C 871 8.83 -36.52 34.26
C ALA C 871 8.20 -37.82 34.73
N GLN C 872 6.87 -37.86 34.84
CA GLN C 872 6.22 -39.11 35.18
C GLN C 872 6.35 -40.12 34.05
N TYR C 873 6.05 -39.71 32.81
CA TYR C 873 6.21 -40.64 31.69
C TYR C 873 7.64 -41.14 31.57
N THR C 874 8.61 -40.23 31.56
CA THR C 874 9.99 -40.67 31.42
C THR C 874 10.41 -41.54 32.59
N SER C 875 9.75 -41.40 33.73
CA SER C 875 9.89 -42.41 34.77
C SER C 875 9.31 -43.74 34.32
N ALA C 876 8.12 -43.71 33.73
CA ALA C 876 7.47 -44.94 33.32
C ALA C 876 8.26 -45.64 32.22
N LEU C 877 8.55 -44.93 31.14
CA LEU C 877 9.28 -45.54 30.04
C LEU C 877 10.62 -46.07 30.52
N LEU C 878 11.26 -45.36 31.45
CA LEU C 878 12.50 -45.88 32.00
C LEU C 878 12.24 -47.14 32.81
N ALA C 879 11.21 -47.14 33.64
CA ALA C 879 10.93 -48.31 34.47
C ALA C 879 10.51 -49.49 33.63
N GLY C 880 9.73 -49.25 32.58
CA GLY C 880 9.32 -50.35 31.72
C GLY C 880 10.49 -51.01 31.02
N THR C 881 11.45 -50.22 30.56
CA THR C 881 12.61 -50.77 29.87
C THR C 881 13.44 -51.62 30.81
N ILE C 882 13.58 -51.20 32.06
CA ILE C 882 14.45 -51.90 33.01
C ILE C 882 13.87 -53.22 33.48
N THR C 883 12.56 -53.39 33.42
CA THR C 883 11.97 -54.57 34.03
C THR C 883 11.22 -55.42 33.02
N SER C 884 11.05 -54.93 31.80
CA SER C 884 10.30 -55.68 30.81
C SER C 884 10.95 -55.79 29.46
N GLY C 885 12.11 -55.18 29.25
CA GLY C 885 12.70 -55.21 27.93
C GLY C 885 11.78 -54.56 26.93
N TRP C 886 11.66 -55.16 25.75
CA TRP C 886 10.78 -54.60 24.74
C TRP C 886 9.34 -55.00 24.95
N THR C 887 9.09 -56.00 25.80
CA THR C 887 7.76 -56.59 25.85
C THR C 887 6.68 -55.57 26.20
N PHE C 888 6.95 -54.67 27.13
CA PHE C 888 5.91 -53.75 27.57
C PHE C 888 5.47 -52.86 26.41
N GLY C 889 6.31 -52.70 25.40
CA GLY C 889 5.88 -51.99 24.21
C GLY C 889 4.82 -52.74 23.42
N ALA C 890 5.04 -54.04 23.23
CA ALA C 890 4.12 -54.82 22.40
C ALA C 890 2.80 -55.06 23.10
N GLY C 891 2.82 -55.29 24.39
CA GLY C 891 1.60 -55.63 25.11
C GLY C 891 1.75 -55.49 26.61
N ALA C 892 1.23 -56.46 27.35
CA ALA C 892 1.38 -56.45 28.79
C ALA C 892 2.85 -56.60 29.16
N ALA C 893 3.28 -55.86 30.17
CA ALA C 893 4.68 -55.91 30.59
C ALA C 893 5.01 -57.23 31.24
N LEU C 894 6.13 -57.81 30.88
CA LEU C 894 6.56 -59.11 31.37
C LEU C 894 7.90 -58.95 32.08
N GLN C 895 7.95 -59.30 33.35
CA GLN C 895 9.17 -59.12 34.11
C GLN C 895 10.24 -60.08 33.61
N ILE C 896 11.46 -59.59 33.46
CA ILE C 896 12.61 -60.42 33.13
C ILE C 896 13.79 -59.89 33.93
N PRO C 897 14.55 -60.73 34.60
CA PRO C 897 15.71 -60.24 35.34
C PRO C 897 16.65 -59.51 34.41
N PHE C 898 17.18 -58.38 34.89
CA PHE C 898 17.88 -57.48 33.99
C PHE C 898 19.11 -58.11 33.38
N ALA C 899 19.75 -59.03 34.10
CA ALA C 899 20.93 -59.67 33.53
C ALA C 899 20.59 -60.33 32.20
N MET C 900 19.54 -61.15 32.18
CA MET C 900 19.18 -61.83 30.94
C MET C 900 18.73 -60.85 29.87
N GLN C 901 17.99 -59.82 30.26
CA GLN C 901 17.47 -58.90 29.24
C GLN C 901 18.61 -58.28 28.46
N MET C 902 19.66 -57.84 29.15
CA MET C 902 20.84 -57.40 28.43
C MET C 902 21.42 -58.54 27.60
N ALA C 903 21.37 -59.76 28.15
CA ALA C 903 21.92 -60.90 27.42
C ALA C 903 21.17 -61.13 26.12
N TYR C 904 19.85 -60.96 26.12
CA TYR C 904 19.10 -61.01 24.87
C TYR C 904 19.65 -60.03 23.87
N ARG C 905 19.86 -58.81 24.32
CA ARG C 905 20.19 -57.74 23.40
C ARG C 905 21.51 -58.01 22.72
N PHE C 906 22.48 -58.59 23.43
CA PHE C 906 23.65 -59.08 22.72
C PHE C 906 23.26 -60.08 21.65
N ASN C 907 22.40 -61.03 21.99
CA ASN C 907 22.00 -62.03 21.01
C ASN C 907 21.37 -61.37 19.81
N GLY C 908 20.84 -60.16 19.99
CA GLY C 908 20.37 -59.40 18.85
C GLY C 908 21.49 -58.96 17.93
N ILE C 909 22.59 -58.44 18.49
CA ILE C 909 23.65 -57.88 17.67
C ILE C 909 24.69 -58.90 17.25
N GLY C 910 24.43 -60.18 17.43
CA GLY C 910 25.30 -61.20 16.88
C GLY C 910 26.31 -61.77 17.84
N VAL C 911 26.38 -61.28 19.05
CA VAL C 911 27.25 -61.85 20.07
C VAL C 911 26.45 -62.87 20.86
N THR C 912 26.96 -64.10 20.94
CA THR C 912 26.23 -65.14 21.65
C THR C 912 26.17 -64.80 23.14
N GLN C 913 25.19 -65.42 23.81
CA GLN C 913 24.87 -65.03 25.18
C GLN C 913 26.06 -65.19 26.11
N ASN C 914 26.81 -66.28 25.97
CA ASN C 914 27.77 -66.64 26.99
C ASN C 914 28.82 -65.56 27.18
N VAL C 915 28.97 -64.68 26.20
CA VAL C 915 29.89 -63.57 26.37
C VAL C 915 29.48 -62.69 27.54
N LEU C 916 28.19 -62.35 27.62
CA LEU C 916 27.76 -61.44 28.67
C LEU C 916 27.86 -62.07 30.05
N TYR C 917 27.31 -63.27 30.22
CA TYR C 917 27.26 -63.85 31.55
C TYR C 917 28.67 -64.03 32.10
N GLU C 918 29.59 -64.47 31.26
CA GLU C 918 30.97 -64.59 31.71
C GLU C 918 31.56 -63.23 32.06
N ASN C 919 31.08 -62.17 31.41
CA ASN C 919 31.64 -60.85 31.62
C ASN C 919 30.67 -59.91 32.29
N GLN C 920 29.76 -60.44 33.11
CA GLN C 920 28.74 -59.57 33.70
C GLN C 920 29.36 -58.51 34.57
N LYS C 921 30.32 -58.89 35.41
CA LYS C 921 30.92 -57.93 36.32
C LYS C 921 31.60 -56.81 35.54
N LEU C 922 32.36 -57.17 34.51
CA LEU C 922 33.07 -56.15 33.73
C LEU C 922 32.11 -55.21 33.03
N ILE C 923 31.04 -55.75 32.44
CA ILE C 923 30.11 -54.89 31.71
C ILE C 923 29.47 -53.89 32.64
N ALA C 924 29.07 -54.32 33.83
CA ALA C 924 28.44 -53.41 34.76
C ALA C 924 29.35 -52.22 35.05
N ASN C 925 30.61 -52.47 35.34
CA ASN C 925 31.52 -51.38 35.67
C ASN C 925 31.68 -50.42 34.51
N GLN C 926 31.77 -50.95 33.28
CA GLN C 926 31.82 -50.06 32.13
C GLN C 926 30.54 -49.27 32.00
N PHE C 927 29.39 -49.90 32.26
CA PHE C 927 28.13 -49.16 32.14
C PHE C 927 28.04 -48.09 33.22
N ASN C 928 28.35 -48.44 34.47
CA ASN C 928 28.25 -47.46 35.54
C ASN C 928 29.18 -46.28 35.32
N SER C 929 30.42 -46.56 34.93
CA SER C 929 31.34 -45.46 34.65
C SER C 929 30.88 -44.64 33.45
N ALA C 930 30.20 -45.29 32.50
CA ALA C 930 29.71 -44.56 31.35
C ALA C 930 28.69 -43.50 31.77
N ILE C 931 27.71 -43.88 32.58
CA ILE C 931 26.74 -42.90 33.06
C ILE C 931 27.43 -41.77 33.80
N GLY C 932 28.42 -42.11 34.62
CA GLY C 932 29.15 -41.07 35.34
C GLY C 932 29.75 -40.05 34.40
N LYS C 933 30.27 -40.50 33.26
CA LYS C 933 30.86 -39.57 32.31
C LYS C 933 29.81 -38.64 31.72
N ILE C 934 28.56 -39.09 31.64
CA ILE C 934 27.51 -38.23 31.11
C ILE C 934 27.29 -37.04 32.04
N GLN C 935 27.32 -37.27 33.36
CA GLN C 935 27.10 -36.16 34.28
C GLN C 935 28.11 -35.05 34.03
N ASP C 936 29.39 -35.39 34.00
CA ASP C 936 30.42 -34.37 33.89
C ASP C 936 30.30 -33.59 32.59
N SER C 937 30.07 -34.28 31.48
CA SER C 937 29.92 -33.55 30.22
C SER C 937 28.74 -32.61 30.29
N LEU C 938 27.62 -33.05 30.88
CA LEU C 938 26.49 -32.15 31.06
C LEU C 938 26.74 -31.15 32.19
N SER C 939 27.39 -31.59 33.27
CA SER C 939 27.55 -30.71 34.42
C SER C 939 28.41 -29.50 34.08
N SER C 940 29.48 -29.71 33.32
CA SER C 940 30.45 -28.65 33.06
C SER C 940 30.19 -27.88 31.78
N THR C 941 29.92 -28.57 30.67
CA THR C 941 29.87 -27.95 29.36
C THR C 941 28.43 -27.85 28.89
N ALA C 942 28.03 -26.64 28.48
CA ALA C 942 26.68 -26.39 27.99
C ALA C 942 26.56 -26.49 26.48
N SER C 943 27.69 -26.59 25.77
CA SER C 943 27.64 -26.60 24.31
C SER C 943 26.88 -27.81 23.79
N ALA C 944 26.88 -28.91 24.54
CA ALA C 944 26.14 -30.09 24.11
C ALA C 944 24.65 -29.80 24.00
N LEU C 945 24.12 -29.05 24.94
CA LEU C 945 22.69 -28.76 25.00
C LEU C 945 22.30 -27.57 24.15
N GLY C 946 23.10 -27.25 23.14
CA GLY C 946 22.84 -26.05 22.35
C GLY C 946 21.54 -26.12 21.59
N LYS C 947 21.19 -27.29 21.07
CA LYS C 947 20.07 -27.38 20.15
C LYS C 947 18.77 -26.94 20.81
N LEU C 948 18.56 -27.34 22.06
CA LEU C 948 17.38 -26.88 22.77
C LEU C 948 17.41 -25.37 22.98
N GLN C 949 18.60 -24.81 23.19
CA GLN C 949 18.68 -23.39 23.49
C GLN C 949 18.32 -22.55 22.27
N ASP C 950 18.66 -23.04 21.08
CA ASP C 950 18.39 -22.26 19.88
C ASP C 950 16.91 -22.05 19.66
N VAL C 951 16.10 -23.08 19.90
CA VAL C 951 14.65 -22.93 19.77
C VAL C 951 14.15 -21.83 20.68
N VAL C 952 14.68 -21.75 21.91
CA VAL C 952 14.31 -20.65 22.78
C VAL C 952 14.85 -19.34 22.23
N ASN C 953 16.11 -19.31 21.80
CA ASN C 953 16.69 -18.06 21.34
C ASN C 953 16.01 -17.56 20.09
N GLN C 954 15.86 -18.40 19.06
CA GLN C 954 15.22 -17.94 17.84
C GLN C 954 13.81 -17.46 18.13
N ASN C 955 13.05 -18.22 18.90
CA ASN C 955 11.69 -17.81 19.20
C ASN C 955 11.66 -16.53 20.01
N ALA C 956 12.38 -16.50 21.14
CA ALA C 956 12.34 -15.31 21.97
C ALA C 956 12.83 -14.09 21.21
N GLN C 957 13.81 -14.28 20.33
CA GLN C 957 14.26 -13.17 19.52
C GLN C 957 13.17 -12.72 18.56
N ALA C 958 12.44 -13.66 17.97
CA ALA C 958 11.44 -13.29 16.99
C ALA C 958 10.38 -12.39 17.59
N LEU C 959 10.03 -12.62 18.86
CA LEU C 959 9.10 -11.72 19.52
C LEU C 959 9.66 -10.32 19.66
N ASN C 960 10.95 -10.21 20.04
CA ASN C 960 11.53 -8.89 20.23
C ASN C 960 11.46 -8.08 18.95
N THR C 961 11.72 -8.71 17.80
CA THR C 961 11.51 -8.01 16.55
C THR C 961 10.07 -7.60 16.39
N LEU C 962 9.13 -8.48 16.74
CA LEU C 962 7.73 -8.12 16.61
C LEU C 962 7.38 -6.94 17.49
N VAL C 963 7.81 -6.96 18.75
CA VAL C 963 7.43 -5.89 19.66
C VAL C 963 8.11 -4.58 19.25
N LYS C 964 9.36 -4.65 18.80
CA LYS C 964 10.08 -3.44 18.47
C LYS C 964 9.41 -2.73 17.30
N GLN C 965 8.76 -3.47 16.41
CA GLN C 965 8.11 -2.85 15.27
C GLN C 965 7.07 -1.83 15.68
N LEU C 966 6.47 -1.98 16.87
CA LEU C 966 5.49 -1.00 17.30
C LEU C 966 6.08 0.40 17.34
N SER C 967 7.36 0.51 17.69
CA SER C 967 8.00 1.81 17.79
C SER C 967 8.51 2.32 16.45
N SER C 968 7.93 1.87 15.34
CA SER C 968 8.35 2.32 14.02
C SER C 968 7.27 3.20 13.40
N ASN C 969 7.69 4.31 12.79
CA ASN C 969 6.73 5.31 12.34
C ASN C 969 5.92 4.86 11.14
N PHE C 970 6.50 4.03 10.27
CA PHE C 970 5.82 3.56 9.07
C PHE C 970 5.35 4.72 8.21
N GLY C 971 6.16 5.77 8.17
CA GLY C 971 5.79 6.95 7.40
C GLY C 971 4.58 7.67 7.94
N ALA C 972 4.48 7.80 9.26
CA ALA C 972 3.42 8.56 9.90
C ALA C 972 4.05 9.51 10.90
N ILE C 973 3.22 10.44 11.40
CA ILE C 973 3.75 11.50 12.24
C ILE C 973 4.26 10.95 13.56
N SER C 974 3.59 9.93 14.12
CA SER C 974 4.00 9.39 15.39
C SER C 974 3.73 7.90 15.46
N SER C 975 4.63 7.16 16.10
CA SER C 975 4.44 5.73 16.26
C SER C 975 3.38 5.42 17.30
N VAL C 976 3.26 6.26 18.32
CA VAL C 976 2.30 6.00 19.38
C VAL C 976 0.90 6.29 18.87
N LEU C 977 0.02 5.30 18.96
CA LEU C 977 -1.32 5.46 18.41
C LEU C 977 -2.10 6.52 19.16
N ASN C 978 -2.01 6.53 20.49
CA ASN C 978 -2.79 7.48 21.28
C ASN C 978 -2.40 8.91 20.96
N ASP C 979 -1.13 9.14 20.62
CA ASP C 979 -0.71 10.47 20.20
C ASP C 979 -1.50 10.93 18.99
N ILE C 980 -1.53 10.10 17.95
CA ILE C 980 -2.26 10.47 16.74
C ILE C 980 -3.74 10.68 17.04
N LEU C 981 -4.31 9.84 17.91
CA LEU C 981 -5.70 10.07 18.29
C LEU C 981 -5.85 11.40 19.01
N SER C 982 -4.88 11.74 19.86
CA SER C 982 -5.06 12.89 20.72
C SER C 982 -4.93 14.20 19.95
N ARG C 983 -3.89 14.33 19.12
CA ARG C 983 -3.59 15.65 18.59
C ARG C 983 -4.51 16.03 17.44
N LEU C 984 -4.81 15.11 16.54
CA LEU C 984 -5.60 15.49 15.36
C LEU C 984 -6.88 14.67 15.24
N ASP C 985 -7.90 15.30 14.68
CA ASP C 985 -9.26 14.77 14.59
C ASP C 985 -9.42 13.84 13.38
N PRO C 986 -10.48 13.01 13.38
CA PRO C 986 -10.50 11.84 12.48
C PRO C 986 -10.23 12.14 11.02
N PRO C 987 -10.93 13.10 10.39
CA PRO C 987 -10.86 13.15 8.91
C PRO C 987 -9.45 13.20 8.37
N GLU C 988 -8.55 13.93 9.03
CA GLU C 988 -7.14 13.84 8.65
C GLU C 988 -6.41 12.79 9.46
N ALA C 989 -6.91 12.47 10.65
CA ALA C 989 -6.26 11.42 11.45
C ALA C 989 -6.32 10.08 10.74
N GLU C 990 -7.35 9.86 9.93
CA GLU C 990 -7.47 8.60 9.21
C GLU C 990 -6.22 8.31 8.40
N VAL C 991 -5.72 9.30 7.67
CA VAL C 991 -4.56 9.05 6.82
C VAL C 991 -3.36 8.65 7.64
N GLN C 992 -3.22 9.23 8.83
CA GLN C 992 -2.12 8.84 9.71
C GLN C 992 -2.29 7.42 10.20
N ILE C 993 -3.48 7.08 10.71
CA ILE C 993 -3.68 5.77 11.29
C ILE C 993 -3.60 4.69 10.21
N ASP C 994 -4.17 4.95 9.04
CA ASP C 994 -4.15 3.94 7.99
C ASP C 994 -2.73 3.56 7.61
N ARG C 995 -1.78 4.47 7.77
CA ARG C 995 -0.40 4.11 7.52
C ARG C 995 0.15 3.20 8.61
N LEU C 996 -0.19 3.48 9.86
CA LEU C 996 0.27 2.63 10.95
C LEU C 996 -0.25 1.22 10.80
N ILE C 997 -1.54 1.07 10.47
CA ILE C 997 -2.11 -0.26 10.39
C ILE C 997 -1.42 -1.07 9.30
N THR C 998 -1.28 -0.50 8.11
CA THR C 998 -0.60 -1.22 7.04
C THR C 998 0.80 -1.61 7.45
N GLY C 999 1.49 -0.72 8.13
CA GLY C 999 2.84 -1.04 8.57
C GLY C 999 2.87 -2.16 9.59
N ARG C 1000 2.08 -2.04 10.65
CA ARG C 1000 2.08 -3.08 11.67
C ARG C 1000 1.56 -4.40 11.12
N LEU C 1001 0.52 -4.34 10.29
CA LEU C 1001 -0.11 -5.58 9.84
C LEU C 1001 0.86 -6.44 9.05
N GLN C 1002 1.67 -5.84 8.17
CA GLN C 1002 2.71 -6.63 7.53
C GLN C 1002 3.67 -7.20 8.56
N SER C 1003 4.03 -6.40 9.56
CA SER C 1003 4.94 -6.89 10.57
C SER C 1003 4.35 -8.09 11.29
N LEU C 1004 3.05 -8.04 11.61
CA LEU C 1004 2.41 -9.19 12.21
C LEU C 1004 2.40 -10.37 11.25
N GLN C 1005 2.06 -10.11 10.00
CA GLN C 1005 1.97 -11.20 9.03
C GLN C 1005 3.31 -11.87 8.83
N THR C 1006 4.37 -11.09 8.71
CA THR C 1006 5.69 -11.68 8.54
C THR C 1006 6.08 -12.51 9.75
N TYR C 1007 5.73 -12.05 10.95
CA TYR C 1007 6.06 -12.81 12.14
C TYR C 1007 5.36 -14.16 12.15
N VAL C 1008 4.06 -14.19 11.82
CA VAL C 1008 3.37 -15.47 11.84
C VAL C 1008 3.92 -16.40 10.78
N THR C 1009 4.12 -15.91 9.56
CA THR C 1009 4.70 -16.76 8.54
C THR C 1009 6.07 -17.27 8.95
N GLN C 1010 6.79 -16.51 9.77
CA GLN C 1010 8.00 -17.07 10.36
C GLN C 1010 7.66 -18.25 11.26
N GLN C 1011 6.65 -18.11 12.12
CA GLN C 1011 6.35 -19.17 13.06
C GLN C 1011 5.88 -20.43 12.36
N LEU C 1012 5.00 -20.29 11.38
CA LEU C 1012 4.48 -21.49 10.72
C LEU C 1012 5.60 -22.28 10.08
N ILE C 1013 6.57 -21.61 9.47
CA ILE C 1013 7.72 -22.32 8.92
C ILE C 1013 8.49 -23.01 10.03
N ARG C 1014 8.75 -22.30 11.12
CA ARG C 1014 9.53 -22.91 12.19
C ARG C 1014 8.77 -24.04 12.84
N ALA C 1015 7.46 -23.91 12.97
CA ALA C 1015 6.67 -24.95 13.63
C ALA C 1015 6.80 -26.28 12.90
N ALA C 1016 6.79 -26.25 11.56
CA ALA C 1016 6.98 -27.49 10.83
C ALA C 1016 8.33 -28.10 11.11
N GLU C 1017 9.38 -27.27 11.17
CA GLU C 1017 10.71 -27.80 11.45
C GLU C 1017 10.75 -28.48 12.80
N ILE C 1018 10.14 -27.88 13.82
CA ILE C 1018 10.03 -28.54 15.11
C ILE C 1018 9.22 -29.82 15.00
N ARG C 1019 8.04 -29.72 14.38
CA ARG C 1019 7.19 -30.91 14.29
C ARG C 1019 7.91 -32.01 13.53
N ALA C 1020 8.75 -31.63 12.56
CA ALA C 1020 9.59 -32.62 11.92
C ALA C 1020 10.53 -33.26 12.92
N SER C 1021 11.09 -32.45 13.83
CA SER C 1021 11.94 -33.01 14.86
C SER C 1021 11.14 -33.84 15.85
N ALA C 1022 9.93 -33.42 16.17
CA ALA C 1022 9.13 -34.17 17.14
C ALA C 1022 8.82 -35.57 16.62
N ASN C 1023 8.39 -35.67 15.37
CA ASN C 1023 8.14 -37.00 14.81
C ASN C 1023 9.40 -37.84 14.81
N LEU C 1024 10.53 -37.24 14.48
CA LEU C 1024 11.78 -37.98 14.55
C LEU C 1024 12.04 -38.46 15.96
N ALA C 1025 11.75 -37.64 16.97
CA ALA C 1025 11.87 -38.10 18.34
C ALA C 1025 10.87 -39.21 18.63
N ALA C 1026 9.62 -39.03 18.21
CA ALA C 1026 8.62 -40.06 18.46
C ALA C 1026 9.03 -41.37 17.81
N THR C 1027 9.50 -41.31 16.57
CA THR C 1027 10.01 -42.52 15.95
C THR C 1027 11.17 -43.08 16.74
N LYS C 1028 12.07 -42.22 17.21
CA LYS C 1028 13.19 -42.70 17.99
C LYS C 1028 12.70 -43.34 19.28
N MET C 1029 11.72 -42.74 19.93
CA MET C 1029 11.24 -43.29 21.19
C MET C 1029 10.74 -44.71 21.00
N SER C 1030 9.94 -44.93 19.97
CA SER C 1030 9.36 -46.25 19.76
C SER C 1030 10.39 -47.25 19.27
N GLU C 1031 11.19 -46.88 18.28
CA GLU C 1031 12.09 -47.85 17.68
C GLU C 1031 13.42 -47.96 18.39
N CYS C 1032 13.71 -47.10 19.36
CA CYS C 1032 15.02 -47.11 20.00
C CYS C 1032 14.91 -47.36 21.49
N VAL C 1033 13.89 -46.85 22.17
CA VAL C 1033 13.71 -47.15 23.59
C VAL C 1033 12.92 -48.44 23.76
N LEU C 1034 11.67 -48.45 23.31
CA LEU C 1034 10.80 -49.60 23.54
C LEU C 1034 11.34 -50.85 22.87
N GLY C 1035 12.25 -50.71 21.93
CA GLY C 1035 12.80 -51.87 21.26
C GLY C 1035 14.24 -51.65 20.86
N GLN C 1036 14.92 -52.76 20.64
CA GLN C 1036 16.21 -52.73 19.98
C GLN C 1036 16.04 -52.55 18.49
N SER C 1037 16.91 -51.77 17.86
CA SER C 1037 16.83 -51.50 16.43
C SER C 1037 18.13 -51.88 15.76
N LYS C 1038 18.02 -52.48 14.58
CA LYS C 1038 19.18 -52.84 13.79
C LYS C 1038 19.55 -51.78 12.76
N ARG C 1039 18.82 -50.66 12.72
CA ARG C 1039 19.21 -49.59 11.82
C ARG C 1039 20.50 -48.96 12.31
N VAL C 1040 21.49 -48.89 11.44
CA VAL C 1040 22.82 -48.48 11.82
C VAL C 1040 22.83 -46.97 12.02
N ASP C 1041 23.40 -46.52 13.13
CA ASP C 1041 23.58 -45.13 13.48
C ASP C 1041 22.27 -44.41 13.70
N PHE C 1042 21.13 -45.08 13.54
CA PHE C 1042 19.88 -44.45 13.91
C PHE C 1042 19.79 -44.27 15.42
N CYS C 1043 20.64 -44.97 16.16
CA CYS C 1043 20.62 -44.89 17.61
C CYS C 1043 22.02 -44.75 18.17
N GLY C 1044 22.79 -43.81 17.65
CA GLY C 1044 24.13 -43.58 18.13
C GLY C 1044 25.12 -44.55 17.51
N LYS C 1045 26.38 -44.14 17.50
CA LYS C 1045 27.41 -44.90 16.83
C LYS C 1045 27.62 -46.24 17.51
N GLY C 1046 27.78 -47.27 16.70
CA GLY C 1046 28.00 -48.60 17.21
C GLY C 1046 26.72 -49.41 17.23
N TYR C 1047 26.87 -50.70 17.45
CA TYR C 1047 25.72 -51.56 17.62
C TYR C 1047 24.90 -51.10 18.80
N HIS C 1048 23.58 -51.14 18.65
CA HIS C 1048 22.67 -50.59 19.65
C HIS C 1048 22.16 -51.67 20.59
N LEU C 1049 22.07 -51.33 21.88
CA LEU C 1049 21.50 -52.22 22.88
C LEU C 1049 20.20 -51.71 23.46
N MET C 1050 20.17 -50.50 23.98
CA MET C 1050 18.96 -49.92 24.51
C MET C 1050 19.14 -48.42 24.65
N SER C 1051 18.02 -47.74 24.87
CA SER C 1051 18.02 -46.30 25.04
C SER C 1051 17.18 -45.93 26.25
N PHE C 1052 17.61 -44.90 26.95
CA PHE C 1052 16.83 -44.40 28.06
C PHE C 1052 16.43 -42.97 27.77
N PRO C 1053 15.20 -42.61 27.96
CA PRO C 1053 14.79 -41.24 27.71
C PRO C 1053 14.94 -40.38 28.95
N GLN C 1054 15.28 -39.11 28.78
CA GLN C 1054 15.31 -38.16 29.88
C GLN C 1054 14.65 -36.87 29.44
N SER C 1055 13.78 -36.34 30.28
CA SER C 1055 13.05 -35.14 29.93
C SER C 1055 13.97 -33.93 29.94
N ALA C 1056 13.63 -32.94 29.12
CA ALA C 1056 14.41 -31.73 28.99
C ALA C 1056 13.45 -30.59 28.70
N PRO C 1057 13.85 -29.36 28.98
CA PRO C 1057 12.96 -28.22 28.72
C PRO C 1057 12.61 -28.15 27.24
N HIS C 1058 11.34 -28.38 26.94
CA HIS C 1058 10.84 -28.35 25.57
C HIS C 1058 11.59 -29.33 24.68
N GLY C 1059 11.93 -30.50 25.21
CA GLY C 1059 12.66 -31.45 24.40
C GLY C 1059 12.92 -32.71 25.18
N VAL C 1060 13.48 -33.70 24.49
CA VAL C 1060 13.78 -35.00 25.06
C VAL C 1060 15.24 -35.29 24.81
N VAL C 1061 15.89 -35.92 25.78
CA VAL C 1061 17.29 -36.30 25.69
C VAL C 1061 17.40 -37.80 25.86
N PHE C 1062 18.05 -38.45 24.92
CA PHE C 1062 18.18 -39.90 24.91
C PHE C 1062 19.56 -40.27 25.43
N LEU C 1063 19.64 -41.32 26.22
CA LEU C 1063 20.90 -41.97 26.51
C LEU C 1063 20.97 -43.26 25.72
N HIS C 1064 21.84 -43.33 24.73
CA HIS C 1064 21.96 -44.49 23.87
C HIS C 1064 23.04 -45.38 24.45
N VAL C 1065 22.69 -46.61 24.81
CA VAL C 1065 23.68 -47.57 25.29
C VAL C 1065 24.07 -48.47 24.14
N THR C 1066 25.32 -48.38 23.72
CA THR C 1066 25.77 -49.01 22.49
C THR C 1066 27.00 -49.87 22.75
N TYR C 1067 27.15 -50.93 21.96
CA TYR C 1067 28.23 -51.89 22.09
C TYR C 1067 29.22 -51.63 20.96
N VAL C 1068 30.50 -51.51 21.30
CA VAL C 1068 31.53 -51.13 20.34
C VAL C 1068 32.69 -52.12 20.46
N PRO C 1069 33.05 -52.82 19.39
CA PRO C 1069 34.24 -53.69 19.43
C PRO C 1069 35.49 -52.88 19.68
N ALA C 1070 36.43 -53.43 20.45
CA ALA C 1070 37.53 -52.63 20.97
C ALA C 1070 38.90 -53.06 20.44
N GLN C 1071 39.35 -54.28 20.71
CA GLN C 1071 40.73 -54.67 20.43
C GLN C 1071 40.74 -55.73 19.34
N GLU C 1072 40.91 -55.28 18.11
CA GLU C 1072 40.94 -56.22 17.00
C GLU C 1072 42.30 -56.90 16.90
N LYS C 1073 42.33 -57.97 16.13
CA LYS C 1073 43.48 -58.84 16.05
C LYS C 1073 43.54 -59.41 14.64
N ASN C 1074 44.74 -59.57 14.10
CA ASN C 1074 44.91 -60.06 12.74
C ASN C 1074 44.88 -61.58 12.74
N PHE C 1075 44.00 -62.17 11.96
CA PHE C 1075 43.94 -63.62 11.78
C PHE C 1075 43.89 -63.97 10.32
N THR C 1076 44.60 -65.02 9.94
CA THR C 1076 44.46 -65.55 8.59
C THR C 1076 43.20 -66.37 8.48
N THR C 1077 42.51 -66.24 7.36
CA THR C 1077 41.16 -66.77 7.21
C THR C 1077 41.02 -67.45 5.86
N ALA C 1078 39.92 -68.18 5.71
CA ALA C 1078 39.63 -68.88 4.47
C ALA C 1078 38.15 -69.19 4.42
N PRO C 1079 37.55 -69.26 3.23
CA PRO C 1079 36.11 -69.49 3.16
C PRO C 1079 35.67 -70.85 3.66
N ALA C 1080 36.36 -71.92 3.29
CA ALA C 1080 35.85 -73.25 3.58
C ALA C 1080 36.99 -74.22 3.80
N ILE C 1081 36.66 -75.36 4.41
CA ILE C 1081 37.62 -76.44 4.66
C ILE C 1081 37.16 -77.67 3.91
N CYS C 1082 38.07 -78.25 3.12
CA CYS C 1082 37.89 -79.61 2.66
C CYS C 1082 38.30 -80.59 3.75
N HIS C 1083 37.50 -81.64 3.91
CA HIS C 1083 37.89 -82.68 4.84
C HIS C 1083 38.08 -84.02 4.13
N ASP C 1084 37.05 -84.45 3.40
CA ASP C 1084 37.13 -85.66 2.59
C ASP C 1084 36.80 -85.38 1.13
N GLY C 1085 37.14 -84.20 0.65
CA GLY C 1085 36.64 -83.74 -0.63
C GLY C 1085 35.34 -82.98 -0.52
N LYS C 1086 34.71 -83.01 0.64
CA LYS C 1086 33.49 -82.27 0.89
C LYS C 1086 33.81 -80.93 1.54
N ALA C 1087 33.23 -79.86 1.01
CA ALA C 1087 33.51 -78.52 1.47
C ALA C 1087 32.67 -78.22 2.71
N HIS C 1088 33.31 -77.66 3.73
CA HIS C 1088 32.64 -77.33 4.98
C HIS C 1088 32.56 -75.82 5.14
N PHE C 1089 31.38 -75.32 5.42
CA PHE C 1089 31.16 -73.91 5.64
C PHE C 1089 30.69 -73.67 7.07
N PRO C 1090 30.93 -72.49 7.64
CA PRO C 1090 30.50 -72.24 9.01
C PRO C 1090 28.98 -72.11 9.09
N ARG C 1091 28.39 -72.67 10.14
CA ARG C 1091 26.98 -72.38 10.37
C ARG C 1091 26.79 -70.93 10.76
N GLU C 1092 27.58 -70.45 11.71
CA GLU C 1092 27.73 -69.03 11.98
C GLU C 1092 29.20 -68.75 12.17
N GLY C 1093 29.60 -67.52 11.92
CA GLY C 1093 30.96 -67.16 12.22
C GLY C 1093 31.92 -67.46 11.09
N VAL C 1094 33.19 -67.28 11.40
CA VAL C 1094 34.24 -67.20 10.39
C VAL C 1094 35.35 -68.17 10.73
N PHE C 1095 35.96 -68.71 9.68
CA PHE C 1095 37.08 -69.63 9.82
C PHE C 1095 38.36 -68.83 10.00
N VAL C 1096 39.00 -68.96 11.15
CA VAL C 1096 40.23 -68.23 11.42
C VAL C 1096 41.30 -69.22 11.83
N SER C 1097 42.53 -68.91 11.48
CA SER C 1097 43.69 -69.69 11.87
C SER C 1097 44.67 -68.80 12.60
N ASN C 1098 45.13 -69.24 13.78
CA ASN C 1098 46.10 -68.46 14.52
C ASN C 1098 47.51 -68.65 13.98
N GLY C 1099 47.65 -69.19 12.79
CA GLY C 1099 48.94 -69.48 12.19
C GLY C 1099 49.23 -70.95 12.05
N THR C 1100 48.72 -71.78 12.96
CA THR C 1100 49.02 -73.20 12.94
C THR C 1100 47.82 -74.10 13.14
N HIS C 1101 46.71 -73.59 13.65
CA HIS C 1101 45.52 -74.41 13.81
C HIS C 1101 44.32 -73.63 13.29
N TRP C 1102 43.26 -74.35 12.96
CA TRP C 1102 42.09 -73.77 12.34
C TRP C 1102 40.93 -73.78 13.33
N PHE C 1103 40.19 -72.69 13.38
CA PHE C 1103 39.08 -72.56 14.31
C PHE C 1103 37.92 -71.87 13.63
N VAL C 1104 36.74 -72.02 14.21
CA VAL C 1104 35.57 -71.25 13.82
C VAL C 1104 35.17 -70.41 15.03
N THR C 1105 34.86 -69.15 14.79
CA THR C 1105 34.53 -68.24 15.86
C THR C 1105 33.40 -67.32 15.44
N GLN C 1106 32.64 -66.84 16.42
CA GLN C 1106 31.56 -65.92 16.12
C GLN C 1106 32.12 -64.59 15.62
N ARG C 1107 31.30 -63.88 14.86
CA ARG C 1107 31.83 -62.88 13.94
C ARG C 1107 32.33 -61.64 14.68
N ASN C 1108 31.72 -61.29 15.80
CA ASN C 1108 32.01 -60.04 16.48
C ASN C 1108 32.76 -60.20 17.80
N PHE C 1109 33.15 -61.41 18.18
CA PHE C 1109 33.92 -61.57 19.40
C PHE C 1109 34.74 -62.84 19.31
N TYR C 1110 36.01 -62.76 19.66
CA TYR C 1110 36.94 -63.85 19.41
C TYR C 1110 36.82 -64.88 20.52
N GLU C 1111 36.10 -65.96 20.25
CA GLU C 1111 36.07 -67.13 21.11
C GLU C 1111 36.27 -68.36 20.23
N PRO C 1112 37.52 -68.69 19.93
CA PRO C 1112 37.77 -69.81 19.03
C PRO C 1112 37.24 -71.11 19.61
N GLN C 1113 36.67 -71.93 18.74
CA GLN C 1113 36.19 -73.25 19.11
C GLN C 1113 36.67 -74.23 18.06
N ILE C 1114 36.94 -75.46 18.51
CA ILE C 1114 37.40 -76.48 17.58
C ILE C 1114 36.32 -76.74 16.55
N ILE C 1115 36.74 -76.86 15.29
CA ILE C 1115 35.78 -77.01 14.21
C ILE C 1115 35.23 -78.43 14.20
N THR C 1116 33.90 -78.54 14.21
CA THR C 1116 33.25 -79.84 14.20
C THR C 1116 32.10 -79.81 13.21
N THR C 1117 31.53 -80.98 12.94
CA THR C 1117 30.34 -81.03 12.10
C THR C 1117 29.15 -80.34 12.76
N ASP C 1118 29.23 -80.08 14.07
CA ASP C 1118 28.17 -79.32 14.71
C ASP C 1118 28.20 -77.86 14.29
N ASN C 1119 29.39 -77.33 14.01
CA ASN C 1119 29.53 -75.93 13.63
C ASN C 1119 29.46 -75.71 12.14
N THR C 1120 29.45 -76.78 11.34
CA THR C 1120 29.62 -76.65 9.91
C THR C 1120 28.56 -77.46 9.18
N PHE C 1121 28.18 -77.00 8.00
CA PHE C 1121 27.27 -77.72 7.13
C PHE C 1121 27.96 -77.96 5.81
N VAL C 1122 27.84 -79.16 5.29
CA VAL C 1122 28.61 -79.60 4.13
C VAL C 1122 27.86 -79.27 2.85
N SER C 1123 28.60 -78.98 1.78
CA SER C 1123 28.00 -78.76 0.47
C SER C 1123 29.05 -78.94 -0.62
N GLY C 1124 28.66 -79.58 -1.71
CA GLY C 1124 29.47 -79.62 -2.91
C GLY C 1124 30.77 -80.39 -2.75
N ASN C 1125 31.77 -79.98 -3.52
CA ASN C 1125 33.10 -80.58 -3.48
C ASN C 1125 34.16 -79.48 -3.47
N CYS C 1126 35.42 -79.90 -3.39
CA CYS C 1126 36.51 -78.95 -3.16
C CYS C 1126 36.67 -77.96 -4.31
N ASP C 1127 36.68 -78.46 -5.54
CA ASP C 1127 37.23 -77.72 -6.67
C ASP C 1127 36.68 -76.31 -6.84
N VAL C 1128 35.36 -76.14 -6.71
CA VAL C 1128 34.74 -74.89 -7.16
C VAL C 1128 35.10 -73.74 -6.24
N VAL C 1129 35.05 -73.95 -4.93
CA VAL C 1129 35.10 -72.85 -3.98
C VAL C 1129 36.53 -72.34 -3.88
N ILE C 1130 36.78 -71.13 -4.41
CA ILE C 1130 38.13 -70.62 -4.48
C ILE C 1130 38.63 -70.29 -3.08
N GLY C 1131 39.93 -70.43 -2.88
CA GLY C 1131 40.52 -70.11 -1.60
C GLY C 1131 40.30 -71.15 -0.53
N ILE C 1132 39.60 -72.24 -0.84
CA ILE C 1132 39.36 -73.27 0.14
C ILE C 1132 40.69 -73.85 0.58
N VAL C 1133 40.78 -74.23 1.85
CA VAL C 1133 42.03 -74.69 2.44
C VAL C 1133 41.81 -76.04 3.09
N ASN C 1134 42.79 -76.93 2.95
CA ASN C 1134 42.72 -78.23 3.60
C ASN C 1134 42.80 -78.11 5.11
N ASN C 1135 41.99 -78.89 5.80
CA ASN C 1135 42.15 -79.10 7.23
C ASN C 1135 41.30 -80.29 7.63
N THR C 1136 41.41 -80.68 8.89
CA THR C 1136 40.67 -81.82 9.41
C THR C 1136 39.44 -81.32 10.16
N VAL C 1137 38.30 -81.81 9.79
CA VAL C 1137 37.06 -81.55 10.51
C VAL C 1137 36.82 -82.68 11.49
N TYR C 1138 36.56 -82.32 12.74
CA TYR C 1138 36.37 -83.29 13.80
C TYR C 1138 34.90 -83.68 13.89
N ASP C 1139 34.64 -84.97 14.09
CA ASP C 1139 33.29 -85.49 14.15
C ASP C 1139 33.02 -86.09 15.52
N PRO C 1140 32.16 -85.49 16.34
CA PRO C 1140 31.93 -86.03 17.69
C PRO C 1140 31.39 -87.44 17.72
N LEU C 1141 30.65 -87.85 16.69
CA LEU C 1141 30.09 -89.19 16.66
C LEU C 1141 31.14 -90.28 16.53
N GLN C 1142 32.18 -90.02 15.74
CA GLN C 1142 33.17 -91.03 15.39
C GLN C 1142 33.84 -91.66 16.61
N PRO C 1143 34.40 -90.89 17.55
CA PRO C 1143 35.05 -91.53 18.71
C PRO C 1143 34.08 -92.31 19.57
N GLU C 1144 32.80 -91.96 19.53
CA GLU C 1144 31.83 -92.67 20.36
C GLU C 1144 31.55 -94.07 19.82
N LEU C 1145 31.36 -94.21 18.51
CA LEU C 1145 31.27 -95.54 17.92
C LEU C 1145 32.61 -96.23 17.87
N ASP C 1146 33.69 -95.47 17.78
CA ASP C 1146 35.02 -96.06 17.90
C ASP C 1146 35.22 -96.66 19.28
N SER C 1147 34.55 -96.12 20.29
CA SER C 1147 34.66 -96.63 21.64
C SER C 1147 33.58 -97.67 21.93
N VAL D 2 2.29 60.94 2.06
CA VAL D 2 3.64 61.23 1.59
C VAL D 2 3.80 62.72 1.34
N GLN D 3 4.81 63.32 1.97
CA GLN D 3 5.11 64.72 1.75
C GLN D 3 6.61 64.88 1.63
N LEU D 4 7.04 65.70 0.68
CA LEU D 4 8.45 65.92 0.41
C LEU D 4 8.72 67.42 0.44
N VAL D 5 9.83 67.80 1.06
CA VAL D 5 10.17 69.20 1.28
C VAL D 5 11.38 69.56 0.42
N GLU D 6 11.18 70.46 -0.53
CA GLU D 6 12.29 71.08 -1.25
C GLU D 6 12.51 72.50 -0.72
N SER D 7 13.75 72.83 -0.38
CA SER D 7 14.07 74.16 0.10
C SER D 7 15.58 74.36 0.00
N GLY D 8 15.99 75.62 0.09
CA GLY D 8 17.39 76.00 -0.02
C GLY D 8 17.70 76.96 -1.15
N GLY D 9 16.72 77.29 -2.00
CA GLY D 9 16.96 78.16 -3.13
C GLY D 9 16.68 79.62 -2.82
N GLY D 10 16.97 80.45 -3.82
CA GLY D 10 16.77 81.88 -3.70
C GLY D 10 17.76 82.63 -4.57
N VAL D 11 17.97 83.89 -4.23
CA VAL D 11 18.92 84.75 -4.94
C VAL D 11 20.29 84.59 -4.30
N VAL D 12 21.30 84.34 -5.12
CA VAL D 12 22.65 84.14 -4.62
C VAL D 12 23.64 84.74 -5.61
N GLN D 13 24.76 85.23 -5.09
CA GLN D 13 25.77 85.84 -5.93
C GLN D 13 26.54 84.75 -6.69
N PRO D 14 27.06 85.07 -7.87
CA PRO D 14 27.81 84.08 -8.65
C PRO D 14 29.11 83.70 -7.96
N GLY D 15 29.64 82.54 -8.37
CA GLY D 15 30.88 82.02 -7.83
C GLY D 15 30.81 81.57 -6.39
N ARG D 16 29.63 81.57 -5.80
CA ARG D 16 29.44 81.25 -4.40
C ARG D 16 29.05 79.79 -4.25
N SER D 17 28.59 79.43 -3.05
CA SER D 17 28.10 78.08 -2.77
C SER D 17 26.77 78.18 -2.04
N LEU D 18 26.02 77.10 -2.07
CA LEU D 18 24.72 77.07 -1.42
C LEU D 18 24.31 75.61 -1.26
N ARG D 19 23.42 75.35 -0.31
CA ARG D 19 22.95 74.01 -0.01
C ARG D 19 21.44 73.94 -0.17
N LEU D 20 20.95 72.86 -0.79
CA LEU D 20 19.53 72.58 -0.88
C LEU D 20 19.14 71.51 0.13
N SER D 21 17.88 71.56 0.55
CA SER D 21 17.33 70.59 1.47
C SER D 21 16.19 69.84 0.81
N CYS D 22 16.18 68.53 0.99
CA CYS D 22 15.11 67.67 0.47
C CYS D 22 14.71 66.70 1.57
N ALA D 23 13.71 67.10 2.36
CA ALA D 23 13.25 66.29 3.48
C ALA D 23 12.10 65.40 3.03
N ALA D 24 12.20 64.12 3.38
CA ALA D 24 11.22 63.12 2.97
C ALA D 24 10.40 62.68 4.17
N SER D 25 9.16 62.29 3.92
CA SER D 25 8.25 61.86 4.97
C SER D 25 7.19 60.95 4.38
N GLY D 26 6.53 60.19 5.24
CA GLY D 26 5.42 59.37 4.86
C GLY D 26 5.78 57.99 4.34
N PHE D 27 7.07 57.69 4.21
CA PHE D 27 7.49 56.39 3.69
C PHE D 27 8.92 56.13 4.14
N THR D 28 9.36 54.90 3.95
CA THR D 28 10.72 54.49 4.32
C THR D 28 11.70 55.09 3.32
N PHE D 29 12.04 56.35 3.54
CA PHE D 29 12.99 57.04 2.69
C PHE D 29 14.34 56.34 2.68
N SER D 30 14.65 55.57 3.72
CA SER D 30 15.97 54.98 3.86
C SER D 30 16.27 53.92 2.83
N ILE D 31 15.38 53.64 1.90
CA ILE D 31 15.58 52.45 1.08
C ILE D 31 15.39 52.76 -0.41
N TYR D 32 15.39 54.04 -0.77
CA TYR D 32 15.22 54.45 -2.15
C TYR D 32 16.31 55.43 -2.56
N GLY D 33 16.76 55.31 -3.80
CA GLY D 33 17.70 56.29 -4.32
C GLY D 33 17.05 57.64 -4.52
N MET D 34 17.86 58.69 -4.45
CA MET D 34 17.39 60.05 -4.65
C MET D 34 17.99 60.64 -5.92
N HIS D 35 17.20 61.47 -6.61
CA HIS D 35 17.67 62.29 -7.71
C HIS D 35 17.48 63.76 -7.41
N TRP D 36 18.39 64.59 -7.89
CA TRP D 36 18.14 66.01 -8.08
C TRP D 36 18.06 66.27 -9.58
N VAL D 37 17.03 67.00 -10.00
CA VAL D 37 16.81 67.32 -11.41
C VAL D 37 16.47 68.79 -11.52
N ARG D 38 17.22 69.52 -12.33
CA ARG D 38 16.97 70.95 -12.49
C ARG D 38 16.17 71.22 -13.76
N GLN D 39 15.54 72.40 -13.78
CA GLN D 39 14.81 72.88 -14.95
C GLN D 39 15.05 74.38 -15.04
N ALA D 40 15.75 74.80 -16.10
CA ALA D 40 15.96 76.22 -16.33
C ALA D 40 14.62 76.89 -16.64
N PRO D 41 14.45 78.16 -16.27
CA PRO D 41 13.15 78.81 -16.46
C PRO D 41 12.75 78.83 -17.92
N GLY D 42 11.51 78.41 -18.18
CA GLY D 42 11.04 78.22 -19.53
C GLY D 42 11.65 77.07 -20.28
N LYS D 43 12.74 76.49 -19.79
CA LYS D 43 13.41 75.36 -20.42
C LYS D 43 12.85 74.07 -19.83
N GLY D 44 13.27 72.93 -20.37
CA GLY D 44 12.87 71.65 -19.87
C GLY D 44 13.64 71.26 -18.63
N LEU D 45 13.47 69.99 -18.24
CA LEU D 45 14.08 69.47 -17.01
C LEU D 45 15.43 68.85 -17.34
N GLU D 46 16.36 68.93 -16.40
CA GLU D 46 17.72 68.45 -16.58
C GLU D 46 18.11 67.58 -15.39
N TRP D 47 18.43 66.32 -15.66
CA TRP D 47 18.89 65.41 -14.61
C TRP D 47 20.24 65.85 -14.09
N VAL D 48 20.38 65.89 -12.76
CA VAL D 48 21.61 66.42 -12.18
C VAL D 48 22.44 65.30 -11.59
N ALA D 49 21.89 64.59 -10.62
CA ALA D 49 22.70 63.65 -9.86
C ALA D 49 21.82 62.57 -9.25
N VAL D 50 22.47 61.50 -8.80
CA VAL D 50 21.82 60.35 -8.17
C VAL D 50 22.62 59.92 -6.96
N ILE D 51 21.92 59.51 -5.90
CA ILE D 51 22.52 58.84 -4.77
C ILE D 51 21.74 57.56 -4.48
N SER D 52 22.40 56.63 -3.81
CA SER D 52 21.77 55.38 -3.43
C SER D 52 20.95 55.56 -2.15
N TYR D 53 20.31 54.47 -1.73
CA TYR D 53 19.56 54.46 -0.47
C TYR D 53 20.43 54.82 0.71
N ASP D 54 21.69 54.39 0.70
CA ASP D 54 22.58 54.60 1.83
C ASP D 54 23.64 55.67 1.56
N GLY D 55 23.63 56.29 0.39
CA GLY D 55 24.64 57.26 0.05
C GLY D 55 25.96 56.68 -0.37
N SER D 56 26.13 55.35 -0.27
CA SER D 56 27.40 54.73 -0.60
C SER D 56 27.76 54.88 -2.07
N ASN D 57 26.77 55.04 -2.94
CA ASN D 57 27.01 55.20 -4.36
C ASN D 57 26.21 56.39 -4.86
N LYS D 58 26.93 57.47 -5.20
CA LYS D 58 26.31 58.68 -5.71
C LYS D 58 26.97 59.06 -7.02
N TYR D 59 26.17 59.50 -7.99
CA TYR D 59 26.67 59.95 -9.28
C TYR D 59 26.02 61.26 -9.65
N TYR D 60 26.79 62.10 -10.33
CA TYR D 60 26.31 63.38 -10.83
C TYR D 60 26.37 63.38 -12.35
N ALA D 61 25.68 64.34 -12.96
CA ALA D 61 25.88 64.61 -14.36
C ALA D 61 27.20 65.36 -14.55
N ASP D 62 27.82 65.15 -15.72
CA ASP D 62 29.08 65.81 -16.03
C ASP D 62 28.95 67.33 -16.00
N SER D 63 27.74 67.87 -16.17
CA SER D 63 27.56 69.30 -16.18
C SER D 63 27.85 69.95 -14.84
N VAL D 64 27.81 69.18 -13.75
CA VAL D 64 28.11 69.70 -12.43
C VAL D 64 29.15 68.88 -11.68
N LYS D 65 29.84 67.97 -12.36
CA LYS D 65 30.81 67.11 -11.70
C LYS D 65 31.90 67.95 -11.02
N GLY D 66 32.15 67.65 -9.75
CA GLY D 66 33.09 68.39 -8.94
C GLY D 66 32.50 69.63 -8.29
N ARG D 67 31.66 70.35 -9.02
CA ARG D 67 31.08 71.58 -8.48
C ARG D 67 29.99 71.26 -7.46
N PHE D 68 29.16 70.27 -7.77
CA PHE D 68 28.03 69.91 -6.92
C PHE D 68 28.34 68.68 -6.09
N THR D 69 27.85 68.68 -4.85
CA THR D 69 28.02 67.54 -3.95
C THR D 69 26.71 67.30 -3.22
N ILE D 70 26.16 66.11 -3.40
CA ILE D 70 24.88 65.71 -2.85
C ILE D 70 25.11 64.77 -1.68
N SER D 71 24.33 64.93 -0.61
CA SER D 71 24.55 64.18 0.62
C SER D 71 23.24 63.58 1.11
N ARG D 72 23.37 62.61 2.01
CA ARG D 72 22.23 61.88 2.56
C ARG D 72 22.47 61.58 4.02
N ASP D 73 21.45 61.83 4.85
CA ASP D 73 21.49 61.54 6.28
C ASP D 73 20.24 60.74 6.61
N ASN D 74 20.35 59.42 6.52
CA ASN D 74 19.20 58.56 6.74
C ASN D 74 18.77 58.53 8.21
N SER D 75 19.66 58.86 9.13
CA SER D 75 19.28 58.91 10.54
C SER D 75 18.15 59.91 10.77
N LYS D 76 18.16 61.01 10.01
CA LYS D 76 17.07 61.98 10.05
C LYS D 76 16.26 61.97 8.76
N ASN D 77 16.66 61.17 7.77
CA ASN D 77 15.92 60.98 6.53
C ASN D 77 15.70 62.31 5.80
N THR D 78 16.82 62.89 5.39
CA THR D 78 16.79 64.12 4.61
C THR D 78 17.88 64.09 3.55
N LEU D 79 17.58 64.71 2.41
CA LEU D 79 18.49 64.84 1.28
C LEU D 79 19.01 66.27 1.15
N TYR D 80 20.31 66.38 0.87
CA TYR D 80 20.98 67.65 0.75
C TYR D 80 21.80 67.70 -0.53
N LEU D 81 22.01 68.92 -1.03
CA LEU D 81 22.84 69.18 -2.20
C LEU D 81 23.72 70.39 -1.91
N GLN D 82 25.01 70.19 -1.75
CA GLN D 82 25.97 71.28 -1.64
C GLN D 82 26.45 71.61 -3.05
N MET D 83 26.02 72.75 -3.58
CA MET D 83 26.43 73.20 -4.90
C MET D 83 27.45 74.33 -4.72
N ASN D 84 28.59 74.21 -5.40
CA ASN D 84 29.65 75.19 -5.34
C ASN D 84 29.91 75.80 -6.72
N SER D 85 30.53 76.98 -6.70
CA SER D 85 30.86 77.73 -7.91
C SER D 85 29.60 78.04 -8.72
N LEU D 86 28.72 78.83 -8.10
CA LEU D 86 27.48 79.23 -8.74
C LEU D 86 27.75 80.18 -9.91
N ARG D 87 27.05 79.95 -11.01
CA ARG D 87 27.29 80.69 -12.23
C ARG D 87 25.98 80.89 -12.98
N ALA D 88 26.07 81.55 -14.13
CA ALA D 88 24.87 82.07 -14.79
C ALA D 88 23.91 80.99 -15.23
N GLU D 89 24.42 79.89 -15.79
CA GLU D 89 23.51 78.87 -16.31
C GLU D 89 22.93 78.02 -15.19
N ASP D 90 23.54 78.03 -14.00
CA ASP D 90 23.02 77.27 -12.88
C ASP D 90 21.67 77.76 -12.40
N THR D 91 21.26 78.98 -12.78
CA THR D 91 19.96 79.49 -12.39
C THR D 91 18.85 78.63 -12.97
N ALA D 92 18.16 77.88 -12.11
CA ALA D 92 17.14 76.96 -12.56
C ALA D 92 16.30 76.51 -11.37
N VAL D 93 15.09 76.04 -11.67
CA VAL D 93 14.31 75.34 -10.66
C VAL D 93 14.83 73.92 -10.55
N TYR D 94 14.96 73.44 -9.31
CA TYR D 94 15.55 72.14 -9.06
C TYR D 94 14.53 71.24 -8.38
N TYR D 95 14.47 70.00 -8.84
CA TYR D 95 13.55 68.99 -8.32
C TYR D 95 14.34 67.88 -7.67
N CYS D 96 13.94 67.49 -6.46
CA CYS D 96 14.43 66.27 -5.85
C CYS D 96 13.28 65.28 -5.87
N ALA D 97 13.51 64.12 -6.50
CA ALA D 97 12.44 63.19 -6.79
C ALA D 97 12.78 61.82 -6.23
N LYS D 98 11.75 61.18 -5.67
CA LYS D 98 11.89 59.81 -5.18
C LYS D 98 12.12 58.86 -6.34
N GLU D 99 12.89 57.80 -6.07
CA GLU D 99 13.10 56.75 -7.05
C GLU D 99 12.04 55.69 -6.85
N GLY D 100 12.21 54.53 -7.47
CA GLY D 100 11.33 53.41 -7.22
C GLY D 100 10.60 52.95 -8.47
N ARG D 101 9.73 51.97 -8.25
CA ARG D 101 9.08 51.23 -9.31
C ARG D 101 7.58 51.33 -9.10
N PRO D 102 6.79 51.19 -10.16
CA PRO D 102 5.33 51.22 -9.98
C PRO D 102 4.88 50.07 -9.10
N SER D 103 3.68 50.24 -8.53
CA SER D 103 3.17 49.56 -7.32
C SER D 103 3.79 48.17 -7.21
N ASP D 104 3.79 47.37 -8.27
CA ASP D 104 4.47 46.09 -8.24
C ASP D 104 5.07 45.81 -9.61
N ILE D 105 5.31 44.53 -9.87
CA ILE D 105 6.16 44.07 -10.96
C ILE D 105 5.82 44.62 -12.34
N VAL D 106 6.77 45.34 -12.94
CA VAL D 106 7.13 45.00 -14.29
C VAL D 106 8.65 44.80 -14.26
N VAL D 107 9.39 45.89 -14.37
CA VAL D 107 10.64 46.13 -13.65
C VAL D 107 10.74 47.62 -13.37
N VAL D 108 10.44 48.40 -14.41
CA VAL D 108 11.05 49.71 -14.63
C VAL D 108 11.05 50.58 -13.40
N VAL D 109 12.14 51.31 -13.21
CA VAL D 109 12.25 52.28 -12.14
C VAL D 109 11.70 53.61 -12.62
N ALA D 110 10.66 54.10 -11.96
CA ALA D 110 9.92 55.27 -12.41
C ALA D 110 10.05 56.40 -11.39
N PHE D 111 10.03 57.64 -11.89
CA PHE D 111 10.04 58.80 -11.01
C PHE D 111 8.65 59.04 -10.46
N ASP D 112 8.38 58.51 -9.27
CA ASP D 112 7.11 58.75 -8.60
C ASP D 112 7.19 60.04 -7.81
N TYR D 113 6.30 60.19 -6.82
CA TYR D 113 6.01 61.45 -6.16
C TYR D 113 7.22 62.36 -6.02
N TRP D 114 7.07 63.58 -6.51
CA TRP D 114 8.12 64.58 -6.62
C TRP D 114 8.03 65.57 -5.47
N GLY D 115 9.00 66.48 -5.41
CA GLY D 115 8.92 67.60 -4.51
C GLY D 115 8.14 68.75 -5.12
N GLN D 116 8.30 69.92 -4.50
CA GLN D 116 7.68 71.15 -4.99
C GLN D 116 8.63 72.02 -5.79
N GLY D 117 9.93 71.80 -5.68
CA GLY D 117 10.89 72.56 -6.46
C GLY D 117 11.25 73.92 -5.92
N THR D 118 12.50 74.31 -6.09
CA THR D 118 12.99 75.60 -5.63
C THR D 118 13.84 76.25 -6.70
N LEU D 119 13.69 77.57 -6.84
CA LEU D 119 14.50 78.33 -7.78
C LEU D 119 15.74 78.88 -7.10
N VAL D 120 16.88 78.77 -7.77
CA VAL D 120 18.13 79.32 -7.30
C VAL D 120 18.53 80.43 -8.27
N THR D 121 18.52 81.67 -7.80
CA THR D 121 18.85 82.82 -8.65
C THR D 121 20.32 83.16 -8.43
N VAL D 122 21.18 82.61 -9.29
CA VAL D 122 22.59 82.99 -9.31
C VAL D 122 22.70 84.28 -10.09
N SER D 123 22.67 85.41 -9.38
CA SER D 123 22.68 86.72 -10.01
C SER D 123 23.47 87.69 -9.15
N SER D 124 24.05 88.71 -9.78
CA SER D 124 24.76 89.75 -9.06
C SER D 124 23.85 90.86 -8.56
N ALA D 125 22.56 90.80 -8.88
CA ALA D 125 21.62 91.81 -8.42
C ALA D 125 21.23 91.55 -6.97
N SER D 126 20.51 92.52 -6.39
CA SER D 126 20.04 92.39 -5.01
C SER D 126 18.78 93.22 -4.79
N ASP E 1 26.05 56.69 -25.23
CA ASP E 1 24.93 57.04 -24.37
C ASP E 1 23.60 56.82 -25.10
N ILE E 2 22.51 57.23 -24.46
CA ILE E 2 21.17 57.10 -25.01
C ILE E 2 20.62 58.49 -25.24
N GLN E 3 20.06 58.72 -26.43
CA GLN E 3 19.49 60.00 -26.79
C GLN E 3 18.04 59.83 -27.19
N LEU E 4 17.20 60.76 -26.76
CA LEU E 4 15.77 60.74 -27.04
C LEU E 4 15.41 61.92 -27.93
N THR E 5 14.79 61.62 -29.07
CA THR E 5 14.28 62.64 -29.98
C THR E 5 12.77 62.44 -30.11
N GLN E 6 12.03 63.52 -29.91
CA GLN E 6 10.59 63.50 -30.01
C GLN E 6 10.13 64.15 -31.31
N SER E 7 8.91 63.82 -31.71
CA SER E 7 8.31 64.41 -32.89
C SER E 7 6.79 64.39 -32.77
N PRO E 8 6.12 65.54 -32.92
CA PRO E 8 6.75 66.84 -33.18
C PRO E 8 7.33 67.46 -31.92
N SER E 9 8.13 68.52 -32.08
CA SER E 9 8.59 69.26 -30.92
C SER E 9 7.42 69.83 -30.14
N SER E 10 6.37 70.28 -30.84
CA SER E 10 5.15 70.77 -30.22
C SER E 10 4.05 70.74 -31.27
N LEU E 11 2.81 70.89 -30.80
CA LEU E 11 1.68 70.96 -31.71
C LEU E 11 0.49 71.54 -30.98
N SER E 12 -0.53 71.91 -31.74
CA SER E 12 -1.83 72.25 -31.21
C SER E 12 -2.88 71.35 -31.85
N ALA E 13 -3.95 71.08 -31.11
CA ALA E 13 -5.03 70.25 -31.62
C ALA E 13 -6.31 70.66 -30.92
N SER E 14 -7.45 70.32 -31.54
CA SER E 14 -8.75 70.62 -30.99
C SER E 14 -9.20 69.50 -30.07
N VAL E 15 -10.24 69.77 -29.28
CA VAL E 15 -10.73 68.80 -28.32
C VAL E 15 -11.24 67.57 -29.06
N GLY E 16 -10.85 66.39 -28.59
CA GLY E 16 -11.23 65.13 -29.19
C GLY E 16 -10.24 64.60 -30.21
N ASP E 17 -9.24 65.38 -30.60
CA ASP E 17 -8.28 64.93 -31.59
C ASP E 17 -7.45 63.77 -31.05
N ARG E 18 -7.14 62.82 -31.93
CA ARG E 18 -6.19 61.77 -31.60
C ARG E 18 -4.78 62.28 -31.88
N VAL E 19 -4.06 62.60 -30.82
CA VAL E 19 -2.73 63.18 -30.94
C VAL E 19 -1.70 62.11 -30.61
N THR E 20 -0.66 62.07 -31.42
CA THR E 20 0.36 61.02 -31.33
C THR E 20 1.73 61.67 -31.23
N ILE E 21 2.51 61.27 -30.22
CA ILE E 21 3.83 61.82 -30.02
C ILE E 21 4.82 60.67 -30.04
N THR E 22 5.82 60.77 -30.90
CA THR E 22 6.79 59.71 -31.10
C THR E 22 8.09 60.05 -30.37
N CYS E 23 8.69 59.04 -29.75
CA CYS E 23 10.00 59.16 -29.14
C CYS E 23 10.88 58.04 -29.64
N ARG E 24 12.02 58.40 -30.22
CA ARG E 24 12.99 57.42 -30.68
C ARG E 24 14.22 57.49 -29.79
N ALA E 25 14.79 56.34 -29.48
CA ALA E 25 16.00 56.27 -28.67
C ALA E 25 17.22 56.26 -29.58
N SER E 26 18.38 56.47 -28.97
CA SER E 26 19.63 56.30 -29.71
C SER E 26 19.76 54.86 -30.20
N GLN E 27 19.42 53.91 -29.33
CA GLN E 27 19.54 52.50 -29.65
C GLN E 27 18.41 51.74 -28.96
N SER E 28 18.45 50.42 -29.08
CA SER E 28 17.35 49.57 -28.65
C SER E 28 17.32 49.47 -27.12
N ILE E 29 16.32 50.11 -26.52
CA ILE E 29 16.08 49.92 -25.10
C ILE E 29 14.84 49.05 -24.86
N SER E 30 13.75 49.32 -25.57
CA SER E 30 12.64 48.40 -25.79
C SER E 30 11.74 48.15 -24.59
N SER E 31 12.15 48.58 -23.39
CA SER E 31 11.27 48.39 -22.24
C SER E 31 11.32 49.49 -21.20
N TYR E 32 12.01 50.60 -21.44
CA TYR E 32 12.40 51.48 -20.34
C TYR E 32 11.92 52.92 -20.50
N LEU E 33 11.12 53.22 -21.51
CA LEU E 33 10.67 54.60 -21.68
C LEU E 33 9.57 54.91 -20.69
N ASN E 34 9.49 56.17 -20.28
CA ASN E 34 8.51 56.62 -19.31
C ASN E 34 7.94 57.94 -19.78
N TRP E 35 6.61 58.01 -19.93
CA TRP E 35 5.97 59.22 -20.40
C TRP E 35 5.51 60.04 -19.22
N TYR E 36 5.98 61.29 -19.14
CA TYR E 36 5.64 62.20 -18.05
C TYR E 36 4.97 63.44 -18.61
N GLN E 37 3.89 63.85 -17.95
CA GLN E 37 3.15 65.05 -18.30
C GLN E 37 3.44 66.13 -17.27
N GLN E 38 3.90 67.28 -17.74
CA GLN E 38 4.21 68.41 -16.88
C GLN E 38 3.34 69.59 -17.26
N LYS E 39 2.47 69.99 -16.36
CA LYS E 39 1.82 71.27 -16.66
C LYS E 39 2.78 72.41 -16.38
N PRO E 40 2.62 73.55 -17.07
CA PRO E 40 3.49 74.69 -16.78
C PRO E 40 3.38 75.13 -15.33
N GLY E 41 4.54 75.46 -14.75
CA GLY E 41 4.58 75.94 -13.39
C GLY E 41 4.32 74.91 -12.33
N LYS E 42 4.15 73.64 -12.69
CA LYS E 42 3.90 72.58 -11.73
C LYS E 42 4.84 71.42 -12.02
N ALA E 43 4.82 70.43 -11.13
CA ALA E 43 5.70 69.29 -11.23
C ALA E 43 5.17 68.28 -12.24
N PRO E 44 6.07 67.56 -12.91
CA PRO E 44 5.63 66.57 -13.89
C PRO E 44 4.90 65.40 -13.25
N LYS E 45 4.04 64.78 -14.04
CA LYS E 45 3.23 63.66 -13.59
C LYS E 45 3.53 62.44 -14.45
N LEU E 46 3.75 61.30 -13.79
CA LEU E 46 3.89 60.04 -14.50
C LEU E 46 2.60 59.70 -15.23
N LEU E 47 2.73 59.27 -16.49
CA LEU E 47 1.61 58.73 -17.24
C LEU E 47 1.84 57.27 -17.60
N ILE E 48 2.94 56.99 -18.30
CA ILE E 48 3.21 55.68 -18.86
C ILE E 48 4.60 55.25 -18.45
N TYR E 49 4.73 53.98 -18.11
CA TYR E 49 6.00 53.35 -17.81
C TYR E 49 6.15 52.11 -18.68
N ALA E 50 7.41 51.72 -18.92
CA ALA E 50 7.77 50.66 -19.85
C ALA E 50 7.28 50.95 -21.26
N ALA E 51 6.99 52.22 -21.56
CA ALA E 51 6.63 52.77 -22.85
C ALA E 51 5.27 52.30 -23.36
N SER E 52 4.60 51.37 -22.67
CA SER E 52 3.27 50.97 -23.10
C SER E 52 2.36 50.62 -21.92
N SER E 53 2.77 50.85 -20.69
CA SER E 53 1.98 50.43 -19.54
C SER E 53 1.48 51.65 -18.77
N LEU E 54 0.22 51.58 -18.37
CA LEU E 54 -0.51 52.74 -17.87
C LEU E 54 -0.40 52.86 -16.35
N GLN E 55 -0.22 54.10 -15.89
CA GLN E 55 -0.20 54.40 -14.47
C GLN E 55 -1.62 54.64 -13.96
N SER E 56 -1.92 54.09 -12.79
CA SER E 56 -3.26 54.25 -12.23
C SER E 56 -3.55 55.72 -11.95
N GLY E 57 -4.84 56.05 -11.94
CA GLY E 57 -5.28 57.43 -11.83
C GLY E 57 -5.16 58.25 -13.09
N VAL E 58 -4.66 57.66 -14.18
CA VAL E 58 -4.52 58.35 -15.46
C VAL E 58 -5.72 58.02 -16.32
N PRO E 59 -6.34 59.01 -16.98
CA PRO E 59 -7.49 58.72 -17.85
C PRO E 59 -7.14 57.77 -18.98
N SER E 60 -8.16 57.00 -19.38
CA SER E 60 -7.97 55.91 -20.33
C SER E 60 -7.56 56.41 -21.72
N ARG E 61 -7.96 57.62 -22.10
CA ARG E 61 -7.57 58.14 -23.40
C ARG E 61 -6.05 58.20 -23.54
N PHE E 62 -5.34 58.31 -22.42
CA PHE E 62 -3.90 58.25 -22.45
C PHE E 62 -3.44 56.84 -22.82
N SER E 63 -2.52 56.76 -23.77
CA SER E 63 -2.05 55.47 -24.24
C SER E 63 -0.66 55.61 -24.84
N GLY E 64 0.20 54.66 -24.49
CA GLY E 64 1.54 54.62 -25.02
C GLY E 64 1.85 53.29 -25.64
N SER E 65 2.90 53.23 -26.45
CA SER E 65 3.27 51.98 -27.11
C SER E 65 4.72 52.09 -27.57
N GLY E 66 5.23 50.97 -28.06
CA GLY E 66 6.54 50.93 -28.69
C GLY E 66 7.47 49.94 -28.02
N SER E 67 8.57 49.70 -28.72
CA SER E 67 9.64 48.81 -28.28
C SER E 67 10.86 49.13 -29.14
N GLY E 68 11.95 48.42 -28.87
CA GLY E 68 13.21 48.70 -29.54
C GLY E 68 13.63 50.14 -29.35
N THR E 69 13.59 50.92 -30.44
CA THR E 69 13.85 52.34 -30.39
C THR E 69 12.60 53.19 -30.60
N ASP E 70 11.57 52.65 -31.24
CA ASP E 70 10.41 53.42 -31.64
C ASP E 70 9.34 53.34 -30.56
N PHE E 71 8.95 54.50 -30.05
CA PHE E 71 7.97 54.62 -28.98
C PHE E 71 6.98 55.71 -29.32
N THR E 72 5.75 55.54 -28.84
CA THR E 72 4.70 56.50 -29.13
C THR E 72 3.73 56.61 -27.97
N LEU E 73 3.24 57.82 -27.76
CA LEU E 73 2.18 58.11 -26.81
C LEU E 73 0.98 58.62 -27.59
N THR E 74 -0.17 57.98 -27.40
CA THR E 74 -1.37 58.30 -28.17
C THR E 74 -2.52 58.63 -27.24
N ILE E 75 -3.32 59.62 -27.64
CA ILE E 75 -4.50 60.03 -26.88
C ILE E 75 -5.69 59.89 -27.81
N SER E 76 -6.68 59.08 -27.40
CA SER E 76 -7.83 58.83 -28.27
C SER E 76 -8.65 60.09 -28.50
N SER E 77 -9.01 60.77 -27.42
CA SER E 77 -9.86 61.96 -27.51
C SER E 77 -9.23 63.06 -26.66
N LEU E 78 -8.66 64.07 -27.31
CA LEU E 78 -8.06 65.18 -26.58
C LEU E 78 -9.11 65.90 -25.75
N GLN E 79 -8.72 66.31 -24.55
CA GLN E 79 -9.62 66.89 -23.56
C GLN E 79 -9.12 68.27 -23.15
N PRO E 80 -9.99 69.10 -22.58
CA PRO E 80 -9.57 70.47 -22.23
C PRO E 80 -8.43 70.53 -21.23
N GLU E 81 -8.14 69.44 -20.54
CA GLU E 81 -7.11 69.44 -19.50
C GLU E 81 -5.85 68.71 -19.90
N ASP E 82 -5.78 68.17 -21.12
CA ASP E 82 -4.61 67.41 -21.53
C ASP E 82 -3.47 68.29 -22.02
N PHE E 83 -3.74 69.57 -22.28
CA PHE E 83 -2.74 70.45 -22.89
C PHE E 83 -1.61 70.69 -21.91
N ALA E 84 -0.43 70.16 -22.22
CA ALA E 84 0.74 70.29 -21.35
C ALA E 84 1.97 69.91 -22.16
N THR E 85 3.10 69.83 -21.47
CA THR E 85 4.35 69.37 -22.06
C THR E 85 4.60 67.95 -21.61
N TYR E 86 4.89 67.07 -22.56
CA TYR E 86 5.10 65.65 -22.29
C TYR E 86 6.53 65.28 -22.61
N TYR E 87 7.18 64.58 -21.67
CA TYR E 87 8.56 64.16 -21.83
C TYR E 87 8.64 62.65 -21.79
N CYS E 88 9.27 62.06 -22.81
CA CYS E 88 9.61 60.65 -22.78
C CYS E 88 10.91 60.50 -22.00
N GLN E 89 10.97 59.49 -21.14
CA GLN E 89 12.13 59.25 -20.28
C GLN E 89 12.51 57.78 -20.32
N GLN E 90 13.69 57.49 -20.86
CA GLN E 90 14.20 56.12 -20.83
C GLN E 90 14.76 55.78 -19.46
N SER E 91 14.68 54.51 -19.10
CA SER E 91 15.23 54.01 -17.85
C SER E 91 16.26 52.91 -18.07
N TYR E 92 16.82 52.81 -19.27
CA TYR E 92 17.66 51.66 -19.63
C TYR E 92 18.93 51.63 -18.78
N SER E 93 19.59 52.77 -18.63
CA SER E 93 20.82 52.85 -17.86
C SER E 93 21.11 54.29 -17.50
N THR E 94 22.07 54.48 -16.61
CA THR E 94 22.53 55.81 -16.25
C THR E 94 23.53 56.32 -17.29
N PRO E 95 23.55 57.64 -17.57
CA PRO E 95 22.65 58.65 -16.99
C PRO E 95 21.31 58.69 -17.72
N ARG E 96 20.26 58.37 -17.00
CA ARG E 96 18.92 58.32 -17.57
C ARG E 96 18.50 59.70 -18.08
N THR E 97 18.10 59.77 -19.34
CA THR E 97 17.87 61.03 -20.04
C THR E 97 16.38 61.24 -20.31
N PHE E 98 16.08 62.34 -20.98
CA PHE E 98 14.73 62.72 -21.37
C PHE E 98 14.73 63.13 -22.83
N GLY E 99 13.53 63.32 -23.38
CA GLY E 99 13.36 63.93 -24.67
C GLY E 99 13.41 65.44 -24.56
N GLN E 100 13.12 66.10 -25.68
CA GLN E 100 13.16 67.56 -25.71
C GLN E 100 11.84 68.20 -25.29
N GLY E 101 10.86 67.41 -24.87
CA GLY E 101 9.61 67.96 -24.39
C GLY E 101 8.67 68.28 -25.53
N THR E 102 7.41 67.87 -25.39
CA THR E 102 6.39 68.10 -26.41
C THR E 102 5.21 68.79 -25.77
N LYS E 103 5.01 70.06 -26.10
CA LYS E 103 3.93 70.85 -25.52
C LYS E 103 2.69 70.70 -26.39
N VAL E 104 1.57 70.37 -25.73
CA VAL E 104 0.27 70.26 -26.39
C VAL E 104 -0.51 71.52 -26.07
N GLU E 105 -1.01 72.19 -27.09
CA GLU E 105 -1.76 73.43 -26.93
C GLU E 105 -3.10 73.32 -27.65
N ILE E 106 -3.93 74.33 -27.44
CA ILE E 106 -5.24 74.40 -28.06
C ILE E 106 -5.17 75.39 -29.22
N LYS E 107 -6.00 75.16 -30.24
CA LYS E 107 -6.01 76.03 -31.41
C LYS E 107 -7.35 76.75 -31.54
N VAL F 2 -11.66 49.31 -34.55
CA VAL F 2 -12.80 48.75 -35.26
C VAL F 2 -13.55 49.85 -35.98
N GLN F 3 -13.58 49.78 -37.31
CA GLN F 3 -14.32 50.73 -38.12
C GLN F 3 -15.04 49.99 -39.23
N LEU F 4 -16.29 50.37 -39.46
CA LEU F 4 -17.10 49.83 -40.55
C LEU F 4 -17.48 50.98 -41.46
N VAL F 5 -17.16 50.84 -42.75
CA VAL F 5 -17.29 51.93 -43.72
C VAL F 5 -18.46 51.61 -44.65
N GLU F 6 -19.52 52.41 -44.55
CA GLU F 6 -20.64 52.33 -45.48
C GLU F 6 -20.51 53.40 -46.54
N SER F 7 -20.72 53.01 -47.79
CA SER F 7 -20.65 53.96 -48.91
C SER F 7 -21.39 53.36 -50.09
N GLY F 8 -21.70 54.20 -51.07
CA GLY F 8 -22.37 53.79 -52.29
C GLY F 8 -23.75 54.34 -52.50
N GLY F 9 -24.28 55.14 -51.57
CA GLY F 9 -25.60 55.73 -51.73
C GLY F 9 -25.57 56.99 -52.57
N GLY F 10 -26.75 57.53 -52.81
CA GLY F 10 -26.86 58.77 -53.55
C GLY F 10 -28.18 58.82 -54.30
N VAL F 11 -28.21 59.70 -55.30
CA VAL F 11 -29.38 59.90 -56.13
C VAL F 11 -29.34 58.89 -57.27
N VAL F 12 -30.44 58.15 -57.43
CA VAL F 12 -30.52 57.14 -58.48
C VAL F 12 -31.91 57.21 -59.11
N GLN F 13 -31.96 57.04 -60.43
CA GLN F 13 -33.23 57.02 -61.13
C GLN F 13 -33.98 55.74 -60.82
N PRO F 14 -35.30 55.75 -60.94
CA PRO F 14 -36.09 54.54 -60.70
C PRO F 14 -35.74 53.43 -61.69
N GLY F 15 -35.95 52.19 -61.25
CA GLY F 15 -35.75 51.03 -62.09
C GLY F 15 -34.32 50.69 -62.40
N ARG F 16 -33.37 51.43 -61.85
CA ARG F 16 -31.96 51.21 -62.12
C ARG F 16 -31.38 50.24 -61.08
N SER F 17 -30.06 50.12 -61.07
CA SER F 17 -29.37 49.25 -60.12
C SER F 17 -28.27 50.04 -59.43
N LEU F 18 -27.77 49.48 -58.33
CA LEU F 18 -26.73 50.13 -57.53
C LEU F 18 -26.08 49.09 -56.63
N ARG F 19 -24.77 49.23 -56.43
CA ARG F 19 -24.02 48.40 -55.51
C ARG F 19 -23.50 49.24 -54.35
N LEU F 20 -23.78 48.78 -53.14
CA LEU F 20 -23.37 49.45 -51.92
C LEU F 20 -22.16 48.75 -51.33
N SER F 21 -21.33 49.51 -50.60
CA SER F 21 -20.11 48.99 -50.03
C SER F 21 -20.16 49.07 -48.51
N CYS F 22 -19.69 48.00 -47.88
CA CYS F 22 -19.54 47.91 -46.42
C CYS F 22 -18.13 47.39 -46.17
N ALA F 23 -17.23 48.29 -45.78
CA ALA F 23 -15.84 47.93 -45.55
C ALA F 23 -15.60 47.59 -44.09
N ALA F 24 -14.89 46.49 -43.86
CA ALA F 24 -14.68 45.96 -42.53
C ALA F 24 -13.23 46.16 -42.11
N SER F 25 -13.05 46.62 -40.88
CA SER F 25 -11.71 46.86 -40.34
C SER F 25 -11.76 46.76 -38.83
N GLY F 26 -10.66 46.26 -38.25
CA GLY F 26 -10.50 46.19 -36.82
C GLY F 26 -10.84 44.86 -36.19
N PHE F 27 -11.36 43.90 -36.94
CA PHE F 27 -11.69 42.61 -36.36
C PHE F 27 -11.69 41.56 -37.46
N THR F 28 -11.69 40.29 -37.04
CA THR F 28 -11.65 39.18 -37.97
C THR F 28 -13.02 39.06 -38.66
N PHE F 29 -13.19 39.88 -39.69
CA PHE F 29 -14.45 39.96 -40.40
C PHE F 29 -14.89 38.62 -40.95
N SER F 30 -13.95 37.72 -41.24
CA SER F 30 -14.27 36.44 -41.84
C SER F 30 -15.02 35.50 -40.90
N ILE F 31 -15.45 35.98 -39.73
CA ILE F 31 -15.94 35.10 -38.69
C ILE F 31 -17.34 35.54 -38.24
N TYR F 32 -17.93 36.50 -38.94
CA TYR F 32 -19.18 37.10 -38.51
C TYR F 32 -20.12 37.30 -39.68
N GLY F 33 -21.40 37.02 -39.47
CA GLY F 33 -22.40 37.33 -40.48
C GLY F 33 -22.53 38.83 -40.66
N MET F 34 -22.85 39.25 -41.88
CA MET F 34 -23.03 40.66 -42.20
C MET F 34 -24.47 40.93 -42.62
N HIS F 35 -25.05 41.98 -42.08
CA HIS F 35 -26.44 42.30 -42.33
C HIS F 35 -26.55 43.69 -42.93
N TRP F 36 -27.51 43.87 -43.83
CA TRP F 36 -27.92 45.20 -44.26
C TRP F 36 -29.31 45.46 -43.68
N VAL F 37 -29.50 46.65 -43.15
CA VAL F 37 -30.80 47.07 -42.64
C VAL F 37 -31.06 48.49 -43.12
N ARG F 38 -32.21 48.70 -43.75
CA ARG F 38 -32.56 50.04 -44.18
C ARG F 38 -33.48 50.72 -43.18
N GLN F 39 -33.37 52.05 -43.13
CA GLN F 39 -34.29 52.92 -42.40
C GLN F 39 -34.71 54.05 -43.34
N ALA F 40 -35.92 53.96 -43.88
CA ALA F 40 -36.40 55.01 -44.74
C ALA F 40 -36.70 56.27 -43.93
N PRO F 41 -36.51 57.43 -44.55
CA PRO F 41 -36.69 58.70 -43.82
C PRO F 41 -38.03 58.78 -43.14
N GLY F 42 -38.01 59.18 -41.87
CA GLY F 42 -39.21 59.37 -41.09
C GLY F 42 -39.77 58.14 -40.43
N LYS F 43 -39.44 56.95 -40.89
CA LYS F 43 -39.87 55.71 -40.25
C LYS F 43 -38.67 54.83 -39.86
N GLY F 44 -38.97 53.70 -39.20
CA GLY F 44 -38.00 52.97 -38.41
C GLY F 44 -37.09 52.05 -39.20
N LEU F 45 -36.49 51.11 -38.47
CA LEU F 45 -35.48 50.20 -39.00
C LEU F 45 -36.18 48.96 -39.56
N GLU F 46 -35.65 48.46 -40.67
CA GLU F 46 -36.23 47.33 -41.39
C GLU F 46 -35.10 46.37 -41.77
N TRP F 47 -35.15 45.15 -41.25
CA TRP F 47 -34.15 44.14 -41.59
C TRP F 47 -34.20 43.81 -43.07
N VAL F 48 -33.03 43.79 -43.71
CA VAL F 48 -32.98 43.57 -45.16
C VAL F 48 -32.39 42.21 -45.50
N ALA F 49 -31.13 41.98 -45.15
CA ALA F 49 -30.44 40.81 -45.67
C ALA F 49 -29.53 40.22 -44.60
N VAL F 50 -29.23 38.93 -44.76
CA VAL F 50 -28.33 38.21 -43.88
C VAL F 50 -27.46 37.30 -44.74
N ILE F 51 -26.17 37.22 -44.42
CA ILE F 51 -25.23 36.36 -45.11
C ILE F 51 -24.45 35.56 -44.08
N SER F 52 -23.84 34.48 -44.55
CA SER F 52 -22.98 33.70 -43.67
C SER F 52 -21.61 34.37 -43.56
N TYR F 53 -20.82 33.89 -42.60
CA TYR F 53 -19.45 34.34 -42.45
C TYR F 53 -18.62 34.10 -43.71
N ASP F 54 -18.98 33.10 -44.50
CA ASP F 54 -18.29 32.83 -45.75
C ASP F 54 -19.07 33.24 -46.98
N GLY F 55 -20.31 33.71 -46.82
CA GLY F 55 -21.16 34.04 -47.94
C GLY F 55 -21.87 32.86 -48.56
N SER F 56 -21.56 31.64 -48.14
CA SER F 56 -22.17 30.45 -48.73
C SER F 56 -23.66 30.36 -48.46
N ASN F 57 -24.15 31.05 -47.43
CA ASN F 57 -25.57 31.03 -47.07
C ASN F 57 -26.05 32.47 -46.99
N LYS F 58 -26.93 32.85 -47.91
CA LYS F 58 -27.44 34.21 -47.97
C LYS F 58 -28.96 34.19 -48.05
N TYR F 59 -29.58 35.06 -47.25
CA TYR F 59 -31.03 35.12 -47.14
C TYR F 59 -31.47 36.58 -47.16
N TYR F 60 -32.71 36.80 -47.57
CA TYR F 60 -33.26 38.15 -47.66
C TYR F 60 -34.66 38.18 -47.07
N ALA F 61 -35.16 39.40 -46.87
CA ALA F 61 -36.56 39.60 -46.51
C ALA F 61 -37.44 39.49 -47.75
N ASP F 62 -38.70 39.11 -47.53
CA ASP F 62 -39.63 38.93 -48.64
C ASP F 62 -39.83 40.22 -49.44
N SER F 63 -39.55 41.37 -48.84
CA SER F 63 -39.72 42.64 -49.54
C SER F 63 -38.68 42.86 -50.62
N VAL F 64 -37.58 42.10 -50.61
CA VAL F 64 -36.45 42.36 -51.49
C VAL F 64 -35.98 41.13 -52.23
N LYS F 65 -36.63 39.99 -52.06
CA LYS F 65 -36.17 38.75 -52.68
C LYS F 65 -36.18 38.86 -54.19
N GLY F 66 -35.13 38.35 -54.82
CA GLY F 66 -34.96 38.39 -56.26
C GLY F 66 -34.34 39.68 -56.75
N ARG F 67 -34.76 40.80 -56.18
CA ARG F 67 -34.22 42.09 -56.60
C ARG F 67 -32.81 42.29 -56.05
N PHE F 68 -32.61 42.00 -54.77
CA PHE F 68 -31.36 42.32 -54.09
C PHE F 68 -30.43 41.12 -54.08
N THR F 69 -29.14 41.39 -54.29
CA THR F 69 -28.10 40.38 -54.19
C THR F 69 -26.96 40.95 -53.36
N ILE F 70 -26.79 40.43 -52.16
CA ILE F 70 -25.72 40.83 -51.25
C ILE F 70 -24.55 39.88 -51.45
N SER F 71 -23.34 40.44 -51.43
CA SER F 71 -22.15 39.65 -51.73
C SER F 71 -21.10 39.86 -50.65
N ARG F 72 -20.19 38.89 -50.57
CA ARG F 72 -19.13 38.89 -49.56
C ARG F 72 -17.82 38.44 -50.20
N ASP F 73 -16.75 39.17 -49.90
CA ASP F 73 -15.40 38.80 -50.30
C ASP F 73 -14.47 38.79 -49.09
N ASN F 74 -14.41 37.64 -48.41
CA ASN F 74 -13.54 37.52 -47.25
C ASN F 74 -12.07 37.65 -47.62
N SER F 75 -11.72 37.44 -48.89
CA SER F 75 -10.33 37.64 -49.30
C SER F 75 -9.88 39.06 -49.01
N LYS F 76 -10.73 40.05 -49.29
CA LYS F 76 -10.44 41.44 -48.96
C LYS F 76 -11.35 41.94 -47.84
N ASN F 77 -12.30 41.11 -47.39
CA ASN F 77 -13.14 41.43 -46.24
C ASN F 77 -13.92 42.73 -46.46
N THR F 78 -14.77 42.68 -47.47
CA THR F 78 -15.67 43.79 -47.79
C THR F 78 -17.04 43.23 -48.14
N LEU F 79 -18.07 44.00 -47.80
CA LEU F 79 -19.46 43.60 -48.00
C LEU F 79 -20.12 44.47 -49.06
N TYR F 80 -20.96 43.85 -49.88
CA TYR F 80 -21.64 44.57 -50.95
C TYR F 80 -23.10 44.14 -51.04
N LEU F 81 -23.92 45.05 -51.55
CA LEU F 81 -25.34 44.81 -51.80
C LEU F 81 -25.71 45.36 -53.17
N GLN F 82 -26.08 44.47 -54.08
CA GLN F 82 -26.56 44.88 -55.40
C GLN F 82 -28.08 44.93 -55.39
N MET F 83 -28.63 46.14 -55.48
CA MET F 83 -30.07 46.33 -55.57
C MET F 83 -30.39 46.57 -57.04
N ASN F 84 -31.28 45.76 -57.60
CA ASN F 84 -31.75 45.94 -58.96
C ASN F 84 -33.21 46.40 -58.94
N SER F 85 -33.59 47.11 -60.00
CA SER F 85 -34.95 47.65 -60.15
C SER F 85 -35.33 48.49 -58.94
N LEU F 86 -34.63 49.61 -58.78
CA LEU F 86 -34.93 50.53 -57.69
C LEU F 86 -36.23 51.28 -57.95
N ARG F 87 -36.97 51.52 -56.87
CA ARG F 87 -38.21 52.29 -56.93
C ARG F 87 -38.29 53.20 -55.71
N ALA F 88 -39.35 54.01 -55.68
CA ALA F 88 -39.49 55.00 -54.62
C ALA F 88 -39.55 54.37 -53.24
N GLU F 89 -40.17 53.20 -53.12
CA GLU F 89 -40.22 52.53 -51.82
C GLU F 89 -38.83 52.10 -51.37
N ASP F 90 -37.90 51.94 -52.31
CA ASP F 90 -36.53 51.58 -51.97
C ASP F 90 -35.70 52.76 -51.49
N THR F 91 -36.22 53.99 -51.62
CA THR F 91 -35.54 55.16 -51.12
C THR F 91 -35.42 55.08 -49.59
N ALA F 92 -34.21 54.86 -49.09
CA ALA F 92 -34.02 54.68 -47.66
C ALA F 92 -32.53 54.81 -47.35
N VAL F 93 -32.25 55.21 -46.11
CA VAL F 93 -30.91 55.08 -45.58
C VAL F 93 -30.67 53.61 -45.24
N TYR F 94 -29.46 53.13 -45.48
CA TYR F 94 -29.13 51.73 -45.26
C TYR F 94 -27.97 51.59 -44.27
N TYR F 95 -28.13 50.68 -43.33
CA TYR F 95 -27.11 50.34 -42.36
C TYR F 95 -26.62 48.92 -42.60
N CYS F 96 -25.30 48.73 -42.61
CA CYS F 96 -24.71 47.41 -42.50
C CYS F 96 -24.18 47.28 -41.08
N ALA F 97 -24.61 46.23 -40.39
CA ALA F 97 -24.34 46.09 -38.96
C ALA F 97 -23.63 44.78 -38.69
N LYS F 98 -22.69 44.84 -37.77
CA LYS F 98 -21.92 43.66 -37.39
C LYS F 98 -22.79 42.70 -36.57
N GLU F 99 -22.59 41.41 -36.81
CA GLU F 99 -23.19 40.37 -36.00
C GLU F 99 -22.24 39.98 -34.88
N GLY F 100 -22.56 38.91 -34.17
CA GLY F 100 -21.77 38.49 -33.03
C GLY F 100 -22.56 38.58 -31.74
N ARG F 101 -21.90 38.14 -30.68
CA ARG F 101 -22.54 38.04 -29.38
C ARG F 101 -21.85 38.96 -28.41
N PRO F 102 -22.53 39.36 -27.33
CA PRO F 102 -21.87 40.18 -26.31
C PRO F 102 -20.71 39.42 -25.69
N SER F 103 -19.79 40.18 -25.11
CA SER F 103 -18.38 39.82 -24.82
C SER F 103 -18.27 38.31 -24.58
N ASP F 104 -19.14 37.71 -23.76
CA ASP F 104 -19.17 36.25 -23.64
C ASP F 104 -20.58 35.76 -23.34
N ILE F 105 -20.68 34.53 -22.84
CA ILE F 105 -21.92 33.78 -22.70
C ILE F 105 -23.07 34.59 -22.10
N VAL F 106 -24.20 34.67 -22.80
CA VAL F 106 -25.47 34.40 -22.14
C VAL F 106 -26.20 33.38 -23.01
N VAL F 107 -26.88 33.85 -24.05
CA VAL F 107 -27.21 33.09 -25.25
C VAL F 107 -27.05 33.98 -26.47
N VAL F 108 -27.71 35.15 -26.41
CA VAL F 108 -28.22 35.84 -27.60
C VAL F 108 -27.09 36.33 -28.51
N VAL F 109 -27.35 36.27 -29.81
CA VAL F 109 -26.55 36.98 -30.81
C VAL F 109 -27.20 38.33 -31.08
N ALA F 110 -26.44 39.40 -30.91
CA ALA F 110 -26.99 40.76 -30.90
C ALA F 110 -26.33 41.64 -31.95
N PHE F 111 -27.00 42.73 -32.33
CA PHE F 111 -26.41 43.73 -33.19
C PHE F 111 -25.45 44.65 -32.44
N ASP F 112 -24.15 44.36 -32.55
CA ASP F 112 -23.09 45.23 -32.05
C ASP F 112 -22.71 46.24 -33.12
N TYR F 113 -21.50 46.80 -33.02
CA TYR F 113 -21.04 47.95 -33.80
C TYR F 113 -21.63 48.01 -35.21
N TRP F 114 -22.21 49.16 -35.53
CA TRP F 114 -22.94 49.40 -36.77
C TRP F 114 -22.05 50.13 -37.76
N GLY F 115 -22.63 50.41 -38.92
CA GLY F 115 -22.06 51.37 -39.84
C GLY F 115 -22.51 52.78 -39.49
N GLN F 116 -22.35 53.67 -40.46
CA GLN F 116 -22.68 55.07 -40.27
C GLN F 116 -23.92 55.52 -41.04
N GLY F 117 -24.36 54.75 -42.03
CA GLY F 117 -25.53 55.11 -42.81
C GLY F 117 -25.27 55.78 -44.14
N THR F 118 -25.95 55.29 -45.16
CA THR F 118 -25.90 55.86 -46.50
C THR F 118 -27.31 55.86 -47.07
N LEU F 119 -27.71 57.01 -47.60
CA LEU F 119 -29.04 57.15 -48.18
C LEU F 119 -29.02 56.76 -49.65
N VAL F 120 -30.03 56.02 -50.07
CA VAL F 120 -30.19 55.64 -51.47
C VAL F 120 -31.54 56.17 -51.92
N THR F 121 -31.55 57.40 -52.44
CA THR F 121 -32.78 58.06 -52.85
C THR F 121 -33.07 57.72 -54.31
N VAL F 122 -34.11 56.91 -54.50
CA VAL F 122 -34.54 56.49 -55.84
C VAL F 122 -35.48 57.57 -56.37
N SER F 123 -34.92 58.53 -57.11
CA SER F 123 -35.69 59.68 -57.56
C SER F 123 -35.37 59.98 -59.02
N SER F 124 -36.37 60.40 -59.77
CA SER F 124 -36.17 60.83 -61.14
C SER F 124 -35.66 62.26 -61.24
N ALA F 125 -35.65 63.00 -60.14
CA ALA F 125 -35.20 64.39 -60.15
C ALA F 125 -33.68 64.45 -60.29
N SER F 126 -33.18 65.62 -60.68
CA SER F 126 -31.76 65.81 -60.91
C SER F 126 -31.28 67.15 -60.36
N ASP G 1 -44.48 33.87 -38.17
CA ASP G 1 -43.29 34.69 -37.95
C ASP G 1 -43.42 35.46 -36.65
N ILE G 2 -42.43 36.30 -36.36
CA ILE G 2 -42.34 37.04 -35.11
C ILE G 2 -42.70 38.49 -35.39
N GLN G 3 -43.58 39.04 -34.57
CA GLN G 3 -43.99 40.44 -34.68
C GLN G 3 -43.69 41.17 -33.39
N LEU G 4 -43.14 42.37 -33.51
CA LEU G 4 -42.73 43.19 -32.37
C LEU G 4 -43.66 44.37 -32.24
N THR G 5 -44.20 44.57 -31.03
CA THR G 5 -45.17 45.61 -30.77
C THR G 5 -44.68 46.48 -29.61
N GLN G 6 -44.63 47.78 -29.83
CA GLN G 6 -44.19 48.74 -28.82
C GLN G 6 -45.36 49.60 -28.37
N SER G 7 -45.26 50.08 -27.13
CA SER G 7 -46.33 50.87 -26.53
C SER G 7 -45.75 51.80 -25.46
N PRO G 8 -45.91 53.12 -25.60
CA PRO G 8 -46.56 53.80 -26.73
C PRO G 8 -45.65 53.91 -27.93
N SER G 9 -46.23 54.23 -29.10
CA SER G 9 -45.41 54.46 -30.29
C SER G 9 -44.50 55.67 -30.11
N SER G 10 -44.91 56.61 -29.26
CA SER G 10 -44.07 57.77 -28.96
C SER G 10 -44.57 58.38 -27.66
N LEU G 11 -43.74 59.25 -27.09
CA LEU G 11 -44.10 59.99 -25.88
C LEU G 11 -43.13 61.14 -25.70
N SER G 12 -43.48 62.05 -24.81
CA SER G 12 -42.58 63.08 -24.33
C SER G 12 -42.58 63.11 -22.82
N ALA G 13 -41.45 63.50 -22.23
CA ALA G 13 -41.35 63.57 -20.78
C ALA G 13 -40.25 64.56 -20.42
N SER G 14 -40.26 64.99 -19.16
CA SER G 14 -39.30 65.96 -18.65
C SER G 14 -38.08 65.25 -18.08
N VAL G 15 -37.06 66.04 -17.76
CA VAL G 15 -35.84 65.48 -17.19
C VAL G 15 -36.14 64.88 -15.82
N GLY G 16 -35.53 63.73 -15.54
CA GLY G 16 -35.72 63.04 -14.28
C GLY G 16 -36.87 62.06 -14.26
N ASP G 17 -37.70 62.03 -15.30
CA ASP G 17 -38.87 61.16 -15.32
C ASP G 17 -38.47 59.70 -15.47
N ARG G 18 -39.23 58.82 -14.83
CA ARG G 18 -39.10 57.38 -15.03
C ARG G 18 -39.92 57.02 -16.28
N VAL G 19 -39.24 56.57 -17.33
CA VAL G 19 -39.92 56.19 -18.57
C VAL G 19 -39.95 54.67 -18.65
N THR G 20 -41.05 54.14 -19.16
CA THR G 20 -41.21 52.71 -19.37
C THR G 20 -41.76 52.48 -20.77
N ILE G 21 -41.10 51.62 -21.53
CA ILE G 21 -41.52 51.25 -22.87
C ILE G 21 -41.65 49.74 -22.91
N THR G 22 -42.77 49.26 -23.44
CA THR G 22 -43.05 47.83 -23.48
C THR G 22 -42.93 47.31 -24.91
N CYS G 23 -42.25 46.18 -25.06
CA CYS G 23 -42.18 45.47 -26.32
C CYS G 23 -42.76 44.08 -26.10
N ARG G 24 -43.78 43.74 -26.89
CA ARG G 24 -44.43 42.45 -26.80
C ARG G 24 -44.14 41.66 -28.06
N ALA G 25 -43.72 40.41 -27.89
CA ALA G 25 -43.38 39.55 -29.00
C ALA G 25 -44.60 38.75 -29.44
N SER G 26 -44.57 38.32 -30.70
CA SER G 26 -45.67 37.51 -31.23
C SER G 26 -45.85 36.24 -30.43
N GLN G 27 -44.75 35.58 -30.09
CA GLN G 27 -44.79 34.34 -29.32
C GLN G 27 -43.66 34.37 -28.30
N SER G 28 -43.52 33.27 -27.58
CA SER G 28 -42.56 33.20 -26.49
C SER G 28 -41.15 33.07 -27.04
N ILE G 29 -40.40 34.17 -27.00
CA ILE G 29 -38.98 34.11 -27.30
C ILE G 29 -38.13 34.10 -26.03
N SER G 30 -38.43 35.00 -25.08
CA SER G 30 -38.01 34.92 -23.69
C SER G 30 -36.52 35.19 -23.46
N SER G 31 -35.72 35.24 -24.52
CA SER G 31 -34.28 35.42 -24.29
C SER G 31 -33.58 36.28 -25.33
N TYR G 32 -34.29 36.96 -26.22
CA TYR G 32 -33.68 37.38 -27.47
C TYR G 32 -33.91 38.84 -27.82
N LEU G 33 -34.53 39.63 -26.95
CA LEU G 33 -34.80 41.01 -27.29
C LEU G 33 -33.54 41.86 -27.13
N ASN G 34 -33.44 42.91 -27.94
CA ASN G 34 -32.30 43.82 -27.89
C ASN G 34 -32.81 45.25 -28.04
N TRP G 35 -32.52 46.09 -27.06
CA TRP G 35 -32.93 47.48 -27.09
C TRP G 35 -31.82 48.34 -27.69
N TYR G 36 -32.16 49.10 -28.72
CA TYR G 36 -31.22 49.96 -29.42
C TYR G 36 -31.72 51.40 -29.40
N GLN G 37 -30.82 52.33 -29.14
CA GLN G 37 -31.13 53.76 -29.17
C GLN G 37 -30.52 54.39 -30.41
N GLN G 38 -31.32 55.14 -31.16
CA GLN G 38 -30.87 55.85 -32.34
C GLN G 38 -31.11 57.33 -32.16
N LYS G 39 -30.03 58.10 -32.12
CA LYS G 39 -30.24 59.53 -32.30
C LYS G 39 -30.47 59.82 -33.78
N PRO G 40 -31.37 60.74 -34.11
CA PRO G 40 -31.60 61.05 -35.53
C PRO G 40 -30.33 61.51 -36.22
N GLY G 41 -30.17 61.09 -37.47
CA GLY G 41 -29.00 61.44 -38.24
C GLY G 41 -27.74 60.70 -37.87
N LYS G 42 -27.81 59.74 -36.95
CA LYS G 42 -26.66 58.95 -36.56
C LYS G 42 -27.07 57.48 -36.46
N ALA G 43 -26.08 56.62 -36.19
CA ALA G 43 -26.23 55.18 -36.13
C ALA G 43 -26.81 54.74 -34.78
N PRO G 44 -27.56 53.65 -34.76
CA PRO G 44 -28.12 53.16 -33.50
C PRO G 44 -27.03 52.65 -32.58
N LYS G 45 -27.31 52.70 -31.29
CA LYS G 45 -26.41 52.20 -30.27
C LYS G 45 -27.10 51.07 -29.52
N LEU G 46 -26.43 49.93 -29.41
CA LEU G 46 -26.96 48.86 -28.60
C LEU G 46 -27.04 49.31 -27.16
N LEU G 47 -28.16 49.02 -26.50
CA LEU G 47 -28.34 49.32 -25.09
C LEU G 47 -28.50 48.04 -24.28
N ILE G 48 -29.44 47.19 -24.65
CA ILE G 48 -29.81 46.03 -23.86
C ILE G 48 -29.79 44.80 -24.75
N TYR G 49 -29.26 43.71 -24.21
CA TYR G 49 -29.31 42.41 -24.87
C TYR G 49 -29.92 41.39 -23.92
N ALA G 50 -30.52 40.35 -24.49
CA ALA G 50 -31.25 39.33 -23.74
C ALA G 50 -32.42 39.91 -22.97
N ALA G 51 -32.85 41.12 -23.33
CA ALA G 51 -34.01 41.84 -22.82
C ALA G 51 -33.89 42.24 -21.35
N SER G 52 -32.82 41.86 -20.66
CA SER G 52 -32.68 42.25 -19.27
C SER G 52 -31.24 42.54 -18.87
N SER G 53 -30.31 42.64 -19.81
CA SER G 53 -28.90 42.81 -19.49
C SER G 53 -28.35 44.08 -20.11
N LEU G 54 -27.46 44.74 -19.38
CA LEU G 54 -26.99 46.07 -19.71
C LEU G 54 -25.65 46.03 -20.42
N GLN G 55 -25.53 46.86 -21.47
CA GLN G 55 -24.29 46.95 -22.23
C GLN G 55 -23.34 47.94 -21.58
N SER G 56 -22.05 47.61 -21.59
CA SER G 56 -21.06 48.45 -20.93
C SER G 56 -21.03 49.85 -21.57
N GLY G 57 -20.62 50.82 -20.77
CA GLY G 57 -20.59 52.21 -21.20
C GLY G 57 -21.93 52.91 -21.22
N VAL G 58 -23.02 52.20 -20.91
CA VAL G 58 -24.36 52.78 -20.87
C VAL G 58 -24.66 53.19 -19.43
N PRO G 59 -25.20 54.38 -19.18
CA PRO G 59 -25.49 54.80 -17.81
C PRO G 59 -26.46 53.84 -17.13
N SER G 60 -26.26 53.68 -15.82
CA SER G 60 -27.01 52.70 -15.05
C SER G 60 -28.49 53.04 -14.96
N ARG G 61 -28.87 54.28 -15.22
CA ARG G 61 -30.28 54.63 -15.24
C ARG G 61 -31.04 53.80 -16.28
N PHE G 62 -30.37 53.45 -17.37
CA PHE G 62 -30.93 52.46 -18.29
C PHE G 62 -31.06 51.11 -17.58
N SER G 63 -32.18 50.44 -17.82
CA SER G 63 -32.41 49.14 -17.22
C SER G 63 -33.45 48.40 -18.04
N GLY G 64 -33.26 47.09 -18.17
CA GLY G 64 -34.17 46.26 -18.91
C GLY G 64 -34.67 45.06 -18.13
N SER G 65 -35.83 44.54 -18.52
CA SER G 65 -36.39 43.38 -17.86
C SER G 65 -37.45 42.76 -18.77
N GLY G 66 -37.85 41.56 -18.44
CA GLY G 66 -38.89 40.85 -19.15
C GLY G 66 -38.42 39.49 -19.64
N SER G 67 -39.40 38.70 -20.07
CA SER G 67 -39.18 37.34 -20.57
C SER G 67 -40.42 36.96 -21.35
N GLY G 68 -40.45 35.72 -21.84
CA GLY G 68 -41.58 35.24 -22.60
C GLY G 68 -41.95 36.13 -23.76
N THR G 69 -43.11 36.81 -23.65
CA THR G 69 -43.56 37.74 -24.66
C THR G 69 -43.54 39.19 -24.21
N ASP G 70 -43.54 39.45 -22.91
CA ASP G 70 -43.57 40.82 -22.39
C ASP G 70 -42.16 41.27 -22.02
N PHE G 71 -41.76 42.41 -22.57
CA PHE G 71 -40.43 42.96 -22.34
C PHE G 71 -40.57 44.44 -22.05
N THR G 72 -39.59 44.98 -21.32
CA THR G 72 -39.63 46.38 -20.95
C THR G 72 -38.23 46.97 -20.91
N LEU G 73 -38.13 48.22 -21.33
CA LEU G 73 -36.95 49.03 -21.13
C LEU G 73 -37.34 50.25 -20.30
N THR G 74 -36.57 50.51 -19.24
CA THR G 74 -36.87 51.60 -18.33
C THR G 74 -35.64 52.47 -18.13
N ILE G 75 -35.89 53.74 -17.80
CA ILE G 75 -34.87 54.67 -17.38
C ILE G 75 -35.35 55.31 -16.09
N SER G 76 -34.57 55.18 -15.03
CA SER G 76 -34.99 55.70 -13.73
C SER G 76 -35.11 57.22 -13.77
N SER G 77 -34.12 57.90 -14.37
CA SER G 77 -34.11 59.36 -14.43
C SER G 77 -33.72 59.78 -15.84
N LEU G 78 -34.68 60.30 -16.60
CA LEU G 78 -34.38 60.83 -17.91
C LEU G 78 -33.38 61.97 -17.82
N GLN G 79 -32.51 62.05 -18.81
CA GLN G 79 -31.42 63.02 -18.87
C GLN G 79 -31.56 63.80 -20.17
N PRO G 80 -30.96 64.99 -20.26
CA PRO G 80 -31.14 65.83 -21.45
C PRO G 80 -30.66 65.20 -22.75
N GLU G 81 -29.84 64.15 -22.69
CA GLU G 81 -29.34 63.52 -23.90
C GLU G 81 -30.02 62.19 -24.18
N ASP G 82 -31.01 61.80 -23.38
CA ASP G 82 -31.67 60.52 -23.55
C ASP G 82 -32.63 60.51 -24.72
N PHE G 83 -32.98 61.67 -25.23
CA PHE G 83 -34.22 61.83 -25.96
C PHE G 83 -33.99 61.36 -27.40
N ALA G 84 -34.55 60.23 -27.76
CA ALA G 84 -34.25 59.60 -29.04
C ALA G 84 -35.28 58.53 -29.34
N THR G 85 -35.04 57.81 -30.43
CA THR G 85 -35.94 56.75 -30.89
C THR G 85 -35.35 55.41 -30.47
N TYR G 86 -36.15 54.60 -29.79
CA TYR G 86 -35.70 53.31 -29.27
C TYR G 86 -36.41 52.18 -30.01
N TYR G 87 -35.64 51.18 -30.44
CA TYR G 87 -36.17 50.01 -31.12
C TYR G 87 -35.84 48.76 -30.32
N CYS G 88 -36.85 47.95 -30.04
CA CYS G 88 -36.63 46.62 -29.50
C CYS G 88 -36.37 45.67 -30.66
N GLN G 89 -35.38 44.80 -30.51
CA GLN G 89 -34.97 43.88 -31.57
C GLN G 89 -34.86 42.48 -31.00
N GLN G 90 -35.79 41.61 -31.38
CA GLN G 90 -35.68 40.20 -31.04
C GLN G 90 -34.63 39.53 -31.91
N SER G 91 -33.93 38.56 -31.34
CA SER G 91 -32.94 37.77 -32.06
C SER G 91 -33.26 36.30 -32.06
N TYR G 92 -34.51 35.93 -31.76
CA TYR G 92 -34.86 34.52 -31.57
C TYR G 92 -34.59 33.71 -32.83
N SER G 93 -34.97 34.24 -34.00
CA SER G 93 -34.88 33.46 -35.22
C SER G 93 -34.88 34.38 -36.43
N THR G 94 -34.44 33.82 -37.56
CA THR G 94 -34.44 34.54 -38.83
C THR G 94 -35.81 34.45 -39.50
N PRO G 95 -36.28 35.52 -40.14
CA PRO G 95 -35.62 36.83 -40.18
C PRO G 95 -35.99 37.70 -38.99
N ARG G 96 -34.96 38.12 -38.27
CA ARG G 96 -35.13 38.99 -37.12
C ARG G 96 -35.84 40.27 -37.54
N THR G 97 -36.86 40.66 -36.77
CA THR G 97 -37.62 41.86 -37.04
C THR G 97 -37.37 42.86 -35.90
N PHE G 98 -37.90 44.06 -36.06
CA PHE G 98 -37.82 45.13 -35.08
C PHE G 98 -39.21 45.53 -34.65
N GLY G 99 -39.29 46.48 -33.73
CA GLY G 99 -40.54 47.14 -33.43
C GLY G 99 -40.79 48.28 -34.39
N GLN G 100 -41.80 49.09 -34.07
CA GLN G 100 -42.14 50.23 -34.90
C GLN G 100 -41.36 51.48 -34.54
N GLY G 101 -40.50 51.42 -33.54
CA GLY G 101 -39.71 52.59 -33.16
C GLY G 101 -40.47 53.51 -32.25
N THR G 102 -39.83 53.94 -31.16
CA THR G 102 -40.48 54.79 -30.16
C THR G 102 -39.59 55.99 -29.91
N LYS G 103 -40.09 57.17 -30.25
CA LYS G 103 -39.33 58.40 -30.09
C LYS G 103 -39.77 59.11 -28.81
N VAL G 104 -38.84 59.29 -27.87
CA VAL G 104 -39.09 60.02 -26.65
C VAL G 104 -38.45 61.40 -26.80
N GLU G 105 -39.24 62.45 -26.55
CA GLU G 105 -38.80 63.83 -26.73
C GLU G 105 -39.04 64.64 -25.46
N ILE G 106 -38.78 65.94 -25.57
CA ILE G 106 -38.88 66.86 -24.46
C ILE G 106 -40.31 67.37 -24.37
N LYS G 107 -40.67 67.94 -23.23
CA LYS G 107 -41.99 68.52 -23.05
C LYS G 107 -41.91 69.96 -22.54
N VAL H 2 -37.89 50.53 -3.05
CA VAL H 2 -38.17 50.67 -1.63
C VAL H 2 -38.81 52.02 -1.37
N GLN H 3 -40.06 51.98 -0.91
CA GLN H 3 -40.83 53.18 -0.65
C GLN H 3 -41.43 53.10 0.74
N LEU H 4 -41.26 54.16 1.52
CA LEU H 4 -41.77 54.24 2.89
C LEU H 4 -42.67 55.46 2.96
N VAL H 5 -43.95 55.24 3.24
CA VAL H 5 -44.99 56.26 3.08
C VAL H 5 -45.47 56.69 4.46
N GLU H 6 -45.29 57.98 4.76
CA GLU H 6 -45.78 58.57 5.99
C GLU H 6 -47.05 59.39 5.72
N SER H 7 -48.00 59.33 6.65
CA SER H 7 -49.29 60.02 6.50
C SER H 7 -49.94 60.15 7.86
N GLY H 8 -50.96 61.02 7.94
CA GLY H 8 -51.78 61.15 9.13
C GLY H 8 -51.68 62.47 9.87
N GLY H 9 -50.85 63.41 9.40
CA GLY H 9 -50.65 64.66 10.10
C GLY H 9 -51.66 65.73 9.69
N GLY H 10 -51.65 66.82 10.44
CA GLY H 10 -52.54 67.93 10.20
C GLY H 10 -52.76 68.75 11.45
N VAL H 11 -53.80 69.59 11.40
CA VAL H 11 -54.14 70.48 12.50
C VAL H 11 -55.12 69.77 13.42
N VAL H 12 -54.86 69.81 14.72
CA VAL H 12 -55.66 69.08 15.70
C VAL H 12 -55.73 69.91 16.98
N GLN H 13 -56.88 69.85 17.65
CA GLN H 13 -57.05 70.52 18.92
C GLN H 13 -56.23 69.81 20.00
N PRO H 14 -55.67 70.57 20.95
CA PRO H 14 -54.93 69.93 22.05
C PRO H 14 -55.83 69.07 22.92
N GLY H 15 -55.22 68.08 23.55
CA GLY H 15 -55.93 67.13 24.39
C GLY H 15 -56.64 66.02 23.63
N ARG H 16 -56.50 65.97 22.31
CA ARG H 16 -57.17 64.98 21.48
C ARG H 16 -56.21 63.83 21.17
N SER H 17 -56.61 62.94 20.27
CA SER H 17 -55.83 61.77 19.90
C SER H 17 -55.79 61.63 18.38
N LEU H 18 -54.75 60.95 17.89
CA LEU H 18 -54.49 60.90 16.46
C LEU H 18 -53.60 59.71 16.14
N ARG H 19 -53.75 59.20 14.92
CA ARG H 19 -52.96 58.09 14.40
C ARG H 19 -52.13 58.57 13.21
N LEU H 20 -50.84 58.27 13.23
CA LEU H 20 -49.98 58.41 12.06
C LEU H 20 -49.73 57.03 11.43
N SER H 21 -49.56 57.02 10.12
CA SER H 21 -49.38 55.78 9.39
C SER H 21 -48.02 55.74 8.72
N CYS H 22 -47.37 54.58 8.80
CA CYS H 22 -46.06 54.36 8.18
C CYS H 22 -46.19 53.07 7.38
N ALA H 23 -46.38 53.22 6.07
CA ALA H 23 -46.53 52.07 5.19
C ALA H 23 -45.15 51.60 4.74
N ALA H 24 -44.99 50.29 4.64
CA ALA H 24 -43.71 49.69 4.30
C ALA H 24 -43.81 48.95 2.96
N SER H 25 -42.80 49.17 2.12
CA SER H 25 -42.77 48.56 0.81
C SER H 25 -41.32 48.49 0.34
N GLY H 26 -41.05 47.51 -0.53
CA GLY H 26 -39.75 47.35 -1.13
C GLY H 26 -38.81 46.41 -0.40
N PHE H 27 -39.16 45.96 0.80
CA PHE H 27 -38.30 45.07 1.55
C PHE H 27 -39.13 44.30 2.56
N THR H 28 -38.52 43.26 3.12
CA THR H 28 -39.16 42.43 4.13
C THR H 28 -39.26 43.20 5.45
N PHE H 29 -40.31 44.03 5.52
CA PHE H 29 -40.55 44.90 6.68
C PHE H 29 -40.70 44.12 7.98
N SER H 30 -41.10 42.85 7.91
CA SER H 30 -41.38 42.10 9.11
C SER H 30 -40.14 41.76 9.93
N ILE H 31 -38.93 42.04 9.44
CA ILE H 31 -37.75 41.59 10.15
C ILE H 31 -36.89 42.81 10.53
N TYR H 32 -37.49 43.99 10.51
CA TYR H 32 -36.81 45.20 10.93
C TYR H 32 -37.63 45.95 11.96
N GLY H 33 -36.97 46.36 13.03
CA GLY H 33 -37.63 47.26 13.98
C GLY H 33 -37.91 48.59 13.33
N MET H 34 -38.85 49.33 13.93
CA MET H 34 -39.28 50.61 13.39
C MET H 34 -39.24 51.68 14.47
N HIS H 35 -38.78 52.86 14.10
CA HIS H 35 -38.69 54.00 15.00
C HIS H 35 -39.55 55.14 14.48
N TRP H 36 -40.13 55.89 15.40
CA TRP H 36 -40.66 57.20 15.12
C TRP H 36 -39.72 58.22 15.75
N VAL H 37 -39.25 59.18 14.95
CA VAL H 37 -38.41 60.27 15.46
C VAL H 37 -39.05 61.58 15.03
N ARG H 38 -39.31 62.45 16.00
CA ARG H 38 -40.05 63.68 15.76
C ARG H 38 -39.10 64.88 15.65
N GLN H 39 -39.57 65.90 14.94
CA GLN H 39 -38.81 67.13 14.72
C GLN H 39 -39.79 68.30 14.73
N ALA H 40 -39.75 69.10 15.79
CA ALA H 40 -40.57 70.29 15.81
C ALA H 40 -39.99 71.34 14.85
N PRO H 41 -40.84 72.22 14.32
CA PRO H 41 -40.35 73.22 13.36
C PRO H 41 -39.19 74.03 13.92
N GLY H 42 -38.05 73.96 13.26
CA GLY H 42 -36.89 74.74 13.60
C GLY H 42 -35.95 74.17 14.63
N LYS H 43 -36.29 73.05 15.27
CA LYS H 43 -35.39 72.44 16.23
C LYS H 43 -34.76 71.20 15.62
N GLY H 44 -33.97 70.50 16.42
CA GLY H 44 -33.34 69.26 16.01
C GLY H 44 -34.35 68.15 15.86
N LEU H 45 -33.83 66.92 15.86
CA LEU H 45 -34.65 65.72 15.77
C LEU H 45 -34.74 65.06 17.14
N GLU H 46 -35.95 64.65 17.52
CA GLU H 46 -36.19 64.00 18.81
C GLU H 46 -36.81 62.62 18.57
N TRP H 47 -36.11 61.59 19.02
CA TRP H 47 -36.63 60.23 18.92
C TRP H 47 -37.85 60.03 19.82
N VAL H 48 -38.77 59.17 19.36
CA VAL H 48 -40.01 58.91 20.10
C VAL H 48 -40.07 57.48 20.61
N ALA H 49 -40.20 56.52 19.71
CA ALA H 49 -40.57 55.16 20.11
C ALA H 49 -39.87 54.14 19.24
N VAL H 50 -39.71 52.94 19.79
CA VAL H 50 -39.08 51.80 19.13
C VAL H 50 -39.90 50.55 19.37
N ILE H 51 -40.02 49.71 18.35
CA ILE H 51 -40.63 48.39 18.43
C ILE H 51 -39.71 47.38 17.78
N SER H 52 -39.93 46.11 18.11
CA SER H 52 -39.16 45.05 17.48
C SER H 52 -39.75 44.72 16.10
N TYR H 53 -39.09 43.78 15.42
CA TYR H 53 -39.54 43.33 14.10
C TYR H 53 -40.97 42.81 14.14
N ASP H 54 -41.38 42.23 15.26
CA ASP H 54 -42.71 41.68 15.41
C ASP H 54 -43.65 42.58 16.20
N GLY H 55 -43.14 43.65 16.81
CA GLY H 55 -43.94 44.48 17.68
C GLY H 55 -44.12 43.93 19.08
N SER H 56 -43.59 42.74 19.37
CA SER H 56 -43.76 42.15 20.69
C SER H 56 -42.90 42.84 21.74
N ASN H 57 -41.94 43.65 21.34
CA ASN H 57 -41.11 44.41 22.28
C ASN H 57 -41.06 45.85 21.81
N LYS H 58 -41.72 46.74 22.54
CA LYS H 58 -41.83 48.15 22.17
C LYS H 58 -41.40 49.04 23.33
N TYR H 59 -40.66 50.10 23.01
CA TYR H 59 -40.18 51.05 24.00
C TYR H 59 -40.43 52.46 23.49
N TYR H 60 -40.60 53.39 24.42
CA TYR H 60 -40.85 54.79 24.08
C TYR H 60 -39.84 55.68 24.79
N ALA H 61 -39.76 56.92 24.32
CA ALA H 61 -39.03 57.95 25.04
C ALA H 61 -39.81 58.36 26.28
N ASP H 62 -39.08 58.70 27.34
CA ASP H 62 -39.71 59.10 28.58
C ASP H 62 -40.54 60.37 28.43
N SER H 63 -40.27 61.16 27.39
CA SER H 63 -41.08 62.33 27.11
C SER H 63 -42.50 61.96 26.70
N VAL H 64 -42.72 60.74 26.21
CA VAL H 64 -44.02 60.31 25.71
C VAL H 64 -44.51 59.01 26.33
N LYS H 65 -43.90 58.55 27.42
CA LYS H 65 -44.37 57.32 28.05
C LYS H 65 -45.80 57.45 28.53
N GLY H 66 -46.60 56.42 28.25
CA GLY H 66 -48.00 56.35 28.66
C GLY H 66 -48.95 56.98 27.66
N ARG H 67 -48.54 58.08 27.04
CA ARG H 67 -49.39 58.78 26.09
C ARG H 67 -49.30 58.13 24.71
N PHE H 68 -48.10 57.90 24.22
CA PHE H 68 -47.89 57.36 22.89
C PHE H 68 -47.85 55.84 22.95
N THR H 69 -48.56 55.20 22.02
CA THR H 69 -48.48 53.75 21.86
C THR H 69 -48.34 53.44 20.38
N ILE H 70 -47.21 52.85 20.02
CA ILE H 70 -46.88 52.47 18.66
C ILE H 70 -47.22 51.01 18.43
N SER H 71 -47.87 50.73 17.31
CA SER H 71 -48.38 49.39 17.02
C SER H 71 -47.90 48.95 15.65
N ARG H 72 -47.90 47.63 15.45
CA ARG H 72 -47.42 47.04 14.21
C ARG H 72 -48.41 45.99 13.74
N ASP H 73 -48.63 45.94 12.42
CA ASP H 73 -49.43 44.89 11.79
C ASP H 73 -48.58 44.33 10.66
N ASN H 74 -47.73 43.35 10.99
CA ASN H 74 -46.89 42.72 9.99
C ASN H 74 -47.71 41.94 8.98
N SER H 75 -48.95 41.58 9.32
CA SER H 75 -49.81 40.88 8.36
C SER H 75 -50.05 41.73 7.13
N LYS H 76 -50.17 43.05 7.31
CA LYS H 76 -50.27 43.98 6.19
C LYS H 76 -49.04 44.87 6.08
N ASN H 77 -48.07 44.72 6.98
CA ASN H 77 -46.79 45.45 6.93
C ASN H 77 -47.02 46.96 6.93
N THR H 78 -47.61 47.42 8.03
CA THR H 78 -47.92 48.83 8.21
C THR H 78 -47.69 49.22 9.66
N LEU H 79 -47.25 50.45 9.87
CA LEU H 79 -46.94 50.97 11.20
C LEU H 79 -47.88 52.10 11.57
N TYR H 80 -48.22 52.16 12.86
CA TYR H 80 -49.16 53.15 13.37
C TYR H 80 -48.69 53.65 14.74
N LEU H 81 -49.15 54.85 15.09
CA LEU H 81 -48.77 55.50 16.34
C LEU H 81 -49.98 56.20 16.93
N GLN H 82 -50.38 55.75 18.11
CA GLN H 82 -51.46 56.38 18.87
C GLN H 82 -50.88 57.50 19.72
N MET H 83 -51.22 58.75 19.39
CA MET H 83 -50.87 59.90 20.21
C MET H 83 -52.12 60.35 20.94
N ASN H 84 -52.20 60.07 22.24
CA ASN H 84 -53.32 60.58 23.01
C ASN H 84 -52.88 61.74 23.88
N SER H 85 -53.84 62.61 24.20
CA SER H 85 -53.57 63.83 24.96
C SER H 85 -52.48 64.67 24.27
N LEU H 86 -52.84 65.18 23.10
CA LEU H 86 -51.95 66.08 22.38
C LEU H 86 -51.85 67.43 23.09
N ARG H 87 -50.64 68.00 23.07
CA ARG H 87 -50.37 69.30 23.68
C ARG H 87 -49.45 70.11 22.76
N ALA H 88 -49.17 71.35 23.18
CA ALA H 88 -48.45 72.29 22.31
C ALA H 88 -47.00 71.86 22.07
N GLU H 89 -46.36 71.22 23.05
CA GLU H 89 -45.00 70.75 22.83
C GLU H 89 -44.97 69.64 21.79
N ASP H 90 -46.10 68.97 21.57
CA ASP H 90 -46.18 67.86 20.64
C ASP H 90 -46.28 68.29 19.18
N THR H 91 -46.45 69.59 18.91
CA THR H 91 -46.44 70.08 17.54
C THR H 91 -45.06 69.86 16.92
N ALA H 92 -44.97 68.94 15.97
CA ALA H 92 -43.68 68.54 15.41
C ALA H 92 -43.90 67.74 14.13
N VAL H 93 -42.90 67.81 13.25
CA VAL H 93 -42.85 66.87 12.14
C VAL H 93 -42.34 65.53 12.68
N TYR H 94 -42.92 64.45 12.18
CA TYR H 94 -42.60 63.12 12.66
C TYR H 94 -42.03 62.28 11.53
N TYR H 95 -40.98 61.53 11.84
CA TYR H 95 -40.33 60.64 10.89
C TYR H 95 -40.44 59.21 11.39
N CYS H 96 -40.80 58.28 10.51
CA CYS H 96 -40.60 56.86 10.79
C CYS H 96 -39.42 56.39 9.96
N ALA H 97 -38.38 55.92 10.63
CA ALA H 97 -37.12 55.60 10.00
C ALA H 97 -36.84 54.10 10.10
N LYS H 98 -36.36 53.54 9.01
CA LYS H 98 -36.08 52.11 8.96
C LYS H 98 -34.84 51.77 9.78
N GLU H 99 -34.84 50.57 10.35
CA GLU H 99 -33.72 50.06 11.11
C GLU H 99 -32.78 49.30 10.19
N GLY H 100 -31.75 48.67 10.75
CA GLY H 100 -30.84 47.84 9.98
C GLY H 100 -29.45 48.42 9.88
N ARG H 101 -28.60 47.67 9.19
CA ARG H 101 -27.19 48.01 9.01
C ARG H 101 -26.98 48.42 7.57
N PRO H 102 -26.00 49.29 7.31
CA PRO H 102 -25.50 49.44 5.93
C PRO H 102 -25.04 48.10 5.37
N SER H 103 -24.92 48.07 4.04
CA SER H 103 -24.96 46.86 3.18
C SER H 103 -24.34 45.67 3.92
N ASP H 104 -23.17 45.80 4.52
CA ASP H 104 -22.57 44.62 5.15
C ASP H 104 -21.88 44.96 6.47
N ILE H 105 -21.16 43.97 6.99
CA ILE H 105 -20.70 43.94 8.39
C ILE H 105 -19.86 45.16 8.77
N VAL H 106 -20.22 45.81 9.87
CA VAL H 106 -19.21 46.28 10.79
C VAL H 106 -19.49 45.65 12.16
N VAL H 107 -20.46 46.20 12.92
CA VAL H 107 -21.43 45.50 13.75
C VAL H 107 -22.76 46.25 13.68
N VAL H 108 -22.68 47.58 13.86
CA VAL H 108 -23.75 48.38 14.44
C VAL H 108 -25.01 48.43 13.57
N VAL H 109 -26.08 48.91 14.18
CA VAL H 109 -27.31 49.25 13.47
C VAL H 109 -27.36 50.75 13.25
N ALA H 110 -27.63 51.17 12.02
CA ALA H 110 -27.63 52.57 11.62
C ALA H 110 -29.01 52.97 11.10
N PHE H 111 -29.35 54.25 11.25
CA PHE H 111 -30.64 54.74 10.75
C PHE H 111 -30.59 54.98 9.24
N ASP H 112 -31.07 54.00 8.48
CA ASP H 112 -31.16 54.03 7.03
C ASP H 112 -32.52 54.55 6.55
N TYR H 113 -32.88 54.19 5.32
CA TYR H 113 -33.93 54.82 4.51
C TYR H 113 -35.07 55.41 5.34
N TRP H 114 -35.36 56.68 5.07
CA TRP H 114 -36.22 57.55 5.87
C TRP H 114 -37.63 57.64 5.30
N GLY H 115 -38.50 58.26 6.08
CA GLY H 115 -39.78 58.73 5.62
C GLY H 115 -39.69 60.14 5.04
N GLN H 116 -40.87 60.69 4.73
CA GLN H 116 -40.97 62.01 4.12
C GLN H 116 -41.28 63.13 5.12
N GLY H 117 -41.67 62.79 6.33
CA GLY H 117 -42.07 63.80 7.29
C GLY H 117 -43.55 64.11 7.28
N THR H 118 -44.15 64.11 8.47
CA THR H 118 -45.54 64.50 8.63
C THR H 118 -45.64 65.47 9.80
N LEU H 119 -46.23 66.63 9.55
CA LEU H 119 -46.40 67.64 10.58
C LEU H 119 -47.69 67.40 11.34
N VAL H 120 -47.59 67.34 12.65
CA VAL H 120 -48.74 67.18 13.53
C VAL H 120 -48.88 68.50 14.30
N THR H 121 -49.79 69.35 13.85
CA THR H 121 -49.96 70.68 14.43
C THR H 121 -51.05 70.62 15.49
N VAL H 122 -50.62 70.50 16.75
CA VAL H 122 -51.54 70.51 17.89
C VAL H 122 -51.85 71.97 18.21
N SER H 123 -52.93 72.51 17.63
CA SER H 123 -53.28 73.90 17.81
C SER H 123 -54.79 74.04 17.92
N SER H 124 -55.24 74.97 18.75
CA SER H 124 -56.66 75.26 18.92
C SER H 124 -57.22 76.13 17.81
N ALA H 125 -56.37 76.61 16.90
CA ALA H 125 -56.84 77.46 15.82
C ALA H 125 -57.58 76.65 14.77
N SER H 126 -58.31 77.34 13.91
CA SER H 126 -59.06 76.70 12.83
C SER H 126 -59.09 77.59 11.59
N ASP I 1 -29.09 58.28 31.03
CA ASP I 1 -29.27 58.27 29.58
C ASP I 1 -28.05 58.84 28.89
N ILE I 2 -28.11 58.94 27.57
CA ILE I 2 -27.04 59.51 26.75
C ILE I 2 -27.56 60.77 26.08
N GLN I 3 -26.89 61.89 26.34
CA GLN I 3 -27.26 63.17 25.77
C GLN I 3 -26.13 63.66 24.88
N LEU I 4 -26.48 64.16 23.69
CA LEU I 4 -25.54 64.57 22.67
C LEU I 4 -25.47 66.09 22.63
N THR I 5 -24.27 66.63 22.77
CA THR I 5 -24.04 68.07 22.73
C THR I 5 -23.17 68.39 21.53
N GLN I 6 -23.61 69.32 20.70
CA GLN I 6 -22.91 69.71 19.49
C GLN I 6 -22.31 71.10 19.65
N SER I 7 -21.31 71.38 18.82
CA SER I 7 -20.64 72.68 18.83
C SER I 7 -19.97 72.92 17.48
N PRO I 8 -20.24 74.07 16.83
CA PRO I 8 -21.18 75.08 17.31
C PRO I 8 -22.63 74.74 17.00
N SER I 9 -23.57 75.51 17.56
CA SER I 9 -24.97 75.34 17.20
C SER I 9 -25.19 75.58 15.71
N SER I 10 -24.43 76.49 15.12
CA SER I 10 -24.46 76.74 13.69
C SER I 10 -23.21 77.53 13.30
N LEU I 11 -22.94 77.58 12.00
CA LEU I 11 -21.88 78.42 11.49
C LEU I 11 -22.11 78.64 10.00
N SER I 12 -21.51 79.69 9.48
CA SER I 12 -21.46 79.95 8.06
C SER I 12 -20.00 80.03 7.60
N ALA I 13 -19.76 79.60 6.36
CA ALA I 13 -18.42 79.60 5.81
C ALA I 13 -18.52 79.75 4.30
N SER I 14 -17.41 80.15 3.69
CA SER I 14 -17.33 80.29 2.24
C SER I 14 -17.03 78.93 1.61
N VAL I 15 -17.11 78.88 0.28
CA VAL I 15 -16.85 77.63 -0.42
C VAL I 15 -15.38 77.24 -0.26
N GLY I 16 -15.14 75.97 0.05
CA GLY I 16 -13.81 75.43 0.19
C GLY I 16 -13.24 75.41 1.59
N ASP I 17 -13.88 76.10 2.54
CA ASP I 17 -13.38 76.12 3.90
C ASP I 17 -13.63 74.79 4.61
N ARG I 18 -12.66 74.37 5.40
CA ARG I 18 -12.79 73.14 6.19
C ARG I 18 -13.68 73.44 7.39
N VAL I 19 -14.85 72.80 7.43
CA VAL I 19 -15.80 72.99 8.50
C VAL I 19 -15.74 71.79 9.43
N THR I 20 -15.88 72.06 10.74
CA THR I 20 -15.80 71.02 11.75
C THR I 20 -17.08 71.03 12.56
N ILE I 21 -17.64 69.84 12.80
CA ILE I 21 -18.85 69.69 13.61
C ILE I 21 -18.60 68.60 14.64
N THR I 22 -18.47 69.00 15.91
CA THR I 22 -18.15 68.08 17.00
C THR I 22 -19.40 67.68 17.78
N CYS I 23 -19.33 66.49 18.39
CA CYS I 23 -20.42 65.98 19.21
C CYS I 23 -19.83 65.35 20.47
N ARG I 24 -20.44 65.64 21.61
CA ARG I 24 -20.12 65.00 22.90
C ARG I 24 -21.33 64.23 23.38
N ALA I 25 -21.10 63.02 23.87
CA ALA I 25 -22.14 62.23 24.51
C ALA I 25 -22.10 62.41 26.02
N SER I 26 -23.13 61.86 26.68
CA SER I 26 -23.15 61.88 28.14
C SER I 26 -21.99 61.08 28.71
N GLN I 27 -21.73 59.92 28.14
CA GLN I 27 -20.63 59.07 28.58
C GLN I 27 -20.02 58.38 27.37
N SER I 28 -19.05 57.50 27.63
CA SER I 28 -18.24 56.86 26.60
C SER I 28 -19.07 55.81 25.87
N ILE I 29 -19.48 56.11 24.64
CA ILE I 29 -20.11 55.09 23.80
C ILE I 29 -19.08 54.48 22.84
N SER I 30 -18.20 55.31 22.27
CA SER I 30 -16.96 54.89 21.63
C SER I 30 -17.16 54.17 20.29
N SER I 31 -18.39 53.79 19.96
CA SER I 31 -18.59 53.08 18.70
C SER I 31 -19.90 53.44 18.00
N TYR I 32 -20.64 54.45 18.45
CA TYR I 32 -22.08 54.47 18.22
C TYR I 32 -22.62 55.82 17.80
N LEU I 33 -21.77 56.75 17.38
CA LEU I 33 -22.27 58.03 16.89
C LEU I 33 -22.53 57.96 15.39
N ASN I 34 -23.60 58.64 14.97
CA ASN I 34 -24.02 58.58 13.58
C ASN I 34 -24.33 59.99 13.09
N TRP I 35 -23.58 60.46 12.09
CA TRP I 35 -23.77 61.79 11.53
C TRP I 35 -24.75 61.74 10.37
N TYR I 36 -25.81 62.54 10.47
CA TYR I 36 -26.86 62.60 9.46
C TYR I 36 -26.98 64.04 8.97
N GLN I 37 -27.14 64.22 7.67
CA GLN I 37 -27.27 65.54 7.08
C GLN I 37 -28.70 65.73 6.57
N GLN I 38 -29.34 66.79 7.04
CA GLN I 38 -30.73 67.10 6.70
C GLN I 38 -30.79 68.42 5.95
N LYS I 39 -31.09 68.35 4.66
CA LYS I 39 -31.38 69.66 4.06
C LYS I 39 -32.82 70.07 4.37
N PRO I 40 -33.08 71.36 4.45
CA PRO I 40 -34.45 71.82 4.77
C PRO I 40 -35.45 71.36 3.72
N GLY I 41 -36.65 71.03 4.19
CA GLY I 41 -37.72 70.60 3.30
C GLY I 41 -37.65 69.16 2.85
N LYS I 42 -36.70 68.38 3.37
CA LYS I 42 -36.55 66.98 2.98
C LYS I 42 -36.06 66.18 4.20
N ALA I 43 -35.89 64.89 3.98
CA ALA I 43 -35.47 63.96 5.01
C ALA I 43 -33.95 64.02 5.21
N PRO I 44 -33.48 63.76 6.42
CA PRO I 44 -32.04 63.71 6.67
C PRO I 44 -31.38 62.55 5.94
N LYS I 45 -30.10 62.73 5.63
CA LYS I 45 -29.33 61.75 4.87
C LYS I 45 -28.16 61.26 5.72
N LEU I 46 -28.02 59.93 5.81
CA LEU I 46 -26.89 59.35 6.53
C LEU I 46 -25.58 59.71 5.86
N LEU I 47 -24.62 60.13 6.67
CA LEU I 47 -23.27 60.41 6.19
C LEU I 47 -22.24 59.49 6.84
N ILE I 48 -22.17 59.46 8.16
CA ILE I 48 -21.16 58.71 8.90
C ILE I 48 -21.85 57.83 9.93
N TYR I 49 -21.41 56.59 10.02
CA TYR I 49 -21.89 55.66 11.03
C TYR I 49 -20.69 55.16 11.83
N ALA I 50 -20.93 54.91 13.13
CA ALA I 50 -19.89 54.62 14.11
C ALA I 50 -18.89 55.75 14.26
N ALA I 51 -19.26 56.94 13.78
CA ALA I 51 -18.55 58.21 13.93
C ALA I 51 -17.22 58.28 13.18
N SER I 52 -16.80 57.21 12.50
CA SER I 52 -15.54 57.27 11.76
C SER I 52 -15.59 56.52 10.43
N SER I 53 -16.76 56.06 9.98
CA SER I 53 -16.86 55.30 8.74
C SER I 53 -17.82 56.00 7.79
N LEU I 54 -17.46 56.04 6.51
CA LEU I 54 -18.19 56.83 5.53
C LEU I 54 -19.16 55.95 4.74
N GLN I 55 -20.40 56.44 4.61
CA GLN I 55 -21.43 55.72 3.87
C GLN I 55 -21.26 56.00 2.39
N SER I 56 -21.56 54.98 1.57
CA SER I 56 -21.37 55.07 0.13
C SER I 56 -22.24 56.18 -0.48
N GLY I 57 -21.79 56.68 -1.63
CA GLY I 57 -22.45 57.78 -2.29
C GLY I 57 -22.17 59.14 -1.71
N VAL I 58 -21.44 59.22 -0.60
CA VAL I 58 -21.13 60.48 0.07
C VAL I 58 -19.73 60.91 -0.36
N PRO I 59 -19.51 62.19 -0.69
CA PRO I 59 -18.20 62.61 -1.17
C PRO I 59 -17.09 62.40 -0.14
N SER I 60 -15.88 62.20 -0.65
CA SER I 60 -14.72 61.94 0.19
C SER I 60 -14.35 63.14 1.05
N ARG I 61 -14.89 64.32 0.75
CA ARG I 61 -14.68 65.47 1.62
C ARG I 61 -15.19 65.21 3.02
N PHE I 62 -16.32 64.53 3.14
CA PHE I 62 -16.87 64.19 4.44
C PHE I 62 -15.98 63.16 5.13
N SER I 63 -15.74 63.36 6.41
CA SER I 63 -14.89 62.44 7.16
C SER I 63 -15.26 62.51 8.63
N GLY I 64 -15.33 61.34 9.26
CA GLY I 64 -15.70 61.27 10.66
C GLY I 64 -14.56 60.79 11.53
N SER I 65 -14.59 61.17 12.80
CA SER I 65 -13.53 60.81 13.73
C SER I 65 -14.06 60.93 15.15
N GLY I 66 -13.32 60.35 16.07
CA GLY I 66 -13.60 60.45 17.49
C GLY I 66 -13.99 59.12 18.09
N SER I 67 -13.99 59.09 19.41
CA SER I 67 -14.26 57.88 20.18
C SER I 67 -14.59 58.30 21.60
N GLY I 68 -15.00 57.34 22.41
CA GLY I 68 -15.39 57.61 23.78
C GLY I 68 -16.52 58.61 23.87
N THR I 69 -16.20 59.82 24.33
CA THR I 69 -17.15 60.93 24.32
C THR I 69 -16.84 61.96 23.25
N ASP I 70 -15.57 62.09 22.85
CA ASP I 70 -15.15 63.08 21.87
C ASP I 70 -15.43 62.59 20.46
N PHE I 71 -16.19 63.36 19.71
CA PHE I 71 -16.53 63.04 18.33
C PHE I 71 -16.42 64.29 17.48
N THR I 72 -16.15 64.10 16.18
CA THR I 72 -16.03 65.22 15.27
C THR I 72 -16.38 64.77 13.85
N LEU I 73 -17.13 65.61 13.14
CA LEU I 73 -17.41 65.42 11.72
C LEU I 73 -16.78 66.58 10.96
N THR I 74 -16.05 66.25 9.89
CA THR I 74 -15.28 67.25 9.15
C THR I 74 -15.59 67.17 7.66
N ILE I 75 -15.45 68.32 7.01
CA ILE I 75 -15.45 68.43 5.56
C ILE I 75 -14.17 69.14 5.16
N SER I 76 -13.35 68.48 4.33
CA SER I 76 -12.06 69.04 3.96
C SER I 76 -12.24 70.33 3.16
N SER I 77 -13.14 70.32 2.18
CA SER I 77 -13.39 71.47 1.33
C SER I 77 -14.90 71.63 1.21
N LEU I 78 -15.41 72.80 1.59
CA LEU I 78 -16.85 73.02 1.52
C LEU I 78 -17.26 73.34 0.09
N GLN I 79 -18.49 72.95 -0.25
CA GLN I 79 -19.10 73.18 -1.55
C GLN I 79 -20.46 73.83 -1.37
N PRO I 80 -20.99 74.48 -2.42
CA PRO I 80 -22.27 75.18 -2.28
C PRO I 80 -23.46 74.27 -1.98
N GLU I 81 -23.35 72.95 -2.17
CA GLU I 81 -24.47 72.05 -1.97
C GLU I 81 -24.39 71.27 -0.67
N ASP I 82 -23.35 71.49 0.14
CA ASP I 82 -23.24 70.81 1.43
C ASP I 82 -24.02 71.51 2.54
N PHE I 83 -24.68 72.62 2.23
CA PHE I 83 -25.37 73.42 3.24
C PHE I 83 -26.63 72.71 3.69
N ALA I 84 -26.64 72.27 4.95
CA ALA I 84 -27.77 71.57 5.53
C ALA I 84 -27.56 71.54 7.04
N THR I 85 -28.47 70.86 7.73
CA THR I 85 -28.42 70.73 9.18
C THR I 85 -27.87 69.34 9.51
N TYR I 86 -26.75 69.31 10.24
CA TYR I 86 -26.04 68.07 10.53
C TYR I 86 -26.34 67.64 11.96
N TYR I 87 -26.71 66.37 12.12
CA TYR I 87 -27.10 65.83 13.42
C TYR I 87 -26.21 64.63 13.74
N CYS I 88 -25.64 64.63 14.94
CA CYS I 88 -24.95 63.45 15.45
C CYS I 88 -25.98 62.60 16.17
N GLN I 89 -25.94 61.29 15.96
CA GLN I 89 -26.95 60.39 16.53
C GLN I 89 -26.24 59.27 17.28
N GLN I 90 -26.50 59.20 18.60
CA GLN I 90 -25.92 58.12 19.39
C GLN I 90 -26.63 56.81 19.10
N SER I 91 -25.86 55.72 19.12
CA SER I 91 -26.39 54.38 18.88
C SER I 91 -26.08 53.41 20.01
N TYR I 92 -25.60 53.90 21.15
CA TYR I 92 -25.17 53.00 22.21
C TYR I 92 -26.33 52.29 22.87
N SER I 93 -27.39 53.02 23.20
CA SER I 93 -28.41 52.47 24.10
C SER I 93 -29.76 53.11 23.81
N THR I 94 -30.81 52.34 24.09
CA THR I 94 -32.19 52.81 24.02
C THR I 94 -32.50 53.66 25.25
N PRO I 95 -33.07 54.87 25.08
CA PRO I 95 -33.52 55.47 23.83
C PRO I 95 -32.39 56.02 22.96
N ARG I 96 -32.44 55.75 21.66
CA ARG I 96 -31.51 56.42 20.75
C ARG I 96 -31.81 57.91 20.71
N THR I 97 -30.83 58.73 21.08
CA THR I 97 -31.04 60.15 21.22
C THR I 97 -30.18 60.90 20.18
N PHE I 98 -30.46 62.18 19.99
CA PHE I 98 -29.87 63.00 18.95
C PHE I 98 -29.16 64.19 19.60
N GLY I 99 -28.47 64.96 18.76
CA GLY I 99 -27.96 66.25 19.18
C GLY I 99 -29.01 67.33 18.97
N GLN I 100 -28.55 68.58 19.05
CA GLN I 100 -29.44 69.72 18.85
C GLN I 100 -29.47 70.22 17.41
N GLY I 101 -28.69 69.62 16.51
CA GLY I 101 -28.68 70.05 15.13
C GLY I 101 -27.68 71.17 14.87
N THR I 102 -26.92 71.06 13.79
CA THR I 102 -25.93 72.06 13.40
C THR I 102 -26.17 72.46 11.96
N LYS I 103 -26.55 73.71 11.74
CA LYS I 103 -26.85 74.21 10.41
C LYS I 103 -25.63 74.93 9.83
N VAL I 104 -25.28 74.58 8.60
CA VAL I 104 -24.18 75.22 7.87
C VAL I 104 -24.77 76.04 6.74
N GLU I 105 -24.44 77.33 6.70
CA GLU I 105 -24.98 78.26 5.72
C GLU I 105 -23.80 78.97 5.03
N ILE I 106 -24.11 79.83 4.07
CA ILE I 106 -23.09 80.56 3.31
C ILE I 106 -22.82 81.89 4.00
N LYS I 107 -21.59 82.37 3.85
CA LYS I 107 -21.25 83.72 4.27
C LYS I 107 -21.04 84.62 3.04
C1 NAG J . -34.95 15.90 19.37
C2 NAG J . -33.53 16.44 19.39
C3 NAG J . -32.89 16.18 20.75
C4 NAG J . -33.77 16.73 21.87
C5 NAG J . -35.20 16.22 21.72
C6 NAG J . -36.16 16.86 22.71
C7 NAG J . -31.66 16.45 17.79
C8 NAG J . -30.98 15.70 16.70
N2 NAG J . -32.74 15.86 18.33
O3 NAG J . -31.61 16.78 20.80
O4 NAG J . -33.27 16.31 23.13
O5 NAG J . -35.71 16.51 20.41
O6 NAG J . -37.14 15.93 23.16
O7 NAG J . -31.28 17.56 18.18
C1 NAG J . -32.67 17.39 23.88
C2 NAG J . -32.81 17.09 25.37
C3 NAG J . -32.16 18.21 26.21
C4 NAG J . -30.72 18.42 25.77
C5 NAG J . -30.66 18.68 24.26
C6 NAG J . -29.24 18.78 23.74
C7 NAG J . -34.59 16.21 26.79
C8 NAG J . -36.07 16.14 27.03
N2 NAG J . -34.20 16.93 25.74
O3 NAG J . -32.19 17.84 27.58
O4 NAG J . -30.16 19.54 26.45
O5 NAG J . -31.27 17.60 23.55
O6 NAG J . -29.17 19.74 22.68
O7 NAG J . -33.78 15.65 27.53
C1 NAG K . -6.11 -68.91 23.98
C2 NAG K . -6.72 -70.19 24.52
C3 NAG K . -7.99 -70.53 23.75
C4 NAG K . -8.94 -69.36 23.74
C5 NAG K . -8.22 -68.10 23.26
C6 NAG K . -9.06 -66.85 23.40
C7 NAG K . -5.30 -71.91 25.54
C8 NAG K . -4.32 -73.01 25.29
N2 NAG K . -5.77 -71.29 24.45
O3 NAG K . -8.61 -71.66 24.37
O4 NAG K . -10.02 -69.64 22.84
O5 NAG K . -7.04 -67.87 24.05
O6 NAG K . -9.08 -66.10 22.20
O7 NAG K . -5.66 -71.60 26.67
C1 NAG K . -11.27 -69.56 23.53
C2 NAG K . -12.37 -69.39 22.48
C3 NAG K . -13.73 -69.33 23.15
C4 NAG K . -13.93 -70.57 24.02
C5 NAG K . -12.78 -70.73 24.99
C6 NAG K . -12.85 -72.01 25.79
C7 NAG K . -12.32 -68.18 20.36
C8 NAG K . -12.07 -66.88 19.68
N2 NAG K . -12.15 -68.19 21.68
O3 NAG K . -14.73 -69.25 22.15
O4 NAG K . -15.16 -70.45 24.73
O5 NAG K . -11.53 -70.75 24.29
O6 NAG K . -12.83 -71.75 27.19
O7 NAG K . -12.64 -69.18 19.74
C1 NAG L . -16.24 -64.93 4.68
C2 NAG L . -16.94 -66.21 4.28
C3 NAG L . -18.25 -65.90 3.60
C4 NAG L . -19.10 -64.98 4.47
C5 NAG L . -18.29 -63.76 4.90
C6 NAG L . -19.02 -62.91 5.92
C7 NAG L . -15.46 -68.12 3.84
C8 NAG L . -14.63 -68.84 2.82
N2 NAG L . -16.10 -67.02 3.41
O3 NAG L . -18.95 -67.11 3.34
O4 NAG L . -20.23 -64.54 3.71
O5 NAG L . -17.07 -64.19 5.53
O6 NAG L . -18.33 -61.67 6.12
O7 NAG L . -15.57 -68.52 4.99
C1 NAG L . -21.43 -64.83 4.46
C2 NAG L . -22.47 -63.79 4.06
C3 NAG L . -23.77 -64.05 4.82
C4 NAG L . -24.24 -65.48 4.58
C5 NAG L . -23.12 -66.47 4.91
C6 NAG L . -23.48 -67.89 4.56
C7 NAG L . -21.24 -61.77 3.43
C8 NAG L . -20.83 -60.40 3.84
N2 NAG L . -21.99 -62.45 4.31
O3 NAG L . -24.77 -63.12 4.38
O4 NAG L . -25.38 -65.76 5.38
O5 NAG L . -21.93 -66.14 4.18
O6 NAG L . -22.46 -68.79 4.99
O7 NAG L . -20.91 -62.26 2.35
C1 NAG M . 6.18 -79.38 36.16
C2 NAG M . 5.22 -80.05 37.12
C3 NAG M . 5.56 -81.53 37.26
C4 NAG M . 5.59 -82.19 35.88
C5 NAG M . 6.49 -81.41 34.92
C6 NAG M . 6.39 -81.91 33.49
C7 NAG M . 4.41 -78.41 38.75
C8 NAG M . 4.56 -77.85 40.13
N2 NAG M . 5.24 -79.40 38.42
O3 NAG M . 4.58 -82.16 38.06
O4 NAG M . 6.11 -83.51 36.02
O5 NAG M . 6.10 -80.03 34.90
O6 NAG M . 5.10 -81.69 32.95
O7 NAG M . 3.58 -77.98 37.96
C1 NAG M . 5.15 -84.47 35.54
C2 NAG M . 5.80 -85.85 35.56
C3 NAG M . 4.82 -86.92 35.11
C4 NAG M . 3.53 -86.84 35.91
C5 NAG M . 2.98 -85.42 35.88
C6 NAG M . 1.77 -85.24 36.76
C7 NAG M . 8.22 -86.05 35.23
C8 NAG M . 9.35 -86.03 34.23
N2 NAG M . 7.00 -85.87 34.73
O3 NAG M . 5.41 -88.20 35.26
O4 NAG M . 2.56 -87.73 35.36
O5 NAG M . 3.97 -84.50 36.36
O6 NAG M . 1.10 -84.02 36.47
O7 NAG M . 8.42 -86.22 36.43
C1 NAG N . 25.76 -77.60 42.50
C2 NAG N . 25.82 -76.84 43.80
C3 NAG N . 27.25 -76.67 44.26
C4 NAG N . 27.94 -78.03 44.33
C5 NAG N . 27.77 -78.79 43.02
C6 NAG N . 28.28 -80.21 43.09
C7 NAG N . 23.86 -75.37 43.62
C8 NAG N . 23.38 -73.95 43.48
N2 NAG N . 25.18 -75.53 43.67
O3 NAG N . 27.27 -76.05 45.55
O4 NAG N . 29.34 -77.84 44.55
O5 NAG N . 26.38 -78.86 42.67
O6 NAG N . 28.43 -80.78 41.80
O7 NAG N . 23.08 -76.32 43.68
C1 NAG N . 29.68 -78.01 45.93
C2 NAG N . 30.91 -78.90 46.01
C3 NAG N . 31.36 -79.06 47.44
C4 NAG N . 31.58 -77.69 48.09
C5 NAG N . 30.32 -76.84 47.94
C6 NAG N . 30.52 -75.42 48.42
C7 NAG N . 31.57 -80.81 44.62
C8 NAG N . 31.16 -82.14 44.06
N2 NAG N . 30.66 -80.19 45.39
O3 NAG N . 32.57 -79.81 47.48
O4 NAG N . 31.89 -77.84 49.46
O5 NAG N . 29.95 -76.75 46.56
O6 NAG N . 31.80 -74.94 48.08
O7 NAG N . 32.66 -80.31 44.37
C1 NAG O . -6.89 12.51 -40.78
C2 NAG O . -7.66 12.83 -39.49
C3 NAG O . -8.85 11.87 -39.33
C4 NAG O . -9.71 11.84 -40.58
C5 NAG O . -8.86 11.59 -41.82
C6 NAG O . -9.62 11.73 -43.12
C7 NAG O . -7.14 13.08 -37.08
C8 NAG O . -6.11 12.90 -36.02
N2 NAG O . -6.79 12.75 -38.32
O3 NAG O . -9.62 12.30 -38.20
O4 NAG O . -10.66 10.77 -40.47
O5 NAG O . -7.77 12.53 -41.87
O6 NAG O . -9.13 10.85 -44.12
O7 NAG O . -8.27 13.52 -36.81
C1 NAG O . -12.02 11.21 -40.31
C2 NAG O . -12.92 10.17 -40.98
C3 NAG O . -14.39 10.53 -40.79
C4 NAG O . -14.70 10.75 -39.32
C5 NAG O . -13.75 11.79 -38.73
C6 NAG O . -13.93 11.97 -37.24
C7 NAG O . -12.98 9.02 -43.16
C8 NAG O . -12.55 9.07 -44.59
N2 NAG O . -12.60 10.05 -42.39
O3 NAG O . -15.22 9.47 -41.29
O4 NAG O . -16.03 11.23 -39.16
O5 NAG O . -12.39 11.35 -38.93
O6 NAG O . -15.07 12.78 -36.96
O7 NAG O . -13.65 8.09 -42.71
C1 NAG P . 21.45 -68.38 -13.93
C2 NAG P . 22.03 -69.60 -14.61
C3 NAG P . 23.31 -69.24 -15.35
C4 NAG P . 23.07 -68.06 -16.28
C5 NAG P . 22.39 -66.90 -15.54
C6 NAG P . 21.95 -65.80 -16.47
C7 NAG P . 21.67 -71.85 -13.72
C8 NAG P . 22.04 -72.83 -12.65
N2 NAG P . 22.27 -70.67 -13.65
O3 NAG P . 23.75 -70.36 -16.09
O4 NAG P . 24.34 -67.61 -16.76
O5 NAG P . 21.22 -67.37 -14.88
O6 NAG P . 22.54 -64.55 -16.11
O7 NAG P . 20.86 -72.12 -14.60
C1 NAG P . 24.36 -67.64 -18.20
C2 NAG P . 25.50 -66.75 -18.66
C3 NAG P . 25.61 -66.78 -20.17
C4 NAG P . 25.72 -68.22 -20.67
C5 NAG P . 24.56 -69.04 -20.12
C6 NAG P . 24.65 -70.51 -20.47
C7 NAG P . 26.32 -64.59 -17.83
C8 NAG P . 25.95 -63.21 -17.40
N2 NAG P . 25.31 -65.38 -18.20
O3 NAG P . 26.76 -66.05 -20.58
O4 NAG P . 25.66 -68.24 -22.09
O5 NAG P . 24.56 -68.97 -18.68
O6 NAG P . 23.69 -70.84 -21.47
O7 NAG P . 27.48 -64.98 -17.84
C1 NAG Q . 38.07 -53.60 -14.03
C2 NAG Q . 39.26 -54.37 -14.56
C3 NAG Q . 40.09 -53.48 -15.48
C4 NAG Q . 39.21 -52.85 -16.55
C5 NAG Q . 38.01 -52.17 -15.91
C6 NAG Q . 37.01 -51.66 -16.92
C7 NAG Q . 40.14 -56.18 -13.17
C8 NAG Q . 41.02 -56.54 -12.01
N2 NAG Q . 40.07 -54.89 -13.48
O3 NAG Q . 41.11 -54.26 -16.09
O4 NAG Q . 39.96 -51.87 -17.26
O5 NAG Q . 37.30 -53.12 -15.09
O6 NAG Q . 35.71 -51.58 -16.36
O7 NAG Q . 39.51 -57.03 -13.79
C1 NAG Q . 39.97 -52.30 -18.64
C2 NAG Q . 40.15 -51.07 -19.51
C3 NAG Q . 40.21 -51.47 -20.97
C4 NAG Q . 41.31 -52.50 -21.18
C5 NAG Q . 41.12 -53.68 -20.21
C6 NAG Q . 42.26 -54.68 -20.26
C7 NAG Q . 39.27 -48.94 -18.68
C8 NAG Q . 38.05 -48.07 -18.53
N2 NAG Q . 39.07 -50.12 -19.28
O3 NAG Q . 40.46 -50.33 -21.77
O4 NAG Q . 41.27 -53.00 -22.52
O5 NAG Q . 41.06 -53.21 -18.86
O6 NAG Q . 42.27 -55.49 -19.10
O7 NAG Q . 40.37 -48.58 -18.28
C1 NAG R . 12.79 -86.01 -8.25
C2 NAG R . 12.80 -86.80 -9.54
C3 NAG R . 13.31 -88.21 -9.29
C4 NAG R . 14.65 -88.17 -8.58
C5 NAG R . 14.63 -87.25 -7.37
C6 NAG R . 15.99 -86.99 -6.80
C7 NAG R . 10.98 -85.81 -10.85
C8 NAG R . 9.62 -85.99 -11.41
N2 NAG R . 11.48 -86.82 -10.15
O3 NAG R . 13.45 -88.89 -10.53
O4 NAG R . 14.98 -89.49 -8.13
O5 NAG R . 14.09 -85.96 -7.72
O6 NAG R . 16.80 -86.25 -7.71
O7 NAG R . 11.62 -84.77 -11.02
C1 NAG R . 16.24 -89.90 -8.71
C2 NAG R . 16.67 -91.21 -8.04
C3 NAG R . 17.98 -91.69 -8.64
C4 NAG R . 17.86 -91.79 -10.16
C5 NAG R . 17.38 -90.46 -10.73
C6 NAG R . 17.14 -90.50 -12.22
C7 NAG R . 16.06 -91.70 -5.72
C8 NAG R . 16.33 -91.41 -4.27
N2 NAG R . 16.80 -91.03 -6.60
O3 NAG R . 18.31 -92.97 -8.10
O4 NAG R . 19.14 -92.10 -10.72
O5 NAG R . 16.13 -90.10 -10.13
O6 NAG R . 17.30 -89.22 -12.79
O7 NAG R . 15.20 -92.51 -6.08
C1 NAG S . -0.73 -91.42 6.41
C2 NAG S . -2.17 -91.26 5.96
C3 NAG S . -3.12 -91.66 7.07
C4 NAG S . -2.80 -93.07 7.56
C5 NAG S . -1.32 -93.17 7.93
C6 NAG S . -0.90 -94.58 8.28
C7 NAG S . -2.15 -89.45 4.30
C8 NAG S . -2.48 -88.02 4.03
N2 NAG S . -2.43 -89.90 5.53
O3 NAG S . -4.46 -91.61 6.59
O4 NAG S . -3.59 -93.38 8.70
O5 NAG S . -0.51 -92.77 6.82
O6 NAG S . 0.32 -94.59 9.00
O7 NAG S . -1.64 -90.17 3.45
C1 NAG S . -4.60 -94.30 8.29
C2 NAG S . -4.84 -95.27 9.42
C3 NAG S . -5.97 -96.24 9.07
C4 NAG S . -7.21 -95.48 8.64
C5 NAG S . -6.87 -94.48 7.54
C6 NAG S . -8.03 -93.59 7.17
C7 NAG S . -3.15 -96.14 10.98
C8 NAG S . -1.89 -96.93 11.13
N2 NAG S . -3.62 -96.01 9.75
O3 NAG S . -6.26 -97.06 10.19
O4 NAG S . -8.21 -96.37 8.19
O5 NAG S . -5.81 -93.62 7.98
O6 NAG S . -8.91 -93.40 8.27
O7 NAG S . -3.73 -95.64 11.95
C1 NAG T . 27.49 31.94 10.26
C2 NAG T . 26.82 31.47 8.96
C3 NAG T . 27.87 30.91 8.02
C4 NAG T . 29.00 31.90 7.81
C5 NAG T . 29.55 32.40 9.14
C6 NAG T . 30.60 33.49 9.00
C7 NAG T . 24.76 30.24 8.43
C8 NAG T . 23.80 29.20 8.88
N2 NAG T . 25.79 30.48 9.25
O3 NAG T . 27.31 30.45 6.78
O4 NAG T . 30.06 31.24 7.13
O5 NAG T . 28.47 32.91 9.95
O6 NAG T . 31.79 33.30 9.76
O7 NAG T . 24.61 30.86 7.39
C1 NAG T . 30.29 31.77 5.82
C2 NAG T . 31.69 31.35 5.46
C3 NAG T . 32.04 31.87 4.07
C4 NAG T . 31.02 31.35 3.06
C5 NAG T . 29.59 31.70 3.50
C6 NAG T . 28.55 31.04 2.64
C7 NAG T . 33.71 31.09 6.83
C8 NAG T . 34.58 31.71 7.89
N2 NAG T . 32.66 31.82 6.44
O3 NAG T . 33.35 31.44 3.70
O4 NAG T . 31.28 31.89 1.76
O5 NAG T . 29.36 31.24 4.85
O6 NAG T . 27.66 31.97 2.06
O7 NAG T . 33.96 29.99 6.33
C1 NAG U . 38.83 -55.90 27.96
C2 NAG U . 39.89 -56.52 28.83
C3 NAG U . 39.72 -56.08 30.27
C4 NAG U . 39.66 -54.56 30.36
C5 NAG U . 38.66 -53.99 29.36
C6 NAG U . 38.73 -52.49 29.23
C7 NAG U . 40.66 -58.67 27.95
C8 NAG U . 40.49 -60.16 27.97
N2 NAG U . 39.84 -57.98 28.74
O3 NAG U . 40.82 -56.56 31.04
O4 NAG U . 39.24 -54.20 31.67
O5 NAG U . 38.90 -54.51 28.05
O6 NAG U . 38.50 -51.84 30.49
O7 NAG U . 41.51 -58.13 27.25
C1 NAG U . 40.33 -53.56 32.36
C2 NAG U . 39.79 -53.01 33.67
C3 NAG U . 40.90 -52.35 34.47
C4 NAG U . 42.06 -53.31 34.66
C5 NAG U . 42.51 -53.87 33.31
C6 NAG U . 43.58 -54.92 33.44
C7 NAG U . 37.65 -51.94 34.25
C8 NAG U . 36.64 -50.91 33.86
N2 NAG U . 38.71 -52.06 33.43
O3 NAG U . 40.39 -51.95 35.73
O4 NAG U . 43.16 -52.61 35.25
O5 NAG U . 41.39 -54.49 32.65
O6 NAG U . 44.75 -54.39 34.06
O7 NAG U . 37.52 -52.65 35.24
C1 NAG V . 24.84 -46.71 42.40
C2 NAG V . 25.00 -47.24 43.81
C3 NAG V . 24.87 -46.11 44.81
C4 NAG V . 25.81 -44.96 44.46
C5 NAG V . 25.67 -44.58 42.99
C6 NAG V . 26.74 -43.61 42.53
C7 NAG V . 24.37 -49.57 44.26
C8 NAG V . 23.24 -50.51 44.54
N2 NAG V . 24.03 -48.28 44.09
O3 NAG V . 25.17 -46.60 46.11
O4 NAG V . 25.49 -43.83 45.25
O5 NAG V . 25.81 -45.74 42.16
O6 NAG V . 26.17 -42.47 41.92
O7 NAG V . 25.52 -49.94 44.18
C1 NAG V . 26.64 -43.44 46.02
C2 NAG V . 26.34 -42.10 46.66
C3 NAG V . 27.52 -41.66 47.52
C4 NAG V . 27.87 -42.75 48.53
C5 NAG V . 28.08 -44.09 47.82
C6 NAG V . 28.27 -45.24 48.76
C7 NAG V . 24.78 -40.69 45.40
C8 NAG V . 24.63 -39.64 44.34
N2 NAG V . 26.02 -41.09 45.67
O3 NAG V . 27.19 -40.46 48.19
O4 NAG V . 29.05 -42.40 49.24
O5 NAG V . 26.93 -44.40 47.01
O6 NAG V . 27.73 -46.45 48.24
O7 NAG V . 23.81 -41.17 45.99
C1 NAG W . 47.12 -71.83 18.04
C2 NAG W . 48.46 -71.72 18.75
C3 NAG W . 48.92 -73.11 19.19
C4 NAG W . 47.85 -73.78 20.03
C5 NAG W . 46.53 -73.78 19.29
C6 NAG W . 45.38 -74.29 20.13
C7 NAG W . 50.03 -69.94 18.18
C8 NAG W . 51.05 -69.45 17.19
N2 NAG W . 49.46 -71.11 17.89
O3 NAG W . 50.12 -72.97 19.95
O4 NAG W . 48.24 -75.12 20.32
O5 NAG W . 46.18 -72.45 18.90
O6 NAG W . 45.42 -73.72 21.44
O7 NAG W . 49.77 -69.31 19.20
C1 NAG W . 48.34 -75.29 21.76
C2 NAG W . 48.56 -76.78 22.05
C3 NAG W . 48.72 -77.00 23.55
C4 NAG W . 49.80 -76.10 24.11
C5 NAG W . 49.54 -74.65 23.73
C6 NAG W . 50.64 -73.70 24.16
C7 NAG W . 47.65 -78.68 20.80
C8 NAG W . 46.40 -79.38 20.35
N2 NAG W . 47.46 -77.57 21.53
O3 NAG W . 49.03 -78.36 23.79
O4 NAG W . 49.84 -76.22 25.53
O5 NAG W . 49.43 -74.53 22.31
O6 NAG W . 50.14 -72.73 25.06
O7 NAG W . 48.76 -79.08 20.51
C1 NAG X . 44.34 -80.34 -0.37
C2 NAG X . 45.40 -79.87 -1.35
C3 NAG X . 45.23 -80.60 -2.68
C4 NAG X . 45.23 -82.11 -2.45
C5 NAG X . 44.18 -82.49 -1.41
C6 NAG X . 44.22 -83.94 -1.02
C7 NAG X . 46.28 -77.60 -1.08
C8 NAG X . 46.06 -76.15 -1.36
N2 NAG X . 45.35 -78.44 -1.54
O3 NAG X . 46.30 -80.23 -3.53
O4 NAG X . 44.95 -82.81 -3.65
O5 NAG X . 44.42 -81.74 -0.20
O6 NAG X . 44.38 -84.11 0.38
O7 NAG X . 47.26 -78.01 -0.46
C1 NAG X . 46.20 -83.22 -4.25
C2 NAG X . 46.06 -84.64 -4.79
C3 NAG X . 47.34 -85.06 -5.49
C4 NAG X . 47.73 -84.03 -6.55
C5 NAG X . 47.76 -82.63 -5.94
C6 NAG X . 48.01 -81.55 -6.95
C7 NAG X . 44.53 -86.22 -3.68
C8 NAG X . 44.35 -87.17 -2.53
N2 NAG X . 45.70 -85.57 -3.73
O3 NAG X . 47.18 -86.34 -6.07
O4 NAG X . 49.03 -84.34 -7.05
O5 NAG X . 46.51 -82.33 -5.31
O6 NAG X . 46.94 -81.43 -7.87
O7 NAG X . 43.67 -86.05 -4.52
C1 NAG Y . -36.83 -8.55 33.99
C2 NAG Y . -35.40 -8.43 34.47
C3 NAG Y . -35.17 -9.36 35.66
C4 NAG Y . -36.21 -9.12 36.74
C5 NAG Y . -37.61 -9.19 36.14
C6 NAG Y . -38.70 -8.84 37.12
C7 NAG Y . -33.99 -7.83 32.55
C8 NAG Y . -33.05 -8.32 31.50
N2 NAG Y . -34.47 -8.75 33.39
O3 NAG Y . -33.87 -9.14 36.20
O4 NAG Y . -36.08 -10.09 37.77
O5 NAG Y . -37.72 -8.27 35.04
O6 NAG Y . -39.97 -9.30 36.68
O7 NAG Y . -34.31 -6.64 32.63
C1 NAG Z . -61.30 6.58 8.18
C2 NAG Z . -62.70 7.08 7.81
C3 NAG Z . -62.62 8.28 6.87
C4 NAG Z . -61.73 9.35 7.47
C5 NAG Z . -60.36 8.77 7.78
C6 NAG Z . -59.43 9.76 8.44
C7 NAG Z . -63.20 5.36 6.10
C8 NAG Z . -64.16 4.30 5.66
N2 NAG Z . -63.51 6.02 7.22
O3 NAG Z . -63.93 8.80 6.65
O4 NAG Z . -61.57 10.44 6.56
O5 NAG Z . -60.51 7.67 8.69
O6 NAG Z . -58.88 10.66 7.48
O7 NAG Z . -62.18 5.61 5.45
C1 NAG AA . -40.78 -23.81 0.47
C2 NAG AA . -41.17 -24.66 1.66
C3 NAG AA . -41.73 -26.00 1.19
C4 NAG AA . -42.91 -25.75 0.27
C5 NAG AA . -42.51 -24.80 -0.88
C6 NAG AA . -43.69 -24.38 -1.73
C7 NAG AA . -39.92 -24.20 3.72
C8 NAG AA . -38.71 -24.51 4.54
N2 NAG AA . -40.03 -24.87 2.55
O3 NAG AA . -42.14 -26.76 2.31
O4 NAG AA . -43.35 -26.98 -0.29
O5 NAG AA . -41.93 -23.59 -0.36
O6 NAG AA . -43.65 -22.99 -2.01
O7 NAG AA . -40.77 -23.39 4.09
C1 NAG BA . -27.57 -35.59 17.93
C2 NAG BA . -27.75 -37.04 18.36
C3 NAG BA . -28.82 -37.71 17.49
C4 NAG BA . -30.11 -36.90 17.53
C5 NAG BA . -29.85 -35.44 17.16
C6 NAG BA . -31.06 -34.56 17.33
C7 NAG BA . -25.68 -37.89 19.32
C8 NAG BA . -24.41 -38.67 19.06
N2 NAG BA . -26.50 -37.76 18.28
O3 NAG BA . -29.04 -39.03 17.95
O4 NAG BA . -31.06 -37.45 16.63
O5 NAG BA . -28.82 -34.90 18.01
O6 NAG BA . -31.28 -33.75 16.18
O7 NAG BA . -25.95 -37.43 20.42
C1 NAG CA . -4.23 -13.35 43.25
C2 NAG CA . -3.05 -14.30 43.14
C3 NAG CA . -2.84 -15.00 44.47
C4 NAG CA . -2.62 -13.96 45.57
C5 NAG CA . -3.78 -12.96 45.58
C6 NAG CA . -3.55 -11.82 46.54
C7 NAG CA . -2.85 -15.07 40.82
C8 NAG CA . -3.13 -16.18 39.86
N2 NAG CA . -3.26 -15.28 42.08
O3 NAG CA . -1.68 -15.85 44.38
O4 NAG CA . -2.54 -14.60 46.83
O5 NAG CA . -3.97 -12.39 44.29
O6 NAG CA . -4.77 -11.18 46.89
O7 NAG CA . -2.28 -14.04 40.49
C1 NAG DA . -9.96 -33.11 48.48
C2 NAG DA . -11.17 -32.20 48.61
C3 NAG DA . -11.01 -31.29 49.83
C4 NAG DA . -10.74 -32.12 51.07
C5 NAG DA . -9.53 -33.01 50.84
C6 NAG DA . -9.25 -33.94 51.99
C7 NAG DA . -12.55 -31.24 46.83
C8 NAG DA . -12.56 -30.39 45.58
N2 NAG DA . -11.36 -31.41 47.41
O3 NAG DA . -12.19 -30.51 49.98
O4 NAG DA . -10.51 -31.28 52.19
O5 NAG DA . -9.77 -33.84 49.69
O6 NAG DA . -8.51 -35.08 51.56
O7 NAG DA . -13.57 -31.75 47.27
C1 NAG EA . 18.70 -62.77 44.02
C2 NAG EA . 20.13 -63.19 44.37
C3 NAG EA . 20.17 -63.86 45.74
C4 NAG EA . 19.51 -62.98 46.78
C5 NAG EA . 18.10 -62.59 46.33
C6 NAG EA . 17.41 -61.65 47.27
C7 NAG EA . 21.21 -63.63 42.22
C8 NAG EA . 21.70 -64.67 41.27
N2 NAG EA . 20.67 -64.07 43.35
O3 NAG EA . 21.53 -64.10 46.10
O4 NAG EA . 19.43 -63.67 48.03
O5 NAG EA . 18.19 -61.94 45.05
O6 NAG EA . 16.14 -62.16 47.67
O7 NAG EA . 21.29 -62.43 41.97
C1 NAG FA . 3.34 -63.19 39.43
C2 NAG FA . 1.85 -62.93 39.14
C3 NAG FA . 1.46 -61.52 39.56
C4 NAG FA . 1.84 -61.29 41.02
C5 NAG FA . 3.32 -61.59 41.22
C6 NAG FA . 3.76 -61.45 42.67
C7 NAG FA . 0.42 -63.67 37.29
C8 NAG FA . 0.27 -63.79 35.81
N2 NAG FA . 1.55 -63.12 37.72
O3 NAG FA . 0.06 -61.35 39.40
O4 NAG FA . 1.58 -59.93 41.38
O5 NAG FA . 3.60 -62.93 40.82
O6 NAG FA . 3.23 -60.28 43.26
O7 NAG FA . -0.46 -64.05 38.06
C1 NAG GA . -46.54 26.39 9.95
C2 NAG GA . -46.92 26.90 11.35
C3 NAG GA . -46.34 28.29 11.57
C4 NAG GA . -44.83 28.29 11.32
C5 NAG GA . -44.52 27.70 9.94
C6 NAG GA . -43.05 27.51 9.69
C7 NAG GA . -48.96 26.72 12.69
C8 NAG GA . -50.47 26.77 12.69
N2 NAG GA . -48.35 26.91 11.52
O3 NAG GA . -46.59 28.69 12.92
O4 NAG GA . -44.32 29.61 11.39
O5 NAG GA . -45.12 26.40 9.81
O6 NAG GA . -42.37 28.77 9.60
O7 NAG GA . -48.33 26.52 13.73
C1 NAG HA . -4.88 -15.50 -47.56
C2 NAG HA . -5.84 -15.97 -46.47
C3 NAG HA . -6.45 -17.31 -46.83
C4 NAG HA . -7.10 -17.25 -48.21
C5 NAG HA . -6.09 -16.73 -49.24
C6 NAG HA . -6.70 -16.51 -50.60
C7 NAG HA . -4.94 -14.98 -44.40
C8 NAG HA . -4.25 -15.25 -43.10
N2 NAG HA . -5.17 -16.04 -45.17
O3 NAG HA . -7.43 -17.67 -45.86
O4 NAG HA . -7.53 -18.55 -48.60
O5 NAG HA . -5.57 -15.46 -48.81
O6 NAG HA . -5.71 -16.13 -51.54
O7 NAG HA . -5.29 -13.85 -44.73
C1 NAG IA . 16.63 14.77 -58.11
C2 NAG IA . 17.15 15.78 -59.14
C3 NAG IA . 17.23 17.18 -58.54
C4 NAG IA . 15.90 17.57 -57.92
C5 NAG IA . 15.48 16.51 -56.91
C6 NAG IA . 14.13 16.79 -56.29
C7 NAG IA . 19.55 15.22 -58.93
C8 NAG IA . 20.78 14.78 -59.67
N2 NAG IA . 18.45 15.37 -59.67
O3 NAG IA . 17.57 18.11 -59.56
O4 NAG IA . 16.01 18.81 -57.24
O5 NAG IA . 15.38 15.24 -57.57
O6 NAG IA . 14.07 18.12 -55.81
O7 NAG IA . 19.57 15.44 -57.72
C1 NAG JA . 30.26 -11.45 -35.37
C2 NAG JA . 30.07 -12.88 -35.84
C3 NAG JA . 31.42 -13.50 -36.19
C4 NAG JA . 32.16 -12.62 -37.19
C5 NAG JA . 32.23 -11.17 -36.70
C6 NAG JA . 32.80 -10.23 -37.72
C7 NAG JA . 28.08 -13.92 -34.87
C8 NAG JA . 27.53 -14.76 -33.75
N2 NAG JA . 29.39 -13.68 -34.83
O3 NAG JA . 31.22 -14.80 -36.73
O4 NAG JA . 33.48 -13.12 -37.37
O5 NAG JA . 30.91 -10.70 -36.39
O6 NAG JA . 32.29 -8.91 -37.54
O7 NAG JA . 27.37 -13.50 -35.77
C1 NAG KA . 17.73 -32.44 -31.05
C2 NAG KA . 18.11 -33.87 -31.36
C3 NAG KA . 19.56 -33.94 -31.84
C4 NAG KA . 19.80 -32.97 -33.01
C5 NAG KA . 19.33 -31.57 -32.64
C6 NAG KA . 19.41 -30.59 -33.79
C7 NAG KA . 16.89 -35.59 -30.07
C8 NAG KA . 16.86 -36.41 -28.82
N2 NAG KA . 17.91 -34.74 -30.21
O3 NAG KA . 19.88 -35.27 -32.23
O4 NAG KA . 21.18 -32.95 -33.35
O5 NAG KA . 17.96 -31.60 -32.22
O6 NAG KA . 18.64 -29.42 -33.52
O7 NAG KA . 16.03 -35.70 -30.94
C1 NAG LA . -22.31 -30.54 -23.17
C2 NAG LA . -22.18 -31.53 -22.02
C3 NAG LA . -22.78 -32.86 -22.43
C4 NAG LA . -24.23 -32.66 -22.85
C5 NAG LA . -24.34 -31.57 -23.93
C6 NAG LA . -25.77 -31.19 -24.23
C7 NAG LA . -20.44 -31.75 -20.32
C8 NAG LA . -18.99 -31.93 -20.05
N2 NAG LA . -20.80 -31.70 -21.60
O3 NAG LA . -22.71 -33.77 -21.34
O4 NAG LA . -24.76 -33.88 -23.39
O5 NAG LA . -23.68 -30.36 -23.50
O6 NAG LA . -25.84 -30.26 -25.31
O7 NAG LA . -21.27 -31.65 -19.41
C1 NAG MA . -13.56 -48.67 -29.67
C2 NAG MA . -13.75 -47.64 -30.77
C3 NAG MA . -15.23 -47.43 -31.05
C4 NAG MA . -15.92 -48.76 -31.32
C5 NAG MA . -15.62 -49.75 -30.19
C6 NAG MA . -16.16 -51.13 -30.43
C7 NAG MA . -11.97 -45.97 -30.99
C8 NAG MA . -11.45 -44.65 -30.52
N2 NAG MA . -13.11 -46.39 -30.43
O3 NAG MA . -15.37 -46.57 -32.17
O4 NAG MA . -17.32 -48.57 -31.42
O5 NAG MA . -14.20 -49.89 -30.03
O6 NAG MA . -15.38 -52.10 -29.76
O7 NAG MA . -11.38 -46.64 -31.83
C1 NAG NA . -6.73 -77.98 -1.10
C2 NAG NA . -7.18 -78.87 0.04
C3 NAG NA . -7.78 -80.16 -0.50
C4 NAG NA . -8.88 -79.84 -1.50
C5 NAG NA . -8.37 -78.89 -2.58
C6 NAG NA . -9.44 -78.43 -3.52
C7 NAG NA . -5.79 -78.38 1.99
C8 NAG NA . -4.62 -78.82 2.83
N2 NAG NA . -6.08 -79.16 0.95
O3 NAG NA . -8.31 -80.91 0.58
O4 NAG NA . -9.32 -81.04 -2.13
O5 NAG NA . -7.82 -77.71 -1.96
O6 NAG NA . -9.03 -78.57 -4.88
O7 NAG NA . -6.43 -77.38 2.25
C1 NAG OA . 3.06 -72.91 -12.65
C2 NAG OA . 3.76 -72.27 -13.83
C3 NAG OA . 2.89 -71.17 -14.43
C4 NAG OA . 1.52 -71.72 -14.78
C5 NAG OA . 0.89 -72.40 -13.56
C6 NAG OA . -0.41 -73.09 -13.90
C7 NAG OA . 6.13 -71.79 -14.27
C8 NAG OA . 7.39 -71.20 -13.72
N2 NAG OA . 5.06 -71.74 -13.46
O3 NAG OA . 3.51 -70.64 -15.59
O4 NAG OA . 0.67 -70.67 -15.22
O5 NAG OA . 1.78 -73.41 -13.06
O6 NAG OA . -1.04 -72.51 -15.02
O7 NAG OA . 6.08 -72.30 -15.38
C1 NAG PA . -1.10 28.09 -46.49
C2 NAG PA . -2.28 27.83 -47.42
C3 NAG PA . -3.44 28.78 -47.08
C4 NAG PA . -3.78 28.72 -45.61
C5 NAG PA . -2.53 28.97 -44.77
C6 NAG PA . -2.77 28.84 -43.29
C7 NAG PA . -2.53 27.35 -49.81
C8 NAG PA . -2.00 27.61 -51.18
N2 NAG PA . -1.90 27.96 -48.81
O3 NAG PA . -4.58 28.42 -47.86
O4 NAG PA . -4.77 29.69 -45.28
O5 NAG PA . -1.52 28.02 -45.12
O6 NAG PA . -4.03 29.39 -42.92
O7 NAG PA . -3.51 26.62 -49.62
C1 NAG QA . 46.60 11.33 17.47
C2 NAG QA . 46.60 10.49 16.19
C3 NAG QA . 47.83 9.60 16.14
C4 NAG QA . 49.10 10.41 16.36
C5 NAG QA . 48.98 11.25 17.62
C6 NAG QA . 50.14 12.18 17.84
C7 NAG QA . 44.30 10.11 15.42
C8 NAG QA . 43.14 9.16 15.41
N2 NAG QA . 45.39 9.70 16.09
O3 NAG QA . 47.88 8.95 14.86
O4 NAG QA . 50.21 9.53 16.48
O5 NAG QA . 47.81 12.07 17.55
O6 NAG QA . 49.99 12.93 19.03
O7 NAG QA . 44.26 11.20 14.84
C1 NAG RA . 29.98 38.18 39.55
C2 NAG RA . 29.92 39.29 40.60
C3 NAG RA . 28.62 40.08 40.46
C4 NAG RA . 28.43 40.57 39.03
C5 NAG RA . 28.57 39.41 38.05
C6 NAG RA . 28.55 39.86 36.61
C7 NAG RA . 29.28 37.84 42.48
C8 NAG RA . 29.62 37.42 43.88
N2 NAG RA . 30.09 38.76 41.94
O3 NAG RA . 28.65 41.18 41.36
O4 NAG RA . 27.14 41.15 38.88
O5 NAG RA . 29.83 38.74 38.24
O6 NAG RA . 27.30 40.45 36.27
O7 NAG RA . 28.33 37.37 41.88
C1 NAG SA . 21.51 2.06 43.10
C2 NAG SA . 22.68 1.09 43.16
C3 NAG SA . 22.71 0.42 44.53
C4 NAG SA . 22.75 1.48 45.63
C5 NAG SA . 21.60 2.46 45.46
C6 NAG SA . 21.66 3.62 46.43
C7 NAG SA . 23.59 -0.19 41.30
C8 NAG SA . 23.34 -1.25 40.27
N2 NAG SA . 22.58 0.10 42.12
O3 NAG SA . 23.86 -0.41 44.62
O4 NAG SA . 22.63 0.85 46.91
O5 NAG SA . 21.64 3.04 44.14
O6 NAG SA . 20.90 4.73 45.97
O7 NAG SA . 24.67 0.38 41.38
C1 NAG TA . 34.50 -15.79 30.99
C2 NAG TA . 35.12 -16.97 31.70
C3 NAG TA . 34.64 -17.01 33.15
C4 NAG TA . 34.92 -15.68 33.84
C5 NAG TA . 34.39 -14.50 33.00
C6 NAG TA . 34.84 -13.16 33.54
C7 NAG TA . 35.72 -18.90 30.31
C8 NAG TA . 35.22 -20.15 29.66
N2 NAG TA . 34.81 -18.21 31.01
O3 NAG TA . 35.31 -18.06 33.85
O4 NAG TA . 34.27 -15.67 35.11
O5 NAG TA . 34.87 -14.58 31.66
O6 NAG TA . 33.72 -12.34 33.86
O7 NAG TA . 36.87 -18.52 30.20
C1 NAG UA . 43.29 -10.19 -8.53
C2 NAG UA . 42.90 -11.55 -9.07
C3 NAG UA . 44.13 -12.30 -9.53
C4 NAG UA . 44.91 -11.47 -10.53
C5 NAG UA . 45.19 -10.07 -9.98
C6 NAG UA . 45.78 -9.14 -11.01
C7 NAG UA . 40.83 -12.29 -8.00
C8 NAG UA . 40.22 -13.15 -6.94
N2 NAG UA . 42.16 -12.32 -8.10
O3 NAG UA . 43.75 -13.54 -10.12
O4 NAG UA . 46.15 -12.11 -10.84
O5 NAG UA . 43.98 -9.45 -9.53
O6 NAG UA . 46.96 -8.51 -10.53
O7 NAG UA . 40.14 -11.60 -8.76
C1 NAG VA . 54.40 -24.05 3.18
C2 NAG VA . 54.74 -22.60 3.49
C3 NAG VA . 55.51 -22.00 2.32
C4 NAG VA . 56.75 -22.84 2.01
C5 NAG VA . 56.34 -24.29 1.78
C6 NAG VA . 57.53 -25.21 1.63
C7 NAG VA . 53.32 -21.30 5.00
C8 NAG VA . 52.06 -20.52 5.13
N2 NAG VA . 53.56 -21.82 3.78
O3 NAG VA . 55.89 -20.67 2.65
O4 NAG VA . 57.40 -22.34 0.84
O5 NAG VA . 55.58 -24.79 2.90
O6 NAG VA . 57.46 -26.29 2.56
O7 NAG VA . 54.09 -21.48 5.93
C1 NAG WA . 45.49 -64.03 -2.60
C2 NAG WA . 45.39 -65.30 -3.42
C3 NAG WA . 46.76 -65.96 -3.51
C4 NAG WA . 47.79 -64.97 -4.04
C5 NAG WA . 47.77 -63.69 -3.21
C6 NAG WA . 48.67 -62.62 -3.77
C7 NAG WA . 43.14 -66.23 -3.23
C8 NAG WA . 42.27 -67.22 -2.54
N2 NAG WA . 44.42 -66.21 -2.85
O3 NAG WA . 46.67 -67.09 -4.38
O4 NAG WA . 49.09 -65.54 -3.98
O5 NAG WA . 46.44 -63.15 -3.18
O6 NAG WA . 49.32 -61.90 -2.74
O7 NAG WA . 42.71 -65.47 -4.09
C1 NAG XA . 47.46 -56.15 11.09
C2 NAG XA . 47.85 -55.33 12.32
C3 NAG XA . 48.07 -53.88 11.94
C4 NAG XA . 49.12 -53.79 10.83
C5 NAG XA . 48.70 -54.64 9.65
C6 NAG XA . 49.75 -54.69 8.57
C7 NAG XA . 47.12 -55.47 14.65
C8 NAG XA . 45.96 -55.56 15.59
N2 NAG XA . 46.82 -55.42 13.35
O3 NAG XA . 48.50 -53.16 13.07
O4 NAG XA . 49.27 -52.44 10.41
O5 NAG XA . 48.48 -56.00 10.08
O6 NAG XA . 50.57 -53.53 8.58
O7 NAG XA . 48.28 -55.45 15.05
C1 NAG YA . 20.99 46.99 17.45
C2 NAG YA . 22.24 47.76 17.05
C3 NAG YA . 21.94 48.64 15.84
C4 NAG YA . 21.33 47.83 14.71
C5 NAG YA . 20.12 47.06 15.21
C6 NAG YA . 19.53 46.12 14.18
C7 NAG YA . 24.06 48.80 18.34
C8 NAG YA . 24.41 49.63 19.52
N2 NAG YA . 22.75 48.56 18.15
O3 NAG YA . 23.14 49.27 15.40
O4 NAG YA . 20.95 48.67 13.63
O5 NAG YA . 20.49 46.24 16.34
O6 NAG YA . 18.31 46.63 13.65
O7 NAG YA . 24.92 48.36 17.57
#